data_3MKQ
#
_entry.id   3MKQ
#
_cell.length_a   152.638
_cell.length_b   152.638
_cell.length_c   294.535
_cell.angle_alpha   90.00
_cell.angle_beta   90.00
_cell.angle_gamma   120.00
#
_symmetry.space_group_name_H-M   'P 32 2 1'
#
loop_
_entity.id
_entity.type
_entity.pdbx_description
1 polymer "Coatomer beta'-subunit"
2 polymer 'Coatomer subunit alpha'
3 water water
#
loop_
_entity_poly.entity_id
_entity_poly.type
_entity_poly.pdbx_seq_one_letter_code
_entity_poly.pdbx_strand_id
1 'polypeptide(L)'
;MKLDIKKTFSNRSDRVKGIDFHPTEPWVLTTLYSGRVEIWNYETQVEVRSIQVTETPVRAGKFIARKNWIIVGSDDFRIR
VFNYNTGEKVVDFEAHPDYIRSIAVHPTKPYVLSGSDDLTVKLWNWENNWALEQTFEGHEHFVMCVAFNPKDPSTFASGC
LDRTVKVWSLGQSTPNFTLTTGQERGVNYVDYYPLPDKPYMITASDDLTIKIWDYQTKSCVATLEGHMSNVSFAVFHPTL
PIIISGSEDGTLKIWNSSTYKVEKTLNVGLERSWCIATHPTGRKNYIASGFDNGFTVLSLGNDEPTLSLDPVGKLVWSGG
KNAAASDIFTAVIRGNEEVEQDEPLSLQTKELGSVDVFPQSLAHSPNGRFVTVVGDGEYVIYTALAWRNKAFGKCQDFVW
GPDSNSYALIDETGQIKYYKNFKEVTSWSVPMHSAIDRLFSGALLGVKSDGFVYFFDWDNGTLVRRIDVNAKDVIWSDNG
ELVMIVNTNSNGDEASGYTLLFNKDAYLEAANNGNIDDSEGVDEAFDVLYELSESITSGKWVGDVFIFTTATNRLNYFVG
GKTYNLAHYTKEMYLLGYLARDNKVYLADREVHVYGYEISLEVLEFQTLTLRGEIEEAIENVLPNVEGKDSLTKIARFLE
GQEYYEEALNISPDQDQKFELALKVGQLTLARDLLTDESAEMKWRALGDASLQRFNFKLAIEAFTNAHDLESLFLLHSSF
NNKEGLVTLAKDAETTGKFNLAFNAYWIAGDIQGAKDLLIKSQRFSEAAFLGSTYGLGDNEVNDIVTKWKENLILNGKNT
VSERVCGAEGLPGS
;
A,C,E
2 'polypeptide(L)'
;ALQFVQDPHIRFDLALEYGNLDAALDEAKKLNDSITWERLIQEALAQGNASLAEMIYQTQHSFDKLSFLYLVTGDVNKLS
KMQNIAQTREDFGSMLLNTFYNNSTKERSSIFAEGGSLPLAYAVAKANGDEAAASAFLEQAEVDEQDVTLPDQMDASNFV
QRPVISKPLEKWPLKEA
;
B,D,F
#
# COMPACT_ATOMS: atom_id res chain seq x y z
N LYS A 2 20.24 -32.51 5.26
CA LYS A 2 21.63 -32.53 4.70
C LYS A 2 21.66 -32.18 3.23
N LEU A 3 22.01 -30.93 2.93
CA LEU A 3 22.08 -30.47 1.56
C LEU A 3 23.51 -30.03 1.22
N ASP A 4 24.10 -30.69 0.23
CA ASP A 4 25.46 -30.37 -0.18
C ASP A 4 25.41 -29.24 -1.22
N ILE A 5 24.76 -28.14 -0.88
CA ILE A 5 24.64 -27.02 -1.83
C ILE A 5 25.97 -26.57 -2.41
N LYS A 6 26.07 -26.56 -3.74
CA LYS A 6 27.29 -26.10 -4.39
C LYS A 6 26.94 -25.15 -5.53
N LYS A 7 27.66 -24.03 -5.59
CA LYS A 7 27.42 -23.03 -6.64
C LYS A 7 28.17 -23.43 -7.89
N THR A 8 27.50 -24.12 -8.78
CA THR A 8 28.15 -24.59 -9.98
C THR A 8 28.52 -23.50 -11.01
N PHE A 9 27.68 -22.48 -11.15
CA PHE A 9 27.99 -21.41 -12.09
C PHE A 9 27.16 -20.17 -11.83
N SER A 10 27.77 -19.01 -11.99
CA SER A 10 27.05 -17.77 -11.79
C SER A 10 27.40 -16.82 -12.92
N ASN A 11 26.44 -16.00 -13.33
CA ASN A 11 26.65 -15.07 -14.42
C ASN A 11 25.89 -13.79 -14.17
N ARG A 12 26.54 -12.66 -14.40
CA ARG A 12 25.96 -11.35 -14.21
C ARG A 12 25.36 -10.84 -15.51
N SER A 13 24.18 -10.23 -15.43
CA SER A 13 23.55 -9.71 -16.64
C SER A 13 22.29 -8.95 -16.29
N ASP A 14 21.60 -8.48 -17.32
CA ASP A 14 20.34 -7.77 -17.12
C ASP A 14 19.32 -8.76 -16.57
N ARG A 15 18.30 -8.26 -15.90
CA ARG A 15 17.26 -9.08 -15.31
C ARG A 15 16.79 -10.24 -16.18
N VAL A 16 16.91 -11.45 -15.64
CA VAL A 16 16.46 -12.62 -16.37
C VAL A 16 15.09 -13.00 -15.85
N LYS A 17 14.12 -13.02 -16.76
CA LYS A 17 12.72 -13.33 -16.43
C LYS A 17 12.34 -14.80 -16.61
N GLY A 18 13.08 -15.50 -17.48
CA GLY A 18 12.78 -16.90 -17.74
C GLY A 18 14.04 -17.74 -17.72
N ILE A 19 13.91 -18.99 -17.32
CA ILE A 19 15.08 -19.88 -17.25
C ILE A 19 14.60 -21.33 -17.42
N ASP A 20 15.41 -22.16 -18.08
CA ASP A 20 15.05 -23.57 -18.30
C ASP A 20 16.30 -24.42 -18.54
N PHE A 21 16.27 -25.68 -18.08
CA PHE A 21 17.41 -26.58 -18.26
C PHE A 21 17.21 -27.47 -19.49
N HIS A 22 18.30 -27.76 -20.18
CA HIS A 22 18.25 -28.65 -21.33
C HIS A 22 18.27 -30.04 -20.72
N PRO A 23 17.51 -30.99 -21.29
CA PRO A 23 17.41 -32.38 -20.81
C PRO A 23 18.67 -33.25 -20.92
N THR A 24 19.47 -33.02 -21.95
CA THR A 24 20.65 -33.87 -22.14
C THR A 24 21.98 -33.14 -22.28
N GLU A 25 21.92 -31.83 -22.38
CA GLU A 25 23.12 -31.02 -22.51
C GLU A 25 23.24 -30.20 -21.21
N PRO A 26 24.46 -29.85 -20.80
CA PRO A 26 24.67 -29.07 -19.57
C PRO A 26 24.35 -27.61 -19.81
N TRP A 27 23.20 -27.35 -20.43
CA TRP A 27 22.80 -25.98 -20.72
C TRP A 27 21.62 -25.47 -19.90
N VAL A 28 21.60 -24.15 -19.76
CA VAL A 28 20.53 -23.43 -19.09
C VAL A 28 20.18 -22.28 -20.04
N LEU A 29 18.89 -22.05 -20.25
CA LEU A 29 18.44 -20.96 -21.13
C LEU A 29 17.94 -19.86 -20.24
N THR A 30 18.17 -18.61 -20.64
CA THR A 30 17.71 -17.48 -19.84
C THR A 30 17.10 -16.43 -20.78
N THR A 31 15.94 -15.90 -20.41
CA THR A 31 15.33 -14.88 -21.23
C THR A 31 15.41 -13.61 -20.38
N LEU A 32 15.84 -12.52 -21.00
CA LEU A 32 16.02 -11.28 -20.26
C LEU A 32 15.01 -10.18 -20.55
N TYR A 33 15.00 -9.21 -19.63
CA TYR A 33 14.12 -8.05 -19.69
C TYR A 33 14.49 -7.18 -20.88
N SER A 34 15.77 -7.18 -21.24
CA SER A 34 16.26 -6.37 -22.35
C SER A 34 15.79 -6.86 -23.73
N GLY A 35 15.37 -8.12 -23.80
CA GLY A 35 14.91 -8.64 -25.07
C GLY A 35 15.89 -9.62 -25.64
N ARG A 36 16.92 -9.93 -24.88
CA ARG A 36 17.90 -10.89 -25.36
C ARG A 36 17.74 -12.26 -24.67
N VAL A 37 18.10 -13.32 -25.38
CA VAL A 37 18.04 -14.65 -24.79
C VAL A 37 19.42 -15.28 -24.92
N GLU A 38 19.79 -16.06 -23.91
CA GLU A 38 21.09 -16.69 -23.87
C GLU A 38 21.06 -18.18 -23.50
N ILE A 39 22.07 -18.90 -23.96
CA ILE A 39 22.23 -20.32 -23.65
C ILE A 39 23.64 -20.44 -23.08
N TRP A 40 23.77 -21.10 -21.93
CA TRP A 40 25.10 -21.27 -21.32
C TRP A 40 25.39 -22.70 -20.92
N ASN A 41 26.63 -23.12 -21.15
CA ASN A 41 27.05 -24.45 -20.72
C ASN A 41 27.54 -24.11 -19.31
N TYR A 42 26.66 -24.29 -18.32
CA TYR A 42 27.00 -23.94 -16.96
C TYR A 42 28.08 -24.81 -16.35
N GLU A 43 28.46 -25.87 -17.04
CA GLU A 43 29.48 -26.76 -16.54
C GLU A 43 30.88 -26.33 -17.02
N THR A 44 30.98 -25.87 -18.26
CA THR A 44 32.26 -25.42 -18.80
C THR A 44 32.42 -23.91 -18.69
N GLN A 45 31.35 -23.23 -18.27
CA GLN A 45 31.32 -21.76 -18.10
C GLN A 45 31.41 -21.04 -19.44
N VAL A 46 31.09 -21.74 -20.53
CA VAL A 46 31.14 -21.18 -21.88
C VAL A 46 29.74 -20.92 -22.44
N GLU A 47 29.50 -19.70 -22.90
CA GLU A 47 28.20 -19.36 -23.47
C GLU A 47 28.14 -20.03 -24.83
N VAL A 48 27.03 -20.71 -25.13
CA VAL A 48 26.98 -21.34 -26.44
C VAL A 48 26.48 -20.34 -27.48
N ARG A 49 25.48 -19.54 -27.15
CA ARG A 49 24.99 -18.53 -28.09
C ARG A 49 24.07 -17.49 -27.47
N SER A 50 24.01 -16.32 -28.09
CA SER A 50 23.19 -15.21 -27.61
C SER A 50 22.35 -14.63 -28.76
N ILE A 51 21.08 -14.29 -28.49
CA ILE A 51 20.19 -13.73 -29.52
C ILE A 51 19.35 -12.53 -29.06
N GLN A 52 19.46 -11.42 -29.79
CA GLN A 52 18.67 -10.24 -29.47
C GLN A 52 17.37 -10.49 -30.21
N VAL A 53 16.40 -11.03 -29.47
CA VAL A 53 15.11 -11.42 -30.01
C VAL A 53 14.12 -10.29 -30.31
N THR A 54 14.18 -9.23 -29.51
CA THR A 54 13.26 -8.12 -29.63
C THR A 54 13.76 -7.05 -28.67
N GLU A 55 13.19 -5.86 -28.69
CA GLU A 55 13.63 -4.84 -27.75
C GLU A 55 12.78 -4.86 -26.49
N THR A 56 11.64 -5.56 -26.56
CA THR A 56 10.73 -5.71 -25.43
C THR A 56 11.23 -6.86 -24.56
N PRO A 57 10.79 -6.94 -23.29
CA PRO A 57 11.29 -8.06 -22.49
C PRO A 57 10.69 -9.42 -22.87
N VAL A 58 11.47 -10.48 -22.65
CA VAL A 58 11.04 -11.85 -22.94
C VAL A 58 10.88 -12.50 -21.57
N ARG A 59 9.64 -12.73 -21.16
CA ARG A 59 9.33 -13.31 -19.85
C ARG A 59 9.27 -14.84 -19.80
N ALA A 60 9.14 -15.48 -20.96
CA ALA A 60 9.04 -16.95 -21.00
C ALA A 60 10.00 -17.57 -21.98
N GLY A 61 10.52 -18.74 -21.62
CA GLY A 61 11.45 -19.42 -22.48
C GLY A 61 11.58 -20.86 -22.07
N LYS A 62 11.56 -21.76 -23.05
CA LYS A 62 11.67 -23.19 -22.78
C LYS A 62 12.47 -23.87 -23.88
N PHE A 63 13.07 -25.01 -23.53
CA PHE A 63 13.79 -25.80 -24.51
C PHE A 63 12.76 -26.78 -25.06
N ILE A 64 12.90 -27.13 -26.33
CA ILE A 64 12.09 -28.17 -26.95
C ILE A 64 13.21 -29.02 -27.54
N ALA A 65 13.93 -29.71 -26.63
CA ALA A 65 15.05 -30.57 -26.98
C ALA A 65 14.73 -31.46 -28.18
N ARG A 66 13.61 -32.17 -28.14
CA ARG A 66 13.17 -33.02 -29.26
C ARG A 66 13.38 -32.43 -30.65
N LYS A 67 13.32 -31.10 -30.76
CA LYS A 67 13.46 -30.47 -32.06
C LYS A 67 14.66 -29.54 -32.15
N ASN A 68 15.51 -29.53 -31.12
CA ASN A 68 16.67 -28.64 -31.14
C ASN A 68 16.23 -27.18 -31.21
N TRP A 69 15.14 -26.89 -30.52
CA TRP A 69 14.59 -25.54 -30.52
C TRP A 69 14.52 -24.93 -29.12
N ILE A 70 14.29 -23.63 -29.09
CA ILE A 70 14.03 -22.93 -27.85
C ILE A 70 12.81 -22.16 -28.29
N ILE A 71 11.87 -21.95 -27.39
CA ILE A 71 10.67 -21.22 -27.70
C ILE A 71 10.59 -20.15 -26.64
N VAL A 72 10.30 -18.92 -27.10
CA VAL A 72 10.21 -17.78 -26.21
C VAL A 72 9.00 -16.88 -26.52
N GLY A 73 8.55 -16.17 -25.49
CA GLY A 73 7.42 -15.27 -25.62
C GLY A 73 7.83 -13.95 -25.00
N SER A 74 7.51 -12.85 -25.68
CA SER A 74 7.87 -11.53 -25.21
C SER A 74 6.69 -10.57 -25.15
N ASP A 75 6.94 -9.38 -24.61
CA ASP A 75 5.88 -8.39 -24.46
C ASP A 75 5.35 -7.77 -25.75
N ASP A 76 6.01 -8.04 -26.87
CA ASP A 76 5.53 -7.54 -28.13
C ASP A 76 4.42 -8.47 -28.62
N PHE A 77 3.98 -9.37 -27.75
CA PHE A 77 2.90 -10.33 -28.01
C PHE A 77 3.31 -11.48 -28.91
N ARG A 78 4.60 -11.62 -29.16
CA ARG A 78 5.04 -12.68 -30.05
C ARG A 78 5.70 -13.91 -29.44
N ILE A 79 5.55 -15.01 -30.15
CA ILE A 79 6.16 -16.28 -29.80
C ILE A 79 7.17 -16.52 -30.92
N ARG A 80 8.43 -16.77 -30.56
CA ARG A 80 9.45 -17.04 -31.56
C ARG A 80 10.16 -18.35 -31.25
N VAL A 81 10.55 -19.07 -32.28
CA VAL A 81 11.24 -20.34 -32.09
C VAL A 81 12.55 -20.28 -32.86
N PHE A 82 13.62 -20.79 -32.24
CA PHE A 82 14.92 -20.79 -32.88
C PHE A 82 15.60 -22.14 -32.75
N ASN A 83 16.40 -22.46 -33.74
CA ASN A 83 17.17 -23.70 -33.73
C ASN A 83 18.43 -23.32 -32.93
N TYR A 84 18.73 -24.01 -31.85
CA TYR A 84 19.89 -23.61 -31.06
C TYR A 84 21.26 -23.97 -31.61
N ASN A 85 21.31 -24.87 -32.58
CA ASN A 85 22.58 -25.23 -33.19
C ASN A 85 22.92 -24.23 -34.28
N THR A 86 21.88 -23.76 -34.96
CA THR A 86 22.02 -22.83 -36.08
C THR A 86 21.70 -21.39 -35.76
N GLY A 87 20.80 -21.17 -34.81
CA GLY A 87 20.41 -19.82 -34.47
C GLY A 87 19.32 -19.36 -35.41
N GLU A 88 18.93 -20.22 -36.35
CA GLU A 88 17.88 -19.87 -37.30
C GLU A 88 16.51 -19.73 -36.66
N LYS A 89 15.77 -18.69 -37.06
CA LYS A 89 14.42 -18.45 -36.54
C LYS A 89 13.50 -19.41 -37.29
N VAL A 90 12.81 -20.26 -36.55
CA VAL A 90 11.92 -21.24 -37.13
C VAL A 90 10.52 -20.70 -37.41
N VAL A 91 10.00 -19.90 -36.49
CA VAL A 91 8.67 -19.31 -36.67
C VAL A 91 8.57 -18.06 -35.82
N ASP A 92 7.70 -17.14 -36.25
CA ASP A 92 7.51 -15.88 -35.55
C ASP A 92 6.08 -15.40 -35.81
N PHE A 93 5.24 -15.42 -34.79
CA PHE A 93 3.85 -14.97 -34.91
C PHE A 93 3.30 -14.28 -33.67
N GLU A 94 2.21 -13.53 -33.87
CA GLU A 94 1.53 -12.83 -32.78
C GLU A 94 0.60 -13.88 -32.15
N ALA A 95 0.83 -14.19 -30.87
CA ALA A 95 0.02 -15.20 -30.19
C ALA A 95 -1.13 -14.63 -29.40
N HIS A 96 -0.93 -13.45 -28.83
CA HIS A 96 -1.96 -12.82 -28.04
C HIS A 96 -1.97 -11.32 -28.28
N PRO A 97 -3.07 -10.66 -27.90
CA PRO A 97 -3.18 -9.20 -28.08
C PRO A 97 -2.45 -8.54 -26.91
N ASP A 98 -1.81 -9.35 -26.08
CA ASP A 98 -1.13 -8.80 -24.92
C ASP A 98 0.11 -9.63 -24.54
N TYR A 99 0.74 -9.25 -23.42
CA TYR A 99 1.94 -9.94 -22.96
C TYR A 99 1.76 -11.43 -22.73
N ILE A 100 2.84 -12.16 -22.98
CA ILE A 100 2.89 -13.59 -22.77
C ILE A 100 3.67 -13.75 -21.47
N ARG A 101 3.06 -14.43 -20.50
CA ARG A 101 3.67 -14.62 -19.18
C ARG A 101 4.37 -15.93 -18.95
N SER A 102 3.83 -16.97 -19.55
CA SER A 102 4.34 -18.31 -19.32
C SER A 102 4.18 -19.21 -20.53
N ILE A 103 5.08 -20.19 -20.63
CA ILE A 103 5.04 -21.15 -21.71
C ILE A 103 5.27 -22.56 -21.20
N ALA A 104 4.50 -23.50 -21.74
CA ALA A 104 4.65 -24.90 -21.34
C ALA A 104 4.63 -25.74 -22.60
N VAL A 105 5.49 -26.74 -22.65
CA VAL A 105 5.54 -27.61 -23.80
C VAL A 105 5.20 -29.05 -23.39
N HIS A 106 4.20 -29.59 -24.07
CA HIS A 106 3.71 -30.93 -23.84
C HIS A 106 4.88 -31.91 -23.95
N PRO A 107 5.01 -32.84 -22.99
CA PRO A 107 6.09 -33.84 -23.00
C PRO A 107 6.09 -34.86 -24.14
N THR A 108 4.90 -35.22 -24.62
CA THR A 108 4.79 -36.22 -25.66
C THR A 108 4.15 -35.79 -26.97
N LYS A 109 3.34 -34.74 -26.94
CA LYS A 109 2.71 -34.27 -28.16
C LYS A 109 3.32 -32.95 -28.62
N PRO A 110 3.14 -32.60 -29.91
CA PRO A 110 3.67 -31.36 -30.49
C PRO A 110 2.85 -30.14 -30.13
N TYR A 111 2.47 -30.04 -28.85
CA TYR A 111 1.66 -28.94 -28.37
C TYR A 111 2.41 -28.02 -27.43
N VAL A 112 2.11 -26.74 -27.54
CA VAL A 112 2.73 -25.74 -26.71
C VAL A 112 1.64 -24.82 -26.17
N LEU A 113 1.70 -24.53 -24.86
CA LEU A 113 0.73 -23.66 -24.21
C LEU A 113 1.39 -22.33 -23.85
N SER A 114 0.62 -21.25 -23.95
CA SER A 114 1.11 -19.94 -23.61
C SER A 114 0.04 -19.20 -22.80
N GLY A 115 0.45 -18.61 -21.69
CA GLY A 115 -0.47 -17.88 -20.83
C GLY A 115 -0.20 -16.41 -21.05
N SER A 116 -1.27 -15.63 -21.14
CA SER A 116 -1.15 -14.22 -21.42
C SER A 116 -2.00 -13.28 -20.57
N ASP A 117 -1.66 -12.00 -20.61
CA ASP A 117 -2.39 -10.98 -19.88
C ASP A 117 -3.79 -10.80 -20.51
N ASP A 118 -4.03 -11.48 -21.63
CA ASP A 118 -5.34 -11.37 -22.25
C ASP A 118 -6.35 -12.31 -21.59
N LEU A 119 -6.02 -12.82 -20.40
CA LEU A 119 -6.93 -13.69 -19.64
C LEU A 119 -7.10 -15.08 -20.25
N THR A 120 -6.22 -15.39 -21.19
CA THR A 120 -6.31 -16.62 -21.93
C THR A 120 -5.08 -17.55 -21.87
N VAL A 121 -5.30 -18.80 -22.25
CA VAL A 121 -4.22 -19.79 -22.39
C VAL A 121 -4.49 -20.38 -23.79
N LYS A 122 -3.49 -20.38 -24.67
CA LYS A 122 -3.69 -20.93 -26.00
C LYS A 122 -2.78 -22.11 -26.27
N LEU A 123 -3.26 -23.04 -27.07
CA LEU A 123 -2.52 -24.23 -27.43
C LEU A 123 -2.11 -24.18 -28.92
N TRP A 124 -0.82 -24.37 -29.19
CA TRP A 124 -0.31 -24.35 -30.55
C TRP A 124 0.27 -25.71 -30.92
N ASN A 125 -0.02 -26.16 -32.14
CA ASN A 125 0.45 -27.46 -32.63
C ASN A 125 1.59 -27.21 -33.60
N TRP A 126 2.83 -27.40 -33.15
CA TRP A 126 3.94 -27.10 -34.02
C TRP A 126 4.06 -27.95 -35.28
N GLU A 127 3.45 -29.13 -35.31
CA GLU A 127 3.58 -29.87 -36.54
C GLU A 127 2.38 -29.70 -37.48
N ASN A 128 1.63 -28.62 -37.24
CA ASN A 128 0.48 -28.25 -38.05
C ASN A 128 0.71 -26.78 -38.34
N ASN A 129 1.99 -26.42 -38.45
CA ASN A 129 2.40 -25.05 -38.74
C ASN A 129 2.04 -24.07 -37.64
N TRP A 130 2.23 -24.51 -36.41
CA TRP A 130 1.97 -23.69 -35.23
C TRP A 130 0.58 -23.15 -35.23
N ALA A 131 -0.37 -23.96 -35.70
CA ALA A 131 -1.76 -23.54 -35.76
C ALA A 131 -2.36 -23.45 -34.36
N LEU A 132 -3.26 -22.50 -34.17
CA LEU A 132 -3.93 -22.34 -32.89
C LEU A 132 -5.04 -23.39 -32.88
N GLU A 133 -4.93 -24.37 -31.99
CA GLU A 133 -5.94 -25.44 -31.92
C GLU A 133 -6.84 -25.46 -30.69
N GLN A 134 -6.66 -24.49 -29.79
CA GLN A 134 -7.52 -24.39 -28.60
C GLN A 134 -7.19 -23.20 -27.73
N THR A 135 -8.26 -22.58 -27.22
CA THR A 135 -8.15 -21.43 -26.37
C THR A 135 -8.94 -21.74 -25.13
N PHE A 136 -8.28 -21.67 -23.98
CA PHE A 136 -8.90 -21.93 -22.70
C PHE A 136 -9.28 -20.60 -22.07
N GLU A 137 -10.59 -20.33 -22.03
CA GLU A 137 -11.12 -19.09 -21.49
C GLU A 137 -11.89 -19.29 -20.19
N GLY A 138 -11.75 -18.31 -19.30
CA GLY A 138 -12.42 -18.39 -18.02
C GLY A 138 -11.76 -17.55 -16.95
N HIS A 139 -10.43 -17.40 -17.03
CA HIS A 139 -9.76 -16.58 -16.04
C HIS A 139 -10.21 -15.14 -16.17
N GLU A 140 -10.15 -14.39 -15.07
CA GLU A 140 -10.58 -13.00 -15.10
C GLU A 140 -9.46 -11.99 -14.90
N HIS A 141 -8.24 -12.44 -15.05
CA HIS A 141 -7.11 -11.55 -14.93
C HIS A 141 -5.90 -12.13 -15.65
N PHE A 142 -4.71 -11.60 -15.37
CA PHE A 142 -3.50 -12.07 -16.04
C PHE A 142 -3.18 -13.53 -15.71
N VAL A 143 -2.99 -14.36 -16.73
CA VAL A 143 -2.63 -15.73 -16.46
C VAL A 143 -1.11 -15.71 -16.38
N MET A 144 -0.62 -15.83 -15.16
CA MET A 144 0.80 -15.75 -14.87
C MET A 144 1.60 -17.01 -15.09
N CYS A 145 0.95 -18.16 -15.08
CA CYS A 145 1.70 -19.40 -15.19
C CYS A 145 0.86 -20.62 -15.61
N VAL A 146 1.46 -21.45 -16.47
CA VAL A 146 0.80 -22.67 -16.93
C VAL A 146 1.78 -23.83 -16.77
N ALA A 147 1.25 -24.97 -16.33
CA ALA A 147 2.09 -26.15 -16.16
C ALA A 147 1.28 -27.40 -16.44
N PHE A 148 1.91 -28.34 -17.15
CA PHE A 148 1.27 -29.59 -17.45
C PHE A 148 1.42 -30.46 -16.22
N ASN A 149 0.47 -31.36 -16.02
CA ASN A 149 0.59 -32.28 -14.91
C ASN A 149 1.51 -33.38 -15.43
N PRO A 150 2.71 -33.48 -14.86
CA PRO A 150 3.68 -34.49 -15.28
C PRO A 150 3.17 -35.93 -15.19
N LYS A 151 2.13 -36.18 -14.39
CA LYS A 151 1.60 -37.53 -14.26
C LYS A 151 0.44 -37.79 -15.22
N ASP A 152 -0.07 -36.72 -15.84
CA ASP A 152 -1.15 -36.80 -16.80
C ASP A 152 -1.15 -35.54 -17.67
N PRO A 153 -0.31 -35.54 -18.71
CA PRO A 153 -0.17 -34.41 -19.63
C PRO A 153 -1.39 -34.01 -20.41
N SER A 154 -2.46 -34.79 -20.31
CA SER A 154 -3.69 -34.43 -21.02
C SER A 154 -4.39 -33.38 -20.17
N THR A 155 -3.73 -33.01 -19.08
CA THR A 155 -4.26 -32.04 -18.15
C THR A 155 -3.17 -31.07 -17.72
N PHE A 156 -3.56 -29.82 -17.46
CA PHE A 156 -2.60 -28.81 -17.03
C PHE A 156 -3.29 -27.81 -16.12
N ALA A 157 -2.50 -26.97 -15.45
CA ALA A 157 -3.05 -25.97 -14.54
C ALA A 157 -2.59 -24.58 -14.90
N SER A 158 -3.43 -23.59 -14.59
CA SER A 158 -3.11 -22.19 -14.83
C SER A 158 -3.24 -21.42 -13.51
N GLY A 159 -2.28 -20.52 -13.26
CA GLY A 159 -2.28 -19.71 -12.06
C GLY A 159 -2.58 -18.31 -12.53
N CYS A 160 -3.57 -17.69 -11.88
CA CYS A 160 -4.03 -16.38 -12.30
C CYS A 160 -4.10 -15.30 -11.19
N LEU A 161 -3.93 -14.04 -11.61
CA LEU A 161 -4.00 -12.93 -10.67
C LEU A 161 -5.42 -12.76 -10.14
N ASP A 162 -6.36 -13.49 -10.72
CA ASP A 162 -7.76 -13.42 -10.29
C ASP A 162 -7.92 -14.24 -8.99
N ARG A 163 -6.79 -14.62 -8.39
CA ARG A 163 -6.79 -15.37 -7.14
C ARG A 163 -7.15 -16.85 -7.25
N THR A 164 -7.12 -17.40 -8.46
CA THR A 164 -7.47 -18.82 -8.60
C THR A 164 -6.49 -19.61 -9.43
N VAL A 165 -6.72 -20.91 -9.45
CA VAL A 165 -5.96 -21.83 -10.25
C VAL A 165 -7.02 -22.68 -10.95
N LYS A 166 -6.93 -22.81 -12.26
CA LYS A 166 -7.89 -23.62 -12.96
C LYS A 166 -7.13 -24.79 -13.55
N VAL A 167 -7.72 -25.97 -13.39
CA VAL A 167 -7.16 -27.20 -13.94
C VAL A 167 -8.04 -27.57 -15.13
N TRP A 168 -7.43 -27.79 -16.29
CA TRP A 168 -8.16 -28.12 -17.51
C TRP A 168 -7.75 -29.42 -18.18
N SER A 169 -8.63 -29.90 -19.06
CA SER A 169 -8.36 -31.09 -19.85
C SER A 169 -8.27 -30.61 -21.29
N LEU A 170 -7.26 -31.07 -22.00
CA LEU A 170 -7.07 -30.66 -23.39
C LEU A 170 -8.33 -30.61 -24.27
N GLY A 171 -9.24 -31.57 -24.17
CA GLY A 171 -10.40 -31.46 -25.04
C GLY A 171 -11.60 -30.62 -24.53
N GLN A 172 -11.51 -30.10 -23.31
CA GLN A 172 -12.60 -29.34 -22.72
C GLN A 172 -12.47 -27.82 -22.73
N SER A 173 -13.59 -27.14 -22.96
CA SER A 173 -13.61 -25.67 -23.00
C SER A 173 -13.77 -25.09 -21.60
N THR A 174 -14.26 -25.91 -20.70
CA THR A 174 -14.52 -25.48 -19.35
C THR A 174 -13.55 -26.20 -18.41
N PRO A 175 -13.06 -25.49 -17.38
CA PRO A 175 -12.12 -26.16 -16.47
C PRO A 175 -12.73 -27.33 -15.69
N ASN A 176 -11.92 -28.35 -15.47
CA ASN A 176 -12.36 -29.51 -14.72
C ASN A 176 -12.78 -29.03 -13.35
N PHE A 177 -12.09 -28.01 -12.83
CA PHE A 177 -12.40 -27.40 -11.55
C PHE A 177 -11.63 -26.12 -11.34
N THR A 178 -12.17 -25.25 -10.50
CA THR A 178 -11.51 -24.00 -10.21
C THR A 178 -11.21 -24.01 -8.73
N LEU A 179 -9.96 -23.74 -8.41
CA LEU A 179 -9.51 -23.72 -7.02
C LEU A 179 -9.37 -22.27 -6.55
N THR A 180 -9.94 -21.94 -5.38
CA THR A 180 -9.80 -20.58 -4.87
C THR A 180 -8.70 -20.70 -3.83
N THR A 181 -7.66 -19.90 -3.97
CA THR A 181 -6.52 -20.01 -3.07
C THR A 181 -6.59 -19.21 -1.78
N GLY A 182 -7.32 -18.10 -1.80
CA GLY A 182 -7.38 -17.28 -0.59
C GLY A 182 -6.19 -16.34 -0.53
N GLN A 183 -5.34 -16.37 -1.56
CA GLN A 183 -4.18 -15.50 -1.66
C GLN A 183 -4.69 -14.27 -2.43
N GLU A 184 -5.30 -13.37 -1.66
CA GLU A 184 -5.93 -12.16 -2.16
C GLU A 184 -5.23 -11.32 -3.22
N ARG A 185 -3.91 -11.33 -3.22
CA ARG A 185 -3.16 -10.55 -4.20
C ARG A 185 -2.89 -11.27 -5.53
N GLY A 186 -3.41 -12.50 -5.65
CA GLY A 186 -3.22 -13.25 -6.88
C GLY A 186 -2.27 -14.43 -6.77
N VAL A 187 -2.20 -15.23 -7.83
CA VAL A 187 -1.32 -16.39 -7.86
C VAL A 187 -0.26 -16.11 -8.91
N ASN A 188 1.00 -16.07 -8.51
CA ASN A 188 2.06 -15.78 -9.46
C ASN A 188 2.60 -17.03 -10.12
N TYR A 189 2.36 -18.17 -9.47
CA TYR A 189 2.93 -19.41 -9.96
C TYR A 189 2.17 -20.64 -9.46
N VAL A 190 2.20 -21.70 -10.23
CA VAL A 190 1.56 -22.95 -9.85
C VAL A 190 2.51 -24.02 -10.37
N ASP A 191 2.62 -25.14 -9.66
CA ASP A 191 3.50 -26.23 -10.05
C ASP A 191 2.99 -27.54 -9.40
N TYR A 192 3.26 -28.67 -10.05
CA TYR A 192 2.83 -29.98 -9.56
C TYR A 192 3.93 -30.76 -8.83
N TYR A 193 3.51 -31.73 -8.02
CA TYR A 193 4.42 -32.63 -7.32
C TYR A 193 4.50 -33.73 -8.40
N PRO A 194 5.69 -34.00 -8.93
CA PRO A 194 5.87 -35.02 -9.98
C PRO A 194 5.77 -36.50 -9.60
N LEU A 195 5.47 -36.80 -8.33
CA LEU A 195 5.42 -38.19 -7.89
C LEU A 195 4.03 -38.72 -7.53
N PRO A 196 3.80 -40.01 -7.81
CA PRO A 196 2.53 -40.73 -7.56
C PRO A 196 1.98 -40.73 -6.13
N ASP A 197 2.87 -40.72 -5.15
CA ASP A 197 2.42 -40.80 -3.76
C ASP A 197 1.57 -39.68 -3.17
N LYS A 198 1.43 -38.56 -3.89
CA LYS A 198 0.63 -37.43 -3.41
C LYS A 198 0.11 -36.54 -4.55
N PRO A 199 -1.20 -36.23 -4.57
CA PRO A 199 -1.73 -35.36 -5.65
C PRO A 199 -1.66 -33.89 -5.22
N TYR A 200 -0.45 -33.35 -5.11
CA TYR A 200 -0.29 -31.97 -4.67
C TYR A 200 0.11 -30.96 -5.73
N MET A 201 -0.23 -29.69 -5.46
CA MET A 201 0.12 -28.57 -6.32
C MET A 201 0.58 -27.54 -5.33
N ILE A 202 1.36 -26.58 -5.79
CA ILE A 202 1.82 -25.53 -4.90
C ILE A 202 1.65 -24.17 -5.61
N THR A 203 1.27 -23.15 -4.86
CA THR A 203 1.05 -21.80 -5.40
C THR A 203 1.80 -20.71 -4.64
N ALA A 204 2.35 -19.75 -5.37
CA ALA A 204 3.10 -18.64 -4.77
C ALA A 204 2.35 -17.33 -5.04
N SER A 205 2.43 -16.39 -4.09
CA SER A 205 1.69 -15.12 -4.22
C SER A 205 2.41 -13.86 -3.73
N ASP A 206 1.93 -12.70 -4.17
CA ASP A 206 2.53 -11.43 -3.74
C ASP A 206 2.12 -11.15 -2.30
N ASP A 207 1.29 -12.03 -1.73
CA ASP A 207 0.85 -11.84 -0.36
C ASP A 207 1.79 -12.55 0.59
N LEU A 208 2.99 -12.83 0.10
CA LEU A 208 4.04 -13.46 0.89
C LEU A 208 3.89 -14.93 1.27
N THR A 209 2.86 -15.60 0.78
CA THR A 209 2.69 -17.02 1.15
C THR A 209 2.84 -18.01 0.01
N ILE A 210 3.02 -19.27 0.41
CA ILE A 210 3.16 -20.38 -0.51
C ILE A 210 2.14 -21.40 0.00
N LYS A 211 1.27 -21.87 -0.89
CA LYS A 211 0.26 -22.84 -0.47
C LYS A 211 0.30 -24.16 -1.21
N ILE A 212 0.29 -25.26 -0.44
CA ILE A 212 0.32 -26.60 -1.02
C ILE A 212 -1.11 -27.06 -1.11
N TRP A 213 -1.47 -27.71 -2.19
CA TRP A 213 -2.84 -28.17 -2.34
C TRP A 213 -2.96 -29.61 -2.75
N ASP A 214 -4.07 -30.21 -2.38
CA ASP A 214 -4.39 -31.58 -2.75
C ASP A 214 -5.47 -31.38 -3.82
N TYR A 215 -5.09 -31.45 -5.09
CA TYR A 215 -6.04 -31.23 -6.18
C TYR A 215 -7.18 -32.23 -6.24
N GLN A 216 -7.05 -33.35 -5.53
CA GLN A 216 -8.12 -34.32 -5.52
C GLN A 216 -9.21 -33.84 -4.58
N THR A 217 -8.80 -33.43 -3.38
CA THR A 217 -9.72 -32.96 -2.36
C THR A 217 -9.90 -31.44 -2.32
N LYS A 218 -9.10 -30.72 -3.08
CA LYS A 218 -9.15 -29.25 -3.13
C LYS A 218 -8.88 -28.57 -1.80
N SER A 219 -8.27 -29.29 -0.86
CA SER A 219 -7.98 -28.71 0.45
C SER A 219 -6.55 -28.19 0.56
N CYS A 220 -6.34 -27.24 1.46
CA CYS A 220 -5.01 -26.70 1.66
C CYS A 220 -4.23 -27.58 2.63
N VAL A 221 -3.22 -28.27 2.11
CA VAL A 221 -2.39 -29.16 2.90
C VAL A 221 -1.50 -28.39 3.88
N ALA A 222 -0.93 -27.29 3.43
CA ALA A 222 -0.06 -26.51 4.30
C ALA A 222 0.16 -25.12 3.73
N THR A 223 0.61 -24.22 4.59
CA THR A 223 0.90 -22.84 4.20
C THR A 223 2.33 -22.51 4.65
N LEU A 224 3.17 -22.10 3.70
CA LEU A 224 4.56 -21.78 4.01
C LEU A 224 4.77 -20.28 4.15
N GLU A 225 5.21 -19.87 5.35
CA GLU A 225 5.45 -18.46 5.61
C GLU A 225 6.90 -18.17 5.98
N GLY A 226 7.37 -17.00 5.55
CA GLY A 226 8.75 -16.60 5.82
C GLY A 226 9.29 -15.53 4.87
N HIS A 227 8.91 -15.56 3.61
CA HIS A 227 9.40 -14.56 2.68
C HIS A 227 8.95 -13.16 3.09
N MET A 228 9.82 -12.17 2.85
CA MET A 228 9.54 -10.79 3.23
C MET A 228 8.93 -9.91 2.16
N SER A 229 8.86 -10.43 0.94
CA SER A 229 8.29 -9.69 -0.17
C SER A 229 7.58 -10.67 -1.09
N ASN A 230 7.14 -10.19 -2.25
CA ASN A 230 6.45 -11.03 -3.21
C ASN A 230 7.17 -12.34 -3.53
N VAL A 231 6.46 -13.45 -3.35
CA VAL A 231 7.04 -14.74 -3.67
C VAL A 231 6.80 -14.88 -5.17
N SER A 232 7.90 -15.04 -5.91
CA SER A 232 7.84 -15.15 -7.35
C SER A 232 7.52 -16.55 -7.83
N PHE A 233 7.93 -17.55 -7.07
CA PHE A 233 7.71 -18.92 -7.48
C PHE A 233 7.97 -19.90 -6.35
N ALA A 234 7.52 -21.14 -6.56
CA ALA A 234 7.72 -22.22 -5.60
C ALA A 234 7.46 -23.50 -6.39
N VAL A 235 8.36 -24.47 -6.28
CA VAL A 235 8.20 -25.73 -7.00
C VAL A 235 8.65 -26.87 -6.13
N PHE A 236 8.22 -28.06 -6.53
CA PHE A 236 8.59 -29.30 -5.85
C PHE A 236 9.83 -29.80 -6.56
N HIS A 237 10.88 -30.15 -5.82
CA HIS A 237 12.07 -30.67 -6.47
C HIS A 237 11.71 -32.02 -7.11
N PRO A 238 12.33 -32.36 -8.23
CA PRO A 238 12.01 -33.64 -8.86
C PRO A 238 12.58 -34.87 -8.18
N THR A 239 13.63 -34.68 -7.38
CA THR A 239 14.30 -35.81 -6.73
C THR A 239 14.40 -35.72 -5.21
N LEU A 240 14.79 -34.55 -4.72
CA LEU A 240 14.95 -34.33 -3.30
C LEU A 240 13.59 -34.03 -2.67
N PRO A 241 13.39 -34.42 -1.41
CA PRO A 241 12.12 -34.17 -0.74
C PRO A 241 12.07 -32.72 -0.28
N ILE A 242 12.15 -31.79 -1.24
CA ILE A 242 12.15 -30.36 -0.93
C ILE A 242 11.33 -29.51 -1.88
N ILE A 243 11.12 -28.27 -1.43
CA ILE A 243 10.40 -27.24 -2.17
C ILE A 243 11.35 -26.03 -2.24
N ILE A 244 11.43 -25.41 -3.42
CA ILE A 244 12.28 -24.26 -3.63
C ILE A 244 11.37 -23.09 -3.99
N SER A 245 11.52 -21.99 -3.27
CA SER A 245 10.73 -20.79 -3.54
C SER A 245 11.72 -19.67 -3.75
N GLY A 246 11.25 -18.57 -4.34
CA GLY A 246 12.11 -17.44 -4.61
C GLY A 246 11.29 -16.20 -4.47
N SER A 247 11.86 -15.14 -3.90
CA SER A 247 11.13 -13.92 -3.67
C SER A 247 11.86 -12.65 -4.03
N GLU A 248 11.10 -11.55 -4.09
CA GLU A 248 11.68 -10.25 -4.40
C GLU A 248 12.46 -9.77 -3.19
N ASP A 249 12.45 -10.55 -2.11
CA ASP A 249 13.22 -10.16 -0.94
C ASP A 249 14.66 -10.59 -1.18
N GLY A 250 14.93 -10.98 -2.42
CA GLY A 250 16.27 -11.40 -2.83
C GLY A 250 16.66 -12.78 -2.33
N THR A 251 15.70 -13.49 -1.75
CA THR A 251 15.97 -14.80 -1.19
C THR A 251 15.45 -16.03 -1.94
N LEU A 252 16.18 -17.13 -1.76
CA LEU A 252 15.86 -18.46 -2.30
C LEU A 252 15.72 -19.26 -1.03
N LYS A 253 14.60 -19.96 -0.86
CA LYS A 253 14.41 -20.75 0.35
C LYS A 253 14.14 -22.21 0.03
N ILE A 254 14.74 -23.09 0.82
CA ILE A 254 14.54 -24.52 0.64
C ILE A 254 13.68 -25.01 1.81
N TRP A 255 12.59 -25.71 1.49
CA TRP A 255 11.70 -26.22 2.51
C TRP A 255 11.63 -27.74 2.51
N ASN A 256 11.39 -28.32 3.69
CA ASN A 256 11.25 -29.76 3.83
C ASN A 256 9.86 -30.04 3.28
N SER A 257 9.75 -30.88 2.26
CA SER A 257 8.45 -31.17 1.65
C SER A 257 7.63 -32.17 2.44
N SER A 258 7.96 -32.36 3.70
CA SER A 258 7.22 -33.30 4.55
C SER A 258 6.88 -32.59 5.83
N THR A 259 7.83 -31.79 6.33
CA THR A 259 7.66 -31.06 7.56
C THR A 259 7.13 -29.64 7.29
N TYR A 260 7.38 -29.15 6.07
CA TYR A 260 6.95 -27.82 5.64
C TYR A 260 7.60 -26.68 6.42
N LYS A 261 8.77 -26.95 7.00
CA LYS A 261 9.51 -25.94 7.75
C LYS A 261 10.70 -25.50 6.90
N VAL A 262 11.03 -24.22 6.93
CA VAL A 262 12.15 -23.73 6.14
C VAL A 262 13.47 -24.44 6.53
N GLU A 263 14.11 -25.05 5.54
CA GLU A 263 15.37 -25.78 5.74
C GLU A 263 16.59 -24.91 5.57
N LYS A 264 16.49 -23.93 4.68
CA LYS A 264 17.62 -23.05 4.41
C LYS A 264 17.25 -21.84 3.57
N THR A 265 17.93 -20.73 3.86
CA THR A 265 17.71 -19.49 3.16
C THR A 265 19.02 -19.07 2.52
N LEU A 266 19.01 -18.92 1.21
CA LEU A 266 20.20 -18.53 0.47
C LEU A 266 19.94 -17.20 -0.20
N ASN A 267 20.94 -16.33 -0.19
CA ASN A 267 20.84 -15.05 -0.86
C ASN A 267 22.10 -14.93 -1.70
N VAL A 268 22.00 -15.42 -2.93
CA VAL A 268 23.11 -15.42 -3.87
C VAL A 268 23.59 -14.04 -4.26
N GLY A 269 23.01 -13.00 -3.65
CA GLY A 269 23.46 -11.65 -3.93
C GLY A 269 23.22 -11.04 -5.29
N LEU A 270 22.07 -11.33 -5.91
CA LEU A 270 21.74 -10.81 -7.24
C LEU A 270 20.45 -10.02 -7.25
N GLU A 271 19.98 -9.64 -6.06
CA GLU A 271 18.73 -8.87 -5.92
C GLU A 271 17.50 -9.78 -6.02
N ARG A 272 16.41 -9.19 -6.49
CA ARG A 272 15.15 -9.92 -6.62
C ARG A 272 15.26 -11.19 -7.47
N SER A 273 14.61 -12.26 -7.01
CA SER A 273 14.57 -13.54 -7.73
C SER A 273 13.25 -13.53 -8.52
N TRP A 274 13.31 -13.89 -9.79
CA TRP A 274 12.11 -13.88 -10.63
C TRP A 274 11.69 -15.21 -11.25
N CYS A 275 12.63 -16.11 -11.48
CA CYS A 275 12.30 -17.38 -12.12
C CYS A 275 13.08 -18.57 -11.58
N ILE A 276 12.59 -19.76 -11.90
CA ILE A 276 13.19 -20.99 -11.41
C ILE A 276 13.07 -22.12 -12.44
N ALA A 277 13.94 -23.12 -12.29
CA ALA A 277 13.95 -24.30 -13.15
C ALA A 277 14.72 -25.37 -12.40
N THR A 278 14.35 -26.62 -12.63
CA THR A 278 15.01 -27.72 -11.95
C THR A 278 15.42 -28.70 -13.05
N HIS A 279 16.58 -29.31 -12.95
CA HIS A 279 16.96 -30.24 -14.00
C HIS A 279 15.88 -31.32 -14.06
N PRO A 280 15.23 -31.48 -15.21
CA PRO A 280 14.15 -32.44 -15.45
C PRO A 280 14.39 -33.86 -14.99
N THR A 281 15.64 -34.26 -14.85
CA THR A 281 15.97 -35.62 -14.44
C THR A 281 16.67 -35.62 -13.11
N GLY A 282 16.84 -34.43 -12.54
CA GLY A 282 17.49 -34.31 -11.25
C GLY A 282 18.98 -34.56 -11.31
N ARG A 283 19.57 -34.42 -12.51
CA ARG A 283 21.01 -34.63 -12.61
C ARG A 283 21.73 -33.64 -11.71
N LYS A 284 22.50 -34.16 -10.77
CA LYS A 284 23.25 -33.38 -9.79
C LYS A 284 22.31 -32.52 -8.97
N ASN A 285 21.02 -32.89 -9.01
CA ASN A 285 19.99 -32.15 -8.31
C ASN A 285 20.16 -30.66 -8.61
N TYR A 286 20.44 -30.38 -9.88
CA TYR A 286 20.64 -29.03 -10.39
C TYR A 286 19.40 -28.15 -10.37
N ILE A 287 19.59 -26.89 -10.00
CA ILE A 287 18.52 -25.92 -10.02
C ILE A 287 19.13 -24.59 -10.47
N ALA A 288 18.29 -23.71 -10.99
CA ALA A 288 18.77 -22.42 -11.46
C ALA A 288 17.67 -21.39 -11.25
N SER A 289 18.06 -20.17 -10.89
CA SER A 289 17.11 -19.10 -10.67
C SER A 289 17.59 -17.80 -11.29
N GLY A 290 16.66 -17.07 -11.90
CA GLY A 290 16.97 -15.79 -12.53
C GLY A 290 16.68 -14.64 -11.61
N PHE A 291 17.61 -13.68 -11.58
CA PHE A 291 17.51 -12.52 -10.71
C PHE A 291 17.66 -11.23 -11.51
N ASP A 292 17.55 -10.10 -10.79
CA ASP A 292 17.69 -8.78 -11.40
C ASP A 292 19.06 -8.62 -12.04
N ASN A 293 20.08 -9.20 -11.40
CA ASN A 293 21.44 -9.06 -11.89
C ASN A 293 22.11 -10.28 -12.51
N GLY A 294 21.31 -11.29 -12.86
CA GLY A 294 21.85 -12.49 -13.48
C GLY A 294 21.21 -13.74 -12.94
N PHE A 295 21.86 -14.88 -13.15
CA PHE A 295 21.33 -16.14 -12.66
C PHE A 295 22.44 -16.95 -12.02
N THR A 296 22.05 -17.97 -11.27
CA THR A 296 23.01 -18.86 -10.64
C THR A 296 22.51 -20.29 -10.79
N VAL A 297 23.43 -21.21 -11.01
CA VAL A 297 23.08 -22.61 -11.10
C VAL A 297 23.73 -23.27 -9.89
N LEU A 298 22.93 -23.99 -9.12
CA LEU A 298 23.42 -24.67 -7.93
C LEU A 298 23.15 -26.15 -8.02
N SER A 299 23.98 -26.91 -7.31
CA SER A 299 23.81 -28.34 -7.23
C SER A 299 23.39 -28.46 -5.78
N LEU A 300 22.34 -29.23 -5.51
CA LEU A 300 21.88 -29.35 -4.14
C LEU A 300 22.51 -30.47 -3.33
N GLY A 301 22.72 -31.61 -3.97
CA GLY A 301 23.31 -32.71 -3.24
C GLY A 301 24.02 -33.68 -4.14
N ASN A 302 24.50 -34.78 -3.58
CA ASN A 302 25.20 -35.79 -4.36
C ASN A 302 24.21 -36.53 -5.27
N ASP A 303 24.67 -36.81 -6.48
CA ASP A 303 23.86 -37.44 -7.52
C ASP A 303 23.77 -38.98 -7.57
N GLU A 304 24.76 -39.68 -7.02
CA GLU A 304 24.78 -41.13 -7.11
C GLU A 304 23.65 -41.87 -6.37
N PRO A 305 23.16 -42.96 -6.98
CA PRO A 305 22.08 -43.77 -6.45
C PRO A 305 22.45 -44.48 -5.14
N THR A 306 21.44 -44.69 -4.31
CA THR A 306 21.62 -45.38 -3.04
C THR A 306 21.05 -46.77 -3.19
N LEU A 307 21.94 -47.74 -3.38
CA LEU A 307 21.56 -49.12 -3.60
C LEU A 307 22.57 -50.10 -3.06
N SER A 308 22.26 -51.39 -3.21
CA SER A 308 23.15 -52.43 -2.75
C SER A 308 22.74 -53.77 -3.34
N LEU A 309 23.74 -54.57 -3.72
CA LEU A 309 23.56 -55.91 -4.30
C LEU A 309 24.09 -56.94 -3.30
N ASP A 310 23.26 -57.89 -2.87
CA ASP A 310 23.73 -58.89 -1.92
C ASP A 310 24.62 -59.93 -2.61
N PRO A 311 25.27 -60.82 -1.83
CA PRO A 311 26.14 -61.84 -2.43
C PRO A 311 25.55 -62.57 -3.62
N VAL A 312 24.34 -63.06 -3.45
CA VAL A 312 23.64 -63.83 -4.48
C VAL A 312 23.18 -63.09 -5.74
N GLY A 313 22.84 -61.81 -5.59
CA GLY A 313 22.38 -61.04 -6.72
C GLY A 313 21.05 -60.37 -6.49
N LYS A 314 20.67 -60.21 -5.23
CA LYS A 314 19.41 -59.56 -4.87
C LYS A 314 19.68 -58.07 -4.68
N LEU A 315 19.13 -57.25 -5.57
CA LEU A 315 19.36 -55.83 -5.49
C LEU A 315 18.29 -55.10 -4.68
N VAL A 316 18.74 -54.13 -3.89
CA VAL A 316 17.86 -53.30 -3.06
C VAL A 316 18.30 -51.85 -3.25
N TRP A 317 17.35 -50.97 -3.54
CA TRP A 317 17.66 -49.57 -3.75
C TRP A 317 16.55 -48.65 -3.24
N SER A 318 16.90 -47.38 -3.11
CA SER A 318 15.98 -46.35 -2.65
C SER A 318 15.81 -45.37 -3.80
N GLY A 319 14.71 -44.62 -3.77
CA GLY A 319 14.47 -43.64 -4.81
C GLY A 319 14.39 -44.26 -6.19
N GLY A 320 15.14 -43.69 -7.12
CA GLY A 320 15.12 -44.18 -8.48
C GLY A 320 13.97 -43.49 -9.17
N LYS A 321 14.23 -42.90 -10.33
CA LYS A 321 13.23 -42.19 -11.11
C LYS A 321 11.80 -42.71 -10.91
N ASN A 322 10.86 -41.76 -10.85
CA ASN A 322 9.45 -42.06 -10.68
C ASN A 322 9.15 -42.46 -9.23
N ALA A 323 10.14 -42.33 -8.36
CA ALA A 323 9.98 -42.68 -6.96
C ALA A 323 10.59 -41.68 -6.00
N ALA A 324 10.00 -41.58 -4.81
CA ALA A 324 10.51 -40.65 -3.80
C ALA A 324 11.75 -41.26 -3.13
N ALA A 325 12.66 -40.40 -2.70
CA ALA A 325 13.90 -40.81 -2.05
C ALA A 325 13.73 -41.88 -0.98
N SER A 326 12.64 -41.82 -0.23
CA SER A 326 12.41 -42.76 0.85
C SER A 326 11.73 -44.09 0.48
N ASP A 327 11.46 -44.31 -0.81
CA ASP A 327 10.82 -45.57 -1.21
C ASP A 327 11.88 -46.64 -1.49
N ILE A 328 11.66 -47.84 -0.97
CA ILE A 328 12.62 -48.94 -1.13
C ILE A 328 12.14 -50.05 -2.08
N PHE A 329 13.02 -50.48 -2.98
CA PHE A 329 12.66 -51.53 -3.93
C PHE A 329 13.69 -52.66 -4.00
N THR A 330 13.30 -53.75 -4.64
CA THR A 330 14.19 -54.90 -4.81
C THR A 330 13.86 -55.64 -6.09
N ALA A 331 14.84 -56.40 -6.56
CA ALA A 331 14.72 -57.17 -7.77
C ALA A 331 15.93 -58.10 -7.76
N VAL A 332 15.75 -59.28 -8.32
CA VAL A 332 16.80 -60.29 -8.37
C VAL A 332 17.35 -60.50 -9.78
N ILE A 333 18.66 -60.49 -9.92
CA ILE A 333 19.25 -60.74 -11.23
C ILE A 333 19.27 -62.27 -11.29
N ARG A 334 18.41 -62.84 -12.14
CA ARG A 334 18.31 -64.29 -12.29
C ARG A 334 19.50 -64.90 -13.01
N GLY A 335 20.01 -64.18 -14.00
CA GLY A 335 21.14 -64.68 -14.76
C GLY A 335 20.67 -65.26 -16.08
N ASN A 336 19.40 -64.99 -16.41
CA ASN A 336 18.80 -65.48 -17.64
C ASN A 336 18.35 -64.35 -18.56
N GLU A 337 18.56 -63.10 -18.15
CA GLU A 337 18.15 -61.95 -18.95
C GLU A 337 18.76 -62.03 -20.36
N GLU A 338 17.90 -61.89 -21.36
CA GLU A 338 18.28 -61.96 -22.78
C GLU A 338 19.13 -60.77 -23.24
N VAL A 339 18.78 -59.59 -22.74
CA VAL A 339 19.39 -58.29 -23.04
C VAL A 339 20.81 -58.23 -23.66
N GLU A 340 21.07 -57.15 -24.39
CA GLU A 340 22.36 -56.89 -25.04
C GLU A 340 23.33 -56.22 -24.07
N GLN A 341 24.59 -56.08 -24.49
CA GLN A 341 25.59 -55.46 -23.62
C GLN A 341 25.41 -53.95 -23.46
N ASP A 342 24.75 -53.32 -24.43
CA ASP A 342 24.50 -51.89 -24.38
C ASP A 342 23.10 -51.56 -23.86
N GLU A 343 22.27 -52.60 -23.73
CA GLU A 343 20.91 -52.42 -23.23
C GLU A 343 20.79 -52.87 -21.78
N PRO A 344 19.90 -52.23 -21.02
CA PRO A 344 19.69 -52.57 -19.59
C PRO A 344 18.87 -53.84 -19.37
N LEU A 345 19.09 -54.48 -18.23
CA LEU A 345 18.35 -55.70 -17.88
C LEU A 345 16.94 -55.35 -17.48
N SER A 346 15.99 -56.21 -17.84
CA SER A 346 14.61 -55.98 -17.45
C SER A 346 14.40 -56.83 -16.19
N LEU A 347 14.32 -56.16 -15.05
CA LEU A 347 14.15 -56.86 -13.78
C LEU A 347 12.75 -56.65 -13.22
N GLN A 348 12.18 -57.70 -12.65
CA GLN A 348 10.85 -57.60 -12.04
C GLN A 348 11.05 -57.05 -10.65
N THR A 349 10.62 -55.79 -10.48
CA THR A 349 10.75 -55.08 -9.22
C THR A 349 9.64 -55.32 -8.22
N LYS A 350 9.91 -55.00 -6.96
CA LYS A 350 8.95 -55.16 -5.88
C LYS A 350 9.14 -54.06 -4.85
N GLU A 351 8.04 -53.46 -4.41
CA GLU A 351 8.10 -52.39 -3.42
C GLU A 351 8.31 -52.95 -2.03
N LEU A 352 8.91 -52.16 -1.15
CA LEU A 352 9.18 -52.55 0.23
C LEU A 352 8.87 -51.41 1.21
N GLY A 353 8.76 -51.75 2.49
CA GLY A 353 8.45 -50.75 3.50
C GLY A 353 9.33 -49.51 3.52
N SER A 354 8.91 -48.47 2.82
CA SER A 354 9.66 -47.22 2.76
C SER A 354 10.14 -46.84 4.16
N VAL A 355 11.31 -46.22 4.24
CA VAL A 355 11.90 -45.80 5.50
C VAL A 355 11.42 -44.41 5.87
N ASP A 356 11.80 -43.91 7.05
CA ASP A 356 11.34 -42.59 7.47
C ASP A 356 12.33 -41.44 7.40
N VAL A 357 13.45 -41.64 6.73
CA VAL A 357 14.41 -40.56 6.61
C VAL A 357 14.87 -40.48 5.17
N PHE A 358 15.61 -39.44 4.85
CA PHE A 358 16.13 -39.30 3.50
C PHE A 358 17.36 -40.21 3.45
N PRO A 359 17.29 -41.30 2.66
CA PRO A 359 18.44 -42.20 2.58
C PRO A 359 19.71 -41.66 1.92
N GLN A 360 20.76 -41.55 2.73
CA GLN A 360 22.06 -41.07 2.30
C GLN A 360 23.03 -42.26 2.17
N SER A 361 22.63 -43.40 2.73
CA SER A 361 23.42 -44.63 2.72
C SER A 361 22.53 -45.87 2.87
N LEU A 362 22.79 -46.91 2.07
CA LEU A 362 22.02 -48.16 2.09
C LEU A 362 22.95 -49.36 1.84
N ALA A 363 23.13 -50.22 2.83
CA ALA A 363 24.03 -51.37 2.69
C ALA A 363 23.64 -52.68 3.35
N HIS A 364 23.73 -53.77 2.59
CA HIS A 364 23.44 -55.10 3.11
C HIS A 364 24.52 -55.48 4.11
N SER A 365 24.20 -56.46 4.94
CA SER A 365 25.17 -56.98 5.88
C SER A 365 26.03 -57.86 4.97
N PRO A 366 27.24 -58.26 5.39
CA PRO A 366 28.06 -59.10 4.52
C PRO A 366 27.35 -60.36 4.01
N ASN A 367 26.55 -60.97 4.87
CA ASN A 367 25.81 -62.19 4.52
C ASN A 367 24.54 -61.91 3.70
N GLY A 368 24.11 -60.65 3.67
CA GLY A 368 22.91 -60.30 2.92
C GLY A 368 21.65 -60.43 3.75
N ARG A 369 21.80 -60.86 5.00
CA ARG A 369 20.66 -61.03 5.89
C ARG A 369 20.01 -59.72 6.30
N PHE A 370 20.78 -58.65 6.32
CA PHE A 370 20.23 -57.38 6.72
C PHE A 370 20.60 -56.28 5.74
N VAL A 371 19.90 -55.15 5.87
CA VAL A 371 20.13 -53.98 5.04
C VAL A 371 20.03 -52.82 6.00
N THR A 372 20.96 -51.89 5.90
CA THR A 372 20.92 -50.73 6.78
C THR A 372 20.76 -49.45 5.95
N VAL A 373 19.91 -48.56 6.44
CA VAL A 373 19.66 -47.28 5.78
C VAL A 373 20.08 -46.18 6.75
N VAL A 374 20.96 -45.29 6.32
CA VAL A 374 21.39 -44.22 7.21
C VAL A 374 20.83 -42.88 6.70
N GLY A 375 20.43 -42.03 7.64
CA GLY A 375 19.90 -40.74 7.28
C GLY A 375 19.33 -39.90 8.42
N ASP A 376 19.51 -38.59 8.29
CA ASP A 376 19.02 -37.63 9.27
C ASP A 376 19.46 -37.97 10.69
N GLY A 377 20.70 -38.42 10.84
CA GLY A 377 21.20 -38.74 12.16
C GLY A 377 20.65 -40.04 12.71
N GLU A 378 19.91 -40.77 11.89
CA GLU A 378 19.35 -42.04 12.32
C GLU A 378 19.82 -43.15 11.40
N TYR A 379 19.60 -44.38 11.83
CA TYR A 379 19.96 -45.54 11.04
C TYR A 379 18.85 -46.55 11.32
N VAL A 380 18.50 -47.34 10.31
CA VAL A 380 17.46 -48.33 10.48
C VAL A 380 17.91 -49.61 9.83
N ILE A 381 17.77 -50.71 10.56
CA ILE A 381 18.18 -51.99 10.03
C ILE A 381 16.98 -52.89 9.79
N TYR A 382 16.93 -53.50 8.62
CA TYR A 382 15.84 -54.41 8.27
C TYR A 382 16.41 -55.77 7.95
N THR A 383 15.56 -56.80 8.04
CA THR A 383 15.98 -58.15 7.70
C THR A 383 15.58 -58.27 6.23
N ALA A 384 16.58 -58.39 5.36
CA ALA A 384 16.35 -58.47 3.92
C ALA A 384 15.23 -59.39 3.45
N LEU A 385 15.08 -60.54 4.09
CA LEU A 385 14.07 -61.52 3.69
C LEU A 385 12.69 -60.93 3.46
N ALA A 386 11.94 -60.71 4.54
CA ALA A 386 10.60 -60.16 4.44
C ALA A 386 10.55 -58.72 4.92
N TRP A 387 11.59 -57.96 4.58
CA TRP A 387 11.72 -56.56 4.97
C TRP A 387 11.06 -56.23 6.31
N ARG A 388 11.55 -56.87 7.37
CA ARG A 388 11.01 -56.64 8.71
C ARG A 388 11.99 -55.83 9.54
N ASN A 389 11.50 -54.79 10.20
CA ASN A 389 12.36 -53.94 11.01
C ASN A 389 13.18 -54.80 11.97
N LYS A 390 14.44 -54.44 12.15
CA LYS A 390 15.34 -55.18 13.04
C LYS A 390 15.88 -54.28 14.15
N ALA A 391 16.35 -53.10 13.80
CA ALA A 391 16.88 -52.19 14.80
C ALA A 391 16.90 -50.76 14.29
N PHE A 392 17.27 -49.83 15.16
CA PHE A 392 17.35 -48.43 14.78
C PHE A 392 18.01 -47.58 15.88
N GLY A 393 18.55 -46.44 15.48
CA GLY A 393 19.20 -45.58 16.44
C GLY A 393 19.77 -44.35 15.76
N LYS A 394 20.53 -43.56 16.51
CA LYS A 394 21.13 -42.35 15.99
C LYS A 394 22.57 -42.62 15.57
N CYS A 395 23.04 -41.87 14.58
CA CYS A 395 24.41 -41.98 14.10
C CYS A 395 24.63 -41.00 12.96
N GLN A 396 25.89 -40.78 12.60
CA GLN A 396 26.24 -39.90 11.49
C GLN A 396 26.74 -40.80 10.36
N ASP A 397 27.23 -41.98 10.74
CA ASP A 397 27.70 -42.98 9.80
C ASP A 397 27.57 -44.38 10.40
N PHE A 398 27.45 -45.37 9.53
CA PHE A 398 27.28 -46.78 9.89
C PHE A 398 28.01 -47.68 8.90
N VAL A 399 28.67 -48.72 9.40
CA VAL A 399 29.36 -49.67 8.53
C VAL A 399 29.34 -51.05 9.17
N TRP A 400 29.03 -52.06 8.36
CA TRP A 400 29.00 -53.41 8.85
C TRP A 400 30.41 -53.92 9.12
N GLY A 401 30.52 -54.83 10.08
CA GLY A 401 31.80 -55.44 10.39
C GLY A 401 31.87 -56.73 9.58
N PRO A 402 33.05 -57.37 9.49
CA PRO A 402 33.13 -58.61 8.70
C PRO A 402 32.26 -59.71 9.30
N ASP A 403 32.04 -59.60 10.61
CA ASP A 403 31.21 -60.54 11.38
C ASP A 403 29.89 -60.79 10.66
N SER A 404 29.44 -59.80 9.90
CA SER A 404 28.19 -59.90 9.18
C SER A 404 27.01 -59.84 10.15
N ASN A 405 27.30 -59.43 11.38
CA ASN A 405 26.28 -59.29 12.40
C ASN A 405 26.55 -57.99 13.14
N SER A 406 27.84 -57.70 13.36
CA SER A 406 28.29 -56.49 14.05
C SER A 406 28.39 -55.28 13.14
N TYR A 407 28.54 -54.10 13.76
CA TYR A 407 28.67 -52.84 13.02
C TYR A 407 29.24 -51.71 13.89
N ALA A 408 29.73 -50.66 13.24
CA ALA A 408 30.31 -49.52 13.95
C ALA A 408 29.58 -48.23 13.61
N LEU A 409 29.43 -47.35 14.60
CA LEU A 409 28.72 -46.09 14.42
C LEU A 409 29.52 -44.86 14.80
N ILE A 410 28.95 -43.71 14.45
CA ILE A 410 29.47 -42.39 14.79
C ILE A 410 28.22 -41.78 15.38
N ASP A 411 28.09 -41.82 16.71
CA ASP A 411 26.89 -41.27 17.35
C ASP A 411 26.77 -39.75 17.24
N GLU A 412 25.88 -39.17 18.02
CA GLU A 412 25.65 -37.72 18.00
C GLU A 412 26.84 -37.01 18.64
N THR A 413 27.36 -37.58 19.72
CA THR A 413 28.50 -36.99 20.41
C THR A 413 29.73 -37.15 19.51
N GLY A 414 29.51 -37.72 18.32
CA GLY A 414 30.57 -37.93 17.35
C GLY A 414 31.60 -38.99 17.67
N GLN A 415 31.28 -39.91 18.58
CA GLN A 415 32.21 -40.98 18.95
C GLN A 415 31.90 -42.30 18.25
N ILE A 416 32.94 -43.09 18.01
CA ILE A 416 32.80 -44.37 17.35
C ILE A 416 32.28 -45.42 18.32
N LYS A 417 31.15 -46.02 17.99
CA LYS A 417 30.57 -47.07 18.83
C LYS A 417 30.54 -48.39 18.07
N TYR A 418 30.82 -49.49 18.77
CA TYR A 418 30.83 -50.82 18.19
C TYR A 418 29.68 -51.66 18.71
N TYR A 419 29.06 -52.42 17.83
CA TYR A 419 27.95 -53.28 18.22
C TYR A 419 28.19 -54.71 17.79
N LYS A 420 27.79 -55.65 18.64
CA LYS A 420 27.94 -57.07 18.35
C LYS A 420 26.60 -57.71 18.71
N ASN A 421 25.95 -58.30 17.71
CA ASN A 421 24.64 -58.91 17.87
C ASN A 421 23.60 -57.84 18.25
N PHE A 422 23.74 -56.68 17.63
CA PHE A 422 22.85 -55.55 17.85
C PHE A 422 22.89 -54.93 19.24
N LYS A 423 23.89 -55.30 20.02
CA LYS A 423 24.05 -54.78 21.37
C LYS A 423 25.38 -54.06 21.44
N GLU A 424 25.38 -52.86 22.00
CA GLU A 424 26.62 -52.09 22.10
C GLU A 424 27.56 -52.70 23.12
N VAL A 425 28.81 -52.87 22.72
CA VAL A 425 29.82 -53.41 23.63
C VAL A 425 30.56 -52.22 24.22
N THR A 426 30.26 -51.93 25.49
CA THR A 426 30.84 -50.80 26.20
C THR A 426 32.36 -50.83 26.42
N SER A 427 32.94 -52.02 26.53
CA SER A 427 34.39 -52.15 26.73
C SER A 427 35.15 -51.69 25.50
N TRP A 428 34.47 -51.72 24.35
CA TRP A 428 35.07 -51.34 23.08
C TRP A 428 35.19 -49.82 22.99
N SER A 429 36.34 -49.35 22.52
CA SER A 429 36.56 -47.93 22.37
C SER A 429 37.58 -47.70 21.27
N VAL A 430 37.55 -46.50 20.69
CA VAL A 430 38.47 -46.11 19.63
C VAL A 430 38.66 -44.61 19.79
N PRO A 431 39.45 -44.20 20.79
CA PRO A 431 39.70 -42.78 21.04
C PRO A 431 40.37 -42.14 19.83
N MET A 432 39.73 -41.09 19.32
CA MET A 432 40.25 -40.39 18.16
C MET A 432 40.47 -38.92 18.53
N HIS A 433 41.72 -38.46 18.42
CA HIS A 433 42.06 -37.08 18.74
C HIS A 433 41.08 -36.11 18.08
N SER A 434 41.29 -35.86 16.79
CA SER A 434 40.42 -34.95 16.05
C SER A 434 39.05 -35.53 15.75
N ALA A 435 38.34 -34.88 14.83
CA ALA A 435 36.99 -35.29 14.45
C ALA A 435 36.94 -36.33 13.34
N ILE A 436 36.00 -37.27 13.47
CA ILE A 436 35.81 -38.34 12.51
C ILE A 436 35.00 -37.84 11.32
N ASP A 437 35.55 -38.00 10.11
CA ASP A 437 34.85 -37.57 8.91
C ASP A 437 33.84 -38.62 8.44
N ARG A 438 34.24 -39.89 8.48
CA ARG A 438 33.38 -41.00 8.07
C ARG A 438 34.07 -42.34 8.31
N LEU A 439 33.30 -43.42 8.22
CA LEU A 439 33.82 -44.77 8.44
C LEU A 439 33.90 -45.58 7.16
N PHE A 440 34.70 -46.64 7.20
CA PHE A 440 34.88 -47.55 6.08
C PHE A 440 34.82 -48.99 6.59
N SER A 441 34.14 -49.85 5.86
CA SER A 441 34.03 -51.25 6.25
C SER A 441 35.11 -52.06 5.52
N GLY A 442 35.16 -53.36 5.76
CA GLY A 442 36.16 -54.18 5.12
C GLY A 442 36.93 -54.99 6.14
N ALA A 443 38.13 -55.44 5.78
CA ALA A 443 38.94 -56.25 6.69
C ALA A 443 39.20 -55.58 8.03
N LEU A 444 39.45 -54.27 8.02
CA LEU A 444 39.68 -53.52 9.24
C LEU A 444 38.67 -52.38 9.27
N LEU A 445 38.45 -51.79 10.44
CA LEU A 445 37.55 -50.67 10.51
C LEU A 445 38.34 -49.45 10.06
N GLY A 446 37.85 -48.83 9.00
CA GLY A 446 38.51 -47.66 8.48
C GLY A 446 37.83 -46.41 8.96
N VAL A 447 38.62 -45.42 9.33
CA VAL A 447 38.06 -44.15 9.79
C VAL A 447 38.92 -42.99 9.28
N LYS A 448 38.24 -42.08 8.57
CA LYS A 448 38.87 -40.90 7.99
C LYS A 448 38.81 -39.73 8.96
N SER A 449 39.96 -39.14 9.21
CA SER A 449 40.07 -38.01 10.13
C SER A 449 41.38 -37.30 9.84
N ASP A 450 41.34 -35.98 9.75
CA ASP A 450 42.56 -35.20 9.48
C ASP A 450 43.29 -35.57 8.19
N GLY A 451 42.55 -35.74 7.10
CA GLY A 451 43.21 -36.09 5.85
C GLY A 451 44.04 -37.35 5.95
N PHE A 452 43.62 -38.23 6.87
CA PHE A 452 44.27 -39.50 7.12
C PHE A 452 43.23 -40.60 7.15
N VAL A 453 43.67 -41.83 7.01
CA VAL A 453 42.78 -42.98 7.11
C VAL A 453 43.41 -43.88 8.17
N TYR A 454 42.68 -44.16 9.25
CA TYR A 454 43.18 -45.02 10.30
C TYR A 454 42.46 -46.35 10.29
N PHE A 455 43.19 -47.46 10.22
CA PHE A 455 42.54 -48.75 10.25
C PHE A 455 42.64 -49.38 11.63
N PHE A 456 41.52 -49.85 12.17
CA PHE A 456 41.52 -50.47 13.49
C PHE A 456 41.08 -51.91 13.44
N ASP A 457 41.40 -52.64 14.50
CA ASP A 457 41.04 -54.03 14.66
C ASP A 457 39.58 -54.07 15.12
N TRP A 458 38.70 -54.70 14.36
CA TRP A 458 37.28 -54.77 14.72
C TRP A 458 37.05 -55.35 16.12
N ASP A 459 37.73 -56.45 16.44
CA ASP A 459 37.57 -57.13 17.72
C ASP A 459 37.84 -56.29 18.95
N ASN A 460 39.02 -55.68 19.04
CA ASN A 460 39.35 -54.89 20.22
C ASN A 460 39.36 -53.38 20.04
N GLY A 461 39.63 -52.91 18.84
CA GLY A 461 39.66 -51.48 18.60
C GLY A 461 41.06 -50.89 18.52
N THR A 462 42.06 -51.78 18.47
CA THR A 462 43.44 -51.35 18.41
C THR A 462 43.86 -50.82 17.06
N LEU A 463 44.59 -49.71 17.05
CA LEU A 463 45.06 -49.14 15.80
C LEU A 463 46.04 -50.10 15.15
N VAL A 464 45.84 -50.40 13.87
CA VAL A 464 46.73 -51.29 13.17
C VAL A 464 47.71 -50.49 12.33
N ARG A 465 47.27 -49.33 11.84
CA ARG A 465 48.13 -48.48 11.02
C ARG A 465 47.38 -47.24 10.53
N ARG A 466 48.13 -46.19 10.23
CA ARG A 466 47.55 -44.95 9.75
C ARG A 466 48.09 -44.73 8.35
N ILE A 467 47.20 -44.41 7.41
CA ILE A 467 47.63 -44.17 6.05
C ILE A 467 47.56 -42.68 5.76
N ASP A 468 48.59 -42.15 5.11
CA ASP A 468 48.65 -40.73 4.79
C ASP A 468 48.04 -40.37 3.45
N VAL A 469 46.71 -40.40 3.38
CA VAL A 469 45.97 -40.06 2.15
C VAL A 469 44.51 -39.89 2.50
N ASN A 470 43.95 -38.69 2.35
CA ASN A 470 42.54 -38.51 2.67
C ASN A 470 41.78 -39.11 1.50
N ALA A 471 41.35 -40.35 1.69
CA ALA A 471 40.65 -41.05 0.66
C ALA A 471 39.19 -40.65 0.61
N LYS A 472 38.54 -41.00 -0.49
CA LYS A 472 37.12 -40.71 -0.64
C LYS A 472 36.48 -42.09 -0.54
N ASP A 473 37.32 -43.12 -0.55
CA ASP A 473 36.82 -44.47 -0.48
C ASP A 473 37.89 -45.51 -0.17
N VAL A 474 37.47 -46.63 0.44
CA VAL A 474 38.37 -47.73 0.77
C VAL A 474 37.68 -49.03 0.35
N ILE A 475 38.30 -49.77 -0.56
CA ILE A 475 37.74 -51.02 -1.07
C ILE A 475 38.65 -52.21 -0.83
N TRP A 476 38.14 -53.23 -0.13
CA TRP A 476 38.92 -54.40 0.20
C TRP A 476 38.64 -55.61 -0.68
N SER A 477 39.65 -56.46 -0.84
CA SER A 477 39.51 -57.68 -1.62
C SER A 477 38.91 -58.69 -0.65
N ASP A 478 38.32 -59.77 -1.16
CA ASP A 478 37.71 -60.75 -0.29
C ASP A 478 38.60 -61.41 0.77
N ASN A 479 39.77 -61.90 0.39
CA ASN A 479 40.62 -62.53 1.39
C ASN A 479 41.17 -61.50 2.36
N GLY A 480 40.74 -60.24 2.20
CA GLY A 480 41.19 -59.18 3.07
C GLY A 480 42.68 -58.95 3.08
N GLU A 481 43.35 -59.31 2.00
CA GLU A 481 44.79 -59.12 1.89
C GLU A 481 45.18 -57.93 1.05
N LEU A 482 44.33 -57.57 0.10
CA LEU A 482 44.59 -56.43 -0.75
C LEU A 482 43.53 -55.35 -0.49
N VAL A 483 43.92 -54.09 -0.58
CA VAL A 483 42.99 -52.99 -0.38
C VAL A 483 43.31 -51.82 -1.29
N MET A 484 42.27 -51.20 -1.84
CA MET A 484 42.46 -50.06 -2.71
C MET A 484 42.01 -48.79 -2.00
N ILE A 485 42.84 -47.76 -2.03
CA ILE A 485 42.47 -46.51 -1.41
C ILE A 485 42.30 -45.46 -2.50
N VAL A 486 41.05 -45.10 -2.79
CA VAL A 486 40.79 -44.11 -3.81
C VAL A 486 41.07 -42.74 -3.21
N ASN A 487 42.04 -42.05 -3.80
CA ASN A 487 42.40 -40.73 -3.31
C ASN A 487 41.39 -39.69 -3.77
N THR A 488 41.14 -38.70 -2.92
CA THR A 488 40.21 -37.62 -3.23
C THR A 488 40.81 -36.86 -4.40
N ASN A 489 42.11 -36.66 -4.32
CA ASN A 489 42.89 -35.96 -5.34
C ASN A 489 42.18 -34.84 -6.07
N SER A 490 41.61 -33.91 -5.31
CA SER A 490 40.96 -32.77 -5.94
C SER A 490 42.12 -31.87 -6.35
N ASN A 491 41.80 -30.83 -7.11
CA ASN A 491 42.82 -29.87 -7.56
C ASN A 491 43.65 -30.33 -8.77
N GLY A 492 44.00 -31.62 -8.86
CA GLY A 492 44.74 -32.06 -10.02
C GLY A 492 45.86 -33.10 -9.94
N ASP A 493 46.94 -32.76 -9.23
CA ASP A 493 48.10 -33.66 -9.09
C ASP A 493 47.76 -35.04 -8.51
N GLU A 494 48.65 -35.54 -7.65
CA GLU A 494 48.52 -36.84 -6.97
C GLU A 494 47.99 -38.03 -7.79
N ALA A 495 48.05 -39.21 -7.16
CA ALA A 495 47.58 -40.43 -7.80
C ALA A 495 46.09 -40.58 -7.54
N SER A 496 45.40 -41.31 -8.42
CA SER A 496 43.97 -41.52 -8.28
C SER A 496 43.63 -42.49 -7.16
N GLY A 497 44.53 -43.43 -6.90
CA GLY A 497 44.30 -44.40 -5.85
C GLY A 497 45.52 -45.27 -5.60
N TYR A 498 45.56 -45.90 -4.44
CA TYR A 498 46.70 -46.75 -4.08
C TYR A 498 46.24 -48.14 -3.67
N THR A 499 47.01 -49.15 -4.08
CA THR A 499 46.71 -50.52 -3.70
C THR A 499 47.78 -50.95 -2.71
N LEU A 500 47.34 -51.35 -1.52
CA LEU A 500 48.23 -51.79 -0.45
C LEU A 500 48.04 -53.27 -0.17
N LEU A 501 49.06 -53.89 0.38
CA LEU A 501 49.00 -55.29 0.73
C LEU A 501 49.01 -55.35 2.25
N PHE A 502 48.00 -55.97 2.83
CA PHE A 502 47.91 -56.08 4.27
C PHE A 502 48.51 -57.40 4.74
N ASN A 503 49.58 -57.27 5.53
CA ASN A 503 50.28 -58.42 6.07
C ASN A 503 49.69 -58.61 7.46
N LYS A 504 48.62 -59.40 7.54
CA LYS A 504 47.94 -59.63 8.81
C LYS A 504 48.83 -60.20 9.90
N ASP A 505 49.68 -61.15 9.54
CA ASP A 505 50.58 -61.76 10.52
C ASP A 505 51.55 -60.76 11.10
N ALA A 506 52.05 -59.85 10.26
CA ALA A 506 52.97 -58.83 10.70
C ALA A 506 52.34 -58.03 11.84
N TYR A 507 51.06 -57.75 11.71
CA TYR A 507 50.33 -57.00 12.74
C TYR A 507 50.11 -57.81 14.01
N LEU A 508 49.65 -59.05 13.87
CA LEU A 508 49.40 -59.89 15.03
C LEU A 508 50.64 -60.03 15.93
N GLU A 509 51.82 -60.11 15.31
CA GLU A 509 53.07 -60.21 16.07
C GLU A 509 53.30 -58.95 16.89
N ALA A 510 53.28 -57.80 16.22
CA ALA A 510 53.48 -56.52 16.88
C ALA A 510 52.52 -56.42 18.05
N ALA A 511 51.25 -56.74 17.79
CA ALA A 511 50.22 -56.69 18.82
C ALA A 511 50.60 -57.64 19.93
N ASN A 512 51.22 -58.75 19.55
CA ASN A 512 51.64 -59.74 20.52
C ASN A 512 52.88 -59.33 21.31
N ASN A 513 53.70 -58.46 20.72
CA ASN A 513 54.89 -57.97 21.41
C ASN A 513 54.38 -56.92 22.38
N GLY A 514 53.23 -56.34 22.06
CA GLY A 514 52.63 -55.32 22.90
C GLY A 514 53.27 -53.95 22.74
N ASN A 515 53.92 -53.71 21.61
CA ASN A 515 54.60 -52.44 21.39
C ASN A 515 54.22 -51.63 20.15
N ILE A 516 52.95 -51.67 19.75
CA ILE A 516 52.52 -50.92 18.58
C ILE A 516 52.41 -49.41 18.88
N ASP A 517 52.82 -48.58 17.91
CA ASP A 517 52.76 -47.12 18.08
C ASP A 517 51.35 -46.54 17.96
N ASP A 518 50.87 -45.97 19.06
CA ASP A 518 49.54 -45.36 19.15
C ASP A 518 49.17 -44.40 18.05
N SER A 519 50.16 -43.67 17.55
CA SER A 519 49.97 -42.65 16.52
C SER A 519 49.91 -43.15 15.08
N GLU A 520 50.79 -44.07 14.74
CA GLU A 520 50.85 -44.55 13.37
C GLU A 520 50.62 -46.04 13.15
N GLY A 521 50.61 -46.82 14.22
CA GLY A 521 50.39 -48.23 14.08
C GLY A 521 51.61 -49.07 13.75
N VAL A 522 51.40 -50.16 13.02
CA VAL A 522 52.46 -51.10 12.64
C VAL A 522 52.98 -50.90 11.23
N ASP A 523 54.13 -50.25 11.14
CA ASP A 523 54.82 -49.96 9.88
C ASP A 523 54.82 -51.16 8.94
N GLU A 524 55.12 -52.34 9.49
CA GLU A 524 55.19 -53.58 8.72
C GLU A 524 53.86 -54.18 8.24
N ALA A 525 52.74 -53.61 8.65
CA ALA A 525 51.44 -54.14 8.27
C ALA A 525 51.06 -53.90 6.80
N PHE A 526 51.23 -52.68 6.32
CA PHE A 526 50.86 -52.38 4.94
C PHE A 526 52.04 -52.04 4.04
N ASP A 527 51.89 -52.39 2.77
CA ASP A 527 52.91 -52.12 1.77
C ASP A 527 52.26 -51.67 0.47
N VAL A 528 52.77 -50.56 -0.08
CA VAL A 528 52.23 -50.03 -1.32
C VAL A 528 52.71 -50.87 -2.49
N LEU A 529 51.79 -51.26 -3.35
CA LEU A 529 52.12 -52.08 -4.50
C LEU A 529 52.06 -51.26 -5.79
N TYR A 530 51.04 -50.42 -5.90
CA TYR A 530 50.88 -49.57 -7.07
C TYR A 530 50.06 -48.34 -6.75
N GLU A 531 50.06 -47.38 -7.67
CA GLU A 531 49.27 -46.18 -7.50
C GLU A 531 48.77 -45.75 -8.87
N LEU A 532 47.47 -45.93 -9.05
CA LEU A 532 46.76 -45.63 -10.29
C LEU A 532 46.82 -44.15 -10.67
N SER A 533 46.39 -43.85 -11.90
CA SER A 533 46.36 -42.48 -12.37
C SER A 533 44.94 -42.14 -12.79
N GLU A 534 44.21 -43.14 -13.30
CA GLU A 534 42.83 -42.94 -13.73
C GLU A 534 41.88 -42.76 -12.56
N SER A 535 40.89 -41.91 -12.75
CA SER A 535 39.90 -41.64 -11.72
C SER A 535 39.10 -42.91 -11.40
N ILE A 536 38.82 -43.12 -10.11
CA ILE A 536 38.05 -44.27 -9.67
C ILE A 536 36.73 -43.78 -9.05
N THR A 537 35.63 -44.08 -9.74
CA THR A 537 34.31 -43.67 -9.28
C THR A 537 33.65 -44.73 -8.42
N SER A 538 34.03 -45.98 -8.63
CA SER A 538 33.51 -47.12 -7.88
C SER A 538 34.34 -48.34 -8.28
N GLY A 539 34.49 -49.31 -7.37
CA GLY A 539 35.28 -50.48 -7.69
C GLY A 539 34.99 -51.71 -6.84
N LYS A 540 35.31 -52.88 -7.40
CA LYS A 540 35.11 -54.14 -6.70
C LYS A 540 36.22 -55.12 -7.09
N TRP A 541 36.72 -55.86 -6.11
CA TRP A 541 37.75 -56.83 -6.35
C TRP A 541 37.16 -58.21 -6.66
N VAL A 542 37.65 -58.84 -7.70
CA VAL A 542 37.25 -60.21 -8.03
C VAL A 542 38.61 -60.88 -7.96
N GLY A 543 38.87 -61.60 -6.88
CA GLY A 543 40.18 -62.21 -6.74
C GLY A 543 41.15 -61.05 -6.58
N ASP A 544 42.27 -61.05 -7.28
CA ASP A 544 43.21 -59.95 -7.16
C ASP A 544 43.10 -58.99 -8.32
N VAL A 545 41.96 -59.08 -9.01
CA VAL A 545 41.67 -58.22 -10.15
C VAL A 545 40.71 -57.12 -9.67
N PHE A 546 41.12 -55.87 -9.85
CA PHE A 546 40.30 -54.76 -9.42
C PHE A 546 39.48 -54.18 -10.57
N ILE A 547 38.18 -54.46 -10.59
CA ILE A 547 37.32 -53.94 -11.66
C ILE A 547 36.93 -52.54 -11.18
N PHE A 548 36.77 -51.59 -12.10
CA PHE A 548 36.39 -50.24 -11.67
C PHE A 548 35.75 -49.29 -12.67
N THR A 549 35.03 -48.33 -12.12
CA THR A 549 34.33 -47.30 -12.89
C THR A 549 35.17 -46.05 -12.90
N THR A 550 35.09 -45.32 -14.02
CA THR A 550 35.87 -44.10 -14.21
C THR A 550 35.03 -42.84 -14.37
N ALA A 551 35.66 -41.69 -14.13
CA ALA A 551 34.99 -40.40 -14.25
C ALA A 551 34.69 -40.08 -15.70
N THR A 552 35.36 -40.79 -16.60
CA THR A 552 35.12 -40.58 -18.02
C THR A 552 34.14 -41.64 -18.53
N ASN A 553 33.47 -42.30 -17.58
CA ASN A 553 32.48 -43.34 -17.87
C ASN A 553 33.03 -44.61 -18.52
N ARG A 554 34.24 -45.00 -18.15
CA ARG A 554 34.83 -46.21 -18.72
C ARG A 554 34.80 -47.30 -17.68
N LEU A 555 34.72 -48.55 -18.15
CA LEU A 555 34.75 -49.69 -17.25
C LEU A 555 36.10 -50.34 -17.51
N ASN A 556 36.96 -50.34 -16.49
CA ASN A 556 38.31 -50.90 -16.61
C ASN A 556 38.56 -51.95 -15.54
N TYR A 557 39.71 -52.61 -15.66
CA TYR A 557 40.14 -53.58 -14.66
C TYR A 557 41.66 -53.40 -14.52
N PHE A 558 42.13 -53.49 -13.28
CA PHE A 558 43.54 -53.28 -12.98
C PHE A 558 44.21 -54.51 -12.42
N VAL A 559 45.27 -54.96 -13.10
CA VAL A 559 46.01 -56.12 -12.65
C VAL A 559 47.51 -55.89 -12.59
N GLY A 560 48.07 -56.14 -11.41
CA GLY A 560 49.50 -55.99 -11.21
C GLY A 560 50.20 -54.84 -11.90
N GLY A 561 49.60 -53.67 -11.85
CA GLY A 561 50.24 -52.51 -12.46
C GLY A 561 49.72 -52.09 -13.80
N LYS A 562 49.14 -53.01 -14.55
CA LYS A 562 48.61 -52.64 -15.85
C LYS A 562 47.12 -52.37 -15.73
N THR A 563 46.59 -51.56 -16.64
CA THR A 563 45.17 -51.25 -16.64
C THR A 563 44.63 -51.57 -18.02
N TYR A 564 43.48 -52.23 -18.07
CA TYR A 564 42.88 -52.59 -19.35
C TYR A 564 41.43 -52.14 -19.42
N ASN A 565 41.08 -51.52 -20.53
CA ASN A 565 39.72 -51.05 -20.72
C ASN A 565 38.80 -52.23 -21.00
N LEU A 566 37.54 -52.08 -20.59
CA LEU A 566 36.55 -53.13 -20.76
C LEU A 566 35.40 -52.59 -21.62
N ALA A 567 35.00 -51.35 -21.34
CA ALA A 567 33.91 -50.74 -22.10
C ALA A 567 33.81 -49.24 -21.83
N HIS A 568 33.23 -48.51 -22.78
CA HIS A 568 33.02 -47.07 -22.65
C HIS A 568 31.52 -46.88 -22.57
N TYR A 569 31.06 -46.12 -21.58
CA TYR A 569 29.63 -45.88 -21.43
C TYR A 569 29.21 -44.44 -21.70
N THR A 570 27.91 -44.28 -21.98
CA THR A 570 27.30 -42.99 -22.27
C THR A 570 27.01 -42.16 -21.03
N LYS A 571 26.82 -42.84 -19.90
CA LYS A 571 26.51 -42.18 -18.64
C LYS A 571 27.45 -42.67 -17.53
N GLU A 572 27.28 -42.15 -16.33
CA GLU A 572 28.11 -42.58 -15.21
C GLU A 572 27.58 -43.93 -14.70
N MET A 573 28.48 -44.89 -14.50
CA MET A 573 28.06 -46.20 -14.02
C MET A 573 28.58 -46.46 -12.61
N TYR A 574 27.93 -47.40 -11.94
CA TYR A 574 28.30 -47.76 -10.59
C TYR A 574 28.30 -49.26 -10.46
N LEU A 575 29.41 -49.81 -10.00
CA LEU A 575 29.54 -51.25 -9.82
C LEU A 575 28.63 -51.80 -8.73
N LEU A 576 27.95 -52.89 -9.05
CA LEU A 576 27.05 -53.52 -8.10
C LEU A 576 27.78 -54.71 -7.52
N GLY A 577 28.34 -55.53 -8.40
CA GLY A 577 29.08 -56.70 -7.96
C GLY A 577 29.36 -57.63 -9.12
N TYR A 578 30.06 -58.72 -8.84
CA TYR A 578 30.39 -59.70 -9.86
C TYR A 578 29.73 -61.02 -9.48
N LEU A 579 28.87 -61.53 -10.34
CA LEU A 579 28.19 -62.79 -10.04
C LEU A 579 28.87 -63.92 -10.82
N ALA A 580 29.65 -64.70 -10.08
CA ALA A 580 30.36 -65.84 -10.68
C ALA A 580 29.36 -66.67 -11.49
N ARG A 581 28.19 -66.91 -10.91
CA ARG A 581 27.14 -67.68 -11.57
C ARG A 581 26.92 -67.26 -13.03
N ASP A 582 26.85 -65.95 -13.26
CA ASP A 582 26.62 -65.45 -14.60
C ASP A 582 27.89 -65.08 -15.37
N ASN A 583 29.04 -65.18 -14.69
CA ASN A 583 30.33 -64.80 -15.31
C ASN A 583 30.23 -63.36 -15.76
N LYS A 584 29.43 -62.57 -15.03
CA LYS A 584 29.25 -61.17 -15.38
C LYS A 584 29.38 -60.21 -14.22
N VAL A 585 29.76 -58.98 -14.53
CA VAL A 585 29.89 -57.96 -13.51
C VAL A 585 28.67 -57.06 -13.76
N TYR A 586 28.08 -56.53 -12.71
CA TYR A 586 26.91 -55.68 -12.90
C TYR A 586 27.15 -54.24 -12.48
N LEU A 587 26.59 -53.32 -13.27
CA LEU A 587 26.72 -51.89 -13.02
C LEU A 587 25.35 -51.26 -13.07
N ALA A 588 25.26 -50.03 -12.59
CA ALA A 588 24.00 -49.32 -12.60
C ALA A 588 24.23 -47.84 -12.81
N ASP A 589 23.33 -47.20 -13.56
CA ASP A 589 23.45 -45.77 -13.77
C ASP A 589 22.69 -45.09 -12.64
N ARG A 590 22.71 -43.77 -12.65
CA ARG A 590 22.05 -42.93 -11.67
C ARG A 590 20.60 -43.33 -11.33
N GLU A 591 19.79 -43.57 -12.35
CA GLU A 591 18.39 -43.93 -12.16
C GLU A 591 18.12 -45.41 -11.92
N VAL A 592 19.20 -46.14 -11.68
CA VAL A 592 19.15 -47.56 -11.39
C VAL A 592 18.71 -48.48 -12.52
N HIS A 593 19.29 -48.27 -13.70
CA HIS A 593 19.03 -49.15 -14.82
C HIS A 593 20.18 -50.12 -14.61
N VAL A 594 19.95 -51.42 -14.78
CA VAL A 594 21.05 -52.34 -14.54
C VAL A 594 21.63 -52.92 -15.81
N TYR A 595 22.96 -52.94 -15.88
CA TYR A 595 23.65 -53.48 -17.03
C TYR A 595 24.65 -54.53 -16.58
N GLY A 596 24.99 -55.42 -17.50
CA GLY A 596 25.95 -56.46 -17.21
C GLY A 596 27.08 -56.38 -18.23
N TYR A 597 28.15 -57.11 -17.97
CA TYR A 597 29.29 -57.17 -18.87
C TYR A 597 30.01 -58.47 -18.53
N GLU A 598 29.97 -59.41 -19.45
CA GLU A 598 30.60 -60.70 -19.25
C GLU A 598 32.12 -60.68 -19.15
N ILE A 599 32.62 -61.34 -18.11
CA ILE A 599 34.05 -61.47 -17.88
C ILE A 599 34.28 -62.92 -17.41
N SER A 600 35.03 -63.67 -18.20
CA SER A 600 35.34 -65.07 -17.89
C SER A 600 35.91 -65.29 -16.50
N LEU A 601 35.23 -66.12 -15.73
CA LEU A 601 35.66 -66.45 -14.38
C LEU A 601 37.04 -67.11 -14.42
N GLU A 602 37.26 -67.92 -15.44
CA GLU A 602 38.52 -68.63 -15.60
C GLU A 602 39.68 -67.68 -15.90
N VAL A 603 39.42 -66.69 -16.76
CA VAL A 603 40.45 -65.71 -17.09
C VAL A 603 40.88 -64.96 -15.83
N LEU A 604 39.87 -64.51 -15.07
CA LEU A 604 40.08 -63.77 -13.82
C LEU A 604 40.91 -64.59 -12.83
N GLU A 605 40.59 -65.87 -12.68
CA GLU A 605 41.32 -66.71 -11.76
C GLU A 605 42.75 -66.90 -12.25
N PHE A 606 42.91 -67.03 -13.56
CA PHE A 606 44.24 -67.21 -14.11
C PHE A 606 45.10 -66.03 -13.67
N GLN A 607 44.58 -64.83 -13.91
CA GLN A 607 45.29 -63.60 -13.57
C GLN A 607 45.58 -63.51 -12.08
N THR A 608 44.61 -63.91 -11.26
CA THR A 608 44.77 -63.84 -9.82
C THR A 608 45.96 -64.71 -9.37
N LEU A 609 45.98 -65.96 -9.82
CA LEU A 609 47.05 -66.87 -9.46
C LEU A 609 48.40 -66.35 -9.99
N THR A 610 48.42 -65.93 -11.26
CA THR A 610 49.63 -65.40 -11.85
C THR A 610 50.14 -64.22 -11.02
N LEU A 611 49.23 -63.35 -10.60
CA LEU A 611 49.62 -62.19 -9.80
C LEU A 611 50.14 -62.59 -8.43
N ARG A 612 49.72 -63.76 -7.97
CA ARG A 612 50.16 -64.26 -6.68
C ARG A 612 51.46 -65.05 -6.79
N GLY A 613 52.00 -65.14 -8.00
CA GLY A 613 53.23 -65.86 -8.22
C GLY A 613 53.00 -67.34 -8.47
N GLU A 614 51.77 -67.71 -8.85
CA GLU A 614 51.43 -69.10 -9.10
C GLU A 614 51.00 -69.37 -10.54
N ILE A 615 51.76 -68.82 -11.49
CA ILE A 615 51.47 -69.02 -12.91
C ILE A 615 51.35 -70.54 -13.12
N GLU A 616 52.40 -71.25 -12.70
CA GLU A 616 52.48 -72.70 -12.81
C GLU A 616 51.21 -73.38 -12.28
N GLU A 617 50.76 -72.95 -11.11
CA GLU A 617 49.56 -73.49 -10.51
C GLU A 617 48.41 -73.20 -11.47
N ALA A 618 48.39 -71.97 -11.97
CA ALA A 618 47.35 -71.52 -12.90
C ALA A 618 47.43 -72.22 -14.26
N ILE A 619 48.66 -72.39 -14.76
CA ILE A 619 48.87 -73.05 -16.04
C ILE A 619 48.42 -74.50 -15.94
N GLU A 620 48.57 -75.08 -14.75
CA GLU A 620 48.18 -76.46 -14.52
C GLU A 620 46.68 -76.68 -14.31
N ASN A 621 46.12 -76.04 -13.30
CA ASN A 621 44.70 -76.21 -12.97
C ASN A 621 43.67 -75.30 -13.63
N VAL A 622 44.03 -74.05 -13.91
CA VAL A 622 43.07 -73.14 -14.52
C VAL A 622 43.08 -73.14 -16.04
N LEU A 623 44.28 -73.02 -16.62
CA LEU A 623 44.43 -72.96 -18.07
C LEU A 623 43.65 -74.01 -18.87
N PRO A 624 43.74 -75.29 -18.46
CA PRO A 624 43.03 -76.35 -19.17
C PRO A 624 41.52 -76.09 -19.35
N ASN A 625 40.95 -75.29 -18.45
CA ASN A 625 39.52 -75.00 -18.49
C ASN A 625 39.14 -73.65 -19.06
N VAL A 626 40.12 -72.90 -19.50
CA VAL A 626 39.89 -71.58 -20.09
C VAL A 626 39.59 -71.68 -21.58
N GLU A 627 38.45 -72.26 -21.92
CA GLU A 627 38.08 -72.41 -23.32
C GLU A 627 37.74 -71.04 -23.91
N GLY A 628 38.08 -70.84 -25.17
CA GLY A 628 37.80 -69.56 -25.79
C GLY A 628 39.00 -68.93 -26.47
N LYS A 629 38.92 -68.80 -27.78
CA LYS A 629 40.00 -68.21 -28.58
C LYS A 629 40.45 -66.86 -28.02
N ASP A 630 39.52 -65.91 -27.91
CA ASP A 630 39.88 -64.59 -27.40
C ASP A 630 40.23 -64.67 -25.92
N SER A 631 39.68 -65.65 -25.22
CA SER A 631 40.00 -65.80 -23.79
C SER A 631 41.48 -66.10 -23.73
N LEU A 632 41.92 -66.94 -24.68
CA LEU A 632 43.32 -67.31 -24.77
C LEU A 632 44.11 -66.08 -25.19
N THR A 633 43.54 -65.31 -26.11
CA THR A 633 44.21 -64.10 -26.56
C THR A 633 44.38 -63.17 -25.37
N LYS A 634 43.30 -62.96 -24.64
CA LYS A 634 43.36 -62.11 -23.47
C LYS A 634 44.42 -62.61 -22.50
N ILE A 635 44.34 -63.87 -22.09
CA ILE A 635 45.33 -64.40 -21.16
C ILE A 635 46.74 -64.13 -21.67
N ALA A 636 46.93 -64.33 -22.96
CA ALA A 636 48.22 -64.14 -23.59
C ALA A 636 48.73 -62.69 -23.48
N ARG A 637 47.85 -61.73 -23.70
CA ARG A 637 48.23 -60.33 -23.63
C ARG A 637 48.43 -59.90 -22.18
N PHE A 638 47.72 -60.58 -21.27
CA PHE A 638 47.85 -60.29 -19.85
C PHE A 638 49.25 -60.74 -19.47
N LEU A 639 49.56 -61.98 -19.84
CA LEU A 639 50.84 -62.59 -19.57
C LEU A 639 51.98 -61.72 -20.09
N GLU A 640 51.84 -61.27 -21.34
CA GLU A 640 52.87 -60.44 -21.93
C GLU A 640 53.02 -59.12 -21.19
N GLY A 641 51.90 -58.53 -20.77
CA GLY A 641 51.98 -57.27 -20.06
C GLY A 641 52.64 -57.45 -18.71
N GLN A 642 52.61 -58.67 -18.20
CA GLN A 642 53.19 -58.99 -16.91
C GLN A 642 54.63 -59.47 -17.08
N GLU A 643 55.08 -59.55 -18.34
CA GLU A 643 56.43 -59.97 -18.70
C GLU A 643 56.74 -61.47 -18.75
N TYR A 644 55.71 -62.30 -18.86
CA TYR A 644 55.91 -63.74 -18.98
C TYR A 644 55.77 -64.00 -20.48
N TYR A 645 56.70 -63.45 -21.24
CA TYR A 645 56.69 -63.58 -22.69
C TYR A 645 56.77 -65.04 -23.16
N GLU A 646 57.63 -65.82 -22.53
CA GLU A 646 57.79 -67.21 -22.92
C GLU A 646 56.45 -67.94 -22.82
N GLU A 647 55.80 -67.82 -21.66
CA GLU A 647 54.51 -68.44 -21.42
C GLU A 647 53.44 -67.80 -22.31
N ALA A 648 53.54 -66.48 -22.50
CA ALA A 648 52.58 -65.79 -23.35
C ALA A 648 52.66 -66.40 -24.75
N LEU A 649 53.88 -66.62 -25.22
CA LEU A 649 54.13 -67.19 -26.53
C LEU A 649 53.44 -68.53 -26.69
N ASN A 650 53.59 -69.40 -25.69
CA ASN A 650 52.97 -70.73 -25.71
C ASN A 650 51.44 -70.76 -25.73
N ILE A 651 50.81 -69.79 -25.05
CA ILE A 651 49.34 -69.74 -24.98
C ILE A 651 48.70 -69.02 -26.17
N SER A 652 49.29 -67.90 -26.55
CA SER A 652 48.75 -67.07 -27.64
C SER A 652 48.37 -67.77 -28.93
N PRO A 653 47.15 -67.49 -29.43
CA PRO A 653 46.56 -68.03 -30.67
C PRO A 653 46.65 -66.94 -31.76
N ASP A 654 47.30 -65.84 -31.41
CA ASP A 654 47.48 -64.72 -32.31
C ASP A 654 48.82 -64.88 -33.03
N GLN A 655 48.78 -65.25 -34.30
CA GLN A 655 50.00 -65.45 -35.07
C GLN A 655 50.91 -64.23 -35.07
N ASP A 656 50.34 -63.04 -35.15
CA ASP A 656 51.15 -61.81 -35.14
C ASP A 656 51.84 -61.66 -33.79
N GLN A 657 51.08 -61.70 -32.71
CA GLN A 657 51.70 -61.56 -31.39
C GLN A 657 52.77 -62.64 -31.19
N LYS A 658 52.54 -63.84 -31.71
CA LYS A 658 53.50 -64.94 -31.58
C LYS A 658 54.82 -64.56 -32.23
N PHE A 659 54.73 -63.84 -33.34
CA PHE A 659 55.92 -63.41 -34.06
C PHE A 659 56.73 -62.40 -33.25
N GLU A 660 56.04 -61.39 -32.74
CA GLU A 660 56.71 -60.37 -31.95
C GLU A 660 57.26 -60.97 -30.68
N LEU A 661 56.49 -61.84 -30.04
CA LEU A 661 56.96 -62.47 -28.82
C LEU A 661 58.20 -63.30 -29.10
N ALA A 662 58.14 -64.14 -30.13
CA ALA A 662 59.26 -64.99 -30.50
C ALA A 662 60.56 -64.19 -30.64
N LEU A 663 60.53 -63.13 -31.44
CA LEU A 663 61.72 -62.30 -31.66
C LEU A 663 62.21 -61.71 -30.34
N LYS A 664 61.27 -61.29 -29.50
CA LYS A 664 61.61 -60.70 -28.22
C LYS A 664 62.30 -61.70 -27.28
N VAL A 665 61.95 -62.98 -27.43
CA VAL A 665 62.48 -64.04 -26.59
C VAL A 665 63.71 -64.76 -27.15
N GLY A 666 63.91 -64.68 -28.46
CA GLY A 666 65.06 -65.34 -29.05
C GLY A 666 64.74 -66.61 -29.79
N GLN A 667 63.47 -66.98 -29.84
CA GLN A 667 63.11 -68.19 -30.57
C GLN A 667 62.95 -67.77 -32.02
N LEU A 668 64.09 -67.51 -32.64
CA LEU A 668 64.18 -67.06 -34.03
C LEU A 668 63.63 -68.06 -35.04
N THR A 669 64.11 -69.30 -34.97
CA THR A 669 63.65 -70.32 -35.88
C THR A 669 62.13 -70.29 -35.91
N LEU A 670 61.51 -70.19 -34.75
CA LEU A 670 60.05 -70.15 -34.64
C LEU A 670 59.48 -68.93 -35.33
N ALA A 671 60.04 -67.76 -35.00
CA ALA A 671 59.60 -66.52 -35.61
C ALA A 671 59.67 -66.70 -37.11
N ARG A 672 60.84 -67.13 -37.55
CA ARG A 672 61.14 -67.37 -38.96
C ARG A 672 60.02 -68.14 -39.65
N ASP A 673 59.55 -69.19 -39.01
CA ASP A 673 58.50 -70.04 -39.57
C ASP A 673 57.12 -69.40 -39.63
N LEU A 674 56.89 -68.41 -38.77
CA LEU A 674 55.60 -67.73 -38.78
C LEU A 674 55.54 -66.79 -39.97
N LEU A 675 56.69 -66.56 -40.60
CA LEU A 675 56.74 -65.67 -41.75
C LEU A 675 56.35 -66.26 -43.10
N THR A 676 57.16 -67.18 -43.63
CA THR A 676 56.86 -67.76 -44.93
C THR A 676 56.78 -66.49 -45.79
N ASP A 677 55.65 -66.24 -46.44
CA ASP A 677 55.50 -65.01 -47.20
C ASP A 677 54.75 -63.91 -46.46
N GLU A 678 55.12 -63.70 -45.19
CA GLU A 678 54.48 -62.67 -44.38
C GLU A 678 54.56 -61.32 -45.05
N SER A 679 55.17 -61.31 -46.22
CA SER A 679 55.34 -60.11 -47.02
C SER A 679 56.04 -59.09 -46.15
N ALA A 680 55.35 -58.01 -45.82
CA ALA A 680 55.92 -56.96 -44.99
C ALA A 680 57.42 -57.16 -44.82
N GLU A 681 58.20 -56.58 -45.73
CA GLU A 681 59.65 -56.69 -45.65
C GLU A 681 60.05 -56.29 -44.24
N MET A 682 59.27 -55.40 -43.63
CA MET A 682 59.52 -54.94 -42.27
C MET A 682 59.60 -56.12 -41.30
N LYS A 683 58.78 -57.14 -41.55
CA LYS A 683 58.78 -58.32 -40.69
C LYS A 683 60.10 -59.07 -40.85
N TRP A 684 60.51 -59.28 -42.10
CA TRP A 684 61.77 -59.94 -42.36
C TRP A 684 62.90 -59.11 -41.76
N ARG A 685 62.80 -57.80 -41.94
CA ARG A 685 63.79 -56.86 -41.46
C ARG A 685 63.86 -56.97 -39.94
N ALA A 686 62.69 -57.10 -39.33
CA ALA A 686 62.62 -57.22 -37.88
C ALA A 686 63.33 -58.49 -37.41
N LEU A 687 63.18 -59.56 -38.19
CA LEU A 687 63.80 -60.83 -37.86
C LEU A 687 65.31 -60.73 -38.06
N GLY A 688 65.71 -60.00 -39.10
CA GLY A 688 67.13 -59.85 -39.39
C GLY A 688 67.91 -59.21 -38.25
N ASP A 689 67.38 -58.10 -37.72
CA ASP A 689 68.03 -57.39 -36.63
C ASP A 689 68.05 -58.24 -35.37
N ALA A 690 66.92 -58.87 -35.09
CA ALA A 690 66.81 -59.73 -33.92
C ALA A 690 67.88 -60.81 -34.03
N SER A 691 68.05 -61.34 -35.24
CA SER A 691 69.03 -62.39 -35.50
C SER A 691 70.47 -61.90 -35.34
N LEU A 692 70.75 -60.75 -35.91
CA LEU A 692 72.08 -60.18 -35.84
C LEU A 692 72.46 -59.88 -34.40
N GLN A 693 71.49 -59.47 -33.58
CA GLN A 693 71.77 -59.16 -32.18
C GLN A 693 72.17 -60.39 -31.38
N ARG A 694 71.66 -61.55 -31.78
CA ARG A 694 71.95 -62.79 -31.09
C ARG A 694 73.05 -63.60 -31.78
N PHE A 695 73.73 -62.94 -32.72
CA PHE A 695 74.83 -63.56 -33.46
C PHE A 695 74.42 -64.73 -34.34
N ASN A 696 73.17 -64.75 -34.81
CA ASN A 696 72.73 -65.82 -35.70
C ASN A 696 72.90 -65.21 -37.08
N PHE A 697 74.15 -65.13 -37.51
CA PHE A 697 74.49 -64.54 -38.81
C PHE A 697 73.83 -65.23 -39.98
N LYS A 698 73.67 -66.55 -39.88
CA LYS A 698 73.05 -67.30 -40.96
C LYS A 698 71.61 -66.85 -41.21
N LEU A 699 70.87 -66.64 -40.13
CA LEU A 699 69.48 -66.20 -40.21
C LEU A 699 69.36 -64.74 -40.63
N ALA A 700 70.26 -63.91 -40.10
CA ALA A 700 70.26 -62.50 -40.43
C ALA A 700 70.41 -62.33 -41.94
N ILE A 701 71.36 -63.06 -42.53
CA ILE A 701 71.61 -62.99 -43.97
C ILE A 701 70.33 -63.31 -44.73
N GLU A 702 69.72 -64.44 -44.43
CA GLU A 702 68.49 -64.85 -45.10
C GLU A 702 67.35 -63.84 -44.95
N ALA A 703 67.11 -63.37 -43.72
CA ALA A 703 66.03 -62.42 -43.49
C ALA A 703 66.23 -61.13 -44.27
N PHE A 704 67.38 -60.49 -44.06
CA PHE A 704 67.69 -59.26 -44.77
C PHE A 704 67.60 -59.48 -46.27
N THR A 705 67.94 -60.70 -46.71
CA THR A 705 67.88 -61.05 -48.12
C THR A 705 66.43 -60.98 -48.57
N ASN A 706 65.54 -61.57 -47.77
CA ASN A 706 64.12 -61.57 -48.09
C ASN A 706 63.50 -60.18 -47.93
N ALA A 707 64.13 -59.34 -47.11
CA ALA A 707 63.63 -57.98 -46.89
C ALA A 707 64.12 -57.02 -47.99
N HIS A 708 65.04 -57.50 -48.82
CA HIS A 708 65.63 -56.69 -49.89
C HIS A 708 66.24 -55.45 -49.26
N ASP A 709 66.66 -55.61 -48.01
CA ASP A 709 67.30 -54.54 -47.25
C ASP A 709 68.78 -54.59 -47.64
N LEU A 710 69.11 -53.96 -48.77
CA LEU A 710 70.45 -53.96 -49.29
C LEU A 710 71.52 -53.34 -48.39
N GLU A 711 71.18 -52.31 -47.62
CA GLU A 711 72.19 -51.70 -46.76
C GLU A 711 72.68 -52.66 -45.69
N SER A 712 71.76 -53.42 -45.10
CA SER A 712 72.12 -54.38 -44.04
C SER A 712 72.80 -55.60 -44.60
N LEU A 713 72.24 -56.13 -45.69
CA LEU A 713 72.79 -57.32 -46.33
C LEU A 713 74.23 -57.02 -46.73
N PHE A 714 74.49 -55.76 -47.09
CA PHE A 714 75.83 -55.35 -47.49
C PHE A 714 76.83 -55.40 -46.34
N LEU A 715 76.39 -55.01 -45.15
CA LEU A 715 77.31 -55.04 -44.01
C LEU A 715 77.72 -56.49 -43.76
N LEU A 716 76.82 -57.42 -44.03
CA LEU A 716 77.10 -58.82 -43.82
C LEU A 716 78.01 -59.47 -44.89
N HIS A 717 77.58 -59.46 -46.14
CA HIS A 717 78.40 -60.04 -47.20
C HIS A 717 79.77 -59.38 -47.31
N SER A 718 79.87 -58.10 -47.00
CA SER A 718 81.17 -57.44 -47.07
C SER A 718 82.00 -57.83 -45.85
N SER A 719 81.34 -58.17 -44.75
CA SER A 719 82.09 -58.57 -43.54
C SER A 719 82.62 -59.99 -43.72
N PHE A 720 81.75 -60.87 -44.20
CA PHE A 720 82.12 -62.25 -44.42
C PHE A 720 82.74 -62.50 -45.79
N ASN A 721 82.90 -61.44 -46.57
CA ASN A 721 83.49 -61.53 -47.90
C ASN A 721 82.86 -62.53 -48.85
N ASN A 722 81.54 -62.44 -48.99
CA ASN A 722 80.83 -63.34 -49.89
C ASN A 722 80.73 -62.69 -51.28
N LYS A 723 81.74 -62.96 -52.10
CA LYS A 723 81.83 -62.41 -53.45
C LYS A 723 80.52 -62.48 -54.24
N GLU A 724 79.90 -63.65 -54.30
CA GLU A 724 78.67 -63.78 -55.05
C GLU A 724 77.56 -62.93 -54.43
N GLY A 725 77.56 -62.83 -53.12
CA GLY A 725 76.56 -62.01 -52.45
C GLY A 725 76.76 -60.55 -52.79
N LEU A 726 78.01 -60.07 -52.70
CA LEU A 726 78.27 -58.68 -53.01
C LEU A 726 77.88 -58.30 -54.43
N VAL A 727 78.29 -59.12 -55.39
CA VAL A 727 77.98 -58.86 -56.80
C VAL A 727 76.47 -58.78 -57.03
N THR A 728 75.73 -59.77 -56.53
CA THR A 728 74.30 -59.74 -56.71
C THR A 728 73.76 -58.47 -56.08
N LEU A 729 74.24 -58.16 -54.89
CA LEU A 729 73.82 -56.96 -54.18
C LEU A 729 74.14 -55.68 -54.95
N ALA A 730 75.31 -55.63 -55.59
CA ALA A 730 75.70 -54.47 -56.36
C ALA A 730 74.72 -54.27 -57.52
N LYS A 731 74.39 -55.38 -58.20
CA LYS A 731 73.46 -55.32 -59.33
C LYS A 731 72.09 -54.84 -58.90
N ASP A 732 71.67 -55.25 -57.70
CA ASP A 732 70.38 -54.83 -57.16
C ASP A 732 70.41 -53.36 -56.77
N ALA A 733 71.51 -52.91 -56.17
CA ALA A 733 71.63 -51.50 -55.77
C ALA A 733 71.58 -50.65 -57.04
N GLU A 734 72.21 -51.15 -58.09
CA GLU A 734 72.22 -50.45 -59.37
C GLU A 734 70.80 -50.33 -59.94
N THR A 735 70.01 -51.40 -59.80
CA THR A 735 68.63 -51.40 -60.29
C THR A 735 67.76 -50.42 -59.53
N THR A 736 68.05 -50.22 -58.23
CA THR A 736 67.25 -49.32 -57.42
C THR A 736 67.89 -47.96 -57.22
N GLY A 737 68.82 -47.60 -58.08
CA GLY A 737 69.46 -46.30 -57.97
C GLY A 737 70.55 -46.08 -56.93
N LYS A 738 70.82 -47.03 -56.03
CA LYS A 738 71.88 -46.84 -55.03
C LYS A 738 73.24 -47.14 -55.66
N PHE A 739 73.75 -46.17 -56.41
CA PHE A 739 75.02 -46.32 -57.10
C PHE A 739 76.29 -46.33 -56.25
N ASN A 740 76.36 -45.53 -55.19
CA ASN A 740 77.57 -45.58 -54.38
C ASN A 740 77.60 -46.93 -53.63
N LEU A 741 76.41 -47.45 -53.34
CA LEU A 741 76.31 -48.74 -52.65
C LEU A 741 76.81 -49.84 -53.56
N ALA A 742 76.36 -49.81 -54.82
CA ALA A 742 76.76 -50.81 -55.80
C ALA A 742 78.27 -50.75 -56.04
N PHE A 743 78.82 -49.54 -56.09
CA PHE A 743 80.24 -49.41 -56.31
C PHE A 743 81.04 -50.07 -55.17
N ASN A 744 80.71 -49.71 -53.95
CA ASN A 744 81.40 -50.24 -52.78
C ASN A 744 81.24 -51.77 -52.74
N ALA A 745 80.09 -52.27 -53.17
CA ALA A 745 79.86 -53.70 -53.19
C ALA A 745 80.80 -54.34 -54.22
N TYR A 746 80.81 -53.81 -55.44
CA TYR A 746 81.71 -54.38 -56.45
C TYR A 746 83.14 -54.32 -55.93
N TRP A 747 83.55 -53.13 -55.52
CA TRP A 747 84.90 -52.92 -55.02
C TRP A 747 85.42 -53.93 -54.00
N ILE A 748 84.61 -54.26 -53.00
CA ILE A 748 85.04 -55.21 -51.99
C ILE A 748 85.05 -56.64 -52.51
N ALA A 749 84.17 -56.93 -53.46
CA ALA A 749 84.11 -58.26 -54.05
C ALA A 749 85.32 -58.46 -54.96
N GLY A 750 85.99 -57.36 -55.30
CA GLY A 750 87.16 -57.43 -56.16
C GLY A 750 86.79 -57.31 -57.62
N ASP A 751 85.51 -57.09 -57.89
CA ASP A 751 85.00 -56.97 -59.25
C ASP A 751 85.31 -55.57 -59.79
N ILE A 752 86.58 -55.30 -60.01
CA ILE A 752 86.98 -53.98 -60.49
C ILE A 752 86.37 -53.70 -61.84
N GLN A 753 85.97 -54.78 -62.52
CA GLN A 753 85.37 -54.69 -63.84
C GLN A 753 83.97 -54.10 -63.77
N GLY A 754 83.19 -54.57 -62.79
CA GLY A 754 81.84 -54.07 -62.63
C GLY A 754 81.86 -52.64 -62.11
N ALA A 755 82.84 -52.35 -61.25
CA ALA A 755 83.00 -51.02 -60.69
C ALA A 755 83.34 -50.03 -61.81
N LYS A 756 84.26 -50.42 -62.70
CA LYS A 756 84.66 -49.55 -63.80
C LYS A 756 83.44 -49.29 -64.70
N ASP A 757 82.75 -50.36 -65.13
CA ASP A 757 81.58 -50.21 -65.99
C ASP A 757 80.52 -49.34 -65.32
N LEU A 758 80.44 -49.41 -64.00
CA LEU A 758 79.47 -48.58 -63.31
C LEU A 758 79.89 -47.10 -63.41
N LEU A 759 81.18 -46.83 -63.32
CA LEU A 759 81.62 -45.44 -63.45
C LEU A 759 81.33 -44.96 -64.87
N ILE A 760 81.49 -45.86 -65.84
CA ILE A 760 81.25 -45.52 -67.25
C ILE A 760 79.77 -45.27 -67.53
N LYS A 761 78.89 -46.11 -66.99
CA LYS A 761 77.45 -45.95 -67.16
C LYS A 761 77.00 -44.58 -66.68
N SER A 762 77.78 -43.99 -65.78
CA SER A 762 77.44 -42.71 -65.20
C SER A 762 78.15 -41.52 -65.80
N GLN A 763 78.82 -41.72 -66.93
CA GLN A 763 79.56 -40.64 -67.59
C GLN A 763 80.73 -40.16 -66.74
N ARG A 764 81.21 -41.03 -65.86
CA ARG A 764 82.35 -40.71 -65.02
C ARG A 764 83.61 -41.32 -65.63
N PHE A 765 83.85 -41.05 -66.91
CA PHE A 765 85.01 -41.60 -67.59
C PHE A 765 86.37 -41.25 -66.99
N SER A 766 86.61 -39.99 -66.63
CA SER A 766 87.91 -39.63 -66.07
C SER A 766 88.25 -40.40 -64.80
N GLU A 767 87.26 -40.64 -63.96
CA GLU A 767 87.51 -41.36 -62.73
C GLU A 767 87.72 -42.84 -63.02
N ALA A 768 87.11 -43.31 -64.09
CA ALA A 768 87.27 -44.71 -64.52
C ALA A 768 88.69 -44.85 -65.08
N ALA A 769 89.24 -43.79 -65.64
CA ALA A 769 90.60 -43.83 -66.18
C ALA A 769 91.59 -43.88 -65.02
N PHE A 770 91.34 -43.08 -63.98
CA PHE A 770 92.22 -43.07 -62.81
C PHE A 770 92.27 -44.50 -62.25
N LEU A 771 91.10 -45.05 -61.98
CA LEU A 771 90.98 -46.41 -61.44
C LEU A 771 91.86 -47.33 -62.28
N GLY A 772 91.52 -47.40 -63.57
CA GLY A 772 92.25 -48.25 -64.49
C GLY A 772 93.76 -48.11 -64.45
N SER A 773 94.25 -46.89 -64.31
CA SER A 773 95.70 -46.71 -64.28
C SER A 773 96.28 -47.03 -62.91
N THR A 774 95.56 -46.66 -61.85
CA THR A 774 96.04 -46.91 -60.50
C THR A 774 96.16 -48.40 -60.20
N TYR A 775 95.17 -49.18 -60.65
CA TYR A 775 95.15 -50.61 -60.43
C TYR A 775 95.65 -51.42 -61.63
N GLY A 776 96.49 -50.77 -62.43
CA GLY A 776 97.09 -51.42 -63.57
C GLY A 776 96.22 -52.32 -64.42
N LEU A 777 95.16 -51.78 -65.02
CA LEU A 777 94.32 -52.60 -65.87
C LEU A 777 94.95 -52.82 -67.26
N GLY A 778 96.11 -52.20 -67.49
CA GLY A 778 96.81 -52.34 -68.76
C GLY A 778 96.53 -51.29 -69.82
N ASP A 779 97.52 -51.03 -70.68
CA ASP A 779 97.41 -50.03 -71.74
C ASP A 779 96.17 -50.17 -72.61
N ASN A 780 95.77 -51.41 -72.90
CA ASN A 780 94.59 -51.62 -73.72
C ASN A 780 93.31 -51.07 -73.09
N GLU A 781 93.01 -51.48 -71.88
CA GLU A 781 91.79 -51.00 -71.23
C GLU A 781 91.80 -49.49 -71.01
N VAL A 782 92.92 -48.95 -70.50
CA VAL A 782 93.01 -47.52 -70.25
C VAL A 782 92.80 -46.76 -71.55
N ASN A 783 93.39 -47.24 -72.64
CA ASN A 783 93.22 -46.59 -73.93
C ASN A 783 91.77 -46.71 -74.39
N ASP A 784 91.11 -47.78 -73.96
CA ASP A 784 89.70 -47.99 -74.32
C ASP A 784 88.85 -47.01 -73.50
N ILE A 785 89.21 -46.85 -72.23
CA ILE A 785 88.48 -45.92 -71.37
C ILE A 785 88.68 -44.50 -71.89
N VAL A 786 89.91 -44.16 -72.24
CA VAL A 786 90.20 -42.81 -72.74
C VAL A 786 89.42 -42.53 -74.04
N THR A 787 89.22 -43.55 -74.86
CA THR A 787 88.47 -43.38 -76.10
C THR A 787 87.01 -43.08 -75.75
N LYS A 788 86.42 -43.86 -74.84
CA LYS A 788 85.03 -43.62 -74.43
C LYS A 788 84.91 -42.20 -73.90
N TRP A 789 85.92 -41.80 -73.14
CA TRP A 789 86.00 -40.50 -72.51
C TRP A 789 86.03 -39.38 -73.54
N LYS A 790 86.89 -39.56 -74.56
CA LYS A 790 87.03 -38.58 -75.61
C LYS A 790 85.80 -38.53 -76.48
N GLU A 791 85.21 -39.70 -76.70
CA GLU A 791 84.02 -39.78 -77.54
C GLU A 791 82.85 -39.11 -76.83
N ASN A 792 82.76 -39.30 -75.52
CA ASN A 792 81.68 -38.69 -74.76
C ASN A 792 81.82 -37.18 -74.65
N LEU A 793 83.06 -36.72 -74.52
CA LEU A 793 83.33 -35.29 -74.42
C LEU A 793 82.72 -34.64 -75.67
N ILE A 794 82.88 -35.31 -76.81
CA ILE A 794 82.34 -34.79 -78.05
C ILE A 794 80.81 -34.73 -77.96
N LEU A 795 80.18 -35.74 -77.38
CA LEU A 795 78.72 -35.74 -77.25
C LEU A 795 78.22 -34.66 -76.30
N ASN A 796 79.17 -33.91 -75.73
CA ASN A 796 78.83 -32.82 -74.83
C ASN A 796 79.42 -31.53 -75.38
N GLY A 797 79.63 -31.50 -76.69
CA GLY A 797 80.16 -30.32 -77.34
C GLY A 797 81.45 -29.79 -76.75
N LYS A 798 82.40 -30.68 -76.49
CA LYS A 798 83.69 -30.28 -75.94
C LYS A 798 84.81 -30.95 -76.72
N ASN A 799 84.80 -30.75 -78.03
CA ASN A 799 85.81 -31.33 -78.90
C ASN A 799 87.20 -30.81 -78.52
N THR A 800 87.24 -29.61 -77.97
CA THR A 800 88.48 -28.99 -77.55
C THR A 800 89.23 -29.80 -76.49
N VAL A 801 88.58 -30.06 -75.35
CA VAL A 801 89.23 -30.85 -74.31
C VAL A 801 89.46 -32.26 -74.87
N SER A 802 88.49 -32.72 -75.65
CA SER A 802 88.52 -34.05 -76.27
C SER A 802 89.83 -34.40 -76.95
N GLU A 803 90.42 -33.43 -77.64
CA GLU A 803 91.66 -33.68 -78.36
C GLU A 803 92.92 -33.46 -77.51
N ARG A 804 92.74 -32.96 -76.29
CA ARG A 804 93.86 -32.70 -75.39
C ARG A 804 94.22 -33.93 -74.56
N VAL A 805 93.21 -34.72 -74.17
CA VAL A 805 93.44 -35.88 -73.33
C VAL A 805 94.25 -36.99 -74.00
N CYS A 806 95.28 -37.43 -73.27
CA CYS A 806 96.20 -38.45 -73.73
C CYS A 806 95.81 -39.88 -73.39
N GLY A 807 96.37 -40.81 -74.16
CA GLY A 807 96.11 -42.22 -73.96
C GLY A 807 97.09 -42.78 -72.95
N ALA A 808 96.98 -44.07 -72.68
CA ALA A 808 97.82 -44.76 -71.69
C ALA A 808 99.30 -44.39 -71.81
N GLU A 809 99.74 -44.09 -73.02
CA GLU A 809 101.12 -43.72 -73.28
C GLU A 809 101.55 -42.46 -72.53
N GLY A 810 100.59 -41.58 -72.25
CA GLY A 810 100.89 -40.35 -71.54
C GLY A 810 101.21 -40.55 -70.07
N LEU A 811 101.24 -41.80 -69.63
CA LEU A 811 101.54 -42.14 -68.24
C LEU A 811 102.63 -43.22 -68.24
N PRO A 812 103.44 -43.28 -67.17
CA PRO A 812 104.52 -44.28 -67.07
C PRO A 812 104.07 -45.73 -67.27
N ALA B 1 90.37 -10.49 -72.22
CA ALA B 1 89.13 -10.28 -72.97
C ALA B 1 87.92 -10.89 -72.24
N LEU B 2 88.19 -11.87 -71.36
CA LEU B 2 87.12 -12.54 -70.62
C LEU B 2 86.68 -11.76 -69.38
N GLN B 3 87.65 -11.22 -68.66
CA GLN B 3 87.36 -10.45 -67.44
C GLN B 3 86.61 -9.15 -67.75
N PHE B 4 86.33 -8.91 -69.02
CA PHE B 4 85.63 -7.70 -69.42
C PHE B 4 84.12 -7.89 -69.65
N VAL B 5 83.66 -9.13 -69.73
CA VAL B 5 82.23 -9.37 -69.91
C VAL B 5 81.53 -8.91 -68.63
N GLN B 6 80.31 -8.41 -68.78
CA GLN B 6 79.55 -7.86 -67.66
C GLN B 6 79.18 -8.72 -66.45
N ASP B 7 78.52 -9.85 -66.68
CA ASP B 7 78.07 -10.68 -65.55
C ASP B 7 79.03 -11.75 -65.03
N PRO B 8 79.34 -11.74 -63.73
CA PRO B 8 80.24 -12.76 -63.17
C PRO B 8 79.69 -14.15 -63.44
N HIS B 9 78.37 -14.26 -63.56
CA HIS B 9 77.72 -15.53 -63.85
C HIS B 9 77.97 -15.83 -65.31
N ILE B 10 77.82 -14.82 -66.16
CA ILE B 10 78.04 -15.00 -67.58
C ILE B 10 79.53 -15.24 -67.89
N ARG B 11 80.41 -14.71 -67.06
CA ARG B 11 81.84 -14.93 -67.23
C ARG B 11 82.13 -16.40 -66.92
N PHE B 12 81.52 -16.88 -65.85
CA PHE B 12 81.68 -18.27 -65.44
C PHE B 12 81.21 -19.19 -66.56
N ASP B 13 80.01 -18.93 -67.09
CA ASP B 13 79.45 -19.72 -68.19
C ASP B 13 80.40 -19.76 -69.38
N LEU B 14 80.95 -18.59 -69.72
CA LEU B 14 81.88 -18.51 -70.85
C LEU B 14 83.16 -19.25 -70.54
N ALA B 15 83.67 -19.09 -69.32
CA ALA B 15 84.89 -19.77 -68.92
C ALA B 15 84.70 -21.26 -69.12
N LEU B 16 83.54 -21.75 -68.68
CA LEU B 16 83.21 -23.16 -68.79
C LEU B 16 83.01 -23.57 -70.25
N GLU B 17 82.39 -22.72 -71.05
CA GLU B 17 82.17 -23.07 -72.45
C GLU B 17 83.48 -23.06 -73.22
N TYR B 18 84.44 -22.27 -72.73
CA TYR B 18 85.72 -22.20 -73.39
C TYR B 18 86.72 -23.10 -72.68
N GLY B 19 86.24 -23.86 -71.70
CA GLY B 19 87.11 -24.76 -70.97
C GLY B 19 88.29 -24.07 -70.30
N ASN B 20 88.09 -22.85 -69.85
CA ASN B 20 89.15 -22.09 -69.18
C ASN B 20 88.93 -22.22 -67.68
N LEU B 21 89.57 -23.22 -67.09
CA LEU B 21 89.42 -23.47 -65.66
C LEU B 21 89.97 -22.38 -64.75
N ASP B 22 91.11 -21.79 -65.11
CA ASP B 22 91.67 -20.74 -64.28
C ASP B 22 90.63 -19.63 -64.12
N ALA B 23 90.06 -19.22 -65.25
CA ALA B 23 89.05 -18.18 -65.27
C ALA B 23 87.78 -18.61 -64.54
N ALA B 24 87.45 -19.90 -64.63
CA ALA B 24 86.27 -20.43 -63.97
C ALA B 24 86.38 -20.40 -62.46
N LEU B 25 87.53 -20.81 -61.93
CA LEU B 25 87.75 -20.83 -60.49
C LEU B 25 87.72 -19.40 -59.96
N ASP B 26 88.33 -18.49 -60.70
CA ASP B 26 88.37 -17.08 -60.34
C ASP B 26 86.95 -16.55 -60.10
N GLU B 27 86.03 -16.87 -61.01
CA GLU B 27 84.65 -16.44 -60.85
C GLU B 27 83.98 -17.29 -59.77
N ALA B 28 84.25 -18.59 -59.82
CA ALA B 28 83.67 -19.54 -58.88
C ALA B 28 83.87 -19.08 -57.44
N LYS B 29 85.04 -18.53 -57.15
CA LYS B 29 85.33 -18.03 -55.80
C LYS B 29 84.42 -16.85 -55.48
N LYS B 30 84.42 -15.83 -56.35
CA LYS B 30 83.58 -14.65 -56.14
C LYS B 30 82.13 -15.04 -55.88
N LEU B 31 81.54 -15.83 -56.77
CA LEU B 31 80.15 -16.23 -56.58
C LEU B 31 80.04 -17.05 -55.29
N ASN B 32 81.03 -17.90 -55.05
CA ASN B 32 81.07 -18.74 -53.87
C ASN B 32 79.75 -19.39 -53.49
N ASP B 33 78.99 -19.86 -54.48
CA ASP B 33 77.72 -20.53 -54.19
C ASP B 33 77.81 -21.99 -54.62
N SER B 34 76.87 -22.80 -54.15
CA SER B 34 76.87 -24.22 -54.47
C SER B 34 76.62 -24.64 -55.91
N ILE B 35 75.57 -24.12 -56.54
CA ILE B 35 75.29 -24.49 -57.92
C ILE B 35 76.52 -24.33 -58.82
N THR B 36 77.33 -23.32 -58.53
CA THR B 36 78.54 -23.01 -59.29
C THR B 36 79.74 -23.91 -58.96
N TRP B 37 80.00 -24.15 -57.68
CA TRP B 37 81.11 -25.02 -57.27
C TRP B 37 80.94 -26.41 -57.88
N GLU B 38 79.71 -26.90 -57.90
CA GLU B 38 79.42 -28.22 -58.45
C GLU B 38 79.68 -28.27 -59.95
N ARG B 39 79.35 -27.18 -60.65
CA ARG B 39 79.59 -27.12 -62.10
C ARG B 39 81.08 -27.06 -62.38
N LEU B 40 81.83 -26.36 -61.52
CA LEU B 40 83.28 -26.28 -61.72
C LEU B 40 83.83 -27.67 -61.51
N ILE B 41 83.26 -28.38 -60.52
CA ILE B 41 83.65 -29.76 -60.23
C ILE B 41 83.48 -30.65 -61.45
N GLN B 42 82.33 -30.53 -62.10
CA GLN B 42 82.02 -31.33 -63.26
C GLN B 42 82.99 -31.04 -64.41
N GLU B 43 83.33 -29.77 -64.58
CA GLU B 43 84.26 -29.37 -65.63
C GLU B 43 85.68 -29.84 -65.31
N ALA B 44 86.05 -29.83 -64.04
CA ALA B 44 87.38 -30.26 -63.64
C ALA B 44 87.52 -31.74 -63.96
N LEU B 45 86.57 -32.53 -63.47
CA LEU B 45 86.58 -33.97 -63.72
C LEU B 45 86.50 -34.28 -65.23
N ALA B 46 85.85 -33.41 -66.00
CA ALA B 46 85.73 -33.61 -67.42
C ALA B 46 87.09 -33.52 -68.09
N GLN B 47 87.99 -32.77 -67.48
CA GLN B 47 89.32 -32.61 -68.02
C GLN B 47 90.33 -33.46 -67.27
N GLY B 48 89.83 -34.26 -66.33
CA GLY B 48 90.69 -35.12 -65.56
C GLY B 48 91.53 -34.38 -64.53
N ASN B 49 91.12 -33.17 -64.17
CA ASN B 49 91.88 -32.40 -63.19
C ASN B 49 91.46 -32.74 -61.76
N ALA B 50 92.05 -33.78 -61.21
CA ALA B 50 91.73 -34.21 -59.85
C ALA B 50 92.17 -33.14 -58.87
N SER B 51 93.34 -32.57 -59.12
CA SER B 51 93.86 -31.50 -58.28
C SER B 51 92.75 -30.48 -57.97
N LEU B 52 92.12 -29.94 -59.01
CA LEU B 52 91.05 -28.95 -58.86
C LEU B 52 89.84 -29.50 -58.12
N ALA B 53 89.41 -30.71 -58.46
CA ALA B 53 88.26 -31.30 -57.78
C ALA B 53 88.55 -31.46 -56.29
N GLU B 54 89.78 -31.84 -55.97
CA GLU B 54 90.20 -32.02 -54.58
C GLU B 54 90.09 -30.70 -53.82
N MET B 55 90.72 -29.67 -54.40
CA MET B 55 90.71 -28.34 -53.81
C MET B 55 89.28 -27.92 -53.53
N ILE B 56 88.39 -28.15 -54.49
CA ILE B 56 86.98 -27.80 -54.34
C ILE B 56 86.32 -28.62 -53.24
N TYR B 57 86.45 -29.95 -53.31
CA TYR B 57 85.86 -30.85 -52.31
C TYR B 57 86.33 -30.48 -50.91
N GLN B 58 87.56 -29.99 -50.80
CA GLN B 58 88.12 -29.59 -49.52
C GLN B 58 87.40 -28.38 -48.94
N THR B 59 87.24 -27.34 -49.75
CA THR B 59 86.56 -26.15 -49.27
C THR B 59 85.09 -26.41 -48.98
N GLN B 60 84.51 -27.40 -49.64
CA GLN B 60 83.11 -27.72 -49.39
C GLN B 60 82.93 -28.79 -48.32
N HIS B 61 84.02 -29.19 -47.68
CA HIS B 61 83.97 -30.19 -46.62
C HIS B 61 83.24 -31.48 -47.03
N SER B 62 83.54 -31.98 -48.23
CA SER B 62 82.93 -33.20 -48.73
C SER B 62 83.95 -34.33 -48.56
N PHE B 63 84.15 -34.75 -47.32
CA PHE B 63 85.12 -35.77 -46.96
C PHE B 63 84.96 -37.11 -47.70
N ASP B 64 83.73 -37.61 -47.82
CA ASP B 64 83.51 -38.86 -48.54
C ASP B 64 83.87 -38.72 -50.01
N LYS B 65 83.62 -37.56 -50.61
CA LYS B 65 83.98 -37.34 -52.02
C LYS B 65 85.50 -37.40 -52.15
N LEU B 66 86.20 -36.85 -51.16
CA LEU B 66 87.65 -36.84 -51.16
C LEU B 66 88.20 -38.26 -51.03
N SER B 67 87.57 -39.05 -50.15
CA SER B 67 87.99 -40.43 -49.94
C SER B 67 87.90 -41.21 -51.24
N PHE B 68 86.79 -41.05 -51.96
CA PHE B 68 86.61 -41.78 -53.21
C PHE B 68 87.68 -41.33 -54.19
N LEU B 69 87.92 -40.03 -54.25
CA LEU B 69 88.92 -39.48 -55.15
C LEU B 69 90.28 -40.11 -54.87
N TYR B 70 90.59 -40.26 -53.58
CA TYR B 70 91.87 -40.84 -53.17
C TYR B 70 92.01 -42.30 -53.53
N LEU B 71 90.87 -42.99 -53.61
CA LEU B 71 90.85 -44.40 -53.97
C LEU B 71 91.21 -44.59 -55.42
N VAL B 72 90.49 -43.91 -56.31
CA VAL B 72 90.75 -44.06 -57.75
C VAL B 72 92.05 -43.39 -58.15
N THR B 73 92.57 -42.55 -57.27
CA THR B 73 93.82 -41.83 -57.51
C THR B 73 95.06 -42.51 -56.90
N GLY B 74 94.81 -43.45 -55.99
CA GLY B 74 95.91 -44.14 -55.37
C GLY B 74 96.62 -43.37 -54.27
N ASP B 75 96.00 -42.31 -53.75
CA ASP B 75 96.65 -41.57 -52.69
C ASP B 75 96.37 -42.18 -51.33
N VAL B 76 97.12 -43.23 -51.02
CA VAL B 76 97.00 -43.95 -49.76
C VAL B 76 97.33 -43.04 -48.56
N ASN B 77 98.25 -42.11 -48.76
CA ASN B 77 98.62 -41.18 -47.70
C ASN B 77 97.44 -40.27 -47.31
N LYS B 78 96.87 -39.59 -48.32
CA LYS B 78 95.74 -38.70 -48.09
C LYS B 78 94.50 -39.47 -47.64
N LEU B 79 94.36 -40.72 -48.06
CA LEU B 79 93.22 -41.51 -47.65
C LEU B 79 93.31 -41.70 -46.15
N SER B 80 94.53 -41.84 -45.67
CA SER B 80 94.83 -42.04 -44.25
C SER B 80 94.36 -40.83 -43.43
N LYS B 81 94.66 -39.64 -43.94
CA LYS B 81 94.24 -38.43 -43.26
C LYS B 81 92.71 -38.36 -43.19
N MET B 82 92.04 -38.85 -44.24
CA MET B 82 90.58 -38.85 -44.28
C MET B 82 89.98 -39.65 -43.13
N GLN B 83 90.66 -40.73 -42.78
CA GLN B 83 90.21 -41.61 -41.70
C GLN B 83 90.28 -40.88 -40.35
N ASN B 84 91.39 -40.19 -40.08
CA ASN B 84 91.53 -39.45 -38.82
C ASN B 84 90.45 -38.38 -38.74
N ILE B 85 90.19 -37.72 -39.86
CA ILE B 85 89.16 -36.69 -39.90
C ILE B 85 87.87 -37.35 -39.45
N ALA B 86 87.52 -38.45 -40.10
CA ALA B 86 86.31 -39.20 -39.78
C ALA B 86 86.33 -39.62 -38.31
N GLN B 87 87.51 -39.94 -37.80
CA GLN B 87 87.66 -40.34 -36.41
C GLN B 87 87.46 -39.14 -35.48
N THR B 88 88.04 -38.00 -35.85
CA THR B 88 87.93 -36.80 -35.06
C THR B 88 86.51 -36.24 -35.07
N ARG B 89 85.80 -36.43 -36.19
CA ARG B 89 84.43 -35.95 -36.30
C ARG B 89 83.47 -37.08 -35.96
N GLU B 90 84.05 -38.24 -35.69
CA GLU B 90 83.31 -39.44 -35.34
C GLU B 90 82.15 -39.85 -36.26
N ASP B 91 82.31 -39.72 -37.58
CA ASP B 91 81.25 -40.13 -38.51
C ASP B 91 81.47 -41.61 -38.81
N PHE B 92 80.68 -42.45 -38.18
CA PHE B 92 80.79 -43.89 -38.36
C PHE B 92 80.52 -44.31 -39.80
N GLY B 93 79.76 -43.50 -40.52
CA GLY B 93 79.49 -43.80 -41.92
C GLY B 93 80.78 -43.57 -42.71
N SER B 94 81.51 -42.51 -42.39
CA SER B 94 82.76 -42.19 -43.07
C SER B 94 83.91 -43.10 -42.61
N MET B 95 83.95 -43.42 -41.33
CA MET B 95 85.02 -44.28 -40.84
C MET B 95 84.93 -45.61 -41.55
N LEU B 96 83.71 -46.13 -41.65
CA LEU B 96 83.48 -47.38 -42.31
C LEU B 96 83.87 -47.28 -43.78
N LEU B 97 83.46 -46.20 -44.44
CA LEU B 97 83.77 -46.01 -45.86
C LEU B 97 85.28 -46.11 -46.16
N ASN B 98 86.09 -45.33 -45.45
CA ASN B 98 87.53 -45.33 -45.66
C ASN B 98 88.13 -46.72 -45.44
N THR B 99 87.44 -47.51 -44.64
CA THR B 99 87.87 -48.87 -44.33
C THR B 99 87.65 -49.80 -45.52
N PHE B 100 86.66 -49.47 -46.37
CA PHE B 100 86.42 -50.30 -47.54
C PHE B 100 87.53 -49.95 -48.55
N TYR B 101 87.98 -48.71 -48.49
CA TYR B 101 89.01 -48.23 -49.40
C TYR B 101 90.44 -48.58 -49.04
N ASN B 102 90.76 -48.69 -47.75
CA ASN B 102 92.13 -49.06 -47.37
C ASN B 102 92.20 -50.53 -46.97
N ASN B 103 91.04 -51.17 -47.03
CA ASN B 103 90.87 -52.57 -46.69
C ASN B 103 91.49 -53.02 -45.38
N SER B 104 91.38 -52.19 -44.35
CA SER B 104 91.91 -52.53 -43.04
C SER B 104 90.77 -53.13 -42.24
N THR B 105 90.72 -54.45 -42.21
CA THR B 105 89.67 -55.12 -41.48
C THR B 105 89.82 -54.92 -39.97
N LYS B 106 91.04 -54.75 -39.50
CA LYS B 106 91.22 -54.54 -38.06
C LYS B 106 90.60 -53.18 -37.71
N GLU B 107 90.84 -52.19 -38.55
CA GLU B 107 90.26 -50.87 -38.35
C GLU B 107 88.75 -51.02 -38.29
N ARG B 108 88.18 -51.57 -39.37
CA ARG B 108 86.74 -51.76 -39.49
C ARG B 108 86.07 -52.46 -38.30
N SER B 109 86.74 -53.49 -37.78
CA SER B 109 86.22 -54.25 -36.66
C SER B 109 85.99 -53.36 -35.43
N SER B 110 86.96 -52.47 -35.16
CA SER B 110 86.86 -51.57 -34.02
C SER B 110 85.76 -50.55 -34.26
N ILE B 111 85.69 -50.03 -35.49
CA ILE B 111 84.68 -49.04 -35.87
C ILE B 111 83.30 -49.59 -35.53
N PHE B 112 83.06 -50.85 -35.91
CA PHE B 112 81.79 -51.50 -35.64
C PHE B 112 81.51 -51.58 -34.14
N ALA B 113 82.52 -51.99 -33.38
CA ALA B 113 82.40 -52.13 -31.94
C ALA B 113 81.97 -50.81 -31.29
N GLU B 114 82.78 -49.77 -31.50
CA GLU B 114 82.50 -48.47 -30.94
C GLU B 114 81.21 -47.88 -31.49
N GLY B 115 80.78 -48.38 -32.64
CA GLY B 115 79.55 -47.88 -33.25
C GLY B 115 78.35 -48.53 -32.59
N GLY B 116 78.61 -49.51 -31.73
CA GLY B 116 77.52 -50.19 -31.04
C GLY B 116 77.18 -51.58 -31.54
N SER B 117 77.87 -52.05 -32.58
CA SER B 117 77.60 -53.39 -33.11
C SER B 117 78.72 -54.38 -32.89
N LEU B 118 78.60 -55.18 -31.83
CA LEU B 118 79.60 -56.21 -31.53
C LEU B 118 79.46 -57.38 -32.50
N PRO B 119 78.22 -57.67 -32.96
CA PRO B 119 78.00 -58.78 -33.90
C PRO B 119 78.82 -58.58 -35.18
N LEU B 120 78.76 -57.37 -35.72
CA LEU B 120 79.50 -57.04 -36.93
C LEU B 120 81.01 -57.04 -36.66
N ALA B 121 81.43 -56.46 -35.54
CA ALA B 121 82.84 -56.42 -35.16
C ALA B 121 83.35 -57.86 -35.16
N TYR B 122 82.55 -58.74 -34.55
CA TYR B 122 82.86 -60.16 -34.46
C TYR B 122 83.02 -60.74 -35.89
N ALA B 123 81.97 -60.66 -36.69
CA ALA B 123 81.98 -61.20 -38.05
C ALA B 123 83.24 -60.85 -38.83
N VAL B 124 83.68 -59.61 -38.74
CA VAL B 124 84.89 -59.19 -39.45
C VAL B 124 86.14 -59.87 -38.87
N ALA B 125 86.29 -59.86 -37.55
CA ALA B 125 87.45 -60.48 -36.94
C ALA B 125 87.46 -61.98 -37.23
N LYS B 126 86.30 -62.60 -37.10
CA LYS B 126 86.18 -64.03 -37.36
C LYS B 126 86.47 -64.36 -38.81
N ALA B 127 85.97 -63.52 -39.72
CA ALA B 127 86.15 -63.75 -41.14
C ALA B 127 87.61 -63.63 -41.54
N ASN B 128 88.30 -62.68 -40.94
CA ASN B 128 89.70 -62.45 -41.28
C ASN B 128 90.70 -63.16 -40.36
N GLY B 129 90.19 -64.14 -39.61
CA GLY B 129 91.06 -64.91 -38.73
C GLY B 129 91.69 -64.18 -37.56
N ASP B 130 91.05 -63.12 -37.08
CA ASP B 130 91.58 -62.40 -35.92
C ASP B 130 90.80 -62.98 -34.74
N GLU B 131 91.20 -64.19 -34.33
CA GLU B 131 90.56 -64.91 -33.23
C GLU B 131 90.67 -64.18 -31.89
N ALA B 132 91.78 -63.49 -31.66
CA ALA B 132 91.97 -62.76 -30.42
C ALA B 132 90.86 -61.71 -30.29
N ALA B 133 90.72 -60.89 -31.33
CA ALA B 133 89.69 -59.86 -31.34
C ALA B 133 88.31 -60.48 -31.30
N ALA B 134 88.11 -61.50 -32.13
CA ALA B 134 86.84 -62.20 -32.21
C ALA B 134 86.30 -62.63 -30.86
N SER B 135 87.16 -63.20 -30.03
CA SER B 135 86.73 -63.65 -28.70
C SER B 135 86.49 -62.47 -27.76
N ALA B 136 87.31 -61.44 -27.85
CA ALA B 136 87.15 -60.26 -27.00
C ALA B 136 85.78 -59.63 -27.24
N PHE B 137 85.36 -59.58 -28.50
CA PHE B 137 84.06 -59.01 -28.83
C PHE B 137 82.96 -59.89 -28.26
N LEU B 138 83.16 -61.20 -28.40
CA LEU B 138 82.20 -62.18 -27.89
C LEU B 138 82.19 -62.10 -26.36
N GLU B 139 83.36 -61.79 -25.82
CA GLU B 139 83.57 -61.66 -24.38
C GLU B 139 83.00 -60.33 -23.86
N GLN B 140 83.15 -59.26 -24.64
CA GLN B 140 82.64 -57.94 -24.28
C GLN B 140 81.12 -57.94 -24.31
N ALA B 141 80.56 -58.72 -25.22
CA ALA B 141 79.11 -58.87 -25.26
C ALA B 141 79.02 -60.00 -24.26
N GLU B 142 77.94 -60.77 -24.27
CA GLU B 142 77.88 -61.89 -23.34
C GLU B 142 77.31 -63.08 -24.04
N VAL B 143 77.99 -63.49 -25.10
CA VAL B 143 77.58 -64.62 -25.92
C VAL B 143 78.59 -65.74 -25.90
N ASP B 144 78.09 -66.97 -25.88
CA ASP B 144 78.93 -68.16 -25.88
C ASP B 144 79.19 -68.53 -27.33
N GLU B 145 80.45 -68.78 -27.66
CA GLU B 145 80.83 -69.15 -29.04
C GLU B 145 79.96 -70.34 -29.45
N GLN B 146 79.48 -71.06 -28.44
CA GLN B 146 78.62 -72.22 -28.65
C GLN B 146 77.27 -71.85 -29.26
N ASP B 147 76.78 -70.66 -28.88
CA ASP B 147 75.48 -70.18 -29.35
C ASP B 147 75.51 -69.29 -30.59
N VAL B 148 76.66 -69.22 -31.26
CA VAL B 148 76.81 -68.40 -32.46
C VAL B 148 76.53 -69.24 -33.71
N THR B 149 76.06 -68.59 -34.77
CA THR B 149 75.77 -69.29 -36.02
C THR B 149 76.37 -68.53 -37.21
N LEU B 150 77.66 -68.80 -37.47
CA LEU B 150 78.38 -68.19 -38.59
C LEU B 150 77.70 -68.66 -39.86
N PRO B 151 77.95 -67.97 -41.00
CA PRO B 151 77.32 -68.39 -42.25
C PRO B 151 77.95 -69.73 -42.60
N ASP B 152 77.37 -70.46 -43.55
CA ASP B 152 77.96 -71.74 -43.93
C ASP B 152 79.40 -71.57 -44.38
N GLN B 153 79.66 -70.55 -45.19
CA GLN B 153 81.01 -70.30 -45.66
C GLN B 153 81.46 -68.87 -45.45
N MET B 154 82.71 -68.71 -45.05
CA MET B 154 83.30 -67.40 -44.79
C MET B 154 84.56 -67.22 -45.63
N ASP B 155 85.11 -66.02 -45.59
CA ASP B 155 86.32 -65.72 -46.31
C ASP B 155 86.96 -64.45 -45.77
N ALA B 156 88.26 -64.32 -45.98
CA ALA B 156 88.97 -63.13 -45.54
C ALA B 156 88.90 -62.12 -46.69
N SER B 157 89.22 -60.86 -46.38
CA SER B 157 89.19 -59.80 -47.36
C SER B 157 90.44 -59.80 -48.26
N ASN B 158 90.54 -60.79 -49.15
CA ASN B 158 91.68 -60.90 -50.07
C ASN B 158 91.25 -60.69 -51.53
N PHE B 159 90.06 -60.13 -51.73
CA PHE B 159 89.57 -59.95 -53.09
C PHE B 159 89.73 -58.56 -53.68
N VAL B 160 89.86 -57.55 -52.83
CA VAL B 160 90.02 -56.18 -53.32
C VAL B 160 91.29 -56.05 -54.16
N GLN B 161 91.21 -55.31 -55.26
CA GLN B 161 92.37 -55.09 -56.11
C GLN B 161 93.35 -54.21 -55.32
N ARG B 162 94.62 -54.22 -55.71
CA ARG B 162 95.62 -53.43 -55.01
C ARG B 162 96.28 -52.44 -55.97
N PRO B 163 96.60 -51.24 -55.47
CA PRO B 163 97.23 -50.23 -56.33
C PRO B 163 98.50 -50.77 -56.95
N VAL B 164 98.86 -50.25 -58.12
CA VAL B 164 100.05 -50.73 -58.81
C VAL B 164 101.03 -49.57 -59.03
N ILE B 165 100.55 -48.35 -58.80
CA ILE B 165 101.38 -47.17 -59.00
C ILE B 165 101.93 -46.63 -57.69
N SER B 166 103.14 -46.08 -57.76
CA SER B 166 103.83 -45.52 -56.61
C SER B 166 103.17 -44.23 -56.12
N LYS B 167 103.22 -43.20 -56.96
CA LYS B 167 102.65 -41.91 -56.60
C LYS B 167 101.32 -41.63 -57.29
N PRO B 168 100.40 -40.96 -56.57
CA PRO B 168 99.10 -40.64 -57.13
C PRO B 168 99.23 -39.51 -58.15
N LEU B 169 98.42 -39.57 -59.21
CA LEU B 169 98.46 -38.54 -60.22
C LEU B 169 97.59 -37.39 -59.74
N GLU B 170 98.00 -36.17 -60.06
CA GLU B 170 97.27 -34.98 -59.65
C GLU B 170 96.37 -34.47 -60.76
N LYS B 171 96.75 -34.76 -61.98
CA LYS B 171 96.00 -34.32 -63.17
C LYS B 171 96.14 -35.39 -64.23
N TRP B 172 95.10 -35.62 -65.03
CA TRP B 172 95.23 -36.60 -66.09
C TRP B 172 96.08 -35.90 -67.14
N PRO B 173 97.07 -36.59 -67.73
CA PRO B 173 97.90 -35.92 -68.74
C PRO B 173 97.15 -35.36 -69.96
N LEU B 174 97.38 -34.07 -70.23
CA LEU B 174 96.76 -33.38 -71.35
C LEU B 174 97.79 -32.73 -72.26
N LYS B 175 97.42 -32.54 -73.52
CA LYS B 175 98.29 -31.89 -74.50
C LYS B 175 98.18 -30.39 -74.24
N GLU B 176 99.16 -29.62 -74.70
CA GLU B 176 99.16 -28.17 -74.47
C GLU B 176 98.15 -27.46 -75.39
N ALA B 177 98.17 -27.82 -76.66
CA ALA B 177 97.26 -27.24 -77.66
C ALA B 177 97.35 -27.98 -78.99
N LYS C 2 21.43 29.77 -13.43
CA LYS C 2 20.77 30.95 -12.90
C LYS C 2 19.41 31.24 -13.52
N LEU C 3 18.40 31.21 -12.66
CA LEU C 3 17.02 31.48 -13.03
C LEU C 3 16.66 32.74 -12.28
N ASP C 4 16.00 33.69 -12.95
CA ASP C 4 15.63 34.91 -12.28
C ASP C 4 14.21 34.84 -11.74
N ILE C 5 14.06 34.14 -10.62
CA ILE C 5 12.75 33.95 -9.97
C ILE C 5 12.25 35.19 -9.24
N LYS C 6 11.03 35.59 -9.56
CA LYS C 6 10.39 36.74 -8.92
C LYS C 6 9.00 36.33 -8.46
N LYS C 7 8.62 36.69 -7.23
CA LYS C 7 7.31 36.33 -6.73
C LYS C 7 6.29 37.39 -7.14
N THR C 8 5.64 37.17 -8.28
CA THR C 8 4.66 38.10 -8.80
C THR C 8 3.37 38.24 -7.99
N PHE C 9 2.98 37.21 -7.27
CA PHE C 9 1.76 37.31 -6.47
C PHE C 9 1.46 36.10 -5.60
N SER C 10 1.07 36.37 -4.36
CA SER C 10 0.69 35.32 -3.43
C SER C 10 -0.66 35.69 -2.85
N ASN C 11 -1.45 34.69 -2.49
CA ASN C 11 -2.76 34.92 -1.90
C ASN C 11 -3.08 33.76 -0.99
N ARG C 12 -3.67 34.06 0.15
CA ARG C 12 -4.04 33.02 1.09
C ARG C 12 -5.51 32.70 0.95
N SER C 13 -5.85 31.42 1.08
CA SER C 13 -7.24 31.00 0.97
C SER C 13 -7.30 29.56 1.40
N ASP C 14 -8.45 28.95 1.23
CA ASP C 14 -8.59 27.53 1.57
C ASP C 14 -7.71 26.76 0.59
N ARG C 15 -7.45 25.49 0.89
CA ARG C 15 -6.63 24.65 0.04
C ARG C 15 -7.04 24.74 -1.44
N VAL C 16 -6.08 24.94 -2.33
CA VAL C 16 -6.47 24.98 -3.73
C VAL C 16 -5.97 23.69 -4.35
N LYS C 17 -6.91 22.94 -4.93
CA LYS C 17 -6.63 21.65 -5.55
C LYS C 17 -6.42 21.73 -7.04
N GLY C 18 -6.87 22.82 -7.65
CA GLY C 18 -6.70 23.00 -9.07
C GLY C 18 -6.29 24.43 -9.37
N ILE C 19 -5.56 24.62 -10.48
CA ILE C 19 -5.11 25.94 -10.87
C ILE C 19 -4.89 25.97 -12.38
N ASP C 20 -5.14 27.12 -13.01
CA ASP C 20 -4.95 27.22 -14.46
C ASP C 20 -4.71 28.67 -14.90
N PHE C 21 -3.84 28.84 -15.90
CA PHE C 21 -3.55 30.16 -16.43
C PHE C 21 -4.41 30.47 -17.64
N HIS C 22 -4.93 31.71 -17.72
CA HIS C 22 -5.71 32.13 -18.87
C HIS C 22 -4.64 32.49 -19.93
N PRO C 23 -4.88 32.15 -21.20
CA PRO C 23 -3.95 32.42 -22.30
C PRO C 23 -3.65 33.87 -22.67
N THR C 24 -4.58 34.78 -22.47
CA THR C 24 -4.32 36.14 -22.89
C THR C 24 -4.66 37.21 -21.87
N GLU C 25 -5.29 36.81 -20.79
CA GLU C 25 -5.66 37.72 -19.74
C GLU C 25 -4.73 37.33 -18.58
N PRO C 26 -4.21 38.30 -17.80
CA PRO C 26 -3.31 37.94 -16.70
C PRO C 26 -4.08 37.34 -15.53
N TRP C 27 -4.85 36.30 -15.83
CA TRP C 27 -5.65 35.64 -14.82
C TRP C 27 -5.16 34.25 -14.54
N VAL C 28 -5.54 33.76 -13.36
CA VAL C 28 -5.24 32.41 -12.94
C VAL C 28 -6.55 31.96 -12.27
N LEU C 29 -6.92 30.71 -12.51
CA LEU C 29 -8.14 30.16 -11.94
C LEU C 29 -7.73 29.20 -10.82
N THR C 30 -8.46 29.22 -9.72
CA THR C 30 -8.14 28.32 -8.65
C THR C 30 -9.41 27.63 -8.15
N THR C 31 -9.35 26.32 -7.99
CA THR C 31 -10.49 25.58 -7.49
C THR C 31 -10.09 25.12 -6.10
N LEU C 32 -10.95 25.42 -5.14
CA LEU C 32 -10.69 25.11 -3.73
C LEU C 32 -11.37 23.89 -3.15
N TYR C 33 -10.81 23.43 -2.03
CA TYR C 33 -11.32 22.27 -1.32
C TYR C 33 -12.70 22.60 -0.73
N SER C 34 -12.99 23.90 -0.62
CA SER C 34 -14.25 24.36 -0.04
C SER C 34 -15.44 24.41 -1.01
N GLY C 35 -15.18 24.34 -2.30
CA GLY C 35 -16.29 24.38 -3.23
C GLY C 35 -16.29 25.70 -3.99
N ARG C 36 -15.40 26.58 -3.56
CA ARG C 36 -15.21 27.88 -4.17
C ARG C 36 -14.26 27.76 -5.34
N VAL C 37 -14.44 28.59 -6.35
CA VAL C 37 -13.54 28.66 -7.49
C VAL C 37 -13.36 30.16 -7.64
N GLU C 38 -12.11 30.59 -7.83
CA GLU C 38 -11.85 32.01 -7.96
C GLU C 38 -11.03 32.31 -9.21
N ILE C 39 -10.99 33.58 -9.57
CA ILE C 39 -10.21 34.02 -10.70
C ILE C 39 -9.48 35.24 -10.20
N TRP C 40 -8.17 35.29 -10.37
CA TRP C 40 -7.42 36.46 -9.93
C TRP C 40 -6.58 37.06 -11.05
N ASN C 41 -6.53 38.38 -11.08
CA ASN C 41 -5.66 39.07 -12.03
C ASN C 41 -4.41 39.18 -11.16
N TYR C 42 -3.43 38.33 -11.43
CA TYR C 42 -2.23 38.31 -10.61
C TYR C 42 -1.26 39.44 -10.90
N GLU C 43 -1.58 40.29 -11.85
CA GLU C 43 -0.72 41.43 -12.16
C GLU C 43 -1.22 42.68 -11.45
N THR C 44 -2.53 42.86 -11.36
CA THR C 44 -3.10 44.01 -10.68
C THR C 44 -3.41 43.63 -9.23
N GLN C 45 -3.45 42.33 -8.97
CA GLN C 45 -3.73 41.77 -7.65
C GLN C 45 -5.17 42.02 -7.21
N VAL C 46 -6.07 42.07 -8.19
CA VAL C 46 -7.48 42.27 -7.96
C VAL C 46 -8.22 40.97 -8.29
N GLU C 47 -9.13 40.56 -7.42
CA GLU C 47 -9.87 39.34 -7.68
C GLU C 47 -10.97 39.62 -8.71
N VAL C 48 -10.95 38.87 -9.80
CA VAL C 48 -11.93 39.08 -10.85
C VAL C 48 -13.31 38.60 -10.43
N ARG C 49 -13.42 37.34 -10.05
CA ARG C 49 -14.71 36.77 -9.69
C ARG C 49 -14.56 35.61 -8.70
N SER C 50 -15.65 35.25 -8.05
CA SER C 50 -15.63 34.16 -7.10
C SER C 50 -16.97 33.44 -7.19
N ILE C 51 -16.91 32.10 -7.24
CA ILE C 51 -18.14 31.33 -7.35
C ILE C 51 -18.23 30.12 -6.41
N GLN C 52 -19.35 30.03 -5.70
CA GLN C 52 -19.58 28.91 -4.81
C GLN C 52 -20.23 27.83 -5.65
N VAL C 53 -19.41 26.99 -6.26
CA VAL C 53 -19.88 25.91 -7.13
C VAL C 53 -20.66 24.84 -6.35
N THR C 54 -20.12 24.40 -5.22
CA THR C 54 -20.77 23.39 -4.38
C THR C 54 -20.14 23.40 -3.00
N GLU C 55 -20.62 22.52 -2.13
CA GLU C 55 -20.14 22.41 -0.77
C GLU C 55 -19.05 21.33 -0.71
N THR C 56 -18.89 20.64 -1.83
CA THR C 56 -17.91 19.58 -1.96
C THR C 56 -16.62 20.16 -2.54
N PRO C 57 -15.48 19.48 -2.34
CA PRO C 57 -14.26 20.07 -2.93
C PRO C 57 -14.23 20.02 -4.46
N VAL C 58 -13.61 21.02 -5.08
CA VAL C 58 -13.48 21.06 -6.53
C VAL C 58 -12.02 20.77 -6.83
N ARG C 59 -11.71 19.56 -7.28
CA ARG C 59 -10.32 19.17 -7.57
C ARG C 59 -9.76 19.61 -8.91
N ALA C 60 -10.62 19.76 -9.92
CA ALA C 60 -10.15 20.15 -11.25
C ALA C 60 -10.79 21.44 -11.79
N GLY C 61 -10.03 22.18 -12.58
CA GLY C 61 -10.51 23.43 -13.15
C GLY C 61 -9.65 23.91 -14.32
N LYS C 62 -10.29 24.29 -15.42
CA LYS C 62 -9.57 24.75 -16.61
C LYS C 62 -10.30 25.88 -17.31
N PHE C 63 -9.54 26.74 -17.96
CA PHE C 63 -10.15 27.81 -18.73
C PHE C 63 -10.42 27.20 -20.09
N ILE C 64 -11.31 27.83 -20.84
CA ILE C 64 -11.63 27.41 -22.20
C ILE C 64 -11.89 28.78 -22.83
N ALA C 65 -10.82 29.56 -22.93
CA ALA C 65 -10.88 30.91 -23.47
C ALA C 65 -11.67 31.01 -24.78
N ARG C 66 -11.41 30.08 -25.70
CA ARG C 66 -12.08 30.03 -27.00
C ARG C 66 -13.57 30.30 -26.87
N LYS C 67 -14.10 29.99 -25.70
CA LYS C 67 -15.52 30.14 -25.44
C LYS C 67 -15.84 31.04 -24.25
N ASN C 68 -14.82 31.62 -23.64
CA ASN C 68 -15.03 32.49 -22.48
C ASN C 68 -15.57 31.70 -21.27
N TRP C 69 -15.13 30.45 -21.16
CA TRP C 69 -15.59 29.59 -20.06
C TRP C 69 -14.48 29.08 -19.14
N ILE C 70 -14.95 28.44 -18.10
CA ILE C 70 -14.09 27.72 -17.16
C ILE C 70 -14.91 26.46 -16.97
N ILE C 71 -14.23 25.34 -16.82
CA ILE C 71 -14.92 24.08 -16.60
C ILE C 71 -14.28 23.48 -15.35
N VAL C 72 -15.13 23.10 -14.39
CA VAL C 72 -14.69 22.53 -13.13
C VAL C 72 -15.28 21.17 -12.80
N GLY C 73 -14.50 20.36 -12.09
CA GLY C 73 -14.94 19.04 -11.70
C GLY C 73 -14.85 18.95 -10.18
N SER C 74 -15.91 18.43 -9.56
CA SER C 74 -15.93 18.34 -8.10
C SER C 74 -16.32 16.97 -7.54
N ASP C 75 -16.08 16.80 -6.24
CA ASP C 75 -16.35 15.57 -5.51
C ASP C 75 -17.83 15.15 -5.52
N ASP C 76 -18.73 16.05 -5.93
CA ASP C 76 -20.13 15.71 -5.99
C ASP C 76 -20.42 15.07 -7.36
N PHE C 77 -19.34 14.61 -7.99
CA PHE C 77 -19.35 13.93 -9.28
C PHE C 77 -19.79 14.79 -10.44
N ARG C 78 -19.93 16.08 -10.22
CA ARG C 78 -20.39 16.94 -11.31
C ARG C 78 -19.39 17.82 -12.01
N ILE C 79 -19.63 17.99 -13.31
CA ILE C 79 -18.84 18.85 -14.18
C ILE C 79 -19.76 20.02 -14.46
N ARG C 80 -19.28 21.21 -14.14
CA ARG C 80 -20.06 22.41 -14.37
C ARG C 80 -19.23 23.40 -15.20
N VAL C 81 -19.92 24.17 -16.04
CA VAL C 81 -19.25 25.15 -16.88
C VAL C 81 -19.85 26.54 -16.61
N PHE C 82 -18.98 27.53 -16.53
CA PHE C 82 -19.45 28.90 -16.31
C PHE C 82 -18.81 29.84 -17.32
N ASN C 83 -19.53 30.90 -17.63
CA ASN C 83 -19.01 31.93 -18.52
C ASN C 83 -18.29 32.88 -17.55
N TYR C 84 -16.97 33.03 -17.70
CA TYR C 84 -16.23 33.86 -16.77
C TYR C 84 -16.48 35.35 -16.89
N ASN C 85 -17.13 35.77 -17.98
CA ASN C 85 -17.42 37.20 -18.14
C ASN C 85 -18.72 37.62 -17.43
N THR C 86 -19.62 36.66 -17.19
CA THR C 86 -20.88 36.97 -16.53
C THR C 86 -21.14 36.16 -15.26
N GLY C 87 -20.44 35.04 -15.13
CA GLY C 87 -20.63 34.18 -13.98
C GLY C 87 -21.86 33.31 -14.17
N GLU C 88 -22.23 33.11 -15.43
CA GLU C 88 -23.40 32.33 -15.81
C GLU C 88 -23.11 30.83 -15.97
N LYS C 89 -23.99 29.99 -15.44
CA LYS C 89 -23.85 28.54 -15.57
C LYS C 89 -24.24 28.09 -16.99
N VAL C 90 -23.28 27.52 -17.72
CA VAL C 90 -23.53 27.04 -19.08
C VAL C 90 -24.12 25.63 -19.06
N VAL C 91 -23.43 24.69 -18.41
CA VAL C 91 -23.91 23.32 -18.27
C VAL C 91 -23.56 22.77 -16.90
N ASP C 92 -24.39 21.86 -16.41
CA ASP C 92 -24.19 21.24 -15.11
C ASP C 92 -24.73 19.82 -15.20
N PHE C 93 -23.85 18.82 -15.18
CA PHE C 93 -24.29 17.43 -15.29
C PHE C 93 -23.40 16.43 -14.55
N GLU C 94 -23.98 15.30 -14.17
CA GLU C 94 -23.24 14.25 -13.48
C GLU C 94 -22.45 13.52 -14.53
N ALA C 95 -21.13 13.51 -14.38
CA ALA C 95 -20.24 12.87 -15.34
C ALA C 95 -19.75 11.50 -14.90
N HIS C 96 -19.70 11.29 -13.60
CA HIS C 96 -19.24 10.02 -13.06
C HIS C 96 -19.99 9.71 -11.76
N PRO C 97 -19.95 8.46 -11.30
CA PRO C 97 -20.63 8.07 -10.06
C PRO C 97 -19.67 8.27 -8.90
N ASP C 98 -18.48 8.79 -9.19
CA ASP C 98 -17.48 9.01 -8.16
C ASP C 98 -16.65 10.29 -8.41
N TYR C 99 -15.83 10.65 -7.42
CA TYR C 99 -14.98 11.84 -7.49
C TYR C 99 -14.25 12.07 -8.81
N ILE C 100 -14.22 13.33 -9.24
CA ILE C 100 -13.52 13.73 -10.46
C ILE C 100 -12.15 14.28 -10.04
N ARG C 101 -11.10 13.75 -10.65
CA ARG C 101 -9.73 14.14 -10.31
C ARG C 101 -8.99 15.07 -11.24
N SER C 102 -9.27 14.95 -12.52
CA SER C 102 -8.56 15.71 -13.51
C SER C 102 -9.42 16.01 -14.73
N ILE C 103 -9.11 17.10 -15.41
CA ILE C 103 -9.83 17.49 -16.60
C ILE C 103 -8.83 18.03 -17.63
N ALA C 104 -8.95 17.55 -18.85
CA ALA C 104 -8.05 18.00 -19.90
C ALA C 104 -8.93 18.56 -21.00
N VAL C 105 -8.44 19.59 -21.68
CA VAL C 105 -9.19 20.22 -22.75
C VAL C 105 -8.39 20.16 -24.04
N HIS C 106 -9.01 19.63 -25.09
CA HIS C 106 -8.36 19.51 -26.38
C HIS C 106 -8.05 20.92 -26.90
N PRO C 107 -6.85 21.14 -27.43
CA PRO C 107 -6.43 22.45 -27.94
C PRO C 107 -7.13 22.90 -29.22
N THR C 108 -7.66 21.95 -29.98
CA THR C 108 -8.30 22.25 -31.25
C THR C 108 -9.78 21.89 -31.32
N LYS C 109 -10.07 20.63 -31.05
CA LYS C 109 -11.45 20.14 -31.09
C LYS C 109 -12.24 20.39 -29.80
N PRO C 110 -13.57 20.47 -29.93
CA PRO C 110 -14.45 20.70 -28.78
C PRO C 110 -14.53 19.51 -27.81
N TYR C 111 -13.38 18.99 -27.41
CA TYR C 111 -13.31 17.84 -26.52
C TYR C 111 -12.78 18.10 -25.11
N VAL C 112 -13.32 17.35 -24.16
CA VAL C 112 -12.93 17.43 -22.78
C VAL C 112 -12.76 16.01 -22.20
N LEU C 113 -11.67 15.80 -21.48
CA LEU C 113 -11.41 14.52 -20.84
C LEU C 113 -11.54 14.70 -19.34
N SER C 114 -12.23 13.77 -18.68
CA SER C 114 -12.39 13.81 -17.23
C SER C 114 -11.94 12.46 -16.67
N GLY C 115 -11.04 12.52 -15.70
CA GLY C 115 -10.53 11.32 -15.06
C GLY C 115 -11.25 11.17 -13.74
N SER C 116 -11.57 9.96 -13.34
CA SER C 116 -12.33 9.80 -12.11
C SER C 116 -11.98 8.58 -11.26
N ASP C 117 -12.49 8.56 -10.03
CA ASP C 117 -12.24 7.47 -9.12
C ASP C 117 -13.05 6.27 -9.52
N ASP C 118 -13.85 6.40 -10.58
CA ASP C 118 -14.64 5.27 -11.06
C ASP C 118 -13.78 4.43 -11.99
N LEU C 119 -12.47 4.66 -11.93
CA LEU C 119 -11.50 3.92 -12.71
C LEU C 119 -11.55 4.18 -14.22
N THR C 120 -12.26 5.23 -14.62
CA THR C 120 -12.36 5.54 -16.04
C THR C 120 -12.01 6.97 -16.42
N VAL C 121 -11.94 7.20 -17.73
CA VAL C 121 -11.71 8.50 -18.32
C VAL C 121 -12.82 8.66 -19.35
N LYS C 122 -13.53 9.78 -19.31
CA LYS C 122 -14.64 10.00 -20.25
C LYS C 122 -14.41 11.19 -21.17
N LEU C 123 -14.76 11.01 -22.44
CA LEU C 123 -14.58 12.04 -23.46
C LEU C 123 -15.92 12.73 -23.71
N TRP C 124 -15.95 14.05 -23.51
CA TRP C 124 -17.16 14.84 -23.73
C TRP C 124 -16.96 15.77 -24.93
N ASN C 125 -18.04 16.00 -25.68
CA ASN C 125 -17.99 16.86 -26.85
C ASN C 125 -19.00 18.01 -26.72
N TRP C 126 -18.51 19.23 -26.50
CA TRP C 126 -19.43 20.36 -26.33
C TRP C 126 -20.11 20.87 -27.60
N GLU C 127 -19.64 20.40 -28.76
CA GLU C 127 -20.26 20.78 -30.02
C GLU C 127 -21.23 19.67 -30.40
N ASN C 128 -21.84 19.08 -29.38
CA ASN C 128 -22.79 18.00 -29.53
C ASN C 128 -23.57 17.84 -28.22
N ASN C 129 -23.96 18.97 -27.65
CA ASN C 129 -24.73 18.99 -26.41
C ASN C 129 -24.01 18.30 -25.26
N TRP C 130 -22.68 18.42 -25.24
CA TRP C 130 -21.87 17.81 -24.19
C TRP C 130 -22.13 16.31 -24.00
N ALA C 131 -22.26 15.59 -25.10
CA ALA C 131 -22.53 14.16 -25.05
C ALA C 131 -21.30 13.32 -24.69
N LEU C 132 -21.55 12.18 -24.06
CA LEU C 132 -20.46 11.29 -23.71
C LEU C 132 -20.11 10.53 -24.98
N GLU C 133 -19.02 10.92 -25.65
CA GLU C 133 -18.63 10.27 -26.88
C GLU C 133 -17.84 9.00 -26.66
N GLN C 134 -17.17 8.88 -25.52
CA GLN C 134 -16.40 7.67 -25.26
C GLN C 134 -15.96 7.51 -23.82
N THR C 135 -15.87 6.26 -23.38
CA THR C 135 -15.42 5.94 -22.04
C THR C 135 -14.25 4.98 -22.17
N PHE C 136 -13.11 5.32 -21.57
CA PHE C 136 -11.92 4.49 -21.66
C PHE C 136 -11.76 3.61 -20.42
N GLU C 137 -11.96 2.31 -20.60
CA GLU C 137 -11.85 1.38 -19.48
C GLU C 137 -10.60 0.54 -19.54
N GLY C 138 -10.05 0.23 -18.39
CA GLY C 138 -8.85 -0.56 -18.34
C GLY C 138 -8.07 -0.38 -17.04
N HIS C 139 -8.14 0.81 -16.45
CA HIS C 139 -7.44 1.05 -15.20
C HIS C 139 -8.09 0.33 -14.03
N GLU C 140 -7.27 0.06 -13.02
CA GLU C 140 -7.74 -0.68 -11.86
C GLU C 140 -7.69 0.14 -10.58
N HIS C 141 -7.76 1.47 -10.71
CA HIS C 141 -7.76 2.33 -9.55
C HIS C 141 -8.12 3.76 -9.97
N PHE C 142 -8.02 4.71 -9.06
CA PHE C 142 -8.36 6.09 -9.37
C PHE C 142 -7.54 6.61 -10.55
N VAL C 143 -8.19 7.32 -11.47
CA VAL C 143 -7.47 7.92 -12.59
C VAL C 143 -7.18 9.29 -12.04
N MET C 144 -5.92 9.50 -11.67
CA MET C 144 -5.49 10.74 -11.04
C MET C 144 -5.24 11.94 -11.94
N CYS C 145 -4.86 11.70 -13.19
CA CYS C 145 -4.51 12.80 -14.08
C CYS C 145 -4.63 12.44 -15.55
N VAL C 146 -5.17 13.33 -16.37
CA VAL C 146 -5.25 13.04 -17.80
C VAL C 146 -4.62 14.19 -18.57
N ALA C 147 -3.91 13.88 -19.65
CA ALA C 147 -3.29 14.93 -20.44
C ALA C 147 -3.11 14.58 -21.91
N PHE C 148 -3.55 15.49 -22.79
CA PHE C 148 -3.40 15.29 -24.22
C PHE C 148 -1.93 15.44 -24.56
N ASN C 149 -1.45 14.61 -25.48
CA ASN C 149 -0.09 14.73 -25.95
C ASN C 149 -0.11 15.99 -26.80
N PRO C 150 0.55 17.06 -26.36
CA PRO C 150 0.55 18.31 -27.14
C PRO C 150 0.99 18.15 -28.59
N LYS C 151 1.91 17.24 -28.85
CA LYS C 151 2.41 17.03 -30.21
C LYS C 151 1.37 16.31 -31.06
N ASP C 152 0.54 15.48 -30.43
CA ASP C 152 -0.51 14.76 -31.13
C ASP C 152 -1.72 14.57 -30.23
N PRO C 153 -2.64 15.55 -30.22
CA PRO C 153 -3.86 15.53 -29.40
C PRO C 153 -4.93 14.50 -29.75
N SER C 154 -4.61 13.56 -30.63
CA SER C 154 -5.56 12.50 -30.97
C SER C 154 -5.19 11.38 -30.00
N THR C 155 -4.10 11.63 -29.28
CA THR C 155 -3.56 10.71 -28.30
C THR C 155 -3.50 11.40 -26.92
N PHE C 156 -3.67 10.63 -25.85
CA PHE C 156 -3.61 11.19 -24.51
C PHE C 156 -3.13 10.17 -23.47
N ALA C 157 -2.77 10.67 -22.29
CA ALA C 157 -2.25 9.82 -21.22
C ALA C 157 -3.05 9.94 -19.93
N SER C 158 -3.14 8.82 -19.23
CA SER C 158 -3.82 8.75 -17.95
C SER C 158 -2.84 8.25 -16.88
N GLY C 159 -2.84 8.94 -15.75
CA GLY C 159 -1.95 8.56 -14.66
C GLY C 159 -2.85 7.91 -13.66
N CYS C 160 -2.51 6.70 -13.23
CA CYS C 160 -3.36 6.01 -12.31
C CYS C 160 -2.71 5.46 -11.04
N LEU C 161 -3.51 5.35 -10.00
CA LEU C 161 -3.09 4.82 -8.71
C LEU C 161 -2.74 3.32 -8.79
N ASP C 162 -2.99 2.68 -9.93
CA ASP C 162 -2.67 1.26 -10.09
C ASP C 162 -1.22 1.09 -10.57
N ARG C 163 -0.42 2.14 -10.39
CA ARG C 163 0.99 2.13 -10.76
C ARG C 163 1.28 2.25 -12.25
N THR C 164 0.27 2.58 -13.06
CA THR C 164 0.52 2.71 -14.48
C THR C 164 0.06 4.02 -15.15
N VAL C 165 0.58 4.20 -16.35
CA VAL C 165 0.26 5.32 -17.20
C VAL C 165 -0.22 4.60 -18.46
N LYS C 166 -1.37 4.97 -18.98
CA LYS C 166 -1.88 4.36 -20.19
C LYS C 166 -2.08 5.45 -21.22
N VAL C 167 -1.56 5.20 -22.43
CA VAL C 167 -1.71 6.14 -23.52
C VAL C 167 -2.78 5.62 -24.45
N TRP C 168 -3.82 6.41 -24.66
CA TRP C 168 -4.93 6.00 -25.49
C TRP C 168 -5.01 6.82 -26.75
N SER C 169 -5.81 6.33 -27.69
CA SER C 169 -6.01 7.01 -28.95
C SER C 169 -7.51 7.29 -28.97
N LEU C 170 -7.89 8.52 -29.27
CA LEU C 170 -9.28 8.90 -29.25
C LEU C 170 -10.25 7.87 -29.85
N GLY C 171 -9.90 7.22 -30.95
CA GLY C 171 -10.84 6.25 -31.50
C GLY C 171 -10.87 4.86 -30.87
N GLN C 172 -9.72 4.40 -30.37
CA GLN C 172 -9.58 3.07 -29.78
C GLN C 172 -10.17 2.86 -28.38
N SER C 173 -10.56 1.62 -28.11
CA SER C 173 -11.14 1.22 -26.84
C SER C 173 -10.03 0.65 -25.99
N THR C 174 -9.09 0.00 -26.66
CA THR C 174 -7.94 -0.63 -26.03
C THR C 174 -6.80 0.40 -25.99
N PRO C 175 -6.09 0.51 -24.86
CA PRO C 175 -4.98 1.48 -24.79
C PRO C 175 -3.83 1.14 -25.74
N ASN C 176 -3.25 2.17 -26.36
CA ASN C 176 -2.13 1.95 -27.28
C ASN C 176 -1.02 1.22 -26.58
N PHE C 177 -0.86 1.45 -25.29
CA PHE C 177 0.16 0.77 -24.52
C PHE C 177 0.05 1.19 -23.06
N THR C 178 0.66 0.39 -22.19
CA THR C 178 0.61 0.66 -20.78
C THR C 178 2.03 0.69 -20.26
N LEU C 179 2.30 1.55 -19.29
CA LEU C 179 3.63 1.65 -18.71
C LEU C 179 3.57 1.35 -17.23
N THR C 180 4.34 0.37 -16.76
CA THR C 180 4.37 0.09 -15.33
C THR C 180 5.51 0.97 -14.81
N THR C 181 5.16 1.90 -13.94
CA THR C 181 6.14 2.84 -13.41
C THR C 181 7.10 2.33 -12.36
N GLY C 182 6.72 1.28 -11.64
CA GLY C 182 7.60 0.80 -10.59
C GLY C 182 7.43 1.74 -9.42
N GLN C 183 6.47 2.65 -9.53
CA GLN C 183 6.18 3.58 -8.46
C GLN C 183 4.99 2.93 -7.76
N GLU C 184 5.36 2.04 -6.83
CA GLU C 184 4.46 1.22 -6.03
C GLU C 184 3.30 1.92 -5.34
N ARG C 185 3.46 3.21 -5.07
CA ARG C 185 2.42 3.98 -4.43
C ARG C 185 1.38 4.46 -5.45
N GLY C 186 1.73 4.36 -6.73
CA GLY C 186 0.81 4.79 -7.77
C GLY C 186 1.24 6.08 -8.44
N VAL C 187 0.61 6.40 -9.57
CA VAL C 187 0.94 7.61 -10.29
C VAL C 187 -0.06 8.72 -9.96
N ASN C 188 0.44 9.83 -9.43
CA ASN C 188 -0.39 10.99 -9.08
C ASN C 188 -0.57 11.92 -10.26
N TYR C 189 0.45 12.02 -11.10
CA TYR C 189 0.40 12.96 -12.21
C TYR C 189 1.16 12.47 -13.44
N VAL C 190 0.82 13.02 -14.59
CA VAL C 190 1.52 12.68 -15.83
C VAL C 190 1.52 13.91 -16.73
N ASP C 191 2.63 14.15 -17.41
CA ASP C 191 2.78 15.30 -18.30
C ASP C 191 3.69 14.95 -19.49
N TYR C 192 3.41 15.58 -20.63
CA TYR C 192 4.22 15.35 -21.81
C TYR C 192 5.26 16.45 -22.04
N TYR C 193 6.41 16.06 -22.57
CA TYR C 193 7.45 17.01 -22.93
C TYR C 193 6.82 17.66 -24.16
N PRO C 194 6.81 19.00 -24.23
CA PRO C 194 6.21 19.71 -25.38
C PRO C 194 6.92 19.78 -26.73
N LEU C 195 8.25 19.82 -26.71
CA LEU C 195 9.02 19.91 -27.95
C LEU C 195 9.26 18.54 -28.60
N PRO C 196 9.43 18.51 -29.94
CA PRO C 196 9.67 17.30 -30.74
C PRO C 196 11.00 16.55 -30.57
N ASP C 197 12.04 17.23 -30.11
CA ASP C 197 13.34 16.59 -29.94
C ASP C 197 13.44 15.40 -28.97
N LYS C 198 12.44 15.20 -28.11
CA LYS C 198 12.50 14.07 -27.17
C LYS C 198 11.11 13.55 -26.82
N PRO C 199 10.81 12.29 -27.15
CA PRO C 199 9.50 11.71 -26.85
C PRO C 199 9.38 11.32 -25.37
N TYR C 200 9.32 12.31 -24.50
CA TYR C 200 9.23 12.03 -23.07
C TYR C 200 7.88 12.29 -22.40
N MET C 201 7.73 11.70 -21.22
CA MET C 201 6.55 11.86 -20.39
C MET C 201 7.16 11.83 -19.01
N ILE C 202 6.47 12.41 -18.03
CA ILE C 202 6.99 12.40 -16.67
C ILE C 202 5.86 12.06 -15.71
N THR C 203 6.17 11.28 -14.68
CA THR C 203 5.19 10.87 -13.67
C THR C 203 5.67 11.13 -12.22
N ALA C 204 4.70 11.44 -11.35
CA ALA C 204 4.97 11.69 -9.93
C ALA C 204 4.21 10.64 -9.08
N SER C 205 4.80 10.24 -7.96
CA SER C 205 4.21 9.23 -7.08
C SER C 205 4.35 9.55 -5.60
N ASP C 206 3.54 8.90 -4.75
CA ASP C 206 3.63 9.12 -3.30
C ASP C 206 4.83 8.35 -2.78
N ASP C 207 5.55 7.69 -3.68
CA ASP C 207 6.73 6.93 -3.31
C ASP C 207 7.96 7.84 -3.26
N LEU C 208 7.71 9.15 -3.31
CA LEU C 208 8.76 10.18 -3.24
C LEU C 208 9.61 10.37 -4.51
N THR C 209 9.34 9.61 -5.56
CA THR C 209 10.12 9.75 -6.78
C THR C 209 9.36 10.39 -7.94
N ILE C 210 10.12 10.84 -8.93
CA ILE C 210 9.61 11.46 -10.15
C ILE C 210 10.39 10.71 -11.25
N LYS C 211 9.70 10.16 -12.24
CA LYS C 211 10.38 9.42 -13.28
C LYS C 211 10.15 9.95 -14.68
N ILE C 212 11.21 10.02 -15.47
CA ILE C 212 11.09 10.50 -16.85
C ILE C 212 10.96 9.28 -17.75
N TRP C 213 10.07 9.34 -18.73
CA TRP C 213 9.85 8.21 -19.61
C TRP C 213 9.92 8.49 -21.10
N ASP C 214 10.61 7.60 -21.83
CA ASP C 214 10.69 7.69 -23.28
C ASP C 214 9.48 6.85 -23.72
N TYR C 215 8.45 7.48 -24.29
CA TYR C 215 7.29 6.69 -24.66
C TYR C 215 7.45 5.83 -25.91
N GLN C 216 8.63 5.87 -26.50
CA GLN C 216 8.90 5.03 -27.67
C GLN C 216 9.67 3.82 -27.21
N THR C 217 10.56 4.03 -26.24
CA THR C 217 11.39 2.96 -25.68
C THR C 217 10.70 2.29 -24.50
N LYS C 218 9.77 3.01 -23.89
CA LYS C 218 9.02 2.51 -22.74
C LYS C 218 9.96 2.37 -21.56
N SER C 219 11.14 2.97 -21.65
CA SER C 219 12.10 2.87 -20.55
C SER C 219 12.27 4.15 -19.74
N CYS C 220 12.57 3.96 -18.46
CA CYS C 220 12.78 5.07 -17.56
C CYS C 220 14.08 5.76 -17.92
N VAL C 221 13.95 6.97 -18.47
CA VAL C 221 15.10 7.76 -18.87
C VAL C 221 15.85 8.28 -17.64
N ALA C 222 15.13 8.58 -16.57
CA ALA C 222 15.73 9.07 -15.33
C ALA C 222 14.78 9.07 -14.14
N THR C 223 15.35 9.03 -12.93
CA THR C 223 14.57 9.03 -11.70
C THR C 223 15.02 10.19 -10.82
N LEU C 224 14.13 11.15 -10.58
CA LEU C 224 14.46 12.31 -9.76
C LEU C 224 14.09 12.08 -8.32
N GLU C 225 15.10 12.16 -7.45
CA GLU C 225 14.88 11.97 -6.04
C GLU C 225 15.33 13.20 -5.26
N GLY C 226 14.61 13.51 -4.20
CA GLY C 226 14.94 14.66 -3.40
C GLY C 226 13.83 15.12 -2.47
N HIS C 227 12.57 14.86 -2.85
CA HIS C 227 11.43 15.26 -2.01
C HIS C 227 11.30 14.37 -0.77
N MET C 228 10.80 14.97 0.31
CA MET C 228 10.65 14.27 1.57
C MET C 228 9.30 13.61 1.74
N SER C 229 8.32 14.07 0.96
CA SER C 229 6.96 13.53 1.04
C SER C 229 6.42 13.28 -0.35
N ASN C 230 5.13 12.95 -0.44
CA ASN C 230 4.46 12.68 -1.72
C ASN C 230 4.63 13.81 -2.72
N VAL C 231 5.02 13.45 -3.94
CA VAL C 231 5.17 14.45 -5.00
C VAL C 231 3.80 14.59 -5.68
N SER C 232 3.17 15.74 -5.52
CA SER C 232 1.85 15.98 -6.10
C SER C 232 1.88 16.15 -7.61
N PHE C 233 3.02 16.58 -8.15
CA PHE C 233 3.09 16.79 -9.58
C PHE C 233 4.52 17.05 -10.03
N ALA C 234 4.73 16.94 -11.33
CA ALA C 234 6.02 17.21 -11.96
C ALA C 234 5.68 17.37 -13.44
N VAL C 235 6.08 18.50 -14.02
CA VAL C 235 5.82 18.78 -15.41
C VAL C 235 7.03 19.39 -16.07
N PHE C 236 6.99 19.46 -17.39
CA PHE C 236 8.07 20.05 -18.17
C PHE C 236 7.66 21.49 -18.46
N HIS C 237 8.59 22.42 -18.30
CA HIS C 237 8.28 23.81 -18.60
C HIS C 237 8.21 23.87 -20.11
N PRO C 238 7.33 24.71 -20.67
CA PRO C 238 7.24 24.79 -22.13
C PRO C 238 8.40 25.55 -22.79
N THR C 239 8.91 26.57 -22.10
CA THR C 239 9.99 27.36 -22.69
C THR C 239 11.36 27.26 -22.01
N LEU C 240 11.42 26.82 -20.75
CA LEU C 240 12.73 26.71 -20.11
C LEU C 240 13.18 25.26 -20.06
N PRO C 241 14.50 25.03 -20.01
CA PRO C 241 15.08 23.68 -19.96
C PRO C 241 15.01 23.13 -18.54
N ILE C 242 13.84 23.17 -17.93
CA ILE C 242 13.68 22.69 -16.57
C ILE C 242 12.41 21.87 -16.34
N ILE C 243 12.30 21.32 -15.14
CA ILE C 243 11.16 20.52 -14.72
C ILE C 243 10.72 21.09 -13.38
N ILE C 244 9.40 21.26 -13.21
CA ILE C 244 8.87 21.77 -11.95
C ILE C 244 8.14 20.65 -11.22
N SER C 245 8.39 20.48 -9.93
CA SER C 245 7.71 19.43 -9.16
C SER C 245 7.18 20.05 -7.88
N GLY C 246 6.21 19.38 -7.26
CA GLY C 246 5.61 19.88 -6.03
C GLY C 246 5.30 18.74 -5.08
N SER C 247 5.54 18.96 -3.79
CA SER C 247 5.35 17.90 -2.82
C SER C 247 4.56 18.32 -1.58
N GLU C 248 4.14 17.34 -0.79
CA GLU C 248 3.41 17.65 0.42
C GLU C 248 4.46 18.03 1.47
N ASP C 249 5.72 18.11 1.04
CA ASP C 249 6.75 18.52 1.99
C ASP C 249 6.78 20.04 1.97
N GLY C 250 5.79 20.62 1.31
CA GLY C 250 5.67 22.07 1.24
C GLY C 250 6.69 22.73 0.33
N THR C 251 7.27 21.93 -0.53
CA THR C 251 8.29 22.43 -1.43
C THR C 251 7.94 22.37 -2.90
N LEU C 252 8.63 23.22 -3.65
CA LEU C 252 8.50 23.33 -5.10
C LEU C 252 9.94 23.11 -5.53
N LYS C 253 10.17 22.27 -6.53
CA LYS C 253 11.53 22.04 -6.98
C LYS C 253 11.70 22.23 -8.47
N ILE C 254 12.77 22.94 -8.83
CA ILE C 254 13.08 23.19 -10.23
C ILE C 254 14.27 22.29 -10.55
N TRP C 255 14.10 21.48 -11.58
CA TRP C 255 15.13 20.54 -12.02
C TRP C 255 15.65 20.90 -13.39
N ASN C 256 16.88 20.44 -13.64
CA ASN C 256 17.57 20.63 -14.91
C ASN C 256 17.11 19.53 -15.87
N SER C 257 16.43 19.94 -16.96
CA SER C 257 15.90 19.02 -17.96
C SER C 257 16.88 18.03 -18.57
N SER C 258 18.16 18.36 -18.54
CA SER C 258 19.19 17.48 -19.11
C SER C 258 20.01 16.83 -18.02
N THR C 259 20.50 17.64 -17.09
CA THR C 259 21.29 17.12 -16.00
C THR C 259 20.44 16.22 -15.12
N TYR C 260 19.21 16.67 -14.88
CA TYR C 260 18.23 15.98 -14.03
C TYR C 260 18.59 16.16 -12.57
N LYS C 261 19.44 17.14 -12.29
CA LYS C 261 19.83 17.43 -10.91
C LYS C 261 18.96 18.55 -10.35
N VAL C 262 18.63 18.45 -9.07
CA VAL C 262 17.82 19.49 -8.46
C VAL C 262 18.58 20.79 -8.70
N GLU C 263 17.91 21.75 -9.31
CA GLU C 263 18.47 23.03 -9.65
C GLU C 263 18.14 24.14 -8.64
N LYS C 264 17.11 23.90 -7.84
CA LYS C 264 16.65 24.88 -6.85
C LYS C 264 15.34 24.44 -6.21
N THR C 265 15.26 24.53 -4.89
CA THR C 265 14.02 24.13 -4.23
C THR C 265 13.44 25.35 -3.50
N LEU C 266 12.15 25.60 -3.71
CA LEU C 266 11.49 26.73 -3.08
C LEU C 266 10.40 26.31 -2.09
N ASN C 267 10.31 27.05 -0.99
CA ASN C 267 9.30 26.79 0.00
C ASN C 267 8.61 28.14 0.17
N VAL C 268 7.50 28.33 -0.55
CA VAL C 268 6.75 29.57 -0.53
C VAL C 268 6.02 29.85 0.79
N GLY C 269 6.03 28.88 1.70
CA GLY C 269 5.38 29.08 2.97
C GLY C 269 3.86 28.97 3.04
N LEU C 270 3.28 28.10 2.23
CA LEU C 270 1.83 27.91 2.24
C LEU C 270 1.49 26.46 2.54
N GLU C 271 2.48 25.76 3.08
CA GLU C 271 2.38 24.34 3.44
C GLU C 271 2.41 23.40 2.23
N ARG C 272 1.56 22.38 2.26
CA ARG C 272 1.54 21.39 1.18
C ARG C 272 1.14 21.87 -0.21
N SER C 273 1.94 21.47 -1.20
CA SER C 273 1.70 21.84 -2.59
C SER C 273 0.83 20.76 -3.24
N TRP C 274 -0.24 21.17 -3.93
CA TRP C 274 -1.12 20.19 -4.56
C TRP C 274 -1.28 20.31 -6.07
N CYS C 275 -1.21 21.51 -6.60
CA CYS C 275 -1.39 21.66 -8.04
C CYS C 275 -0.45 22.65 -8.68
N ILE C 276 -0.26 22.48 -9.99
CA ILE C 276 0.66 23.29 -10.75
C ILE C 276 0.06 23.69 -12.09
N ALA C 277 0.54 24.81 -12.63
CA ALA C 277 0.12 25.30 -13.94
C ALA C 277 1.27 26.15 -14.46
N THR C 278 1.38 26.25 -15.77
CA THR C 278 2.43 27.07 -16.39
C THR C 278 1.73 27.87 -17.47
N HIS C 279 2.20 29.09 -17.73
CA HIS C 279 1.55 29.87 -18.74
C HIS C 279 1.62 29.11 -20.07
N PRO C 280 0.43 28.86 -20.67
CA PRO C 280 0.21 28.14 -21.93
C PRO C 280 0.86 28.73 -23.16
N THR C 281 1.84 29.60 -22.96
CA THR C 281 2.51 30.23 -24.08
C THR C 281 3.77 30.91 -23.55
N GLY C 282 4.09 30.56 -22.31
CA GLY C 282 5.28 31.06 -21.63
C GLY C 282 5.46 32.53 -21.36
N ARG C 283 4.37 33.30 -21.31
CA ARG C 283 4.51 34.72 -21.03
C ARG C 283 5.21 34.86 -19.68
N LYS C 284 6.26 35.67 -19.66
CA LYS C 284 7.07 35.92 -18.46
C LYS C 284 7.47 34.62 -17.73
N ASN C 285 7.42 33.51 -18.45
CA ASN C 285 7.74 32.21 -17.87
C ASN C 285 6.93 32.00 -16.59
N TYR C 286 5.69 32.48 -16.62
CA TYR C 286 4.79 32.35 -15.47
C TYR C 286 4.47 30.91 -15.09
N ILE C 287 4.36 30.67 -13.79
CA ILE C 287 3.97 29.37 -13.26
C ILE C 287 3.16 29.68 -12.01
N ALA C 288 2.33 28.74 -11.60
CA ALA C 288 1.50 28.90 -10.42
C ALA C 288 1.28 27.55 -9.78
N SER C 289 1.22 27.54 -8.45
CA SER C 289 1.00 26.31 -7.69
C SER C 289 0.00 26.56 -6.57
N GLY C 290 -0.81 25.53 -6.27
CA GLY C 290 -1.81 25.61 -5.23
C GLY C 290 -1.38 24.82 -4.00
N PHE C 291 -1.68 25.37 -2.83
CA PHE C 291 -1.28 24.78 -1.56
C PHE C 291 -2.40 24.72 -0.53
N ASP C 292 -2.11 24.07 0.60
CA ASP C 292 -3.02 23.98 1.71
C ASP C 292 -3.56 25.37 2.05
N ASN C 293 -2.65 26.35 2.08
CA ASN C 293 -3.02 27.72 2.45
C ASN C 293 -3.20 28.75 1.35
N GLY C 294 -3.15 28.32 0.09
CA GLY C 294 -3.36 29.26 -0.98
C GLY C 294 -2.54 29.00 -2.22
N PHE C 295 -2.35 30.03 -3.03
CA PHE C 295 -1.57 29.88 -4.23
C PHE C 295 -0.53 30.98 -4.38
N THR C 296 0.38 30.76 -5.32
CA THR C 296 1.42 31.71 -5.62
C THR C 296 1.66 31.59 -7.12
N VAL C 297 2.05 32.69 -7.74
CA VAL C 297 2.37 32.72 -9.15
C VAL C 297 3.73 33.37 -9.19
N LEU C 298 4.67 32.72 -9.85
CA LEU C 298 6.02 33.23 -9.94
C LEU C 298 6.42 33.41 -11.39
N SER C 299 7.40 34.27 -11.62
CA SER C 299 7.93 34.52 -12.95
C SER C 299 9.31 33.91 -12.90
N LEU C 300 9.65 33.07 -13.88
CA LEU C 300 10.96 32.42 -13.85
C LEU C 300 12.06 33.13 -14.62
N GLY C 301 11.73 34.16 -15.36
CA GLY C 301 12.75 34.88 -16.10
C GLY C 301 12.10 35.72 -17.18
N ASN C 302 12.88 36.62 -17.80
CA ASN C 302 12.32 37.46 -18.85
C ASN C 302 12.07 36.61 -20.09
N ASP C 303 11.03 36.95 -20.83
CA ASP C 303 10.65 36.20 -22.00
C ASP C 303 10.97 36.87 -23.33
N GLU C 304 12.06 37.65 -23.37
CA GLU C 304 12.43 38.33 -24.61
C GLU C 304 12.80 37.30 -25.68
N PRO C 305 12.30 37.48 -26.91
CA PRO C 305 12.64 36.53 -27.97
C PRO C 305 14.13 36.46 -28.28
N THR C 306 14.61 35.26 -28.57
CA THR C 306 16.01 35.09 -28.91
C THR C 306 16.12 35.16 -30.43
N LEU C 307 16.36 36.36 -30.93
CA LEU C 307 16.47 36.55 -32.37
C LEU C 307 17.31 37.78 -32.73
N SER C 308 17.69 37.86 -34.00
CA SER C 308 18.46 39.00 -34.50
C SER C 308 18.15 39.26 -35.96
N LEU C 309 18.18 40.54 -36.34
CA LEU C 309 17.90 40.94 -37.72
C LEU C 309 19.17 41.54 -38.30
N ASP C 310 19.68 40.98 -39.39
CA ASP C 310 20.90 41.51 -39.99
C ASP C 310 20.64 42.84 -40.72
N PRO C 311 21.71 43.53 -41.14
CA PRO C 311 21.57 44.81 -41.85
C PRO C 311 20.56 44.93 -42.99
N VAL C 312 20.42 43.92 -43.83
CA VAL C 312 19.48 44.01 -44.95
C VAL C 312 18.13 43.33 -44.85
N GLY C 313 17.87 42.63 -43.74
CA GLY C 313 16.57 42.00 -43.60
C GLY C 313 16.58 40.50 -43.35
N LYS C 314 17.75 39.94 -43.07
CA LYS C 314 17.86 38.52 -42.79
C LYS C 314 17.63 38.29 -41.29
N LEU C 315 16.50 37.66 -41.00
CA LEU C 315 16.12 37.38 -39.63
C LEU C 315 16.55 35.98 -39.21
N VAL C 316 17.10 35.89 -38.00
CA VAL C 316 17.55 34.60 -37.47
C VAL C 316 17.03 34.48 -36.04
N TRP C 317 16.50 33.32 -35.69
CA TRP C 317 15.98 33.10 -34.35
C TRP C 317 16.11 31.64 -33.93
N SER C 318 16.05 31.40 -32.63
CA SER C 318 16.15 30.05 -32.11
C SER C 318 14.82 29.62 -31.49
N GLY C 319 14.56 28.31 -31.52
CA GLY C 319 13.34 27.77 -30.92
C GLY C 319 12.06 27.84 -31.72
N GLY C 320 10.98 28.21 -31.03
CA GLY C 320 9.68 28.30 -31.66
C GLY C 320 8.85 27.08 -31.34
N LYS C 321 7.59 27.07 -31.78
CA LYS C 321 6.71 25.93 -31.54
C LYS C 321 6.98 24.86 -32.60
N ASN C 322 6.92 23.60 -32.17
CA ASN C 322 7.16 22.47 -33.06
C ASN C 322 8.63 22.46 -33.48
N ALA C 323 9.50 22.87 -32.56
CA ALA C 323 10.93 22.92 -32.83
C ALA C 323 11.74 22.91 -31.54
N ALA C 324 12.89 22.23 -31.59
CA ALA C 324 13.78 22.15 -30.43
C ALA C 324 14.26 23.56 -30.10
N ALA C 325 14.49 23.81 -28.80
CA ALA C 325 14.95 25.12 -28.37
C ALA C 325 16.29 25.44 -29.01
N SER C 326 17.10 24.41 -29.21
CA SER C 326 18.42 24.56 -29.80
C SER C 326 18.40 24.52 -31.32
N ASP C 327 17.24 24.80 -31.89
CA ASP C 327 17.08 24.81 -33.34
C ASP C 327 17.12 26.25 -33.83
N ILE C 328 17.95 26.50 -34.82
CA ILE C 328 18.09 27.83 -35.39
C ILE C 328 17.40 27.91 -36.75
N PHE C 329 16.64 28.98 -36.96
CA PHE C 329 15.93 29.16 -38.22
C PHE C 329 16.23 30.53 -38.81
N THR C 330 15.78 30.76 -40.04
CA THR C 330 16.02 32.05 -40.66
C THR C 330 15.04 32.32 -41.79
N ALA C 331 14.70 33.59 -41.96
CA ALA C 331 13.77 33.98 -43.00
C ALA C 331 14.14 35.38 -43.47
N VAL C 332 13.93 35.66 -44.75
CA VAL C 332 14.26 36.96 -45.29
C VAL C 332 13.04 37.86 -45.47
N ILE C 333 13.15 39.08 -44.94
CA ILE C 333 12.09 40.05 -45.08
C ILE C 333 12.33 40.69 -46.43
N ARG C 334 11.29 40.75 -47.26
CA ARG C 334 11.43 41.34 -48.59
C ARG C 334 10.45 42.50 -48.75
N GLY C 335 10.70 43.36 -49.74
CA GLY C 335 9.80 44.49 -49.93
C GLY C 335 8.38 44.00 -50.09
N ASN C 336 8.22 42.84 -50.71
CA ASN C 336 6.93 42.21 -50.98
C ASN C 336 5.93 42.35 -49.85
N GLU C 337 5.86 41.31 -49.03
CA GLU C 337 4.95 41.26 -47.89
C GLU C 337 3.80 42.24 -47.95
N GLU C 338 2.75 41.89 -48.68
CA GLU C 338 1.60 42.77 -48.79
C GLU C 338 0.63 42.42 -47.66
N VAL C 339 0.83 43.10 -46.54
CA VAL C 339 0.03 42.91 -45.34
C VAL C 339 -0.12 44.29 -44.69
N GLU C 340 -0.90 44.38 -43.61
CA GLU C 340 -1.09 45.66 -42.95
C GLU C 340 -0.27 45.86 -41.68
N GLN C 341 -0.20 47.12 -41.24
CA GLN C 341 0.56 47.50 -40.06
C GLN C 341 0.08 46.80 -38.79
N ASP C 342 -1.05 46.10 -38.87
CA ASP C 342 -1.58 45.41 -37.69
C ASP C 342 -1.60 43.89 -37.81
N GLU C 343 -1.10 43.36 -38.92
CA GLU C 343 -1.06 41.91 -39.13
C GLU C 343 0.38 41.43 -39.27
N PRO C 344 0.69 40.25 -38.72
CA PRO C 344 2.04 39.69 -38.80
C PRO C 344 2.42 39.31 -40.23
N LEU C 345 3.68 39.50 -40.60
CA LEU C 345 4.15 39.17 -41.95
C LEU C 345 4.31 37.67 -42.16
N SER C 346 4.25 37.26 -43.42
CA SER C 346 4.42 35.86 -43.79
C SER C 346 5.79 35.72 -44.44
N LEU C 347 6.74 35.13 -43.69
CA LEU C 347 8.08 34.96 -44.19
C LEU C 347 8.39 33.49 -44.41
N GLN C 348 9.14 33.19 -45.47
CA GLN C 348 9.52 31.80 -45.76
C GLN C 348 10.51 31.34 -44.71
N THR C 349 10.09 30.41 -43.86
CA THR C 349 11.00 29.93 -42.83
C THR C 349 11.87 28.82 -43.38
N LYS C 350 13.09 28.74 -42.87
CA LYS C 350 14.05 27.72 -43.31
C LYS C 350 14.92 27.33 -42.13
N GLU C 351 15.44 26.12 -42.16
CA GLU C 351 16.29 25.65 -41.09
C GLU C 351 17.74 26.06 -41.35
N LEU C 352 18.28 26.88 -40.46
CA LEU C 352 19.65 27.34 -40.63
C LEU C 352 20.64 26.36 -40.03
N GLY C 353 20.25 25.74 -38.93
CA GLY C 353 21.12 24.77 -38.27
C GLY C 353 20.72 24.54 -36.84
N SER C 354 21.52 23.79 -36.09
CA SER C 354 21.22 23.54 -34.69
C SER C 354 22.38 23.99 -33.85
N VAL C 355 22.23 23.89 -32.53
CA VAL C 355 23.27 24.33 -31.60
C VAL C 355 23.29 23.45 -30.37
N ASP C 356 24.47 23.29 -29.79
CA ASP C 356 24.64 22.44 -28.62
C ASP C 356 24.08 22.95 -27.29
N VAL C 357 24.00 24.26 -27.10
CA VAL C 357 23.47 24.78 -25.85
C VAL C 357 22.06 25.33 -25.96
N PHE C 358 21.47 25.67 -24.82
CA PHE C 358 20.13 26.25 -24.76
C PHE C 358 20.31 27.74 -25.04
N PRO C 359 19.98 28.18 -26.26
CA PRO C 359 20.13 29.58 -26.63
C PRO C 359 19.50 30.58 -25.66
N GLN C 360 20.33 31.49 -25.14
CA GLN C 360 19.84 32.54 -24.24
C GLN C 360 19.87 33.89 -24.96
N SER C 361 20.86 34.06 -25.83
CA SER C 361 21.01 35.27 -26.63
C SER C 361 21.49 34.89 -28.04
N LEU C 362 21.03 35.64 -29.03
CA LEU C 362 21.35 35.40 -30.43
C LEU C 362 21.71 36.75 -31.03
N ALA C 363 22.92 36.87 -31.60
CA ALA C 363 23.33 38.16 -32.17
C ALA C 363 24.25 38.14 -33.40
N HIS C 364 23.83 38.84 -34.45
CA HIS C 364 24.64 38.94 -35.66
C HIS C 364 25.83 39.83 -35.33
N SER C 365 26.94 39.65 -36.05
CA SER C 365 28.06 40.54 -35.88
C SER C 365 27.53 41.77 -36.61
N PRO C 366 28.04 42.98 -36.28
CA PRO C 366 27.51 44.17 -36.99
C PRO C 366 27.44 43.95 -38.50
N ASN C 367 28.28 43.04 -38.96
CA ASN C 367 28.39 42.61 -40.36
C ASN C 367 27.11 41.98 -40.91
N GLY C 368 26.72 40.87 -40.29
CA GLY C 368 25.57 40.10 -40.70
C GLY C 368 26.13 38.76 -41.12
N ARG C 369 27.46 38.75 -41.26
CA ARG C 369 28.24 37.59 -41.67
C ARG C 369 28.35 36.50 -40.61
N PHE C 370 28.29 36.89 -39.35
CA PHE C 370 28.39 35.92 -38.27
C PHE C 370 27.21 36.05 -37.32
N VAL C 371 26.89 34.94 -36.66
CA VAL C 371 25.81 34.89 -35.69
C VAL C 371 26.36 34.21 -34.45
N THR C 372 26.23 34.88 -33.30
CA THR C 372 26.75 34.30 -32.07
C THR C 372 25.58 33.88 -31.18
N VAL C 373 25.75 32.72 -30.54
CA VAL C 373 24.75 32.16 -29.66
C VAL C 373 25.39 31.91 -28.31
N VAL C 374 24.88 32.57 -27.28
CA VAL C 374 25.41 32.40 -25.92
C VAL C 374 24.43 31.52 -25.19
N GLY C 375 24.94 30.50 -24.52
CA GLY C 375 24.07 29.58 -23.79
C GLY C 375 24.72 28.96 -22.57
N ASP C 376 24.20 29.34 -21.40
CA ASP C 376 24.70 28.87 -20.11
C ASP C 376 26.20 28.63 -20.02
N GLY C 377 26.93 29.71 -19.74
CA GLY C 377 28.38 29.64 -19.61
C GLY C 377 29.14 29.31 -20.86
N GLU C 378 28.51 29.45 -22.03
CA GLU C 378 29.17 29.14 -23.29
C GLU C 378 28.75 30.06 -24.43
N TYR C 379 29.55 30.04 -25.49
CA TYR C 379 29.29 30.83 -26.68
C TYR C 379 29.83 30.06 -27.87
N VAL C 380 29.14 30.21 -29.00
CA VAL C 380 29.53 29.55 -30.23
C VAL C 380 29.27 30.56 -31.32
N ILE C 381 30.15 30.62 -32.31
CA ILE C 381 29.96 31.55 -33.42
C ILE C 381 29.84 30.77 -34.72
N TYR C 382 28.91 31.17 -35.57
CA TYR C 382 28.75 30.51 -36.85
C TYR C 382 28.64 31.53 -37.95
N THR C 383 28.89 31.06 -39.17
CA THR C 383 28.77 31.91 -40.34
C THR C 383 27.28 31.99 -40.63
N ALA C 384 26.74 33.20 -40.67
CA ALA C 384 25.32 33.43 -40.95
C ALA C 384 24.87 32.57 -42.12
N LEU C 385 25.68 32.53 -43.16
CA LEU C 385 25.35 31.73 -44.33
C LEU C 385 26.07 30.39 -44.19
N ALA C 386 25.36 29.32 -44.52
CA ALA C 386 25.92 27.96 -44.46
C ALA C 386 26.14 27.40 -43.06
N TRP C 387 26.17 28.28 -42.07
CA TRP C 387 26.33 27.86 -40.68
C TRP C 387 27.59 27.02 -40.38
N ARG C 388 28.78 27.56 -40.68
CA ARG C 388 30.03 26.84 -40.39
C ARG C 388 30.56 27.35 -39.06
N ASN C 389 30.95 26.44 -38.18
CA ASN C 389 31.46 26.85 -36.88
C ASN C 389 32.78 27.60 -36.94
N LYS C 390 32.80 28.78 -36.30
CA LYS C 390 33.98 29.64 -36.27
C LYS C 390 34.70 29.60 -34.94
N ALA C 391 33.97 29.58 -33.85
CA ALA C 391 34.58 29.55 -32.54
C ALA C 391 33.62 29.05 -31.47
N PHE C 392 34.16 28.83 -30.27
CA PHE C 392 33.37 28.35 -29.15
C PHE C 392 34.24 28.27 -27.92
N GLY C 393 33.68 28.67 -26.77
CA GLY C 393 34.43 28.63 -25.53
C GLY C 393 33.51 28.88 -24.35
N LYS C 394 34.09 29.10 -23.18
CA LYS C 394 33.30 29.37 -21.98
C LYS C 394 33.15 30.88 -21.89
N CYS C 395 31.95 31.34 -21.51
CA CYS C 395 31.74 32.78 -21.39
C CYS C 395 30.49 33.16 -20.60
N GLN C 396 30.56 34.27 -19.89
CA GLN C 396 29.45 34.77 -19.10
C GLN C 396 28.70 35.89 -19.84
N ASP C 397 29.38 36.53 -20.79
CA ASP C 397 28.80 37.57 -21.62
C ASP C 397 29.62 37.70 -22.90
N PHE C 398 29.01 38.20 -23.96
CA PHE C 398 29.68 38.33 -25.27
C PHE C 398 29.16 39.55 -26.05
N VAL C 399 30.06 40.25 -26.72
CA VAL C 399 29.67 41.40 -27.56
C VAL C 399 30.60 41.55 -28.75
N TRP C 400 30.03 41.97 -29.88
CA TRP C 400 30.79 42.16 -31.11
C TRP C 400 31.52 43.50 -31.18
N GLY C 401 32.74 43.48 -31.72
CA GLY C 401 33.48 44.71 -31.89
C GLY C 401 32.91 45.38 -33.11
N PRO C 402 33.05 46.71 -33.27
CA PRO C 402 32.50 47.41 -34.44
C PRO C 402 33.04 46.78 -35.71
N ASP C 403 34.13 46.06 -35.52
CA ASP C 403 34.91 45.36 -36.53
C ASP C 403 34.21 44.28 -37.36
N SER C 404 33.41 43.46 -36.68
CA SER C 404 32.72 42.34 -37.28
C SER C 404 33.73 41.21 -37.38
N ASN C 405 34.89 41.45 -36.79
CA ASN C 405 35.93 40.43 -36.75
C ASN C 405 36.74 40.56 -35.46
N SER C 406 36.04 40.91 -34.39
CA SER C 406 36.63 41.04 -33.07
C SER C 406 35.48 40.99 -32.08
N TYR C 407 35.79 40.67 -30.83
CA TYR C 407 34.77 40.59 -29.80
C TYR C 407 35.33 40.49 -28.40
N ALA C 408 34.51 40.88 -27.43
CA ALA C 408 34.91 40.85 -26.04
C ALA C 408 33.95 39.93 -25.28
N LEU C 409 34.44 39.33 -24.22
CA LEU C 409 33.60 38.45 -23.44
C LEU C 409 34.15 38.36 -22.01
N ILE C 410 33.35 37.78 -21.14
CA ILE C 410 33.71 37.60 -19.75
C ILE C 410 33.87 36.10 -19.60
N ASP C 411 35.08 35.63 -19.33
CA ASP C 411 35.30 34.20 -19.18
C ASP C 411 34.67 33.71 -17.88
N GLU C 412 34.99 32.48 -17.51
CA GLU C 412 34.43 31.88 -16.29
C GLU C 412 35.11 32.33 -15.00
N THR C 413 36.25 32.99 -15.08
CA THR C 413 36.93 33.48 -13.89
C THR C 413 36.49 34.92 -13.61
N GLY C 414 35.53 35.38 -14.42
CA GLY C 414 34.99 36.73 -14.27
C GLY C 414 35.73 37.86 -14.95
N GLN C 415 36.66 37.54 -15.85
CA GLN C 415 37.42 38.58 -16.53
C GLN C 415 37.11 38.78 -18.00
N ILE C 416 37.41 40.00 -18.49
CA ILE C 416 37.19 40.38 -19.87
C ILE C 416 38.35 39.96 -20.73
N LYS C 417 38.04 39.39 -21.89
CA LYS C 417 39.06 38.93 -22.82
C LYS C 417 38.72 39.54 -24.17
N TYR C 418 39.75 39.85 -24.96
CA TYR C 418 39.53 40.45 -26.26
C TYR C 418 40.00 39.50 -27.34
N TYR C 419 39.21 39.39 -28.40
CA TYR C 419 39.52 38.49 -29.51
C TYR C 419 39.51 39.22 -30.84
N LYS C 420 40.48 38.89 -31.69
CA LYS C 420 40.55 39.46 -33.02
C LYS C 420 40.65 38.27 -33.96
N ASN C 421 39.78 38.24 -34.96
CA ASN C 421 39.77 37.16 -35.93
C ASN C 421 39.70 35.80 -35.24
N PHE C 422 38.85 35.71 -34.23
CA PHE C 422 38.67 34.49 -33.46
C PHE C 422 39.93 34.04 -32.74
N LYS C 423 40.82 34.98 -32.44
CA LYS C 423 42.06 34.67 -31.75
C LYS C 423 42.23 35.62 -30.56
N GLU C 424 42.40 35.06 -29.37
CA GLU C 424 42.56 35.88 -28.18
C GLU C 424 43.72 36.85 -28.36
N VAL C 425 43.55 38.07 -27.86
CA VAL C 425 44.58 39.08 -27.96
C VAL C 425 45.23 39.31 -26.59
N THR C 426 46.03 38.34 -26.15
CA THR C 426 46.72 38.49 -24.87
C THR C 426 47.42 39.83 -25.00
N SER C 427 47.78 40.45 -23.87
CA SER C 427 48.44 41.76 -23.87
C SER C 427 47.41 42.88 -23.90
N TRP C 428 46.18 42.55 -24.29
CA TRP C 428 45.07 43.50 -24.31
C TRP C 428 44.34 43.32 -22.99
N SER C 429 44.03 44.40 -22.30
CA SER C 429 43.35 44.26 -21.04
C SER C 429 42.64 45.50 -20.56
N VAL C 430 41.67 45.28 -19.66
CA VAL C 430 40.89 46.33 -19.06
C VAL C 430 40.70 45.92 -17.60
N PRO C 431 41.70 46.21 -16.75
CA PRO C 431 41.60 45.85 -15.33
C PRO C 431 40.41 46.55 -14.66
N MET C 432 39.56 45.77 -14.00
CA MET C 432 38.39 46.31 -13.32
C MET C 432 38.54 46.11 -11.82
N HIS C 433 38.18 47.13 -11.05
CA HIS C 433 38.28 47.05 -9.59
C HIS C 433 37.17 46.23 -8.94
N SER C 434 35.99 46.21 -9.56
CA SER C 434 34.86 45.46 -9.02
C SER C 434 34.32 44.47 -10.03
N ALA C 435 33.33 43.69 -9.62
CA ALA C 435 32.72 42.68 -10.49
C ALA C 435 32.04 43.28 -11.72
N ILE C 436 32.23 42.60 -12.86
CA ILE C 436 31.64 43.02 -14.12
C ILE C 436 30.20 42.51 -14.18
N ASP C 437 29.25 43.39 -14.44
CA ASP C 437 27.85 42.94 -14.53
C ASP C 437 27.60 42.39 -15.94
N ARG C 438 28.00 43.16 -16.95
CA ARG C 438 27.82 42.76 -18.33
C ARG C 438 28.52 43.74 -19.27
N LEU C 439 28.57 43.39 -20.55
CA LEU C 439 29.21 44.23 -21.55
C LEU C 439 28.18 44.81 -22.50
N PHE C 440 28.61 45.79 -23.29
CA PHE C 440 27.76 46.44 -24.28
C PHE C 440 28.62 46.67 -25.53
N SER C 441 28.05 46.44 -26.71
CA SER C 441 28.83 46.68 -27.92
C SER C 441 28.57 48.13 -28.35
N GLY C 442 29.12 48.51 -29.50
CA GLY C 442 28.95 49.87 -29.99
C GLY C 442 30.28 50.50 -30.37
N ALA C 443 30.33 51.83 -30.40
CA ALA C 443 31.53 52.56 -30.76
C ALA C 443 32.70 52.30 -29.82
N LEU C 444 32.40 52.04 -28.55
CA LEU C 444 33.42 51.75 -27.54
C LEU C 444 32.90 50.60 -26.72
N LEU C 445 33.80 49.82 -26.13
CA LEU C 445 33.41 48.69 -25.31
C LEU C 445 32.68 49.23 -24.08
N GLY C 446 31.45 48.76 -23.87
CA GLY C 446 30.68 49.19 -22.71
C GLY C 446 30.72 48.11 -21.66
N VAL C 447 31.04 48.47 -20.43
CA VAL C 447 31.09 47.50 -19.34
C VAL C 447 30.43 48.03 -18.06
N LYS C 448 29.36 47.36 -17.63
CA LYS C 448 28.65 47.77 -16.43
C LYS C 448 29.23 47.16 -15.16
N SER C 449 29.38 48.00 -14.14
CA SER C 449 29.95 47.56 -12.88
C SER C 449 29.86 48.63 -11.79
N ASP C 450 29.79 48.19 -10.54
CA ASP C 450 29.75 49.11 -9.41
C ASP C 450 28.67 50.17 -9.57
N GLY C 451 27.66 49.88 -10.38
CA GLY C 451 26.58 50.85 -10.60
C GLY C 451 26.86 51.87 -11.68
N PHE C 452 28.07 51.84 -12.25
CA PHE C 452 28.43 52.78 -13.32
C PHE C 452 28.55 52.04 -14.65
N VAL C 453 28.75 52.81 -15.71
CA VAL C 453 28.96 52.26 -17.05
C VAL C 453 30.32 52.77 -17.48
N TYR C 454 31.25 51.86 -17.77
CA TYR C 454 32.58 52.24 -18.22
C TYR C 454 32.74 51.99 -19.72
N PHE C 455 33.27 52.99 -20.41
CA PHE C 455 33.52 52.86 -21.84
C PHE C 455 35.04 52.76 -22.07
N PHE C 456 35.43 51.79 -22.88
CA PHE C 456 36.83 51.60 -23.19
C PHE C 456 37.06 51.61 -24.67
N ASP C 457 38.31 51.89 -25.04
CA ASP C 457 38.75 51.94 -26.42
C ASP C 457 38.92 50.47 -26.84
N TRP C 458 38.32 50.07 -27.96
CA TRP C 458 38.42 48.67 -28.38
C TRP C 458 39.85 48.18 -28.65
N ASP C 459 40.65 49.01 -29.28
CA ASP C 459 42.02 48.65 -29.63
C ASP C 459 42.97 48.40 -28.48
N ASN C 460 43.02 49.30 -27.51
CA ASN C 460 43.94 49.19 -26.39
C ASN C 460 43.29 49.06 -25.03
N GLY C 461 41.97 49.13 -25.00
CA GLY C 461 41.26 49.01 -23.73
C GLY C 461 41.47 50.17 -22.77
N THR C 462 41.84 51.33 -23.29
CA THR C 462 42.05 52.47 -22.40
C THR C 462 40.70 53.08 -22.03
N LEU C 463 40.56 53.48 -20.77
CA LEU C 463 39.31 54.08 -20.31
C LEU C 463 39.07 55.40 -21.01
N VAL C 464 37.88 55.56 -21.57
CA VAL C 464 37.56 56.82 -22.24
C VAL C 464 36.68 57.69 -21.36
N ARG C 465 35.78 57.06 -20.62
CA ARG C 465 34.87 57.80 -19.79
C ARG C 465 34.06 56.86 -18.91
N ARG C 466 33.69 57.34 -17.73
CA ARG C 466 32.85 56.56 -16.84
C ARG C 466 31.53 57.32 -16.74
N ILE C 467 30.42 56.63 -16.95
CA ILE C 467 29.11 57.27 -16.86
C ILE C 467 28.50 56.87 -15.53
N ASP C 468 27.97 57.85 -14.81
CA ASP C 468 27.39 57.59 -13.50
C ASP C 468 25.91 57.21 -13.47
N VAL C 469 25.48 56.36 -14.38
CA VAL C 469 24.09 55.91 -14.39
C VAL C 469 24.07 54.40 -14.29
N ASN C 470 23.03 53.86 -13.66
CA ASN C 470 22.87 52.41 -13.50
C ASN C 470 22.13 51.90 -14.73
N ALA C 471 22.88 51.77 -15.81
CA ALA C 471 22.36 51.36 -17.11
C ALA C 471 21.79 49.95 -17.21
N LYS C 472 20.69 49.85 -17.95
CA LYS C 472 19.99 48.61 -18.20
C LYS C 472 20.42 48.17 -19.59
N ASP C 473 20.83 49.14 -20.40
CA ASP C 473 21.27 48.88 -21.77
C ASP C 473 21.94 50.09 -22.37
N VAL C 474 22.81 49.86 -23.34
CA VAL C 474 23.52 50.94 -24.02
C VAL C 474 23.29 50.73 -25.51
N ILE C 475 22.91 51.78 -26.22
CA ILE C 475 22.60 51.68 -27.64
C ILE C 475 23.23 52.80 -28.49
N TRP C 476 24.27 52.45 -29.24
CA TRP C 476 24.95 53.43 -30.08
C TRP C 476 24.29 53.64 -31.43
N SER C 477 24.37 54.88 -31.93
CA SER C 477 23.82 55.19 -33.24
C SER C 477 24.77 54.64 -34.29
N ASP C 478 24.29 54.59 -35.53
CA ASP C 478 25.06 54.05 -36.64
C ASP C 478 26.50 54.59 -36.78
N ASN C 479 26.65 55.91 -36.78
CA ASN C 479 27.97 56.51 -36.93
C ASN C 479 28.76 56.64 -35.62
N GLY C 480 28.26 56.05 -34.55
CA GLY C 480 28.97 56.12 -33.28
C GLY C 480 29.17 57.50 -32.66
N GLU C 481 28.28 58.44 -32.96
CA GLU C 481 28.40 59.76 -32.37
C GLU C 481 27.35 59.98 -31.29
N LEU C 482 26.23 59.29 -31.42
CA LEU C 482 25.16 59.38 -30.44
C LEU C 482 25.02 58.06 -29.71
N VAL C 483 24.58 58.11 -28.46
CA VAL C 483 24.40 56.90 -27.68
C VAL C 483 23.31 57.11 -26.67
N MET C 484 22.41 56.13 -26.60
CA MET C 484 21.29 56.17 -25.66
C MET C 484 21.66 55.25 -24.52
N ILE C 485 21.53 55.75 -23.30
CA ILE C 485 21.85 54.94 -22.13
C ILE C 485 20.55 54.73 -21.38
N VAL C 486 20.02 53.51 -21.44
CA VAL C 486 18.78 53.18 -20.76
C VAL C 486 19.01 52.96 -19.27
N ASN C 487 18.39 53.81 -18.48
CA ASN C 487 18.48 53.75 -17.03
C ASN C 487 17.66 52.57 -16.50
N THR C 488 18.16 51.91 -15.46
CA THR C 488 17.45 50.79 -14.86
C THR C 488 16.19 51.34 -14.21
N ASN C 489 16.29 52.58 -13.75
CA ASN C 489 15.18 53.30 -13.11
C ASN C 489 14.27 52.40 -12.28
N SER C 490 14.84 51.83 -11.22
CA SER C 490 14.08 50.97 -10.33
C SER C 490 13.18 51.78 -9.38
N ASN C 491 13.11 53.09 -9.62
CA ASN C 491 12.32 54.01 -8.82
C ASN C 491 12.98 54.24 -7.44
N GLU C 494 13.27 58.88 -11.61
CA GLU C 494 14.32 59.50 -12.42
C GLU C 494 14.21 59.17 -13.91
N ALA C 495 15.02 59.84 -14.73
CA ALA C 495 15.02 59.67 -16.19
C ALA C 495 15.13 58.20 -16.63
N SER C 496 14.32 57.83 -17.62
CA SER C 496 14.31 56.46 -18.11
C SER C 496 15.49 56.18 -19.06
N GLY C 497 16.05 57.24 -19.64
CA GLY C 497 17.16 57.08 -20.55
C GLY C 497 17.93 58.36 -20.76
N TYR C 498 19.20 58.25 -21.15
CA TYR C 498 20.01 59.44 -21.39
C TYR C 498 20.67 59.45 -22.76
N THR C 499 20.56 60.59 -23.44
CA THR C 499 21.12 60.79 -24.75
C THR C 499 22.44 61.54 -24.60
N LEU C 500 23.52 60.99 -25.13
CA LEU C 500 24.82 61.62 -25.02
C LEU C 500 25.54 61.69 -26.35
N LEU C 501 26.31 62.76 -26.56
CA LEU C 501 27.06 62.93 -27.77
C LEU C 501 28.51 62.50 -27.49
N PHE C 502 29.14 61.84 -28.46
CA PHE C 502 30.52 61.38 -28.27
C PHE C 502 31.50 62.10 -29.19
N ASN C 503 32.41 62.85 -28.57
CA ASN C 503 33.43 63.59 -29.31
C ASN C 503 34.73 62.78 -29.33
N LYS C 504 34.88 61.91 -30.34
CA LYS C 504 36.05 61.07 -30.46
C LYS C 504 37.36 61.85 -30.50
N ASP C 505 37.29 63.09 -31.00
CA ASP C 505 38.47 63.94 -31.08
C ASP C 505 38.92 64.43 -29.72
N ALA C 506 37.97 64.79 -28.88
CA ALA C 506 38.33 65.28 -27.55
C ALA C 506 39.05 64.17 -26.79
N TYR C 507 38.66 62.92 -27.03
CA TYR C 507 39.27 61.77 -26.37
C TYR C 507 40.64 61.46 -26.93
N LEU C 508 40.79 61.52 -28.25
CA LEU C 508 42.06 61.23 -28.89
C LEU C 508 43.12 62.25 -28.48
N GLU C 509 42.69 63.50 -28.32
CA GLU C 509 43.55 64.60 -27.92
C GLU C 509 44.05 64.33 -26.51
N ALA C 510 43.10 64.15 -25.59
CA ALA C 510 43.42 63.90 -24.20
C ALA C 510 44.32 62.67 -24.07
N ALA C 511 44.05 61.64 -24.86
CA ALA C 511 44.89 60.44 -24.79
C ALA C 511 46.31 60.78 -25.21
N ASN C 512 46.41 61.71 -26.14
CA ASN C 512 47.70 62.15 -26.65
C ASN C 512 48.45 62.97 -25.59
N ASN C 513 47.73 63.71 -24.77
CA ASN C 513 48.34 64.52 -23.71
C ASN C 513 48.82 63.65 -22.54
N GLY C 514 48.22 62.49 -22.37
CA GLY C 514 48.60 61.62 -21.26
C GLY C 514 47.93 62.07 -19.96
N ASN C 515 46.93 62.93 -20.09
CA ASN C 515 46.19 63.50 -18.97
C ASN C 515 44.96 62.75 -18.45
N ILE C 516 44.55 61.68 -19.13
CA ILE C 516 43.34 60.97 -18.71
C ILE C 516 43.27 60.50 -17.27
N ASP C 517 42.17 60.83 -16.60
CA ASP C 517 41.93 60.42 -15.22
C ASP C 517 41.51 58.96 -15.22
N ASP C 518 42.13 58.17 -14.35
CA ASP C 518 41.84 56.74 -14.27
C ASP C 518 40.51 56.33 -13.69
N SER C 519 39.85 57.22 -12.98
CA SER C 519 38.59 56.85 -12.38
C SER C 519 37.38 57.22 -13.21
N GLU C 520 37.48 58.32 -13.95
CA GLU C 520 36.35 58.76 -14.76
C GLU C 520 36.65 59.05 -16.22
N GLY C 521 37.92 58.98 -16.59
CA GLY C 521 38.27 59.25 -17.97
C GLY C 521 38.19 60.70 -18.38
N VAL C 522 37.86 60.92 -19.65
CA VAL C 522 37.77 62.26 -20.23
C VAL C 522 36.40 62.92 -20.16
N ASP C 523 36.32 64.00 -19.40
CA ASP C 523 35.08 64.75 -19.23
C ASP C 523 34.54 65.32 -20.56
N GLU C 524 35.44 65.81 -21.42
CA GLU C 524 35.04 66.39 -22.71
C GLU C 524 34.68 65.35 -23.76
N ALA C 525 34.97 64.09 -23.47
CA ALA C 525 34.68 63.02 -24.41
C ALA C 525 33.19 62.90 -24.66
N PHE C 526 32.38 63.27 -23.67
CA PHE C 526 30.94 63.19 -23.81
C PHE C 526 30.21 64.45 -23.40
N ASP C 527 28.98 64.59 -23.90
CA ASP C 527 28.11 65.72 -23.58
C ASP C 527 26.71 65.14 -23.40
N VAL C 528 26.03 65.55 -22.33
CA VAL C 528 24.67 65.07 -22.08
C VAL C 528 23.67 65.94 -22.83
N LEU C 529 22.97 65.37 -23.80
CA LEU C 529 21.98 66.13 -24.57
C LEU C 529 20.65 66.24 -23.86
N TYR C 530 19.88 65.15 -23.86
CA TYR C 530 18.58 65.14 -23.20
C TYR C 530 18.37 63.87 -22.39
N GLU C 531 17.16 63.73 -21.86
CA GLU C 531 16.80 62.55 -21.09
C GLU C 531 15.32 62.22 -21.28
N LEU C 532 15.01 60.94 -21.48
CA LEU C 532 13.64 60.52 -21.69
C LEU C 532 12.85 60.27 -20.42
N SER C 533 11.53 60.28 -20.56
CA SER C 533 10.66 60.04 -19.44
C SER C 533 10.02 58.68 -19.62
N GLU C 534 9.58 58.38 -20.83
CA GLU C 534 8.94 57.10 -21.10
C GLU C 534 9.90 55.91 -21.04
N SER C 535 9.36 54.78 -20.61
CA SER C 535 10.14 53.56 -20.48
C SER C 535 10.65 53.10 -21.84
N ILE C 536 11.83 52.46 -21.82
CA ILE C 536 12.44 51.96 -23.04
C ILE C 536 12.65 50.45 -22.96
N THR C 537 11.92 49.72 -23.80
CA THR C 537 11.99 48.27 -23.85
C THR C 537 12.97 47.82 -24.92
N SER C 538 13.15 48.67 -25.92
CA SER C 538 14.07 48.40 -27.02
C SER C 538 14.09 49.65 -27.89
N GLY C 539 15.19 49.82 -28.62
CA GLY C 539 15.30 50.97 -29.49
C GLY C 539 16.44 50.81 -30.45
N LYS C 540 16.42 51.58 -31.53
CA LYS C 540 17.46 51.57 -32.53
C LYS C 540 17.56 53.01 -33.00
N TRP C 541 18.74 53.43 -33.44
CA TRP C 541 18.87 54.79 -33.94
C TRP C 541 18.67 54.79 -35.45
N VAL C 542 18.07 55.85 -35.98
CA VAL C 542 17.91 55.99 -37.41
C VAL C 542 18.36 57.42 -37.71
N GLY C 543 19.68 57.63 -37.69
CA GLY C 543 20.25 58.95 -37.96
C GLY C 543 19.77 60.06 -37.05
N ASP C 544 20.32 60.12 -35.84
CA ASP C 544 19.96 61.16 -34.86
C ASP C 544 18.60 60.99 -34.23
N VAL C 545 17.72 60.17 -34.82
CA VAL C 545 16.42 59.96 -34.21
C VAL C 545 16.35 58.56 -33.59
N PHE C 546 16.06 58.51 -32.30
CA PHE C 546 15.97 57.25 -31.56
C PHE C 546 14.53 56.71 -31.57
N ILE C 547 14.33 55.57 -32.21
CA ILE C 547 13.02 54.95 -32.29
C ILE C 547 13.00 53.90 -31.18
N PHE C 548 11.87 53.74 -30.49
CA PHE C 548 11.83 52.79 -29.41
C PHE C 548 10.46 52.28 -29.01
N THR C 549 10.45 51.16 -28.29
CA THR C 549 9.23 50.54 -27.78
C THR C 549 9.16 50.84 -26.28
N THR C 550 7.94 50.96 -25.77
CA THR C 550 7.72 51.26 -24.37
C THR C 550 7.13 50.09 -23.55
N ALA C 551 7.21 50.20 -22.24
CA ALA C 551 6.70 49.16 -21.35
C ALA C 551 5.19 49.10 -21.45
N THR C 552 4.61 50.15 -21.99
CA THR C 552 3.17 50.26 -22.15
C THR C 552 2.69 49.82 -23.53
N ASN C 553 3.59 49.21 -24.30
CA ASN C 553 3.26 48.71 -25.63
C ASN C 553 3.18 49.75 -26.73
N ARG C 554 3.80 50.91 -26.52
CA ARG C 554 3.77 51.95 -27.54
C ARG C 554 5.05 51.96 -28.38
N LEU C 555 4.90 52.40 -29.63
CA LEU C 555 6.03 52.54 -30.55
C LEU C 555 6.22 54.04 -30.74
N ASN C 556 7.25 54.60 -30.09
CA ASN C 556 7.53 56.04 -30.17
C ASN C 556 8.90 56.32 -30.77
N TYR C 557 9.21 57.59 -30.93
CA TYR C 557 10.53 58.00 -31.40
C TYR C 557 10.92 59.28 -30.71
N PHE C 558 12.21 59.40 -30.42
CA PHE C 558 12.75 60.54 -29.70
C PHE C 558 13.74 61.34 -30.55
N VAL C 559 13.61 62.66 -30.54
CA VAL C 559 14.50 63.55 -31.29
C VAL C 559 14.53 64.95 -30.69
N GLY C 560 15.72 65.52 -30.64
CA GLY C 560 15.89 66.86 -30.10
C GLY C 560 15.14 67.10 -28.80
N GLY C 561 15.13 66.09 -27.93
CA GLY C 561 14.44 66.24 -26.67
C GLY C 561 12.94 66.02 -26.74
N LYS C 562 12.43 65.75 -27.94
CA LYS C 562 11.00 65.53 -28.12
C LYS C 562 10.66 64.06 -28.30
N THR C 563 9.46 63.68 -27.89
CA THR C 563 8.99 62.30 -28.01
C THR C 563 7.68 62.26 -28.77
N TYR C 564 7.64 61.49 -29.86
CA TYR C 564 6.44 61.38 -30.66
C TYR C 564 5.94 59.94 -30.70
N ASN C 565 4.63 59.78 -30.68
CA ASN C 565 4.04 58.45 -30.72
C ASN C 565 3.86 58.03 -32.18
N LEU C 566 4.16 56.78 -32.47
CA LEU C 566 4.01 56.27 -33.82
C LEU C 566 2.83 55.32 -33.80
N ALA C 567 2.76 54.49 -32.77
CA ALA C 567 1.68 53.53 -32.63
C ALA C 567 1.68 52.85 -31.27
N HIS C 568 0.78 51.88 -31.11
CA HIS C 568 0.68 51.09 -29.89
C HIS C 568 0.04 49.75 -30.23
N TYR C 569 0.52 48.70 -29.57
CA TYR C 569 0.07 47.35 -29.82
C TYR C 569 -0.53 46.73 -28.57
N THR C 570 -1.16 45.56 -28.73
CA THR C 570 -1.75 44.87 -27.61
C THR C 570 -0.86 43.71 -27.16
N LYS C 571 0.40 43.74 -27.57
CA LYS C 571 1.36 42.71 -27.22
C LYS C 571 2.75 43.32 -27.05
N GLU C 572 3.57 42.72 -26.20
CA GLU C 572 4.93 43.21 -25.96
C GLU C 572 5.71 43.11 -27.26
N MET C 573 6.10 44.26 -27.81
CA MET C 573 6.88 44.30 -29.04
C MET C 573 8.35 44.61 -28.75
N TYR C 574 9.22 44.09 -29.59
CA TYR C 574 10.65 44.29 -29.47
C TYR C 574 11.16 44.78 -30.83
N LEU C 575 11.81 45.93 -30.85
CA LEU C 575 12.34 46.51 -32.07
C LEU C 575 13.33 45.58 -32.77
N LEU C 576 13.13 45.37 -34.06
CA LEU C 576 14.01 44.50 -34.84
C LEU C 576 15.06 45.31 -35.60
N GLY C 577 14.61 46.37 -36.25
CA GLY C 577 15.53 47.21 -37.00
C GLY C 577 14.81 48.01 -38.08
N TYR C 578 15.54 48.91 -38.73
CA TYR C 578 14.97 49.73 -39.79
C TYR C 578 15.61 49.40 -41.12
N LEU C 579 14.76 49.16 -42.13
CA LEU C 579 15.24 48.86 -43.46
C LEU C 579 15.03 50.07 -44.37
N ALA C 580 16.12 50.75 -44.71
CA ALA C 580 16.07 51.93 -45.57
C ALA C 580 15.41 51.57 -46.90
N ARG C 581 15.55 50.31 -47.28
CA ARG C 581 14.98 49.81 -48.53
C ARG C 581 13.46 49.82 -48.56
N ASP C 582 12.83 49.29 -47.52
CA ASP C 582 11.37 49.24 -47.47
C ASP C 582 10.80 50.47 -46.79
N ASN C 583 11.68 51.31 -46.26
CA ASN C 583 11.26 52.53 -45.59
C ASN C 583 10.33 52.21 -44.42
N LYS C 584 10.68 51.21 -43.62
CA LYS C 584 9.83 50.89 -42.49
C LYS C 584 10.52 50.16 -41.35
N VAL C 585 10.00 50.38 -40.15
CA VAL C 585 10.52 49.76 -38.95
C VAL C 585 9.93 48.36 -38.82
N TYR C 586 10.68 47.47 -38.18
CA TYR C 586 10.20 46.12 -37.97
C TYR C 586 10.31 45.74 -36.49
N LEU C 587 9.25 45.13 -35.97
CA LEU C 587 9.20 44.70 -34.59
C LEU C 587 8.84 43.24 -34.58
N ALA C 588 8.74 42.69 -33.38
CA ALA C 588 8.38 41.29 -33.22
C ALA C 588 7.96 41.03 -31.78
N ASP C 589 7.02 40.10 -31.59
CA ASP C 589 6.58 39.80 -30.24
C ASP C 589 7.42 38.64 -29.70
N ARG C 590 7.03 38.11 -28.56
CA ARG C 590 7.73 36.99 -27.92
C ARG C 590 7.69 35.72 -28.76
N GLU C 591 6.60 35.52 -29.50
CA GLU C 591 6.45 34.33 -30.32
C GLU C 591 7.03 34.49 -31.73
N VAL C 592 7.83 35.55 -31.89
CA VAL C 592 8.51 35.87 -33.14
C VAL C 592 7.62 36.14 -34.35
N HIS C 593 6.58 36.92 -34.14
CA HIS C 593 5.71 37.31 -35.23
C HIS C 593 6.27 38.67 -35.63
N VAL C 594 6.60 38.82 -36.91
CA VAL C 594 7.19 40.07 -37.39
C VAL C 594 6.17 41.10 -37.86
N TYR C 595 6.34 42.33 -37.39
CA TYR C 595 5.46 43.42 -37.77
C TYR C 595 6.32 44.54 -38.37
N GLY C 596 5.75 45.30 -39.27
CA GLY C 596 6.48 46.38 -39.89
C GLY C 596 5.65 47.64 -39.89
N TYR C 597 6.29 48.77 -39.58
CA TYR C 597 5.59 50.05 -39.56
C TYR C 597 6.32 51.01 -40.48
N GLU C 598 5.58 51.65 -41.38
CA GLU C 598 6.18 52.59 -42.33
C GLU C 598 6.36 53.97 -41.73
N ILE C 599 7.59 54.48 -41.84
CA ILE C 599 7.94 55.80 -41.34
C ILE C 599 8.52 56.56 -42.50
N SER C 600 8.51 57.90 -42.42
CA SER C 600 9.06 58.69 -43.50
C SER C 600 10.44 59.18 -43.10
N LEU C 601 11.47 58.66 -43.76
CA LEU C 601 12.82 59.06 -43.44
C LEU C 601 12.99 60.57 -43.68
N GLU C 602 12.23 61.10 -44.64
CA GLU C 602 12.26 62.51 -44.97
C GLU C 602 11.68 63.32 -43.82
N VAL C 603 10.52 62.89 -43.34
CA VAL C 603 9.86 63.56 -42.23
C VAL C 603 10.76 63.55 -40.99
N LEU C 604 11.35 62.39 -40.72
CA LEU C 604 12.23 62.26 -39.58
C LEU C 604 13.44 63.20 -39.71
N GLU C 605 13.96 63.31 -40.92
CA GLU C 605 15.10 64.18 -41.16
C GLU C 605 14.74 65.65 -41.13
N PHE C 606 13.54 65.97 -41.61
CA PHE C 606 13.07 67.35 -41.61
C PHE C 606 13.05 67.82 -40.15
N GLN C 607 12.49 66.97 -39.30
CA GLN C 607 12.40 67.27 -37.89
C GLN C 607 13.75 67.38 -37.21
N THR C 608 14.67 66.48 -37.55
CA THR C 608 16.00 66.51 -36.96
C THR C 608 16.63 67.87 -37.16
N LEU C 609 16.60 68.33 -38.41
CA LEU C 609 17.15 69.61 -38.78
C LEU C 609 16.45 70.79 -38.12
N THR C 610 15.12 70.80 -38.18
CA THR C 610 14.39 71.91 -37.58
C THR C 610 14.76 72.10 -36.11
N LEU C 611 14.69 71.02 -35.33
CA LEU C 611 15.02 71.08 -33.90
C LEU C 611 16.50 71.33 -33.65
N ARG C 612 17.29 71.32 -34.70
CA ARG C 612 18.72 71.58 -34.56
C ARG C 612 19.04 73.02 -34.92
N GLY C 613 18.03 73.76 -35.37
CA GLY C 613 18.24 75.14 -35.77
C GLY C 613 18.65 75.27 -37.22
N GLU C 614 18.27 74.29 -38.02
CA GLU C 614 18.61 74.28 -39.44
C GLU C 614 17.36 74.02 -40.30
N ILE C 615 16.30 74.79 -40.04
CA ILE C 615 15.06 74.63 -40.78
C ILE C 615 15.16 74.99 -42.26
N GLU C 616 15.89 76.06 -42.58
CA GLU C 616 16.04 76.47 -43.97
C GLU C 616 16.67 75.33 -44.73
N GLU C 617 17.62 74.67 -44.07
CA GLU C 617 18.32 73.53 -44.66
C GLU C 617 17.33 72.40 -44.90
N ALA C 618 16.40 72.22 -43.96
CA ALA C 618 15.35 71.21 -44.05
C ALA C 618 14.37 71.53 -45.18
N ILE C 619 14.01 72.80 -45.29
CA ILE C 619 13.08 73.29 -46.32
C ILE C 619 13.61 73.19 -47.75
N GLU C 620 14.91 73.40 -47.93
CA GLU C 620 15.51 73.36 -49.26
C GLU C 620 16.08 72.01 -49.69
N ASN C 621 16.43 71.16 -48.74
CA ASN C 621 17.01 69.86 -49.09
C ASN C 621 16.12 68.64 -48.88
N VAL C 622 15.40 68.62 -47.76
CA VAL C 622 14.54 67.48 -47.45
C VAL C 622 13.13 67.61 -47.99
N LEU C 623 12.53 68.79 -47.82
CA LEU C 623 11.16 69.05 -48.26
C LEU C 623 10.81 68.66 -49.72
N PRO C 624 11.78 68.77 -50.65
CA PRO C 624 11.48 68.41 -52.04
C PRO C 624 11.24 66.91 -52.23
N ASN C 625 11.68 66.11 -51.26
CA ASN C 625 11.53 64.66 -51.34
C ASN C 625 10.39 64.15 -50.47
N VAL C 626 9.52 65.04 -50.02
CA VAL C 626 8.40 64.62 -49.20
C VAL C 626 7.20 64.31 -50.09
N GLU C 627 6.71 63.09 -49.96
CA GLU C 627 5.58 62.57 -50.74
C GLU C 627 4.23 62.59 -50.02
N GLY C 628 3.17 62.83 -50.79
CA GLY C 628 1.83 62.85 -50.22
C GLY C 628 1.60 63.97 -49.23
N LYS C 629 0.35 64.41 -49.11
CA LYS C 629 0.04 65.48 -48.19
C LYS C 629 -0.06 65.03 -46.75
N ASP C 630 -0.11 63.72 -46.53
CA ASP C 630 -0.17 63.19 -45.18
C ASP C 630 1.13 63.50 -44.46
N SER C 631 2.23 63.41 -45.20
CA SER C 631 3.54 63.71 -44.65
C SER C 631 3.67 65.22 -44.53
N LEU C 632 3.21 65.93 -45.56
CA LEU C 632 3.27 67.38 -45.57
C LEU C 632 2.50 67.92 -44.38
N THR C 633 1.32 67.36 -44.13
CA THR C 633 0.51 67.83 -43.03
C THR C 633 1.23 67.60 -41.70
N LYS C 634 1.91 66.46 -41.58
CA LYS C 634 2.65 66.15 -40.37
C LYS C 634 3.69 67.23 -40.09
N ILE C 635 4.48 67.52 -41.11
CA ILE C 635 5.52 68.53 -40.99
C ILE C 635 4.89 69.86 -40.66
N ALA C 636 3.73 70.11 -41.25
CA ALA C 636 3.03 71.35 -41.03
C ALA C 636 2.62 71.50 -39.57
N ARG C 637 1.99 70.46 -39.02
CA ARG C 637 1.56 70.50 -37.64
C ARG C 637 2.72 70.43 -36.66
N PHE C 638 3.85 69.87 -37.09
CA PHE C 638 5.04 69.79 -36.26
C PHE C 638 5.65 71.19 -36.19
N LEU C 639 5.67 71.86 -37.34
CA LEU C 639 6.20 73.21 -37.44
C LEU C 639 5.36 74.18 -36.62
N GLU C 640 4.04 73.99 -36.64
CA GLU C 640 3.17 74.86 -35.87
C GLU C 640 3.46 74.65 -34.39
N GLY C 641 3.67 73.38 -34.02
CA GLY C 641 3.96 73.05 -32.64
C GLY C 641 5.36 73.50 -32.26
N GLN C 642 6.02 74.23 -33.15
CA GLN C 642 7.35 74.71 -32.90
C GLN C 642 7.46 76.22 -33.06
N GLU C 643 6.32 76.90 -33.10
CA GLU C 643 6.25 78.36 -33.25
C GLU C 643 6.54 78.85 -34.68
N TYR C 644 6.98 77.97 -35.57
CA TYR C 644 7.28 78.35 -36.95
C TYR C 644 6.02 78.50 -37.79
N TYR C 645 5.16 79.42 -37.38
CA TYR C 645 3.89 79.66 -38.07
C TYR C 645 4.08 80.07 -39.52
N GLU C 646 5.01 80.99 -39.76
CA GLU C 646 5.29 81.46 -41.11
C GLU C 646 5.51 80.29 -42.06
N GLU C 647 6.60 79.56 -41.88
CA GLU C 647 6.91 78.43 -42.74
C GLU C 647 5.83 77.36 -42.75
N ALA C 648 5.15 77.16 -41.62
CA ALA C 648 4.09 76.15 -41.54
C ALA C 648 2.97 76.51 -42.50
N LEU C 649 2.72 77.81 -42.62
CA LEU C 649 1.68 78.29 -43.50
C LEU C 649 2.00 77.87 -44.93
N ASN C 650 3.27 77.96 -45.30
CA ASN C 650 3.70 77.60 -46.65
C ASN C 650 3.63 76.11 -46.94
N ILE C 651 3.93 75.30 -45.95
CA ILE C 651 3.92 73.86 -46.13
C ILE C 651 2.52 73.24 -46.16
N SER C 652 1.72 73.58 -45.15
CA SER C 652 0.40 73.01 -45.01
C SER C 652 -0.54 72.98 -46.20
N PRO C 653 -1.14 71.82 -46.45
CA PRO C 653 -2.08 71.58 -47.54
C PRO C 653 -3.50 71.74 -46.99
N ASP C 654 -3.63 71.62 -45.66
CA ASP C 654 -4.91 71.74 -44.98
C ASP C 654 -5.37 73.21 -44.90
N GLN C 655 -6.44 73.53 -45.62
CA GLN C 655 -6.97 74.90 -45.64
C GLN C 655 -7.32 75.44 -44.27
N ASP C 656 -7.92 74.60 -43.42
CA ASP C 656 -8.27 75.06 -42.08
C ASP C 656 -7.02 75.60 -41.39
N GLN C 657 -6.03 74.73 -41.20
CA GLN C 657 -4.80 75.14 -40.54
C GLN C 657 -4.21 76.41 -41.18
N LYS C 658 -4.25 76.49 -42.51
CA LYS C 658 -3.72 77.66 -43.19
C LYS C 658 -4.36 78.93 -42.66
N PHE C 659 -5.69 78.97 -42.69
CA PHE C 659 -6.41 80.14 -42.21
C PHE C 659 -5.99 80.51 -40.80
N GLU C 660 -5.94 79.50 -39.94
CA GLU C 660 -5.56 79.71 -38.56
C GLU C 660 -4.14 80.27 -38.46
N LEU C 661 -3.23 79.70 -39.24
CA LEU C 661 -1.84 80.13 -39.23
C LEU C 661 -1.67 81.57 -39.70
N ALA C 662 -2.44 81.93 -40.73
CA ALA C 662 -2.38 83.28 -41.28
C ALA C 662 -2.71 84.31 -40.21
N LEU C 663 -3.72 84.03 -39.39
CA LEU C 663 -4.11 84.95 -38.32
C LEU C 663 -2.93 85.12 -37.37
N LYS C 664 -2.31 84.00 -37.00
CA LYS C 664 -1.16 84.04 -36.12
C LYS C 664 -0.04 84.95 -36.61
N VAL C 665 0.27 84.90 -37.91
CA VAL C 665 1.36 85.73 -38.46
C VAL C 665 0.91 87.08 -39.04
N GLY C 666 -0.36 87.42 -38.88
CA GLY C 666 -0.85 88.69 -39.38
C GLY C 666 -1.10 88.79 -40.88
N GLN C 667 -1.08 87.65 -41.58
CA GLN C 667 -1.35 87.70 -43.02
C GLN C 667 -2.87 87.70 -43.16
N LEU C 668 -3.47 88.79 -42.69
CA LEU C 668 -4.91 89.00 -42.68
C LEU C 668 -5.58 88.86 -44.04
N THR C 669 -5.05 89.57 -45.04
CA THR C 669 -5.62 89.50 -46.37
C THR C 669 -5.73 88.05 -46.81
N LEU C 670 -4.60 87.34 -46.75
CA LEU C 670 -4.54 85.95 -47.12
C LEU C 670 -5.67 85.16 -46.45
N ALA C 671 -5.80 85.36 -45.14
CA ALA C 671 -6.83 84.69 -44.35
C ALA C 671 -8.23 84.96 -44.89
N ARG C 672 -8.56 86.23 -45.10
CA ARG C 672 -9.87 86.58 -45.60
C ARG C 672 -10.08 85.90 -46.94
N ASP C 673 -9.14 86.10 -47.85
CA ASP C 673 -9.21 85.50 -49.18
C ASP C 673 -9.05 83.99 -49.03
N LEU C 674 -9.64 83.44 -47.98
CA LEU C 674 -9.55 82.02 -47.70
C LEU C 674 -10.84 81.59 -47.00
N LEU C 675 -11.80 82.51 -46.96
CA LEU C 675 -13.10 82.28 -46.33
C LEU C 675 -14.16 82.91 -47.22
N THR C 676 -15.11 82.11 -47.67
CA THR C 676 -16.18 82.63 -48.52
C THR C 676 -17.37 82.78 -47.60
N ASP C 677 -18.46 82.17 -48.03
CA ASP C 677 -19.69 82.12 -47.28
C ASP C 677 -19.38 80.91 -46.41
N GLU C 678 -18.08 80.76 -46.12
CA GLU C 678 -17.55 79.68 -45.30
C GLU C 678 -18.26 79.76 -43.96
N SER C 679 -19.48 79.23 -43.93
CA SER C 679 -20.32 79.19 -42.75
C SER C 679 -19.64 79.83 -41.54
N ALA C 680 -18.94 78.99 -40.78
CA ALA C 680 -18.22 79.40 -39.57
C ALA C 680 -18.22 80.90 -39.29
N GLU C 681 -19.26 81.37 -38.60
CA GLU C 681 -19.31 82.78 -38.23
C GLU C 681 -18.21 82.92 -37.19
N MET C 682 -17.91 81.80 -36.54
CA MET C 682 -16.89 81.74 -35.50
C MET C 682 -15.50 81.97 -36.07
N LYS C 683 -15.37 81.82 -37.38
CA LYS C 683 -14.09 82.04 -38.05
C LYS C 683 -14.00 83.51 -38.42
N TRP C 684 -15.09 84.06 -38.92
CA TRP C 684 -15.12 85.49 -39.28
C TRP C 684 -14.82 86.32 -38.05
N ARG C 685 -15.29 85.87 -36.89
CA ARG C 685 -15.05 86.59 -35.65
C ARG C 685 -13.55 86.51 -35.33
N ALA C 686 -13.00 85.31 -35.43
CA ALA C 686 -11.59 85.10 -35.18
C ALA C 686 -10.79 86.04 -36.09
N LEU C 687 -11.29 86.22 -37.32
CA LEU C 687 -10.66 87.10 -38.29
C LEU C 687 -10.81 88.56 -37.88
N GLY C 688 -11.98 88.90 -37.34
CA GLY C 688 -12.23 90.25 -36.91
C GLY C 688 -11.33 90.61 -35.74
N ASP C 689 -11.23 89.70 -34.78
CA ASP C 689 -10.40 89.92 -33.63
C ASP C 689 -8.95 90.09 -34.04
N ALA C 690 -8.51 89.24 -34.97
CA ALA C 690 -7.15 89.29 -35.48
C ALA C 690 -6.86 90.66 -36.08
N SER C 691 -7.74 91.08 -36.98
CA SER C 691 -7.59 92.37 -37.64
C SER C 691 -7.57 93.53 -36.63
N LEU C 692 -8.53 93.53 -35.71
CA LEU C 692 -8.57 94.61 -34.73
C LEU C 692 -7.29 94.62 -33.91
N GLN C 693 -6.72 93.44 -33.68
CA GLN C 693 -5.48 93.35 -32.92
C GLN C 693 -4.39 94.13 -33.63
N ARG C 694 -4.35 94.02 -34.95
CA ARG C 694 -3.34 94.71 -35.75
C ARG C 694 -3.87 96.01 -36.36
N PHE C 695 -4.64 96.75 -35.58
CA PHE C 695 -5.20 98.02 -36.00
C PHE C 695 -5.71 98.10 -37.44
N ASN C 696 -6.34 97.03 -37.92
CA ASN C 696 -6.91 97.05 -39.27
C ASN C 696 -8.44 97.09 -39.09
N PHE C 697 -8.93 98.24 -38.63
CA PHE C 697 -10.36 98.43 -38.38
C PHE C 697 -11.25 98.12 -39.58
N LYS C 698 -10.83 98.58 -40.75
CA LYS C 698 -11.61 98.36 -41.96
C LYS C 698 -11.93 96.88 -42.15
N LEU C 699 -10.96 96.00 -41.91
CA LEU C 699 -11.19 94.56 -42.06
C LEU C 699 -11.98 93.97 -40.89
N ALA C 700 -11.67 94.44 -39.69
CA ALA C 700 -12.37 93.97 -38.50
C ALA C 700 -13.87 94.21 -38.73
N ILE C 701 -14.21 95.44 -39.14
CA ILE C 701 -15.58 95.80 -39.40
C ILE C 701 -16.27 94.83 -40.37
N GLU C 702 -15.56 94.42 -41.41
CA GLU C 702 -16.12 93.50 -42.38
C GLU C 702 -16.30 92.10 -41.77
N ALA C 703 -15.30 91.67 -41.00
CA ALA C 703 -15.35 90.35 -40.36
C ALA C 703 -16.50 90.21 -39.37
N PHE C 704 -16.53 91.09 -38.36
CA PHE C 704 -17.58 91.07 -37.36
C PHE C 704 -18.97 91.18 -37.98
N THR C 705 -19.10 91.93 -39.08
CA THR C 705 -20.40 92.07 -39.73
C THR C 705 -20.87 90.73 -40.27
N ASN C 706 -20.01 90.03 -41.00
CA ASN C 706 -20.38 88.75 -41.57
C ASN C 706 -20.50 87.69 -40.49
N ALA C 707 -19.79 87.91 -39.39
CA ALA C 707 -19.83 86.98 -38.27
C ALA C 707 -21.08 87.21 -37.43
N HIS C 708 -21.78 88.31 -37.71
CA HIS C 708 -22.99 88.64 -36.98
C HIS C 708 -22.69 88.84 -35.48
N ASP C 709 -21.45 89.23 -35.17
CA ASP C 709 -21.07 89.47 -33.78
C ASP C 709 -21.38 90.92 -33.43
N LEU C 710 -22.62 91.13 -33.01
CA LEU C 710 -23.09 92.46 -32.70
C LEU C 710 -22.36 93.18 -31.56
N GLU C 711 -21.84 92.45 -30.59
CA GLU C 711 -21.13 93.12 -29.50
C GLU C 711 -19.88 93.83 -30.00
N SER C 712 -19.06 93.11 -30.75
CA SER C 712 -17.83 93.69 -31.27
C SER C 712 -18.12 94.77 -32.31
N LEU C 713 -19.08 94.50 -33.19
CA LEU C 713 -19.42 95.46 -34.23
C LEU C 713 -19.86 96.79 -33.62
N PHE C 714 -20.57 96.71 -32.49
CA PHE C 714 -21.06 97.90 -31.79
C PHE C 714 -19.89 98.73 -31.29
N LEU C 715 -18.85 98.08 -30.79
CA LEU C 715 -17.69 98.80 -30.29
C LEU C 715 -17.02 99.59 -31.43
N LEU C 716 -17.07 99.05 -32.62
CA LEU C 716 -16.45 99.70 -33.76
C LEU C 716 -17.30 100.84 -34.32
N HIS C 717 -18.55 100.54 -34.67
CA HIS C 717 -19.44 101.56 -35.22
C HIS C 717 -19.70 102.70 -34.24
N SER C 718 -19.68 102.42 -32.95
CA SER C 718 -19.93 103.46 -31.94
C SER C 718 -18.70 104.35 -31.79
N SER C 719 -17.52 103.76 -31.96
CA SER C 719 -16.27 104.51 -31.85
C SER C 719 -16.06 105.40 -33.06
N PHE C 720 -16.47 104.88 -34.22
CA PHE C 720 -16.34 105.61 -35.48
C PHE C 720 -17.64 106.25 -35.92
N ASN C 721 -18.48 106.54 -34.93
CA ASN C 721 -19.78 107.19 -35.12
C ASN C 721 -20.42 106.97 -36.48
N ASN C 722 -20.58 105.71 -36.85
CA ASN C 722 -21.20 105.36 -38.12
C ASN C 722 -22.69 105.17 -37.86
N LYS C 723 -23.45 106.23 -38.08
CA LYS C 723 -24.89 106.24 -37.85
C LYS C 723 -25.68 105.14 -38.55
N GLU C 724 -25.35 104.78 -39.78
CA GLU C 724 -26.10 103.70 -40.43
C GLU C 724 -25.70 102.34 -39.88
N GLY C 725 -24.45 102.20 -39.47
CA GLY C 725 -23.99 100.95 -38.91
C GLY C 725 -24.73 100.73 -37.60
N LEU C 726 -24.68 101.73 -36.74
CA LEU C 726 -25.36 101.67 -35.46
C LEU C 726 -26.83 101.28 -35.62
N VAL C 727 -27.58 102.07 -36.40
CA VAL C 727 -29.00 101.82 -36.62
C VAL C 727 -29.30 100.42 -37.16
N THR C 728 -28.40 99.89 -37.97
CA THR C 728 -28.61 98.56 -38.53
C THR C 728 -28.37 97.51 -37.46
N LEU C 729 -27.38 97.77 -36.63
CA LEU C 729 -27.02 96.87 -35.55
C LEU C 729 -28.15 96.80 -34.52
N ALA C 730 -28.73 97.95 -34.19
CA ALA C 730 -29.83 98.00 -33.24
C ALA C 730 -30.98 97.10 -33.73
N LYS C 731 -31.48 97.36 -34.93
CA LYS C 731 -32.55 96.54 -35.47
C LYS C 731 -32.18 95.08 -35.34
N ASP C 732 -30.92 94.77 -35.63
CA ASP C 732 -30.41 93.40 -35.51
C ASP C 732 -30.51 92.92 -34.06
N ALA C 733 -30.08 93.79 -33.14
CA ALA C 733 -30.12 93.48 -31.72
C ALA C 733 -31.55 93.20 -31.26
N GLU C 734 -32.50 93.96 -31.80
CA GLU C 734 -33.90 93.78 -31.45
C GLU C 734 -34.37 92.40 -31.92
N THR C 735 -33.99 92.03 -33.13
CA THR C 735 -34.37 90.74 -33.67
C THR C 735 -33.80 89.63 -32.81
N THR C 736 -32.61 89.85 -32.27
CA THR C 736 -31.93 88.88 -31.41
C THR C 736 -32.29 88.99 -29.94
N GLY C 737 -33.17 89.93 -29.60
CA GLY C 737 -33.56 90.08 -28.22
C GLY C 737 -32.57 90.88 -27.40
N LYS C 738 -31.49 91.32 -28.05
CA LYS C 738 -30.45 92.12 -27.41
C LYS C 738 -30.99 93.54 -27.22
N PHE C 739 -31.97 93.68 -26.33
CA PHE C 739 -32.62 94.96 -26.07
C PHE C 739 -31.73 96.07 -25.54
N ASN C 740 -30.77 95.73 -24.69
CA ASN C 740 -29.88 96.74 -24.15
C ASN C 740 -28.93 97.30 -25.19
N LEU C 741 -28.34 96.38 -25.96
CA LEU C 741 -27.41 96.75 -27.02
C LEU C 741 -28.12 97.69 -27.98
N ALA C 742 -29.31 97.28 -28.41
CA ALA C 742 -30.15 98.05 -29.33
C ALA C 742 -30.36 99.49 -28.86
N PHE C 743 -30.75 99.66 -27.61
CA PHE C 743 -30.98 100.99 -27.10
C PHE C 743 -29.70 101.81 -27.18
N ASN C 744 -28.60 101.25 -26.72
CA ASN C 744 -27.34 101.97 -26.76
C ASN C 744 -26.90 102.29 -28.19
N ALA C 745 -27.17 101.38 -29.13
CA ALA C 745 -26.82 101.62 -30.52
C ALA C 745 -27.63 102.83 -31.01
N TYR C 746 -28.96 102.77 -30.84
CA TYR C 746 -29.81 103.89 -31.23
C TYR C 746 -29.36 105.19 -30.58
N TRP C 747 -29.05 105.11 -29.30
CA TRP C 747 -28.64 106.29 -28.56
C TRP C 747 -27.43 106.99 -29.18
N ILE C 748 -26.29 106.29 -29.22
CA ILE C 748 -25.09 106.90 -29.77
C ILE C 748 -25.29 107.36 -31.21
N ALA C 749 -26.15 106.66 -31.96
CA ALA C 749 -26.43 107.03 -33.35
C ALA C 749 -27.22 108.30 -33.38
N GLY C 750 -27.85 108.63 -32.25
CA GLY C 750 -28.68 109.82 -32.15
C GLY C 750 -30.10 109.54 -32.63
N ASP C 751 -30.40 108.26 -32.85
CA ASP C 751 -31.72 107.85 -33.30
C ASP C 751 -32.73 107.77 -32.17
N ILE C 752 -33.14 108.94 -31.69
CA ILE C 752 -34.10 109.06 -30.60
C ILE C 752 -35.39 108.31 -30.92
N GLN C 753 -35.93 108.52 -32.13
CA GLN C 753 -37.16 107.86 -32.54
C GLN C 753 -37.05 106.35 -32.46
N GLY C 754 -35.87 105.84 -32.79
CA GLY C 754 -35.69 104.40 -32.73
C GLY C 754 -35.67 103.96 -31.29
N ALA C 755 -34.97 104.72 -30.45
CA ALA C 755 -34.86 104.38 -29.04
C ALA C 755 -36.23 104.42 -28.39
N LYS C 756 -37.02 105.44 -28.72
CA LYS C 756 -38.36 105.57 -28.15
C LYS C 756 -39.23 104.36 -28.47
N ASP C 757 -39.32 104.02 -29.75
CA ASP C 757 -40.12 102.88 -30.15
C ASP C 757 -39.66 101.59 -29.50
N LEU C 758 -38.35 101.45 -29.28
CA LEU C 758 -37.83 100.24 -28.63
C LEU C 758 -38.49 100.14 -27.26
N LEU C 759 -38.41 101.23 -26.49
CA LEU C 759 -39.00 101.29 -25.16
C LEU C 759 -40.50 101.00 -25.17
N ILE C 760 -41.19 101.51 -26.18
CA ILE C 760 -42.62 101.28 -26.27
C ILE C 760 -42.95 99.82 -26.59
N LYS C 761 -42.20 99.21 -27.51
CA LYS C 761 -42.45 97.81 -27.85
C LYS C 761 -42.27 96.93 -26.63
N SER C 762 -41.61 97.45 -25.60
CA SER C 762 -41.37 96.71 -24.37
C SER C 762 -42.32 97.14 -23.27
N GLN C 763 -43.36 97.90 -23.64
CA GLN C 763 -44.33 98.39 -22.67
C GLN C 763 -43.69 99.24 -21.56
N ARG C 764 -42.62 99.95 -21.89
CA ARG C 764 -41.94 100.82 -20.94
C ARG C 764 -42.31 102.26 -21.32
N PHE C 765 -43.62 102.54 -21.27
CA PHE C 765 -44.15 103.83 -21.65
C PHE C 765 -43.71 105.05 -20.86
N SER C 766 -43.67 104.94 -19.53
CA SER C 766 -43.26 106.07 -18.73
C SER C 766 -41.83 106.47 -19.11
N GLU C 767 -40.98 105.46 -19.26
CA GLU C 767 -39.58 105.69 -19.61
C GLU C 767 -39.49 106.32 -20.99
N ALA C 768 -40.39 105.92 -21.90
CA ALA C 768 -40.41 106.50 -23.23
C ALA C 768 -40.75 107.98 -23.08
N ALA C 769 -41.70 108.27 -22.22
CA ALA C 769 -42.14 109.64 -21.96
C ALA C 769 -41.00 110.50 -21.41
N PHE C 770 -40.21 109.96 -20.47
CA PHE C 770 -39.10 110.70 -19.91
C PHE C 770 -38.09 111.02 -21.00
N LEU C 771 -37.74 110.00 -21.76
CA LEU C 771 -36.79 110.15 -22.84
C LEU C 771 -37.29 111.21 -23.79
N GLY C 772 -38.57 111.10 -24.16
CA GLY C 772 -39.18 112.05 -25.08
C GLY C 772 -39.13 113.49 -24.64
N SER C 773 -39.58 113.78 -23.43
CA SER C 773 -39.60 115.14 -22.95
C SER C 773 -38.21 115.68 -22.59
N THR C 774 -37.33 114.80 -22.11
CA THR C 774 -35.99 115.22 -21.72
C THR C 774 -35.17 115.63 -22.92
N TYR C 775 -35.36 114.93 -24.03
CA TYR C 775 -34.61 115.26 -25.23
C TYR C 775 -35.49 115.93 -26.27
N GLY C 776 -36.33 116.85 -25.79
CA GLY C 776 -37.24 117.63 -26.60
C GLY C 776 -37.84 117.05 -27.86
N LEU C 777 -38.59 115.97 -27.76
CA LEU C 777 -39.22 115.37 -28.93
C LEU C 777 -40.38 116.23 -29.42
N GLY C 778 -40.97 117.01 -28.51
CA GLY C 778 -42.11 117.85 -28.88
C GLY C 778 -43.37 117.39 -28.17
N ASP C 779 -44.18 118.35 -27.73
CA ASP C 779 -45.42 118.06 -27.01
C ASP C 779 -46.38 117.10 -27.71
N ASN C 780 -46.63 117.30 -28.99
CA ASN C 780 -47.53 116.38 -29.68
C ASN C 780 -46.96 114.99 -29.55
N GLU C 781 -45.67 114.88 -29.82
CA GLU C 781 -44.95 113.63 -29.73
C GLU C 781 -45.11 113.06 -28.31
N VAL C 782 -44.69 113.82 -27.32
CA VAL C 782 -44.77 113.39 -25.94
C VAL C 782 -46.19 113.01 -25.54
N ASN C 783 -47.18 113.77 -26.00
CA ASN C 783 -48.56 113.43 -25.65
C ASN C 783 -49.02 112.08 -26.22
N ASP C 784 -48.55 111.70 -27.40
CA ASP C 784 -48.95 110.40 -27.94
C ASP C 784 -48.42 109.26 -27.07
N ILE C 785 -47.22 109.45 -26.52
CA ILE C 785 -46.61 108.44 -25.66
C ILE C 785 -47.47 108.35 -24.41
N VAL C 786 -47.91 109.51 -23.91
CA VAL C 786 -48.73 109.56 -22.71
C VAL C 786 -50.07 108.87 -22.96
N THR C 787 -50.67 109.13 -24.11
CA THR C 787 -51.92 108.49 -24.46
C THR C 787 -51.78 106.96 -24.41
N LYS C 788 -50.68 106.45 -24.96
CA LYS C 788 -50.44 105.00 -24.97
C LYS C 788 -50.14 104.50 -23.55
N TRP C 789 -49.41 105.30 -22.80
CA TRP C 789 -49.06 104.97 -21.43
C TRP C 789 -50.36 104.80 -20.64
N LYS C 790 -51.30 105.70 -20.90
CA LYS C 790 -52.58 105.67 -20.21
C LYS C 790 -53.48 104.53 -20.68
N GLU C 791 -53.46 104.22 -21.97
CA GLU C 791 -54.27 103.14 -22.47
C GLU C 791 -53.78 101.83 -21.88
N ASN C 792 -52.46 101.70 -21.81
CA ASN C 792 -51.87 100.49 -21.28
C ASN C 792 -52.27 100.29 -19.82
N LEU C 793 -52.26 101.39 -19.07
CA LEU C 793 -52.62 101.34 -17.67
C LEU C 793 -54.04 100.81 -17.49
N ILE C 794 -54.95 101.30 -18.31
CA ILE C 794 -56.35 100.88 -18.27
C ILE C 794 -56.49 99.40 -18.66
N LEU C 795 -55.69 98.96 -19.63
CA LEU C 795 -55.75 97.58 -20.07
C LEU C 795 -55.28 96.68 -18.93
N ASN C 796 -54.53 97.24 -18.00
CA ASN C 796 -54.03 96.48 -16.86
C ASN C 796 -54.87 96.73 -15.62
N GLY C 797 -56.00 97.41 -15.80
CA GLY C 797 -56.89 97.67 -14.68
C GLY C 797 -56.57 98.83 -13.75
N LYS C 798 -55.50 99.57 -14.02
CA LYS C 798 -55.12 100.69 -13.17
C LYS C 798 -55.74 101.99 -13.67
N ASN C 799 -57.06 101.96 -13.85
CA ASN C 799 -57.82 103.10 -14.35
C ASN C 799 -57.62 104.38 -13.54
N THR C 800 -57.61 104.24 -12.22
CA THR C 800 -57.45 105.41 -11.35
C THR C 800 -56.11 106.12 -11.55
N VAL C 801 -55.04 105.34 -11.72
CA VAL C 801 -53.72 105.93 -11.93
C VAL C 801 -53.69 106.52 -13.32
N SER C 802 -54.32 105.81 -14.25
CA SER C 802 -54.38 106.24 -15.63
C SER C 802 -54.90 107.66 -15.79
N GLU C 803 -55.88 108.03 -15.00
CA GLU C 803 -56.47 109.36 -15.08
C GLU C 803 -55.68 110.46 -14.36
N ARG C 804 -54.75 110.07 -13.50
CA ARG C 804 -53.95 111.06 -12.79
C ARG C 804 -52.70 111.47 -13.57
N VAL C 805 -52.46 110.80 -14.70
CA VAL C 805 -51.29 111.08 -15.51
C VAL C 805 -51.49 112.30 -16.42
N CYS C 806 -50.65 113.31 -16.22
CA CYS C 806 -50.74 114.53 -17.02
C CYS C 806 -50.08 114.41 -18.38
N GLY C 807 -50.42 115.31 -19.28
CA GLY C 807 -49.84 115.33 -20.60
C GLY C 807 -48.66 116.28 -20.61
N ALA C 808 -48.20 116.66 -21.80
CA ALA C 808 -47.06 117.56 -21.92
C ALA C 808 -47.28 118.86 -21.15
N GLU C 809 -48.54 119.22 -20.95
CA GLU C 809 -48.89 120.46 -20.25
C GLU C 809 -48.30 120.54 -18.85
N GLY C 810 -48.56 119.50 -18.05
CA GLY C 810 -48.07 119.48 -16.69
C GLY C 810 -46.55 119.48 -16.55
N LEU C 811 -45.84 119.26 -17.66
CA LEU C 811 -44.39 119.24 -17.61
C LEU C 811 -43.82 120.65 -17.44
N PRO C 812 -43.15 120.90 -16.31
CA PRO C 812 -42.55 122.21 -16.04
C PRO C 812 -41.82 122.81 -17.22
N GLY C 813 -42.26 124.00 -17.63
CA GLY C 813 -41.65 124.71 -18.75
C GLY C 813 -41.22 123.85 -19.93
N SER C 814 -42.21 123.22 -20.57
CA SER C 814 -41.98 122.35 -21.73
C SER C 814 -40.57 122.42 -22.35
N ALA D 1 -56.40 102.45 5.89
CA ALA D 1 -56.23 101.64 7.09
C ALA D 1 -55.59 100.27 6.82
N LEU D 2 -54.51 100.25 6.04
CA LEU D 2 -53.83 98.99 5.71
C LEU D 2 -53.02 98.48 6.89
N GLN D 3 -52.69 99.37 7.82
CA GLN D 3 -51.92 99.00 9.01
C GLN D 3 -52.47 97.72 9.67
N PHE D 4 -53.80 97.67 9.80
CA PHE D 4 -54.47 96.55 10.44
C PHE D 4 -54.69 95.28 9.60
N VAL D 5 -54.59 95.40 8.27
CA VAL D 5 -54.76 94.21 7.43
C VAL D 5 -53.77 93.19 7.97
N GLN D 6 -54.19 91.93 7.99
CA GLN D 6 -53.39 90.83 8.56
C GLN D 6 -52.01 90.42 8.04
N ASP D 7 -51.90 90.04 6.77
CA ASP D 7 -50.62 89.57 6.27
C ASP D 7 -49.75 90.56 5.50
N PRO D 8 -48.50 90.78 5.94
CA PRO D 8 -47.58 91.71 5.26
C PRO D 8 -47.54 91.59 3.74
N HIS D 9 -47.64 90.36 3.23
CA HIS D 9 -47.66 90.14 1.80
C HIS D 9 -48.95 90.69 1.24
N ILE D 10 -50.04 90.48 1.98
CA ILE D 10 -51.34 90.98 1.57
C ILE D 10 -51.34 92.50 1.61
N ARG D 11 -50.77 93.08 2.66
CA ARG D 11 -50.70 94.53 2.77
C ARG D 11 -50.03 95.07 1.52
N PHE D 12 -48.90 94.49 1.17
CA PHE D 12 -48.18 94.92 -0.02
C PHE D 12 -49.10 94.86 -1.25
N ASP D 13 -49.82 93.75 -1.41
CA ASP D 13 -50.73 93.56 -2.54
C ASP D 13 -51.77 94.67 -2.61
N LEU D 14 -52.39 94.99 -1.47
CA LEU D 14 -53.40 96.03 -1.42
C LEU D 14 -52.83 97.42 -1.72
N ALA D 15 -51.67 97.73 -1.14
CA ALA D 15 -51.05 99.03 -1.36
C ALA D 15 -50.90 99.25 -2.87
N LEU D 16 -50.38 98.24 -3.56
CA LEU D 16 -50.20 98.33 -5.01
C LEU D 16 -51.53 98.52 -5.74
N GLU D 17 -52.56 97.81 -5.32
CA GLU D 17 -53.85 97.92 -5.96
C GLU D 17 -54.46 99.31 -5.77
N TYR D 18 -54.32 99.86 -4.56
CA TYR D 18 -54.86 101.18 -4.28
C TYR D 18 -53.88 102.24 -4.75
N GLY D 19 -52.81 101.81 -5.40
CA GLY D 19 -51.81 102.74 -5.89
C GLY D 19 -51.09 103.50 -4.79
N ASN D 20 -51.20 103.03 -3.55
CA ASN D 20 -50.56 103.64 -2.39
C ASN D 20 -49.09 103.22 -2.33
N LEU D 21 -48.20 103.99 -2.94
CA LEU D 21 -46.78 103.65 -2.97
C LEU D 21 -46.06 103.84 -1.64
N ASP D 22 -46.57 104.75 -0.80
CA ASP D 22 -45.96 104.98 0.50
C ASP D 22 -46.07 103.75 1.37
N ALA D 23 -47.25 103.15 1.40
CA ALA D 23 -47.50 101.95 2.18
C ALA D 23 -46.76 100.76 1.60
N ALA D 24 -46.71 100.70 0.27
CA ALA D 24 -46.03 99.62 -0.44
C ALA D 24 -44.55 99.58 -0.07
N LEU D 25 -43.94 100.75 0.08
CA LEU D 25 -42.53 100.83 0.45
C LEU D 25 -42.30 100.35 1.87
N ASP D 26 -43.26 100.63 2.76
CA ASP D 26 -43.17 100.22 4.15
C ASP D 26 -43.17 98.71 4.21
N GLU D 27 -44.04 98.07 3.44
CA GLU D 27 -44.08 96.61 3.41
C GLU D 27 -42.82 96.09 2.70
N ALA D 28 -42.34 96.86 1.73
CA ALA D 28 -41.16 96.47 0.98
C ALA D 28 -39.89 96.49 1.83
N LYS D 29 -39.67 97.57 2.57
CA LYS D 29 -38.50 97.71 3.43
C LYS D 29 -38.37 96.57 4.44
N LYS D 30 -39.51 96.19 5.02
CA LYS D 30 -39.55 95.12 6.01
C LYS D 30 -39.47 93.76 5.34
N LEU D 31 -40.44 93.45 4.51
CA LEU D 31 -40.49 92.17 3.81
C LEU D 31 -39.17 91.90 3.07
N ASN D 32 -38.39 92.96 2.88
CA ASN D 32 -37.10 92.93 2.18
C ASN D 32 -36.92 91.74 1.24
N ASP D 33 -37.83 91.62 0.29
CA ASP D 33 -37.84 90.53 -0.68
C ASP D 33 -37.35 91.01 -2.05
N SER D 34 -36.59 90.17 -2.73
CA SER D 34 -36.07 90.53 -4.05
C SER D 34 -37.24 90.69 -5.04
N ILE D 35 -38.14 89.71 -5.05
CA ILE D 35 -39.31 89.77 -5.93
C ILE D 35 -40.17 90.98 -5.59
N THR D 36 -40.35 91.23 -4.30
CA THR D 36 -41.15 92.36 -3.83
C THR D 36 -40.61 93.69 -4.36
N TRP D 37 -39.34 93.96 -4.11
CA TRP D 37 -38.71 95.17 -4.58
C TRP D 37 -38.95 95.33 -6.07
N GLU D 38 -38.84 94.23 -6.81
CA GLU D 38 -39.05 94.28 -8.24
C GLU D 38 -40.47 94.67 -8.61
N ARG D 39 -41.45 94.23 -7.83
CA ARG D 39 -42.82 94.60 -8.14
C ARG D 39 -43.06 96.08 -7.82
N LEU D 40 -42.44 96.55 -6.74
CA LEU D 40 -42.57 97.94 -6.31
C LEU D 40 -41.98 98.88 -7.35
N ILE D 41 -40.76 98.59 -7.79
CA ILE D 41 -40.07 99.37 -8.81
C ILE D 41 -40.94 99.44 -10.05
N GLN D 42 -41.55 98.31 -10.39
CA GLN D 42 -42.42 98.25 -11.55
C GLN D 42 -43.62 99.15 -11.35
N GLU D 43 -44.10 99.24 -10.12
CA GLU D 43 -45.26 100.08 -9.79
C GLU D 43 -44.88 101.56 -9.81
N ALA D 44 -43.67 101.86 -9.35
CA ALA D 44 -43.18 103.23 -9.34
C ALA D 44 -43.11 103.73 -10.79
N LEU D 45 -42.50 102.92 -11.65
CA LEU D 45 -42.35 103.26 -13.06
C LEU D 45 -43.68 103.41 -13.77
N ALA D 46 -44.70 102.71 -13.31
CA ALA D 46 -46.01 102.80 -13.94
C ALA D 46 -46.66 104.16 -13.65
N GLN D 47 -46.25 104.75 -12.54
CA GLN D 47 -46.78 106.05 -12.12
C GLN D 47 -45.84 107.17 -12.54
N GLY D 48 -44.71 106.80 -13.12
CA GLY D 48 -43.75 107.81 -13.55
C GLY D 48 -42.90 108.33 -12.39
N ASN D 49 -42.96 107.64 -11.25
CA ASN D 49 -42.19 108.05 -10.08
C ASN D 49 -40.76 107.52 -10.19
N ALA D 50 -39.93 108.26 -10.91
CA ALA D 50 -38.53 107.87 -11.11
C ALA D 50 -37.78 107.96 -9.79
N SER D 51 -38.14 108.93 -8.96
CA SER D 51 -37.50 109.11 -7.68
C SER D 51 -37.47 107.81 -6.87
N LEU D 52 -38.63 107.17 -6.76
CA LEU D 52 -38.74 105.91 -6.02
C LEU D 52 -37.91 104.80 -6.68
N ALA D 53 -38.05 104.63 -7.99
CA ALA D 53 -37.29 103.62 -8.72
C ALA D 53 -35.80 103.81 -8.43
N GLU D 54 -35.35 105.07 -8.43
CA GLU D 54 -33.96 105.38 -8.15
C GLU D 54 -33.64 104.90 -6.75
N MET D 55 -34.53 105.24 -5.83
CA MET D 55 -34.39 104.87 -4.43
C MET D 55 -34.14 103.37 -4.30
N ILE D 56 -35.04 102.57 -4.88
CA ILE D 56 -34.93 101.12 -4.82
C ILE D 56 -33.71 100.60 -5.55
N TYR D 57 -33.31 101.28 -6.62
CA TYR D 57 -32.15 100.88 -7.41
C TYR D 57 -30.87 101.05 -6.60
N GLN D 58 -30.71 102.18 -5.94
CA GLN D 58 -29.51 102.43 -5.14
C GLN D 58 -29.32 101.36 -4.09
N THR D 59 -30.33 101.20 -3.22
CA THR D 59 -30.26 100.23 -2.15
C THR D 59 -30.09 98.79 -2.66
N GLN D 60 -30.62 98.49 -3.83
CA GLN D 60 -30.51 97.15 -4.38
C GLN D 60 -29.30 96.99 -5.32
N HIS D 61 -28.40 97.96 -5.28
CA HIS D 61 -27.17 97.99 -6.09
C HIS D 61 -27.25 97.60 -7.58
N SER D 62 -28.19 98.21 -8.30
CA SER D 62 -28.36 97.96 -9.74
C SER D 62 -27.92 99.24 -10.47
N PHE D 63 -26.63 99.56 -10.36
CA PHE D 63 -26.05 100.75 -10.96
C PHE D 63 -26.33 101.02 -12.43
N ASP D 64 -26.23 100.01 -13.27
CA ASP D 64 -26.48 100.23 -14.69
C ASP D 64 -27.91 100.68 -14.94
N LYS D 65 -28.84 100.22 -14.12
CA LYS D 65 -30.24 100.63 -14.26
C LYS D 65 -30.41 102.04 -13.72
N LEU D 66 -29.54 102.39 -12.76
CA LEU D 66 -29.55 103.71 -12.16
C LEU D 66 -29.12 104.70 -13.23
N SER D 67 -28.02 104.36 -13.91
CA SER D 67 -27.48 105.17 -14.98
C SER D 67 -28.50 105.38 -16.08
N PHE D 68 -29.18 104.30 -16.49
CA PHE D 68 -30.19 104.42 -17.54
C PHE D 68 -31.31 105.37 -17.12
N LEU D 69 -31.67 105.36 -15.83
CA LEU D 69 -32.75 106.23 -15.36
C LEU D 69 -32.30 107.69 -15.32
N TYR D 70 -31.04 107.91 -14.94
CA TYR D 70 -30.53 109.27 -14.91
C TYR D 70 -30.51 109.80 -16.36
N LEU D 71 -30.25 108.91 -17.32
CA LEU D 71 -30.21 109.28 -18.72
C LEU D 71 -31.55 109.80 -19.23
N VAL D 72 -32.59 108.97 -19.12
CA VAL D 72 -33.91 109.36 -19.61
C VAL D 72 -34.50 110.49 -18.77
N THR D 73 -33.96 110.64 -17.57
CA THR D 73 -34.40 111.63 -16.62
C THR D 73 -33.67 112.98 -16.78
N GLY D 74 -32.57 112.98 -17.51
CA GLY D 74 -31.82 114.20 -17.72
C GLY D 74 -30.98 114.58 -16.52
N ASP D 75 -30.61 113.60 -15.70
CA ASP D 75 -29.78 113.90 -14.55
C ASP D 75 -28.33 113.76 -14.95
N VAL D 76 -27.85 114.77 -15.65
CA VAL D 76 -26.47 114.86 -16.14
C VAL D 76 -25.49 114.68 -14.98
N ASN D 77 -25.72 115.44 -13.91
CA ASN D 77 -24.89 115.43 -12.71
C ASN D 77 -24.64 114.00 -12.18
N LYS D 78 -25.68 113.40 -11.59
CA LYS D 78 -25.58 112.06 -11.04
C LYS D 78 -24.93 111.04 -11.97
N LEU D 79 -25.04 111.27 -13.27
CA LEU D 79 -24.49 110.33 -14.24
C LEU D 79 -22.98 110.15 -14.18
N SER D 80 -22.28 111.12 -13.60
CA SER D 80 -20.82 111.03 -13.50
C SER D 80 -20.45 110.20 -12.27
N LYS D 81 -21.21 110.39 -11.20
CA LYS D 81 -20.99 109.66 -9.96
C LYS D 81 -21.08 108.17 -10.24
N MET D 82 -21.89 107.80 -11.23
CA MET D 82 -22.06 106.40 -11.61
C MET D 82 -20.79 105.92 -12.28
N GLN D 83 -19.97 106.86 -12.73
CA GLN D 83 -18.70 106.54 -13.38
C GLN D 83 -17.70 106.20 -12.27
N ASN D 84 -17.70 107.00 -11.22
CA ASN D 84 -16.80 106.80 -10.08
C ASN D 84 -17.13 105.52 -9.33
N ILE D 85 -18.37 105.06 -9.44
CA ILE D 85 -18.81 103.84 -8.78
C ILE D 85 -18.46 102.63 -9.65
N ALA D 86 -18.67 102.76 -10.96
CA ALA D 86 -18.38 101.69 -11.90
C ALA D 86 -16.87 101.52 -12.01
N GLN D 87 -16.14 102.57 -11.65
CA GLN D 87 -14.68 102.56 -11.69
C GLN D 87 -14.19 101.83 -10.45
N THR D 88 -14.41 102.44 -9.30
CA THR D 88 -14.02 101.86 -8.02
C THR D 88 -14.93 100.65 -7.80
N ARG D 89 -14.90 99.72 -8.75
CA ARG D 89 -15.73 98.51 -8.69
C ARG D 89 -15.28 97.55 -9.79
N GLU D 90 -14.32 98.00 -10.58
CA GLU D 90 -13.80 97.19 -11.67
C GLU D 90 -14.89 96.59 -12.56
N ASP D 91 -15.57 97.43 -13.32
CA ASP D 91 -16.61 96.96 -14.24
C ASP D 91 -16.51 97.80 -15.51
N PHE D 92 -15.60 97.41 -16.39
CA PHE D 92 -15.39 98.13 -17.64
C PHE D 92 -16.66 98.28 -18.44
N GLY D 93 -17.53 97.28 -18.37
CA GLY D 93 -18.78 97.36 -19.09
C GLY D 93 -19.61 98.55 -18.65
N SER D 94 -19.49 98.90 -17.37
CA SER D 94 -20.25 100.01 -16.82
C SER D 94 -19.60 101.38 -17.01
N MET D 95 -18.32 101.51 -16.68
CA MET D 95 -17.67 102.79 -16.85
C MET D 95 -17.76 103.19 -18.31
N LEU D 96 -17.93 102.20 -19.17
CA LEU D 96 -18.05 102.43 -20.60
C LEU D 96 -19.50 102.85 -20.93
N LEU D 97 -20.47 102.20 -20.28
CA LEU D 97 -21.88 102.48 -20.50
C LEU D 97 -22.19 103.94 -20.16
N ASN D 98 -21.61 104.43 -19.07
CA ASN D 98 -21.83 105.80 -18.66
C ASN D 98 -21.24 106.77 -19.68
N THR D 99 -20.24 106.35 -20.44
CA THR D 99 -19.69 107.26 -21.44
C THR D 99 -20.60 107.31 -22.66
N PHE D 100 -21.38 106.26 -22.89
CA PHE D 100 -22.32 106.25 -24.01
C PHE D 100 -23.43 107.23 -23.67
N TYR D 101 -23.69 107.37 -22.36
CA TYR D 101 -24.74 108.26 -21.87
C TYR D 101 -24.23 109.70 -21.64
N ASN D 102 -22.95 109.80 -21.30
CA ASN D 102 -22.27 111.06 -21.03
C ASN D 102 -21.68 111.62 -22.32
N ASN D 103 -21.47 110.75 -23.29
CA ASN D 103 -20.86 111.11 -24.55
C ASN D 103 -19.50 111.73 -24.28
N SER D 104 -18.81 111.18 -23.30
CA SER D 104 -17.48 111.63 -22.93
C SER D 104 -16.48 110.69 -23.60
N THR D 105 -16.22 110.93 -24.89
CA THR D 105 -15.33 110.09 -25.68
C THR D 105 -13.88 110.12 -25.24
N LYS D 106 -13.54 111.11 -24.42
CA LYS D 106 -12.18 111.27 -23.91
C LYS D 106 -11.98 110.28 -22.78
N GLU D 107 -13.03 110.08 -21.99
CA GLU D 107 -13.01 109.14 -20.88
C GLU D 107 -13.07 107.76 -21.51
N ARG D 108 -13.93 107.60 -22.52
CA ARG D 108 -14.08 106.32 -23.18
C ARG D 108 -12.77 105.78 -23.77
N SER D 109 -11.99 106.65 -24.40
CA SER D 109 -10.72 106.21 -24.99
C SER D 109 -9.81 105.70 -23.87
N SER D 110 -9.79 106.47 -22.78
CA SER D 110 -9.02 106.13 -21.60
C SER D 110 -9.46 104.79 -21.01
N ILE D 111 -10.77 104.56 -20.98
CA ILE D 111 -11.35 103.32 -20.45
C ILE D 111 -10.90 102.13 -21.29
N PHE D 112 -10.92 102.31 -22.61
CA PHE D 112 -10.49 101.26 -23.51
C PHE D 112 -9.01 100.99 -23.25
N ALA D 113 -8.28 102.03 -22.83
CA ALA D 113 -6.87 101.90 -22.53
C ALA D 113 -6.66 100.85 -21.45
N GLU D 114 -6.95 101.19 -20.19
CA GLU D 114 -6.79 100.23 -19.12
C GLU D 114 -7.64 99.01 -19.44
N GLY D 115 -8.69 99.24 -20.20
CA GLY D 115 -9.57 98.14 -20.58
C GLY D 115 -8.82 97.04 -21.30
N GLY D 116 -7.61 97.36 -21.76
CA GLY D 116 -6.83 96.36 -22.45
C GLY D 116 -7.03 96.36 -23.95
N SER D 117 -7.60 97.42 -24.49
CA SER D 117 -7.80 97.49 -25.94
C SER D 117 -7.29 98.80 -26.52
N LEU D 118 -6.00 98.85 -26.79
CA LEU D 118 -5.40 100.04 -27.37
C LEU D 118 -6.02 100.34 -28.73
N PRO D 119 -6.26 99.31 -29.55
CA PRO D 119 -6.88 99.57 -30.86
C PRO D 119 -8.15 100.41 -30.74
N LEU D 120 -8.99 100.09 -29.77
CA LEU D 120 -10.23 100.84 -29.60
C LEU D 120 -9.96 102.22 -28.97
N ALA D 121 -9.05 102.28 -28.01
CA ALA D 121 -8.69 103.56 -27.39
C ALA D 121 -8.29 104.50 -28.50
N TYR D 122 -7.55 103.95 -29.46
CA TYR D 122 -7.09 104.70 -30.61
C TYR D 122 -8.27 105.12 -31.49
N ALA D 123 -9.09 104.15 -31.87
CA ALA D 123 -10.26 104.41 -32.72
C ALA D 123 -11.11 105.57 -32.20
N VAL D 124 -11.26 105.65 -30.90
CA VAL D 124 -12.05 106.72 -30.30
C VAL D 124 -11.34 108.05 -30.40
N ALA D 125 -10.12 108.11 -29.88
CA ALA D 125 -9.35 109.34 -29.93
C ALA D 125 -9.28 109.88 -31.38
N LYS D 126 -9.02 108.98 -32.33
CA LYS D 126 -8.91 109.34 -33.74
C LYS D 126 -10.16 109.99 -34.33
N ALA D 127 -11.25 109.23 -34.43
CA ALA D 127 -12.50 109.77 -34.99
C ALA D 127 -12.91 111.06 -34.30
N ASN D 128 -12.60 111.20 -33.01
CA ASN D 128 -12.95 112.40 -32.28
C ASN D 128 -11.84 113.43 -32.35
N GLY D 129 -11.06 113.33 -33.41
CA GLY D 129 -9.96 114.26 -33.64
C GLY D 129 -8.95 114.51 -32.52
N ASP D 130 -8.94 113.69 -31.49
CA ASP D 130 -7.97 113.89 -30.40
C ASP D 130 -6.60 113.35 -30.81
N GLU D 131 -6.08 113.89 -31.92
CA GLU D 131 -4.79 113.50 -32.50
C GLU D 131 -3.68 113.31 -31.47
N ALA D 132 -3.69 114.14 -30.43
CA ALA D 132 -2.68 114.05 -29.37
C ALA D 132 -2.56 112.64 -28.80
N ALA D 133 -3.52 112.26 -27.96
CA ALA D 133 -3.52 110.95 -27.32
C ALA D 133 -3.58 109.73 -28.26
N ALA D 134 -4.12 109.90 -29.47
CA ALA D 134 -4.22 108.80 -30.42
C ALA D 134 -2.85 108.21 -30.73
N SER D 135 -1.88 109.09 -30.95
CA SER D 135 -0.53 108.67 -31.25
C SER D 135 0.10 108.03 -30.01
N ALA D 136 -0.14 108.62 -28.84
CA ALA D 136 0.39 108.07 -27.61
C ALA D 136 -0.05 106.61 -27.49
N PHE D 137 -1.23 106.31 -28.00
CA PHE D 137 -1.77 104.96 -28.00
C PHE D 137 -0.98 104.12 -29.00
N LEU D 138 -0.88 104.61 -30.23
CA LEU D 138 -0.14 103.92 -31.27
C LEU D 138 1.28 103.64 -30.82
N GLU D 139 1.94 104.67 -30.29
CA GLU D 139 3.29 104.55 -29.77
C GLU D 139 3.29 103.43 -28.74
N GLN D 140 2.53 103.66 -27.68
CA GLN D 140 2.38 102.71 -26.58
C GLN D 140 2.04 101.29 -27.02
N ALA D 141 1.53 101.13 -28.24
CA ALA D 141 1.17 99.81 -28.74
C ALA D 141 2.18 99.27 -29.75
N GLU D 142 3.21 100.05 -30.04
CA GLU D 142 4.24 99.63 -31.00
C GLU D 142 3.59 99.37 -32.35
N VAL D 143 2.65 100.22 -32.72
CA VAL D 143 1.98 100.05 -34.00
C VAL D 143 2.54 100.99 -35.05
N ASP D 144 2.78 100.41 -36.23
CA ASP D 144 3.35 101.11 -37.38
C ASP D 144 2.92 102.56 -37.64
N GLU D 145 1.69 102.91 -37.27
CA GLU D 145 1.20 104.27 -37.48
C GLU D 145 0.87 104.53 -38.95
N GLN D 146 1.11 103.55 -39.80
CA GLN D 146 0.87 103.69 -41.23
C GLN D 146 0.16 102.46 -41.79
N ASP D 147 0.04 101.43 -40.97
CA ASP D 147 -0.64 100.20 -41.37
C ASP D 147 -2.02 100.17 -40.73
N VAL D 148 -2.33 101.25 -40.01
CA VAL D 148 -3.61 101.37 -39.33
C VAL D 148 -4.70 101.66 -40.35
N THR D 149 -5.32 100.61 -40.87
CA THR D 149 -6.39 100.77 -41.86
C THR D 149 -7.73 101.24 -41.29
N LEU D 150 -7.91 102.57 -41.24
CA LEU D 150 -9.15 103.16 -40.76
C LEU D 150 -10.26 102.85 -41.75
N PRO D 151 -11.52 103.05 -41.35
CA PRO D 151 -12.62 102.77 -42.28
C PRO D 151 -12.62 103.90 -43.30
N ASP D 152 -13.33 103.72 -44.41
CA ASP D 152 -13.36 104.77 -45.43
C ASP D 152 -13.73 106.13 -44.81
N GLN D 153 -14.74 106.15 -43.94
CA GLN D 153 -15.17 107.39 -43.31
C GLN D 153 -15.29 107.26 -41.79
N MET D 154 -15.15 108.39 -41.09
CA MET D 154 -15.31 108.43 -39.64
C MET D 154 -16.17 109.64 -39.37
N ASP D 155 -16.30 109.97 -38.09
CA ASP D 155 -17.07 111.14 -37.65
C ASP D 155 -16.82 111.23 -36.16
N ALA D 156 -16.87 112.43 -35.61
CA ALA D 156 -16.70 112.59 -34.17
C ALA D 156 -18.08 112.28 -33.59
N SER D 157 -18.19 112.12 -32.29
CA SER D 157 -19.50 111.79 -31.72
C SER D 157 -20.38 113.02 -31.49
N ASN D 158 -21.06 113.47 -32.54
CA ASN D 158 -21.93 114.65 -32.44
C ASN D 158 -23.41 114.36 -32.71
N PHE D 159 -23.74 113.10 -32.98
CA PHE D 159 -25.12 112.73 -33.27
C PHE D 159 -26.00 112.48 -32.04
N VAL D 160 -25.40 112.57 -30.87
CA VAL D 160 -26.09 112.33 -29.61
C VAL D 160 -26.99 113.49 -29.15
N GLN D 161 -28.26 113.20 -28.88
CA GLN D 161 -29.21 114.21 -28.40
C GLN D 161 -28.74 114.80 -27.07
N ARG D 162 -29.22 116.00 -26.76
CA ARG D 162 -28.85 116.68 -25.52
C ARG D 162 -30.08 117.03 -24.68
N PRO D 163 -29.90 117.18 -23.37
CA PRO D 163 -31.03 117.52 -22.50
C PRO D 163 -31.60 118.87 -22.91
N VAL D 164 -32.89 118.88 -23.23
CA VAL D 164 -33.57 120.10 -23.63
C VAL D 164 -34.05 120.83 -22.38
N ILE D 165 -34.29 120.06 -21.32
CA ILE D 165 -34.74 120.62 -20.05
C ILE D 165 -33.56 121.16 -19.25
N SER D 166 -33.85 121.76 -18.11
CA SER D 166 -32.80 122.31 -17.26
C SER D 166 -32.57 121.41 -16.05
N LYS D 167 -33.63 121.21 -15.27
CA LYS D 167 -33.58 120.38 -14.07
C LYS D 167 -34.10 118.97 -14.37
N PRO D 168 -33.48 117.93 -13.81
CA PRO D 168 -33.93 116.57 -14.05
C PRO D 168 -35.37 116.40 -13.62
N LEU D 169 -36.11 115.54 -14.32
CA LEU D 169 -37.49 115.29 -13.96
C LEU D 169 -37.51 114.11 -13.00
N GLU D 170 -37.64 114.39 -11.71
CA GLU D 170 -37.64 113.31 -10.70
C GLU D 170 -38.92 112.50 -10.63
N LYS D 171 -40.05 113.14 -10.87
CA LYS D 171 -41.33 112.45 -10.88
C LYS D 171 -42.13 112.96 -12.06
N TRP D 172 -43.01 112.13 -12.59
CA TRP D 172 -43.82 112.59 -13.70
C TRP D 172 -45.05 113.25 -13.08
N PRO D 173 -45.51 114.37 -13.65
CA PRO D 173 -46.67 115.15 -13.22
C PRO D 173 -47.97 114.34 -13.06
N LEU D 174 -48.54 114.35 -11.86
CA LEU D 174 -49.79 113.62 -11.59
C LEU D 174 -50.86 114.52 -10.97
N LYS D 175 -52.13 114.19 -11.23
CA LYS D 175 -53.24 114.95 -10.69
C LYS D 175 -53.48 114.63 -9.22
N GLU D 176 -54.13 115.57 -8.53
CA GLU D 176 -54.46 115.41 -7.12
C GLU D 176 -55.26 114.11 -6.96
N ALA D 177 -56.16 113.87 -7.92
CA ALA D 177 -57.01 112.69 -7.93
C ALA D 177 -56.24 111.43 -7.60
N MET E 1 -23.17 13.92 26.63
CA MET E 1 -23.69 12.56 26.72
C MET E 1 -23.08 11.86 27.94
N LYS E 2 -23.81 11.88 29.06
CA LYS E 2 -23.36 11.26 30.30
C LYS E 2 -23.74 9.79 30.37
N LEU E 3 -22.74 8.94 30.57
CA LEU E 3 -22.97 7.51 30.66
C LEU E 3 -21.94 6.83 31.54
N ASP E 4 -22.41 6.02 32.50
CA ASP E 4 -21.48 5.32 33.37
C ASP E 4 -21.36 3.88 32.89
N ILE E 5 -20.24 3.61 32.23
CA ILE E 5 -19.97 2.30 31.67
C ILE E 5 -19.41 1.32 32.69
N LYS E 6 -20.07 0.17 32.83
CA LYS E 6 -19.60 -0.85 33.76
C LYS E 6 -19.13 -2.07 32.96
N LYS E 7 -18.02 -2.66 33.38
CA LYS E 7 -17.52 -3.84 32.70
C LYS E 7 -18.36 -5.02 33.18
N THR E 8 -19.37 -5.40 32.40
CA THR E 8 -20.20 -6.52 32.81
C THR E 8 -19.45 -7.85 32.84
N PHE E 9 -18.66 -8.11 31.81
CA PHE E 9 -17.95 -9.40 31.70
C PHE E 9 -16.90 -9.44 30.59
N SER E 10 -15.66 -9.77 30.92
CA SER E 10 -14.62 -9.86 29.90
C SER E 10 -13.92 -11.21 30.03
N ASN E 11 -13.76 -11.89 28.89
CA ASN E 11 -13.14 -13.22 28.88
C ASN E 11 -12.01 -13.36 27.87
N ARG E 12 -10.91 -13.96 28.31
CA ARG E 12 -9.71 -14.20 27.48
C ARG E 12 -9.91 -15.41 26.59
N SER E 13 -9.38 -15.33 25.37
CA SER E 13 -9.52 -16.42 24.41
C SER E 13 -8.81 -16.05 23.13
N ASP E 14 -8.95 -16.92 22.12
CA ASP E 14 -8.35 -16.67 20.82
C ASP E 14 -9.13 -15.51 20.19
N ARG E 15 -8.60 -14.95 19.11
CA ARG E 15 -9.26 -13.84 18.43
C ARG E 15 -10.72 -14.17 18.07
N VAL E 16 -11.66 -13.31 18.49
CA VAL E 16 -13.06 -13.55 18.19
C VAL E 16 -13.42 -12.61 17.05
N LYS E 17 -13.92 -13.20 15.97
CA LYS E 17 -14.28 -12.45 14.76
C LYS E 17 -15.78 -12.20 14.59
N GLY E 18 -16.57 -12.91 15.37
CA GLY E 18 -18.00 -12.75 15.31
C GLY E 18 -18.54 -12.63 16.72
N ILE E 19 -19.65 -11.93 16.89
CA ILE E 19 -20.23 -11.77 18.20
C ILE E 19 -21.69 -11.35 18.05
N ASP E 20 -22.57 -11.87 18.92
CA ASP E 20 -23.99 -11.55 18.86
C ASP E 20 -24.64 -11.69 20.25
N PHE E 21 -25.71 -10.93 20.51
CA PHE E 21 -26.43 -11.01 21.79
C PHE E 21 -27.69 -11.81 21.58
N HIS E 22 -28.10 -12.54 22.59
CA HIS E 22 -29.34 -13.31 22.53
C HIS E 22 -30.42 -12.31 22.99
N PRO E 23 -31.62 -12.39 22.39
CA PRO E 23 -32.74 -11.49 22.73
C PRO E 23 -33.22 -11.57 24.18
N THR E 24 -33.75 -12.74 24.54
CA THR E 24 -34.31 -13.01 25.85
C THR E 24 -33.38 -13.57 26.93
N GLU E 25 -32.31 -14.25 26.52
CA GLU E 25 -31.38 -14.84 27.50
C GLU E 25 -30.13 -14.00 27.58
N PRO E 26 -29.56 -13.87 28.79
CA PRO E 26 -28.34 -13.07 28.97
C PRO E 26 -27.07 -13.70 28.41
N TRP E 27 -27.12 -14.11 27.14
CA TRP E 27 -25.97 -14.71 26.49
C TRP E 27 -25.40 -13.86 25.38
N VAL E 28 -24.15 -14.12 25.05
CA VAL E 28 -23.44 -13.45 23.98
C VAL E 28 -22.78 -14.60 23.20
N LEU E 29 -22.96 -14.61 21.88
CA LEU E 29 -22.37 -15.64 21.04
C LEU E 29 -20.99 -15.21 20.53
N THR E 30 -20.05 -16.14 20.58
CA THR E 30 -18.69 -15.86 20.15
C THR E 30 -18.20 -16.86 19.08
N THR E 31 -17.72 -16.36 17.93
CA THR E 31 -17.17 -17.23 16.90
C THR E 31 -15.69 -16.88 16.85
N LEU E 32 -14.83 -17.89 16.92
CA LEU E 32 -13.39 -17.65 16.92
C LEU E 32 -12.62 -18.00 15.66
N TYR E 33 -11.45 -17.39 15.55
CA TYR E 33 -10.52 -17.56 14.44
C TYR E 33 -10.02 -19.01 14.45
N SER E 34 -10.00 -19.59 15.65
CA SER E 34 -9.54 -20.96 15.88
C SER E 34 -10.49 -22.03 15.35
N GLY E 35 -11.70 -21.63 14.97
CA GLY E 35 -12.66 -22.60 14.47
C GLY E 35 -13.72 -22.96 15.49
N ARG E 36 -13.48 -22.57 16.72
CA ARG E 36 -14.44 -22.88 17.77
C ARG E 36 -15.38 -21.68 18.00
N VAL E 37 -16.59 -21.99 18.48
CA VAL E 37 -17.58 -20.97 18.80
C VAL E 37 -18.12 -21.28 20.20
N GLU E 38 -18.38 -20.23 20.97
CA GLU E 38 -18.88 -20.43 22.32
C GLU E 38 -19.90 -19.39 22.78
N ILE E 39 -20.84 -19.85 23.61
CA ILE E 39 -21.90 -19.03 24.17
C ILE E 39 -21.69 -18.81 25.67
N TRP E 40 -21.59 -17.56 26.09
CA TRP E 40 -21.43 -17.26 27.51
C TRP E 40 -22.57 -16.45 28.10
N ASN E 41 -22.96 -16.82 29.32
CA ASN E 41 -24.00 -16.08 30.03
C ASN E 41 -23.13 -15.05 30.72
N TYR E 42 -23.16 -13.81 30.23
CA TYR E 42 -22.31 -12.77 30.81
C TYR E 42 -22.75 -12.26 32.18
N GLU E 43 -23.94 -12.64 32.62
CA GLU E 43 -24.39 -12.19 33.92
C GLU E 43 -24.02 -13.18 35.03
N THR E 44 -24.17 -14.48 34.77
CA THR E 44 -23.81 -15.51 35.75
C THR E 44 -22.36 -15.93 35.52
N GLN E 45 -21.75 -15.37 34.47
CA GLN E 45 -20.36 -15.68 34.12
C GLN E 45 -20.09 -17.17 33.93
N VAL E 46 -21.11 -17.86 33.41
CA VAL E 46 -20.99 -19.29 33.17
C VAL E 46 -21.08 -19.59 31.68
N GLU E 47 -20.18 -20.44 31.20
CA GLU E 47 -20.15 -20.79 29.79
C GLU E 47 -21.28 -21.76 29.50
N VAL E 48 -22.22 -21.38 28.63
CA VAL E 48 -23.31 -22.29 28.30
C VAL E 48 -22.67 -23.49 27.64
N ARG E 49 -22.04 -23.27 26.49
CA ARG E 49 -21.37 -24.35 25.80
C ARG E 49 -20.22 -23.84 24.92
N SER E 50 -19.48 -24.78 24.34
CA SER E 50 -18.34 -24.49 23.49
C SER E 50 -18.40 -25.52 22.35
N ILE E 51 -18.00 -25.13 21.15
CA ILE E 51 -18.04 -26.06 20.02
C ILE E 51 -16.95 -25.79 19.00
N GLN E 52 -16.14 -26.81 18.71
CA GLN E 52 -15.08 -26.71 17.71
C GLN E 52 -15.76 -27.12 16.41
N VAL E 53 -16.39 -26.18 15.72
CA VAL E 53 -17.11 -26.50 14.47
C VAL E 53 -16.24 -26.75 13.25
N THR E 54 -14.98 -26.30 13.30
CA THR E 54 -14.06 -26.49 12.19
C THR E 54 -12.66 -26.09 12.61
N GLU E 55 -11.69 -26.25 11.72
CA GLU E 55 -10.31 -25.89 12.01
C GLU E 55 -9.95 -24.53 11.45
N THR E 56 -10.78 -24.07 10.52
CA THR E 56 -10.58 -22.78 9.89
C THR E 56 -11.28 -21.71 10.73
N PRO E 57 -10.98 -20.42 10.51
CA PRO E 57 -11.68 -19.42 11.32
C PRO E 57 -13.15 -19.25 10.91
N VAL E 58 -14.00 -18.99 11.89
CA VAL E 58 -15.43 -18.78 11.68
C VAL E 58 -15.61 -17.30 11.82
N ARG E 59 -15.82 -16.60 10.70
CA ARG E 59 -15.93 -15.15 10.71
C ARG E 59 -17.30 -14.58 11.06
N ALA E 60 -18.36 -15.36 10.87
CA ALA E 60 -19.70 -14.87 11.17
C ALA E 60 -20.50 -15.80 12.06
N GLY E 61 -21.35 -15.19 12.90
CA GLY E 61 -22.19 -15.93 13.82
C GLY E 61 -23.43 -15.17 14.25
N LYS E 62 -24.58 -15.83 14.19
CA LYS E 62 -25.85 -15.23 14.56
C LYS E 62 -26.79 -16.18 15.31
N PHE E 63 -27.58 -15.59 16.21
CA PHE E 63 -28.57 -16.32 17.00
C PHE E 63 -29.86 -16.30 16.19
N ILE E 64 -30.59 -17.40 16.22
CA ILE E 64 -31.89 -17.44 15.59
C ILE E 64 -32.78 -17.99 16.70
N ALA E 65 -32.86 -17.20 17.77
CA ALA E 65 -33.63 -17.51 18.98
C ALA E 65 -34.98 -18.16 18.70
N ARG E 66 -35.70 -17.66 17.70
CA ARG E 66 -37.01 -18.22 17.36
C ARG E 66 -36.92 -19.69 17.01
N LYS E 67 -35.72 -20.27 17.13
CA LYS E 67 -35.51 -21.68 16.79
C LYS E 67 -34.50 -22.34 17.71
N ASN E 68 -33.90 -21.57 18.60
CA ASN E 68 -32.90 -22.08 19.53
C ASN E 68 -31.63 -22.47 18.78
N TRP E 69 -31.38 -21.78 17.68
CA TRP E 69 -30.21 -22.03 16.85
C TRP E 69 -29.16 -20.93 16.92
N ILE E 70 -27.97 -21.26 16.44
CA ILE E 70 -26.90 -20.29 16.28
C ILE E 70 -26.48 -20.69 14.88
N ILE E 71 -26.44 -19.72 13.95
CA ILE E 71 -26.03 -20.02 12.59
C ILE E 71 -24.62 -19.46 12.45
N VAL E 72 -23.73 -20.23 11.81
CA VAL E 72 -22.35 -19.83 11.68
C VAL E 72 -21.75 -20.04 10.27
N GLY E 73 -20.84 -19.13 9.89
CA GLY E 73 -20.19 -19.21 8.59
C GLY E 73 -18.69 -19.18 8.78
N SER E 74 -17.96 -20.02 8.07
CA SER E 74 -16.50 -20.07 8.21
C SER E 74 -15.74 -20.15 6.90
N ASP E 75 -14.41 -20.20 7.01
CA ASP E 75 -13.53 -20.24 5.83
C ASP E 75 -13.55 -21.56 5.06
N ASP E 76 -14.31 -22.54 5.55
CA ASP E 76 -14.46 -23.83 4.88
C ASP E 76 -15.34 -23.57 3.69
N PHE E 77 -16.01 -22.43 3.70
CA PHE E 77 -16.96 -22.00 2.68
C PHE E 77 -18.34 -22.48 3.13
N ARG E 78 -18.41 -23.03 4.33
CA ARG E 78 -19.66 -23.57 4.81
C ARG E 78 -20.44 -22.79 5.87
N ILE E 79 -21.75 -22.95 5.81
CA ILE E 79 -22.68 -22.34 6.73
C ILE E 79 -23.17 -23.51 7.60
N ARG E 80 -22.95 -23.41 8.91
CA ARG E 80 -23.38 -24.47 9.83
C ARG E 80 -24.37 -23.95 10.87
N VAL E 81 -25.46 -24.70 11.06
CA VAL E 81 -26.48 -24.35 12.03
C VAL E 81 -26.48 -25.35 13.19
N PHE E 82 -26.61 -24.84 14.40
CA PHE E 82 -26.64 -25.69 15.58
C PHE E 82 -27.83 -25.32 16.48
N ASN E 83 -28.17 -26.22 17.41
CA ASN E 83 -29.24 -26.00 18.37
C ASN E 83 -28.49 -25.68 19.65
N TYR E 84 -28.71 -24.52 20.27
CA TYR E 84 -27.94 -24.24 21.47
C TYR E 84 -28.36 -24.98 22.73
N ASN E 85 -29.50 -25.65 22.68
CA ASN E 85 -29.96 -26.43 23.83
C ASN E 85 -29.31 -27.81 23.78
N THR E 86 -29.51 -28.48 22.65
CA THR E 86 -29.01 -29.84 22.43
C THR E 86 -27.58 -30.01 21.93
N GLY E 87 -27.04 -28.97 21.31
CA GLY E 87 -25.69 -29.06 20.78
C GLY E 87 -25.65 -29.76 19.43
N GLU E 88 -26.81 -30.17 18.94
CA GLU E 88 -26.90 -30.89 17.66
C GLU E 88 -26.71 -30.00 16.44
N LYS E 89 -26.02 -30.53 15.43
CA LYS E 89 -25.84 -29.79 14.20
C LYS E 89 -27.13 -29.99 13.39
N VAL E 90 -27.79 -28.89 13.07
CA VAL E 90 -29.05 -28.92 12.34
C VAL E 90 -28.81 -29.04 10.84
N VAL E 91 -27.76 -28.39 10.36
CA VAL E 91 -27.39 -28.43 8.95
C VAL E 91 -25.92 -28.03 8.77
N ASP E 92 -25.35 -28.41 7.63
CA ASP E 92 -23.95 -28.14 7.30
C ASP E 92 -23.80 -28.22 5.79
N PHE E 93 -23.60 -27.09 5.12
CA PHE E 93 -23.45 -27.10 3.69
C PHE E 93 -22.47 -26.04 3.18
N GLU E 94 -22.11 -26.12 1.89
CA GLU E 94 -21.20 -25.14 1.31
C GLU E 94 -22.00 -23.99 0.74
N ALA E 95 -21.86 -22.82 1.34
CA ALA E 95 -22.61 -21.66 0.90
C ALA E 95 -21.99 -20.94 -0.28
N HIS E 96 -20.66 -20.82 -0.28
CA HIS E 96 -19.96 -20.14 -1.36
C HIS E 96 -18.66 -20.83 -1.73
N PRO E 97 -18.09 -20.48 -2.89
CA PRO E 97 -16.83 -21.11 -3.28
C PRO E 97 -15.62 -20.36 -2.72
N ASP E 98 -15.86 -19.53 -1.71
CA ASP E 98 -14.82 -18.75 -1.06
C ASP E 98 -15.30 -18.35 0.35
N TYR E 99 -14.46 -17.65 1.12
CA TYR E 99 -14.77 -17.22 2.49
C TYR E 99 -16.10 -16.49 2.67
N ILE E 100 -16.74 -16.73 3.81
CA ILE E 100 -18.00 -16.10 4.17
C ILE E 100 -17.63 -15.01 5.18
N ARG E 101 -17.99 -13.78 4.88
CA ARG E 101 -17.64 -12.64 5.76
C ARG E 101 -18.71 -12.18 6.71
N SER E 102 -19.95 -12.25 6.26
CA SER E 102 -21.06 -11.74 7.04
C SER E 102 -22.36 -12.53 6.87
N ILE E 103 -23.12 -12.62 7.97
CA ILE E 103 -24.39 -13.32 7.95
C ILE E 103 -25.45 -12.46 8.63
N ALA E 104 -26.63 -12.41 8.04
CA ALA E 104 -27.72 -11.63 8.62
C ALA E 104 -29.01 -12.47 8.67
N VAL E 105 -29.76 -12.32 9.76
CA VAL E 105 -31.01 -13.05 9.93
C VAL E 105 -32.23 -12.13 9.74
N HIS E 106 -33.17 -12.57 8.91
CA HIS E 106 -34.39 -11.80 8.68
C HIS E 106 -35.14 -11.93 9.99
N PRO E 107 -35.74 -10.84 10.50
CA PRO E 107 -36.46 -10.86 11.78
C PRO E 107 -37.85 -11.47 11.78
N THR E 108 -38.42 -11.70 10.61
CA THR E 108 -39.77 -12.22 10.53
C THR E 108 -39.97 -13.42 9.62
N LYS E 109 -39.15 -13.51 8.58
CA LYS E 109 -39.23 -14.64 7.66
C LYS E 109 -38.04 -15.57 7.90
N PRO E 110 -38.13 -16.82 7.43
CA PRO E 110 -37.04 -17.79 7.62
C PRO E 110 -35.90 -17.59 6.62
N TYR E 111 -35.54 -16.33 6.36
CA TYR E 111 -34.47 -15.99 5.45
C TYR E 111 -33.17 -15.70 6.18
N VAL E 112 -32.07 -15.99 5.52
CA VAL E 112 -30.75 -15.73 6.08
C VAL E 112 -29.90 -15.28 4.89
N LEU E 113 -29.07 -14.27 5.11
CA LEU E 113 -28.20 -13.75 4.06
C LEU E 113 -26.75 -13.97 4.44
N SER E 114 -25.93 -14.30 3.45
CA SER E 114 -24.50 -14.49 3.65
C SER E 114 -23.75 -13.71 2.57
N GLY E 115 -22.68 -13.04 3.00
CA GLY E 115 -21.84 -12.24 2.11
C GLY E 115 -20.50 -12.95 2.05
N SER E 116 -19.96 -13.07 0.86
CA SER E 116 -18.73 -13.81 0.64
C SER E 116 -17.67 -13.11 -0.22
N ASP E 117 -16.44 -13.62 -0.18
CA ASP E 117 -15.37 -13.07 -1.00
C ASP E 117 -15.63 -13.49 -2.44
N ASP E 118 -16.66 -14.30 -2.67
CA ASP E 118 -16.98 -14.73 -4.04
C ASP E 118 -17.72 -13.62 -4.76
N LEU E 119 -17.66 -12.41 -4.19
CA LEU E 119 -18.29 -11.22 -4.77
C LEU E 119 -19.81 -11.17 -4.73
N THR E 120 -20.43 -12.14 -4.08
CA THR E 120 -21.89 -12.18 -4.05
C THR E 120 -22.54 -12.18 -2.69
N VAL E 121 -23.87 -12.12 -2.71
CA VAL E 121 -24.69 -12.18 -1.53
C VAL E 121 -25.69 -13.29 -1.87
N LYS E 122 -25.90 -14.20 -0.93
CA LYS E 122 -26.81 -15.31 -1.15
C LYS E 122 -27.95 -15.33 -0.15
N LEU E 123 -29.15 -15.68 -0.63
CA LEU E 123 -30.34 -15.73 0.21
C LEU E 123 -30.82 -17.18 0.41
N TRP E 124 -30.79 -17.63 1.67
CA TRP E 124 -31.19 -18.99 2.02
C TRP E 124 -32.49 -19.07 2.84
N ASN E 125 -33.40 -19.95 2.41
CA ASN E 125 -34.71 -20.16 3.06
C ASN E 125 -34.60 -21.45 3.88
N TRP E 126 -34.64 -21.34 5.21
CA TRP E 126 -34.50 -22.51 6.07
C TRP E 126 -35.77 -23.32 6.25
N GLU E 127 -36.91 -22.77 5.86
CA GLU E 127 -38.14 -23.52 5.98
C GLU E 127 -38.29 -24.24 4.68
N ASN E 128 -37.24 -24.15 3.88
CA ASN E 128 -37.25 -24.75 2.58
C ASN E 128 -36.07 -25.69 2.47
N ASN E 129 -35.59 -26.16 3.62
CA ASN E 129 -34.47 -27.09 3.64
C ASN E 129 -33.17 -26.33 3.32
N TRP E 130 -33.20 -25.02 3.49
CA TRP E 130 -32.05 -24.16 3.23
C TRP E 130 -31.70 -24.06 1.75
N ALA E 131 -32.72 -23.96 0.91
CA ALA E 131 -32.52 -23.84 -0.53
C ALA E 131 -31.97 -22.45 -0.85
N LEU E 132 -31.19 -22.37 -1.93
CA LEU E 132 -30.61 -21.11 -2.36
C LEU E 132 -31.69 -20.41 -3.17
N GLU E 133 -32.40 -19.50 -2.52
CA GLU E 133 -33.49 -18.76 -3.14
C GLU E 133 -33.04 -17.64 -4.06
N GLN E 134 -31.85 -17.11 -3.85
CA GLN E 134 -31.37 -16.01 -4.68
C GLN E 134 -29.90 -15.68 -4.47
N THR E 135 -29.24 -15.24 -5.53
CA THR E 135 -27.84 -14.85 -5.47
C THR E 135 -27.77 -13.42 -5.99
N PHE E 136 -27.26 -12.52 -5.16
CA PHE E 136 -27.15 -11.12 -5.57
C PHE E 136 -25.76 -10.81 -6.15
N GLU E 137 -25.75 -10.45 -7.43
CA GLU E 137 -24.51 -10.14 -8.13
C GLU E 137 -24.41 -8.69 -8.59
N GLY E 138 -23.21 -8.13 -8.47
CA GLY E 138 -23.00 -6.75 -8.87
C GLY E 138 -21.74 -6.20 -8.22
N HIS E 139 -21.46 -6.64 -7.00
CA HIS E 139 -20.27 -6.19 -6.32
C HIS E 139 -19.01 -6.63 -7.07
N GLU E 140 -17.99 -5.77 -7.06
CA GLU E 140 -16.76 -6.08 -7.76
C GLU E 140 -15.61 -6.40 -6.83
N HIS E 141 -15.93 -6.80 -5.61
CA HIS E 141 -14.92 -7.17 -4.63
C HIS E 141 -15.55 -7.95 -3.47
N PHE E 142 -14.75 -8.23 -2.45
CA PHE E 142 -15.22 -8.97 -1.28
C PHE E 142 -16.38 -8.26 -0.62
N VAL E 143 -17.48 -8.98 -0.40
CA VAL E 143 -18.64 -8.40 0.27
C VAL E 143 -18.29 -8.64 1.75
N MET E 144 -18.07 -7.56 2.48
CA MET E 144 -17.65 -7.62 3.89
C MET E 144 -18.72 -7.64 4.98
N CYS E 145 -19.90 -7.13 4.67
CA CYS E 145 -20.93 -7.05 5.67
C CYS E 145 -22.26 -6.91 4.99
N VAL E 146 -23.26 -7.57 5.55
CA VAL E 146 -24.58 -7.52 5.00
C VAL E 146 -25.55 -7.27 6.16
N ALA E 147 -26.60 -6.48 5.91
CA ALA E 147 -27.52 -6.18 7.00
C ALA E 147 -28.85 -5.75 6.52
N PHE E 148 -29.90 -6.28 7.15
CA PHE E 148 -31.27 -5.91 6.80
C PHE E 148 -31.63 -4.54 7.34
N ASN E 149 -32.51 -3.87 6.61
CA ASN E 149 -32.99 -2.58 7.05
C ASN E 149 -34.06 -2.96 8.08
N PRO E 150 -33.82 -2.66 9.36
CA PRO E 150 -34.78 -3.00 10.41
C PRO E 150 -36.15 -2.36 10.26
N LYS E 151 -36.23 -1.28 9.48
CA LYS E 151 -37.50 -0.59 9.25
C LYS E 151 -38.22 -1.06 8.00
N ASP E 152 -37.56 -1.93 7.24
CA ASP E 152 -38.11 -2.49 6.01
C ASP E 152 -37.23 -3.63 5.56
N PRO E 153 -37.32 -4.76 6.27
CA PRO E 153 -36.54 -5.96 5.97
C PRO E 153 -36.75 -6.61 4.61
N SER E 154 -37.46 -5.93 3.71
CA SER E 154 -37.66 -6.48 2.37
C SER E 154 -36.46 -5.98 1.56
N THR E 155 -35.70 -5.08 2.18
CA THR E 155 -34.50 -4.53 1.57
C THR E 155 -33.37 -4.78 2.56
N PHE E 156 -32.14 -4.76 2.07
CA PHE E 156 -30.96 -4.98 2.90
C PHE E 156 -29.78 -4.34 2.21
N ALA E 157 -28.69 -4.15 2.94
CA ALA E 157 -27.52 -3.52 2.37
C ALA E 157 -26.28 -4.40 2.42
N SER E 158 -25.39 -4.20 1.46
CA SER E 158 -24.14 -4.96 1.41
C SER E 158 -22.96 -3.98 1.36
N GLY E 159 -22.00 -4.19 2.27
CA GLY E 159 -20.83 -3.35 2.35
C GLY E 159 -19.75 -4.12 1.64
N CYS E 160 -19.12 -3.47 0.66
CA CYS E 160 -18.14 -4.14 -0.16
C CYS E 160 -16.79 -3.43 -0.22
N LEU E 161 -15.74 -4.23 -0.43
CA LEU E 161 -14.39 -3.71 -0.54
C LEU E 161 -14.20 -2.93 -1.83
N ASP E 162 -15.24 -2.90 -2.67
CA ASP E 162 -15.17 -2.16 -3.93
C ASP E 162 -15.53 -0.70 -3.69
N ARG E 163 -15.54 -0.29 -2.42
CA ARG E 163 -15.83 1.09 -1.98
C ARG E 163 -17.27 1.46 -2.21
N THR E 164 -18.12 0.45 -2.23
CA THR E 164 -19.53 0.62 -2.50
C THR E 164 -20.44 -0.03 -1.48
N VAL E 165 -21.64 0.53 -1.35
CA VAL E 165 -22.66 -0.06 -0.50
C VAL E 165 -23.84 -0.20 -1.45
N LYS E 166 -24.36 -1.41 -1.57
CA LYS E 166 -25.52 -1.61 -2.43
C LYS E 166 -26.73 -1.98 -1.61
N VAL E 167 -27.87 -1.41 -1.96
CA VAL E 167 -29.11 -1.69 -1.27
C VAL E 167 -30.03 -2.41 -2.27
N TRP E 168 -30.53 -3.57 -1.87
CA TRP E 168 -31.38 -4.37 -2.73
C TRP E 168 -32.67 -4.73 -2.01
N SER E 169 -33.64 -5.21 -2.78
CA SER E 169 -34.86 -5.69 -2.16
C SER E 169 -35.09 -7.11 -2.66
N LEU E 170 -35.28 -8.01 -1.71
CA LEU E 170 -35.53 -9.42 -1.99
C LEU E 170 -36.43 -9.62 -3.22
N GLY E 171 -35.92 -10.36 -4.20
CA GLY E 171 -36.68 -10.64 -5.40
C GLY E 171 -36.13 -9.96 -6.64
N GLN E 172 -35.28 -8.96 -6.45
CA GLN E 172 -34.70 -8.25 -7.59
C GLN E 172 -33.29 -8.76 -7.79
N SER E 173 -32.85 -8.77 -9.04
CA SER E 173 -31.51 -9.25 -9.35
C SER E 173 -30.52 -8.07 -9.40
N THR E 174 -31.07 -6.86 -9.49
CA THR E 174 -30.26 -5.64 -9.54
C THR E 174 -30.59 -4.80 -8.31
N PRO E 175 -29.60 -4.07 -7.77
CA PRO E 175 -29.86 -3.25 -6.58
C PRO E 175 -30.76 -2.07 -6.84
N ASN E 176 -31.39 -1.56 -5.79
CA ASN E 176 -32.26 -0.41 -5.89
C ASN E 176 -31.40 0.82 -6.21
N PHE E 177 -30.18 0.80 -5.71
CA PHE E 177 -29.24 1.88 -5.96
C PHE E 177 -27.87 1.46 -5.44
N THR E 178 -26.85 2.18 -5.89
CA THR E 178 -25.48 1.90 -5.48
C THR E 178 -24.89 3.17 -4.93
N LEU E 179 -24.42 3.13 -3.69
CA LEU E 179 -23.84 4.32 -3.07
C LEU E 179 -22.32 4.26 -3.05
N THR E 180 -21.66 5.24 -3.66
CA THR E 180 -20.19 5.25 -3.63
C THR E 180 -19.82 6.02 -2.37
N THR E 181 -18.93 5.45 -1.57
CA THR E 181 -18.55 6.03 -0.29
C THR E 181 -17.39 7.01 -0.28
N GLY E 182 -16.52 6.90 -1.27
CA GLY E 182 -15.38 7.80 -1.32
C GLY E 182 -14.31 7.38 -0.34
N GLN E 183 -14.47 6.20 0.26
CA GLN E 183 -13.49 5.66 1.19
C GLN E 183 -12.61 4.72 0.38
N GLU E 184 -11.54 5.27 -0.15
CA GLU E 184 -10.57 4.57 -1.01
C GLU E 184 -10.25 3.10 -0.70
N ARG E 185 -10.28 2.72 0.57
CA ARG E 185 -9.95 1.34 0.94
C ARG E 185 -11.12 0.35 1.01
N GLY E 186 -12.34 0.81 0.74
CA GLY E 186 -13.46 -0.11 0.77
C GLY E 186 -14.26 0.00 2.06
N VAL E 187 -15.41 -0.65 2.07
CA VAL E 187 -16.30 -0.65 3.23
C VAL E 187 -16.16 -1.97 3.98
N ASN E 188 -15.76 -1.90 5.25
CA ASN E 188 -15.65 -3.11 6.07
C ASN E 188 -16.98 -3.43 6.73
N TYR E 189 -17.79 -2.40 6.94
CA TYR E 189 -19.05 -2.57 7.64
C TYR E 189 -20.15 -1.59 7.22
N VAL E 190 -21.39 -1.98 7.48
CA VAL E 190 -22.52 -1.12 7.18
C VAL E 190 -23.62 -1.44 8.19
N ASP E 191 -24.28 -0.39 8.69
CA ASP E 191 -25.32 -0.54 9.70
C ASP E 191 -26.41 0.53 9.57
N TYR E 192 -27.67 0.14 9.80
CA TYR E 192 -28.80 1.06 9.73
C TYR E 192 -29.13 1.71 11.07
N TYR E 193 -29.51 2.98 11.03
CA TYR E 193 -29.95 3.71 12.22
C TYR E 193 -31.38 3.16 12.38
N PRO E 194 -31.64 2.42 13.47
CA PRO E 194 -32.92 1.78 13.80
C PRO E 194 -34.18 2.59 13.98
N LEU E 195 -34.05 3.87 14.28
CA LEU E 195 -35.22 4.71 14.52
C LEU E 195 -35.77 5.35 13.27
N PRO E 196 -37.08 5.62 13.25
CA PRO E 196 -37.87 6.22 12.16
C PRO E 196 -37.69 7.71 11.82
N ASP E 197 -37.12 8.51 12.72
CA ASP E 197 -36.97 9.93 12.45
C ASP E 197 -35.86 10.29 11.45
N LYS E 198 -35.09 9.32 11.00
CA LYS E 198 -34.01 9.56 10.03
C LYS E 198 -33.64 8.30 9.25
N PRO E 199 -33.48 8.43 7.92
CA PRO E 199 -33.12 7.27 7.09
C PRO E 199 -31.60 7.24 6.92
N TYR E 200 -30.89 6.87 7.98
CA TYR E 200 -29.43 6.85 7.95
C TYR E 200 -28.74 5.49 7.90
N MET E 201 -27.56 5.50 7.29
CA MET E 201 -26.69 4.33 7.18
C MET E 201 -25.33 4.82 7.62
N ILE E 202 -24.46 3.87 7.99
CA ILE E 202 -23.13 4.24 8.43
C ILE E 202 -22.15 3.18 7.94
N THR E 203 -21.00 3.64 7.43
CA THR E 203 -19.97 2.74 6.90
C THR E 203 -18.61 2.94 7.57
N ALA E 204 -17.87 1.84 7.74
CA ALA E 204 -16.55 1.89 8.35
C ALA E 204 -15.54 1.37 7.34
N SER E 205 -14.34 1.96 7.33
CA SER E 205 -13.33 1.56 6.37
C SER E 205 -11.93 1.44 6.93
N ASP E 206 -11.04 0.83 6.15
CA ASP E 206 -9.65 0.68 6.54
C ASP E 206 -8.95 2.02 6.31
N ASP E 207 -9.64 2.96 5.67
CA ASP E 207 -9.03 4.26 5.42
C ASP E 207 -9.10 5.18 6.66
N LEU E 208 -9.52 4.59 7.78
CA LEU E 208 -9.61 5.29 9.07
C LEU E 208 -10.85 6.11 9.31
N THR E 209 -11.72 6.22 8.30
CA THR E 209 -12.92 7.02 8.46
C THR E 209 -14.21 6.25 8.72
N ILE E 210 -15.21 6.98 9.19
CA ILE E 210 -16.54 6.48 9.47
C ILE E 210 -17.46 7.53 8.86
N LYS E 211 -18.29 7.13 7.90
CA LYS E 211 -19.19 8.08 7.25
C LYS E 211 -20.67 7.75 7.44
N ILE E 212 -21.45 8.74 7.84
CA ILE E 212 -22.89 8.57 8.04
C ILE E 212 -23.57 8.94 6.72
N TRP E 213 -24.56 8.16 6.30
CA TRP E 213 -25.22 8.48 5.06
C TRP E 213 -26.71 8.55 5.17
N ASP E 214 -27.32 9.29 4.26
CA ASP E 214 -28.77 9.38 4.19
C ASP E 214 -29.04 8.60 2.89
N TYR E 215 -29.60 7.41 2.99
CA TYR E 215 -29.82 6.65 1.77
C TYR E 215 -30.89 7.19 0.82
N GLN E 216 -31.55 8.27 1.20
CA GLN E 216 -32.54 8.85 0.30
C GLN E 216 -31.86 9.84 -0.62
N THR E 217 -31.02 10.70 -0.08
CA THR E 217 -30.31 11.69 -0.89
C THR E 217 -28.92 11.18 -1.31
N LYS E 218 -28.56 10.00 -0.84
CA LYS E 218 -27.26 9.40 -1.14
C LYS E 218 -26.15 10.35 -0.76
N SER E 219 -26.40 11.23 0.21
CA SER E 219 -25.41 12.19 0.63
C SER E 219 -24.75 11.84 1.95
N CYS E 220 -23.51 12.32 2.14
CA CYS E 220 -22.79 12.08 3.38
C CYS E 220 -23.19 13.14 4.38
N VAL E 221 -23.82 12.71 5.46
CA VAL E 221 -24.29 13.59 6.52
C VAL E 221 -23.11 14.03 7.40
N ALA E 222 -22.17 13.12 7.61
CA ALA E 222 -21.02 13.43 8.46
C ALA E 222 -19.89 12.41 8.32
N THR E 223 -18.69 12.83 8.73
CA THR E 223 -17.52 11.97 8.69
C THR E 223 -16.85 11.99 10.07
N LEU E 224 -16.67 10.82 10.67
CA LEU E 224 -16.05 10.70 11.98
C LEU E 224 -14.58 10.33 11.84
N GLU E 225 -13.70 11.23 12.24
CA GLU E 225 -12.27 10.95 12.17
C GLU E 225 -11.73 10.87 13.59
N GLY E 226 -10.65 10.12 13.76
CA GLY E 226 -10.07 9.99 15.08
C GLY E 226 -9.36 8.67 15.27
N HIS E 227 -9.86 7.62 14.64
CA HIS E 227 -9.22 6.32 14.77
C HIS E 227 -7.86 6.35 14.07
N MET E 228 -6.89 5.68 14.67
CA MET E 228 -5.53 5.62 14.16
C MET E 228 -5.24 4.42 13.26
N SER E 229 -6.09 3.41 13.30
CA SER E 229 -5.93 2.24 12.46
C SER E 229 -7.24 1.82 11.83
N ASN E 230 -7.20 0.78 11.00
CA ASN E 230 -8.41 0.31 10.32
C ASN E 230 -9.62 0.27 11.23
N VAL E 231 -10.74 0.79 10.74
CA VAL E 231 -11.96 0.76 11.51
C VAL E 231 -12.67 -0.55 11.13
N SER E 232 -12.87 -1.42 12.11
CA SER E 232 -13.52 -2.70 11.88
C SER E 232 -15.02 -2.61 11.74
N PHE E 233 -15.63 -1.68 12.49
CA PHE E 233 -17.09 -1.55 12.46
C PHE E 233 -17.55 -0.24 13.09
N ALA E 234 -18.84 0.07 12.89
CA ALA E 234 -19.42 1.24 13.47
C ALA E 234 -20.92 1.00 13.43
N VAL E 235 -21.62 1.21 14.54
CA VAL E 235 -23.06 0.98 14.56
C VAL E 235 -23.76 2.04 15.37
N PHE E 236 -25.06 2.16 15.14
CA PHE E 236 -25.86 3.11 15.90
C PHE E 236 -26.40 2.28 17.04
N HIS E 237 -26.40 2.82 18.25
CA HIS E 237 -26.95 2.07 19.37
C HIS E 237 -28.48 2.12 19.20
N PRO E 238 -29.19 1.05 19.59
CA PRO E 238 -30.65 1.02 19.45
C PRO E 238 -31.43 1.97 20.35
N THR E 239 -30.80 2.42 21.44
CA THR E 239 -31.45 3.30 22.40
C THR E 239 -30.70 4.63 22.60
N LEU E 240 -29.46 4.54 23.06
CA LEU E 240 -28.64 5.72 23.29
C LEU E 240 -28.35 6.49 22.02
N PRO E 241 -28.29 7.83 22.13
CA PRO E 241 -28.01 8.73 21.00
C PRO E 241 -26.53 8.64 20.68
N ILE E 242 -26.04 7.42 20.47
CA ILE E 242 -24.63 7.24 20.19
C ILE E 242 -24.28 6.25 19.08
N ILE E 243 -23.05 6.40 18.60
CA ILE E 243 -22.49 5.52 17.59
C ILE E 243 -21.31 4.80 18.24
N ILE E 244 -21.18 3.51 17.97
CA ILE E 244 -20.07 2.76 18.54
C ILE E 244 -19.19 2.27 17.40
N SER E 245 -17.88 2.45 17.56
CA SER E 245 -16.91 2.03 16.56
C SER E 245 -15.77 1.30 17.25
N GLY E 246 -15.06 0.48 16.48
CA GLY E 246 -13.95 -0.30 16.99
C GLY E 246 -12.89 -0.39 15.91
N SER E 247 -11.62 -0.36 16.30
CA SER E 247 -10.54 -0.38 15.34
C SER E 247 -9.32 -1.21 15.75
N GLU E 248 -8.47 -1.52 14.79
CA GLU E 248 -7.28 -2.29 15.05
C GLU E 248 -6.32 -1.48 15.91
N ASP E 249 -6.68 -0.23 16.22
CA ASP E 249 -5.83 0.58 17.06
C ASP E 249 -6.12 0.15 18.51
N GLY E 250 -6.90 -0.92 18.65
CA GLY E 250 -7.26 -1.47 19.95
C GLY E 250 -8.26 -0.60 20.68
N THR E 251 -8.97 0.23 19.94
CA THR E 251 -9.92 1.17 20.52
C THR E 251 -11.41 1.04 20.21
N LEU E 252 -12.22 1.28 21.24
CA LEU E 252 -13.66 1.31 21.10
C LEU E 252 -13.94 2.79 21.31
N LYS E 253 -14.68 3.40 20.41
CA LYS E 253 -14.98 4.82 20.56
C LYS E 253 -16.48 4.99 20.55
N ILE E 254 -16.96 5.93 21.36
CA ILE E 254 -18.39 6.20 21.41
C ILE E 254 -18.58 7.62 20.94
N TRP E 255 -19.45 7.81 19.95
CA TRP E 255 -19.68 9.14 19.40
C TRP E 255 -21.10 9.62 19.64
N ASN E 256 -21.25 10.94 19.65
CA ASN E 256 -22.54 11.61 19.84
C ASN E 256 -23.30 11.54 18.52
N SER E 257 -24.46 10.90 18.51
CA SER E 257 -25.24 10.77 17.28
C SER E 257 -25.68 12.07 16.66
N SER E 258 -25.63 13.14 17.44
CA SER E 258 -26.07 14.44 16.97
C SER E 258 -24.94 15.43 16.63
N THR E 259 -23.95 15.53 17.51
CA THR E 259 -22.83 16.44 17.27
C THR E 259 -21.70 15.75 16.53
N TYR E 260 -21.78 14.42 16.44
CA TYR E 260 -20.77 13.60 15.77
C TYR E 260 -19.36 13.81 16.32
N LYS E 261 -19.29 14.22 17.59
CA LYS E 261 -18.00 14.43 18.25
C LYS E 261 -17.70 13.18 19.05
N VAL E 262 -16.44 12.84 19.22
CA VAL E 262 -16.10 11.64 19.99
C VAL E 262 -16.43 11.93 21.45
N GLU E 263 -17.07 10.97 22.11
CA GLU E 263 -17.45 11.10 23.52
C GLU E 263 -16.44 10.41 24.42
N LYS E 264 -16.26 9.12 24.21
CA LYS E 264 -15.33 8.35 25.01
C LYS E 264 -14.45 7.45 24.16
N THR E 265 -13.27 7.15 24.69
CA THR E 265 -12.32 6.31 24.00
C THR E 265 -11.76 5.32 25.02
N LEU E 266 -12.27 4.09 25.00
CA LEU E 266 -11.75 3.09 25.92
C LEU E 266 -10.96 2.02 25.20
N ASN E 267 -9.97 1.50 25.90
CA ASN E 267 -9.10 0.46 25.40
C ASN E 267 -9.13 -0.66 26.42
N VAL E 268 -10.07 -1.59 26.24
CA VAL E 268 -10.23 -2.72 27.15
C VAL E 268 -8.96 -3.55 27.30
N GLY E 269 -7.89 -3.16 26.62
CA GLY E 269 -6.63 -3.89 26.72
C GLY E 269 -6.66 -5.31 26.18
N LEU E 270 -7.25 -5.49 25.00
CA LEU E 270 -7.33 -6.82 24.39
C LEU E 270 -6.82 -6.82 22.95
N GLU E 271 -6.18 -5.72 22.56
CA GLU E 271 -5.62 -5.55 21.23
C GLU E 271 -6.70 -5.18 20.19
N ARG E 272 -6.40 -5.45 18.93
CA ARG E 272 -7.31 -5.12 17.82
C ARG E 272 -8.74 -5.56 18.04
N SER E 273 -9.67 -4.66 17.76
CA SER E 273 -11.09 -4.93 17.90
C SER E 273 -11.56 -5.39 16.53
N TRP E 274 -12.38 -6.44 16.50
CA TRP E 274 -12.84 -6.98 15.22
C TRP E 274 -14.34 -7.01 15.00
N CYS E 275 -15.13 -7.05 16.06
CA CYS E 275 -16.57 -7.16 15.86
C CYS E 275 -17.37 -6.47 16.95
N ILE E 276 -18.64 -6.26 16.67
CA ILE E 276 -19.52 -5.56 17.59
C ILE E 276 -20.89 -6.18 17.62
N ALA E 277 -21.63 -5.87 18.67
CA ALA E 277 -22.98 -6.36 18.86
C ALA E 277 -23.57 -5.50 19.98
N THR E 278 -24.87 -5.24 19.90
CA THR E 278 -25.54 -4.45 20.93
C THR E 278 -26.79 -5.23 21.28
N HIS E 279 -27.24 -5.13 22.53
CA HIS E 279 -28.44 -5.87 22.87
C HIS E 279 -29.59 -5.34 22.03
N PRO E 280 -30.26 -6.23 21.29
CA PRO E 280 -31.38 -5.82 20.43
C PRO E 280 -32.45 -4.95 21.06
N THR E 281 -32.81 -5.20 22.32
CA THR E 281 -33.84 -4.40 22.99
C THR E 281 -33.23 -3.28 23.83
N GLY E 282 -31.91 -3.26 23.93
CA GLY E 282 -31.25 -2.22 24.71
C GLY E 282 -31.12 -2.51 26.19
N ARG E 283 -31.54 -3.71 26.60
CA ARG E 283 -31.46 -4.11 27.99
C ARG E 283 -30.14 -3.65 28.57
N LYS E 284 -30.19 -2.86 29.64
CA LYS E 284 -29.00 -2.35 30.31
C LYS E 284 -27.98 -1.74 29.34
N ASN E 285 -28.47 -1.30 28.19
CA ASN E 285 -27.62 -0.71 27.15
C ASN E 285 -26.33 -1.52 26.97
N TYR E 286 -26.52 -2.83 26.87
CA TYR E 286 -25.43 -3.78 26.70
C TYR E 286 -24.81 -3.74 25.30
N ILE E 287 -23.49 -3.84 25.27
CA ILE E 287 -22.77 -3.88 23.99
C ILE E 287 -21.61 -4.83 24.21
N ALA E 288 -21.17 -5.48 23.14
CA ALA E 288 -20.07 -6.43 23.24
C ALA E 288 -19.24 -6.35 21.98
N SER E 289 -17.94 -6.58 22.14
CA SER E 289 -17.00 -6.54 21.05
C SER E 289 -15.90 -7.57 21.19
N GLY E 290 -15.58 -8.24 20.09
CA GLY E 290 -14.54 -9.25 20.09
C GLY E 290 -13.19 -8.65 19.71
N PHE E 291 -12.14 -9.15 20.35
CA PHE E 291 -10.79 -8.66 20.11
C PHE E 291 -9.82 -9.81 19.80
N ASP E 292 -8.53 -9.47 19.70
CA ASP E 292 -7.50 -10.47 19.46
C ASP E 292 -7.43 -11.44 20.62
N ASN E 293 -7.39 -10.88 21.83
CA ASN E 293 -7.26 -11.67 23.05
C ASN E 293 -8.52 -12.07 23.80
N GLY E 294 -9.68 -11.83 23.22
CA GLY E 294 -10.91 -12.21 23.90
C GLY E 294 -12.02 -11.24 23.59
N PHE E 295 -13.08 -11.27 24.40
CA PHE E 295 -14.19 -10.37 24.19
C PHE E 295 -14.65 -9.77 25.51
N THR E 296 -15.35 -8.65 25.42
CA THR E 296 -15.85 -7.99 26.61
C THR E 296 -17.25 -7.48 26.31
N VAL E 297 -18.05 -7.39 27.36
CA VAL E 297 -19.40 -6.88 27.22
C VAL E 297 -19.55 -5.80 28.28
N LEU E 298 -20.00 -4.64 27.83
CA LEU E 298 -20.16 -3.51 28.72
C LEU E 298 -21.62 -3.08 28.78
N SER E 299 -21.95 -2.41 29.88
CA SER E 299 -23.27 -1.84 30.06
C SER E 299 -22.93 -0.36 29.95
N LEU E 300 -23.48 0.30 28.94
CA LEU E 300 -23.20 1.71 28.71
C LEU E 300 -23.81 2.65 29.73
N GLY E 301 -24.93 2.25 30.33
CA GLY E 301 -25.55 3.11 31.31
C GLY E 301 -26.89 2.61 31.80
N ASN E 302 -27.46 3.36 32.74
CA ASN E 302 -28.75 3.04 33.33
C ASN E 302 -29.83 2.67 32.32
N ASP E 303 -30.63 1.68 32.70
CA ASP E 303 -31.69 1.12 31.88
C ASP E 303 -33.10 1.63 32.19
N GLU E 304 -33.27 2.19 33.38
CA GLU E 304 -34.57 2.71 33.84
C GLU E 304 -35.19 3.71 32.88
N PRO E 305 -36.52 3.68 32.72
CA PRO E 305 -37.20 4.62 31.82
C PRO E 305 -37.28 6.03 32.44
N THR E 306 -37.19 7.07 31.61
CA THR E 306 -37.29 8.42 32.12
C THR E 306 -38.72 8.93 31.91
N LEU E 307 -39.50 8.88 32.98
CA LEU E 307 -40.89 9.31 32.91
C LEU E 307 -41.42 9.94 34.21
N SER E 308 -42.69 10.35 34.17
CA SER E 308 -43.32 10.98 35.32
C SER E 308 -44.84 10.97 35.18
N LEU E 309 -45.54 10.74 36.30
CA LEU E 309 -47.00 10.74 36.33
C LEU E 309 -47.44 11.92 37.20
N ASP E 310 -48.35 12.74 36.70
CA ASP E 310 -48.79 13.88 37.49
C ASP E 310 -49.93 13.45 38.43
N PRO E 311 -50.39 14.37 39.30
CA PRO E 311 -51.47 14.06 40.25
C PRO E 311 -52.69 13.32 39.74
N VAL E 312 -53.20 13.73 38.59
CA VAL E 312 -54.40 13.13 38.02
C VAL E 312 -54.25 11.87 37.16
N GLY E 313 -53.06 11.66 36.58
CA GLY E 313 -52.86 10.48 35.75
C GLY E 313 -52.25 10.74 34.39
N LYS E 314 -51.93 12.00 34.10
CA LYS E 314 -51.31 12.34 32.83
C LYS E 314 -49.86 11.89 32.90
N LEU E 315 -49.50 10.93 32.08
CA LEU E 315 -48.15 10.40 32.06
C LEU E 315 -47.31 11.03 30.94
N VAL E 316 -46.08 11.37 31.27
CA VAL E 316 -45.17 11.98 30.30
C VAL E 316 -43.86 11.19 30.34
N TRP E 317 -43.29 10.91 29.18
CA TRP E 317 -42.03 10.17 29.15
C TRP E 317 -41.17 10.52 27.95
N SER E 318 -39.87 10.22 28.08
CA SER E 318 -38.92 10.47 27.00
C SER E 318 -38.48 9.14 26.40
N GLY E 319 -38.22 9.16 25.10
CA GLY E 319 -37.77 7.96 24.42
C GLY E 319 -38.80 6.84 24.40
N GLY E 320 -38.37 5.66 24.80
CA GLY E 320 -39.25 4.52 24.80
C GLY E 320 -39.02 3.63 23.58
N LYS E 321 -39.69 2.48 23.58
CA LYS E 321 -39.57 1.51 22.49
C LYS E 321 -39.89 2.14 21.12
N ASN E 322 -38.88 2.14 20.24
CA ASN E 322 -39.02 2.69 18.89
C ASN E 322 -39.08 4.22 18.80
N ALA E 323 -38.28 4.91 19.61
CA ALA E 323 -38.27 6.37 19.60
C ALA E 323 -36.96 6.94 20.12
N ALA E 324 -36.62 8.14 19.67
CA ALA E 324 -35.40 8.83 20.09
C ALA E 324 -35.50 9.24 21.55
N ALA E 325 -34.39 9.17 22.28
CA ALA E 325 -34.38 9.52 23.69
C ALA E 325 -34.84 10.95 23.94
N SER E 326 -34.76 11.78 22.90
CA SER E 326 -35.16 13.16 23.03
C SER E 326 -36.57 13.45 22.51
N ASP E 327 -37.38 12.42 22.33
CA ASP E 327 -38.76 12.61 21.89
C ASP E 327 -39.64 12.46 23.12
N ILE E 328 -40.57 13.39 23.30
CA ILE E 328 -41.45 13.36 24.46
C ILE E 328 -42.88 12.98 24.09
N PHE E 329 -43.51 12.18 24.95
CA PHE E 329 -44.88 11.74 24.70
C PHE E 329 -45.74 11.82 25.95
N THR E 330 -47.05 11.73 25.75
CA THR E 330 -47.99 11.76 26.86
C THR E 330 -49.14 10.82 26.57
N ALA E 331 -49.76 10.37 27.64
CA ALA E 331 -50.89 9.48 27.56
C ALA E 331 -51.69 9.86 28.80
N VAL E 332 -52.90 9.33 28.92
CA VAL E 332 -53.71 9.65 30.08
C VAL E 332 -54.40 8.40 30.60
N ILE E 333 -54.14 8.07 31.85
CA ILE E 333 -54.79 6.92 32.44
C ILE E 333 -56.19 7.38 32.77
N ARG E 334 -57.15 7.02 31.92
CA ARG E 334 -58.53 7.41 32.11
C ARG E 334 -59.19 6.64 33.26
N GLY E 335 -58.65 5.46 33.54
CA GLY E 335 -59.19 4.65 34.63
C GLY E 335 -60.26 3.66 34.21
N ASN E 336 -60.43 3.49 32.90
CA ASN E 336 -61.43 2.57 32.37
C ASN E 336 -60.84 1.64 31.31
N GLU E 337 -59.92 0.77 31.73
CA GLU E 337 -59.28 -0.16 30.80
C GLU E 337 -59.72 -1.61 31.02
N GLU E 338 -60.42 -2.16 30.04
CA GLU E 338 -60.91 -3.54 30.10
C GLU E 338 -59.78 -4.47 30.53
N VAL E 339 -58.58 -4.10 30.13
CA VAL E 339 -57.34 -4.85 30.38
C VAL E 339 -57.28 -5.72 31.63
N GLU E 340 -56.60 -6.86 31.49
CA GLU E 340 -56.40 -7.81 32.59
C GLU E 340 -55.32 -7.18 33.46
N GLN E 341 -55.18 -7.63 34.70
CA GLN E 341 -54.17 -7.04 35.57
C GLN E 341 -52.74 -7.16 35.05
N ASP E 342 -52.27 -8.38 34.85
CA ASP E 342 -50.90 -8.60 34.36
C ASP E 342 -50.72 -8.18 32.90
N GLU E 343 -51.64 -7.34 32.41
CA GLU E 343 -51.59 -6.86 31.04
C GLU E 343 -51.50 -5.33 30.97
N PRO E 344 -50.72 -4.82 30.01
CA PRO E 344 -50.56 -3.37 29.86
C PRO E 344 -51.86 -2.71 29.41
N LEU E 345 -52.02 -1.43 29.75
CA LEU E 345 -53.22 -0.68 29.38
C LEU E 345 -53.09 -0.19 27.94
N SER E 346 -54.23 0.03 27.29
CA SER E 346 -54.19 0.54 25.93
C SER E 346 -54.33 2.05 26.02
N LEU E 347 -53.24 2.72 26.37
CA LEU E 347 -53.22 4.16 26.50
C LEU E 347 -53.05 4.83 25.14
N GLN E 348 -53.59 6.05 25.01
CA GLN E 348 -53.48 6.79 23.76
C GLN E 348 -52.33 7.76 23.83
N THR E 349 -51.27 7.45 23.10
CA THR E 349 -50.09 8.28 23.08
C THR E 349 -50.26 9.51 22.21
N LYS E 350 -49.48 10.54 22.51
CA LYS E 350 -49.49 11.80 21.78
C LYS E 350 -48.10 12.39 21.89
N GLU E 351 -47.55 12.84 20.76
CA GLU E 351 -46.22 13.45 20.78
C GLU E 351 -46.43 14.80 21.43
N LEU E 352 -45.56 15.15 22.37
CA LEU E 352 -45.69 16.42 23.08
C LEU E 352 -44.69 17.43 22.55
N GLY E 353 -43.49 16.96 22.24
CA GLY E 353 -42.47 17.85 21.72
C GLY E 353 -41.19 17.09 21.48
N SER E 354 -40.09 17.64 21.96
CA SER E 354 -38.78 17.01 21.79
C SER E 354 -37.66 17.91 22.28
N VAL E 355 -37.31 17.79 23.55
CA VAL E 355 -36.24 18.60 24.09
C VAL E 355 -34.98 18.30 23.29
N ASP E 356 -34.02 19.21 23.30
CA ASP E 356 -32.78 18.98 22.57
C ASP E 356 -31.58 18.79 23.49
N VAL E 357 -31.71 17.81 24.38
CA VAL E 357 -30.66 17.46 25.33
C VAL E 357 -30.95 16.00 25.65
N PHE E 358 -29.95 15.22 26.03
CA PHE E 358 -30.22 13.82 26.36
C PHE E 358 -30.82 13.78 27.77
N PRO E 359 -32.12 13.48 27.87
CA PRO E 359 -32.84 13.42 29.16
C PRO E 359 -32.34 12.47 30.24
N GLN E 360 -31.80 13.04 31.30
CA GLN E 360 -31.31 12.28 32.44
C GLN E 360 -32.47 12.07 33.42
N SER E 361 -33.16 13.16 33.76
CA SER E 361 -34.30 13.10 34.66
C SER E 361 -35.48 13.87 34.05
N LEU E 362 -36.69 13.45 34.36
CA LEU E 362 -37.89 14.10 33.85
C LEU E 362 -38.92 14.06 34.99
N ALA E 363 -39.20 15.23 35.56
CA ALA E 363 -40.15 15.32 36.67
C ALA E 363 -41.16 16.45 36.57
N HIS E 364 -42.42 16.15 36.89
CA HIS E 364 -43.46 17.17 36.90
C HIS E 364 -43.23 17.99 38.17
N SER E 365 -43.71 19.23 38.18
CA SER E 365 -43.64 20.05 39.37
C SER E 365 -44.67 19.33 40.27
N PRO E 366 -44.58 19.50 41.60
CA PRO E 366 -45.57 18.78 42.41
C PRO E 366 -47.06 18.93 42.06
N ASN E 367 -47.44 20.04 41.44
CA ASN E 367 -48.86 20.21 41.08
C ASN E 367 -49.15 19.72 39.65
N GLY E 368 -48.11 19.33 38.92
CA GLY E 368 -48.29 18.82 37.57
C GLY E 368 -48.43 19.84 36.45
N ARG E 369 -48.18 21.11 36.75
CA ARG E 369 -48.30 22.15 35.74
C ARG E 369 -47.09 22.26 34.83
N PHE E 370 -45.93 21.94 35.38
CA PHE E 370 -44.68 22.02 34.64
C PHE E 370 -43.95 20.69 34.62
N VAL E 371 -43.00 20.58 33.71
CA VAL E 371 -42.17 19.39 33.58
C VAL E 371 -40.77 19.90 33.32
N THR E 372 -39.83 19.40 34.11
CA THR E 372 -38.44 19.79 33.98
C THR E 372 -37.66 18.60 33.42
N VAL E 373 -36.84 18.85 32.41
CA VAL E 373 -36.02 17.79 31.83
C VAL E 373 -34.57 18.20 32.05
N VAL E 374 -33.80 17.33 32.68
CA VAL E 374 -32.40 17.66 32.91
C VAL E 374 -31.57 16.81 31.97
N GLY E 375 -30.51 17.41 31.43
CA GLY E 375 -29.65 16.68 30.51
C GLY E 375 -28.45 17.45 29.99
N ASP E 376 -27.33 16.74 29.88
CA ASP E 376 -26.08 17.29 29.38
C ASP E 376 -25.75 18.64 30.01
N GLY E 377 -25.74 18.67 31.34
CA GLY E 377 -25.42 19.91 32.03
C GLY E 377 -26.43 21.02 31.83
N GLU E 378 -27.64 20.66 31.43
CA GLU E 378 -28.67 21.66 31.22
C GLU E 378 -30.02 21.23 31.77
N TYR E 379 -30.94 22.18 31.83
CA TYR E 379 -32.28 21.91 32.30
C TYR E 379 -33.20 22.84 31.54
N VAL E 380 -34.43 22.40 31.31
CA VAL E 380 -35.41 23.23 30.65
C VAL E 380 -36.74 22.87 31.28
N ILE E 381 -37.59 23.87 31.47
CA ILE E 381 -38.90 23.62 32.05
C ILE E 381 -39.97 23.94 31.03
N TYR E 382 -40.99 23.09 30.96
CA TYR E 382 -42.07 23.31 30.01
C TYR E 382 -43.39 23.26 30.74
N THR E 383 -44.43 23.80 30.11
CA THR E 383 -45.75 23.74 30.69
C THR E 383 -46.23 22.39 30.18
N ALA E 384 -46.69 21.53 31.08
CA ALA E 384 -47.14 20.20 30.69
C ALA E 384 -48.24 20.23 29.63
N LEU E 385 -48.95 21.35 29.52
CA LEU E 385 -50.03 21.47 28.55
C LEU E 385 -49.54 21.86 27.14
N ALA E 386 -49.35 23.15 26.91
CA ALA E 386 -48.91 23.62 25.60
C ALA E 386 -47.44 23.29 25.34
N TRP E 387 -46.77 22.70 26.32
CA TRP E 387 -45.36 22.37 26.20
C TRP E 387 -44.56 23.58 25.78
N ARG E 388 -44.89 24.74 26.31
CA ARG E 388 -44.19 25.97 26.00
C ARG E 388 -42.98 26.05 26.92
N ASN E 389 -41.89 26.62 26.45
CA ASN E 389 -40.70 26.73 27.29
C ASN E 389 -40.84 27.85 28.31
N LYS E 390 -40.78 27.51 29.59
CA LYS E 390 -40.88 28.52 30.63
C LYS E 390 -39.51 28.98 31.15
N ALA E 391 -38.52 28.11 31.10
CA ALA E 391 -37.19 28.45 31.59
C ALA E 391 -36.12 27.47 31.15
N PHE E 392 -34.85 27.87 31.25
CA PHE E 392 -33.73 27.03 30.88
C PHE E 392 -32.43 27.58 31.44
N GLY E 393 -31.48 26.68 31.71
CA GLY E 393 -30.19 27.08 32.25
C GLY E 393 -29.20 25.93 32.37
N LYS E 394 -28.00 26.22 32.84
CA LYS E 394 -26.98 25.19 32.99
C LYS E 394 -27.00 24.61 34.40
N CYS E 395 -27.18 23.30 34.51
CA CYS E 395 -27.19 22.69 35.83
C CYS E 395 -26.77 21.24 35.80
N GLN E 396 -26.46 20.72 36.98
CA GLN E 396 -26.05 19.33 37.14
C GLN E 396 -27.24 18.51 37.67
N ASP E 397 -28.06 19.14 38.51
CA ASP E 397 -29.25 18.48 39.05
C ASP E 397 -30.36 19.51 39.31
N PHE E 398 -31.61 19.05 39.33
CA PHE E 398 -32.75 19.92 39.54
C PHE E 398 -33.84 19.18 40.32
N VAL E 399 -34.48 19.89 41.24
CA VAL E 399 -35.57 19.34 42.02
C VAL E 399 -36.55 20.45 42.36
N TRP E 400 -37.84 20.17 42.21
CA TRP E 400 -38.87 21.16 42.49
C TRP E 400 -39.06 21.41 43.96
N GLY E 401 -39.47 22.63 44.30
CA GLY E 401 -39.76 22.97 45.68
C GLY E 401 -41.19 22.51 45.90
N PRO E 402 -41.67 22.47 47.15
CA PRO E 402 -43.04 22.03 47.46
C PRO E 402 -44.21 22.82 46.85
N ASP E 403 -44.00 24.09 46.52
CA ASP E 403 -45.07 24.93 45.98
C ASP E 403 -45.19 24.95 44.46
N SER E 404 -44.53 24.04 43.78
CA SER E 404 -44.59 23.99 42.31
C SER E 404 -44.18 25.30 41.63
N ASN E 405 -43.56 26.22 42.37
CA ASN E 405 -43.13 27.46 41.73
C ASN E 405 -41.76 27.89 42.24
N SER E 406 -40.92 26.91 42.50
CA SER E 406 -39.58 27.14 43.01
C SER E 406 -38.77 25.86 42.92
N TYR E 407 -37.46 25.99 42.80
CA TYR E 407 -36.60 24.82 42.70
C TYR E 407 -35.16 25.08 43.11
N ALA E 408 -34.41 24.00 43.30
CA ALA E 408 -33.01 24.07 43.68
C ALA E 408 -32.20 23.40 42.59
N LEU E 409 -31.03 23.95 42.31
CA LEU E 409 -30.15 23.44 41.27
C LEU E 409 -28.74 23.35 41.76
N ILE E 410 -27.92 22.65 41.00
CA ILE E 410 -26.49 22.53 41.26
C ILE E 410 -25.92 23.08 39.96
N ASP E 411 -25.52 24.35 39.95
CA ASP E 411 -24.96 24.95 38.73
C ASP E 411 -23.72 24.21 38.22
N GLU E 412 -22.98 24.83 37.33
CA GLU E 412 -21.78 24.21 36.78
C GLU E 412 -20.57 24.37 37.70
N THR E 413 -20.65 25.31 38.64
CA THR E 413 -19.55 25.52 39.57
C THR E 413 -19.73 24.59 40.78
N GLY E 414 -20.71 23.69 40.68
CA GLY E 414 -20.98 22.75 41.74
C GLY E 414 -21.74 23.33 42.93
N GLN E 415 -22.44 24.43 42.71
CA GLN E 415 -23.16 25.08 43.80
C GLN E 415 -24.68 25.01 43.73
N ILE E 416 -25.30 25.00 44.91
CA ILE E 416 -26.75 24.93 45.05
C ILE E 416 -27.38 26.32 44.97
N LYS E 417 -28.38 26.45 44.11
CA LYS E 417 -29.05 27.72 43.96
C LYS E 417 -30.56 27.53 44.00
N TYR E 418 -31.23 28.41 44.72
CA TYR E 418 -32.67 28.39 44.87
C TYR E 418 -33.26 29.37 43.89
N TYR E 419 -34.40 29.00 43.33
CA TYR E 419 -35.09 29.85 42.37
C TYR E 419 -36.55 29.94 42.79
N LYS E 420 -37.10 31.14 42.70
CA LYS E 420 -38.48 31.34 43.08
C LYS E 420 -39.18 31.99 41.89
N ASN E 421 -40.32 31.43 41.51
CA ASN E 421 -41.09 31.97 40.39
C ASN E 421 -40.17 32.19 39.18
N PHE E 422 -39.26 31.24 38.94
CA PHE E 422 -38.33 31.31 37.82
C PHE E 422 -37.27 32.40 37.96
N LYS E 423 -37.14 32.96 39.16
CA LYS E 423 -36.14 34.00 39.41
C LYS E 423 -35.20 33.62 40.57
N GLU E 424 -33.90 33.71 40.29
CA GLU E 424 -32.87 33.37 41.27
C GLU E 424 -32.84 34.25 42.50
N VAL E 425 -33.20 33.67 43.64
CA VAL E 425 -33.16 34.43 44.87
C VAL E 425 -31.74 34.36 45.42
N THR E 426 -30.92 35.32 44.99
CA THR E 426 -29.50 35.43 45.36
C THR E 426 -29.21 35.50 46.86
N SER E 427 -30.17 35.97 47.65
CA SER E 427 -30.00 36.06 49.09
C SER E 427 -29.99 34.66 49.74
N TRP E 428 -30.62 33.70 49.06
CA TRP E 428 -30.71 32.32 49.55
C TRP E 428 -29.34 31.66 49.42
N SER E 429 -29.07 30.67 50.27
CA SER E 429 -27.78 29.98 50.26
C SER E 429 -27.75 28.78 51.19
N VAL E 430 -26.80 27.87 50.97
CA VAL E 430 -26.65 26.68 51.79
C VAL E 430 -25.17 26.39 52.07
N PRO E 431 -24.83 26.09 53.34
CA PRO E 431 -23.46 25.79 53.79
C PRO E 431 -22.96 24.38 53.50
N MET E 432 -22.26 24.18 52.39
CA MET E 432 -21.72 22.86 52.07
C MET E 432 -20.22 22.90 51.79
N HIS E 433 -19.45 22.27 52.67
CA HIS E 433 -18.00 22.21 52.54
C HIS E 433 -17.52 21.09 51.63
N SER E 434 -18.41 20.16 51.32
CA SER E 434 -18.05 19.05 50.46
C SER E 434 -18.77 19.10 49.11
N ALA E 435 -18.43 18.15 48.24
CA ALA E 435 -19.03 18.08 46.91
C ALA E 435 -20.45 17.56 46.98
N ILE E 436 -21.32 18.14 46.15
CA ILE E 436 -22.72 17.76 46.09
C ILE E 436 -22.90 16.66 45.06
N ASP E 437 -23.36 15.50 45.49
CA ASP E 437 -23.58 14.41 44.55
C ASP E 437 -24.91 14.59 43.82
N ARG E 438 -25.96 14.93 44.56
CA ARG E 438 -27.27 15.15 43.96
C ARG E 438 -28.23 15.75 44.97
N LEU E 439 -29.37 16.23 44.47
CA LEU E 439 -30.38 16.84 45.32
C LEU E 439 -31.61 15.95 45.42
N PHE E 440 -32.47 16.26 46.38
CA PHE E 440 -33.69 15.50 46.62
C PHE E 440 -34.86 16.41 46.86
N SER E 441 -35.96 16.10 46.19
CA SER E 441 -37.20 16.87 46.34
C SER E 441 -37.79 16.42 47.67
N GLY E 442 -38.83 17.11 48.14
CA GLY E 442 -39.44 16.73 49.41
C GLY E 442 -39.83 17.91 50.27
N ALA E 443 -40.27 17.64 51.49
CA ALA E 443 -40.68 18.71 52.40
C ALA E 443 -39.49 19.56 52.85
N LEU E 444 -38.30 19.02 52.66
CA LEU E 444 -37.05 19.71 52.99
C LEU E 444 -36.17 19.44 51.79
N LEU E 445 -35.23 20.33 51.50
CA LEU E 445 -34.32 20.12 50.39
C LEU E 445 -33.27 19.08 50.79
N GLY E 446 -33.18 18.00 50.04
CA GLY E 446 -32.20 16.97 50.34
C GLY E 446 -30.92 17.14 49.54
N VAL E 447 -29.78 16.93 50.17
CA VAL E 447 -28.51 17.07 49.49
C VAL E 447 -27.62 15.88 49.88
N LYS E 448 -27.03 15.21 48.88
CA LYS E 448 -26.16 14.05 49.09
C LYS E 448 -24.71 14.52 49.14
N SER E 449 -23.97 14.09 50.17
CA SER E 449 -22.58 14.52 50.29
C SER E 449 -21.82 13.64 51.27
N ASP E 450 -20.68 13.10 50.83
CA ASP E 450 -19.85 12.22 51.67
C ASP E 450 -20.62 11.12 52.37
N GLY E 451 -21.36 10.30 51.64
CA GLY E 451 -22.11 9.24 52.27
C GLY E 451 -23.09 9.75 53.31
N PHE E 452 -23.57 10.97 53.10
CA PHE E 452 -24.53 11.62 54.01
C PHE E 452 -25.67 12.27 53.24
N VAL E 453 -26.79 12.46 53.91
CA VAL E 453 -27.90 13.15 53.30
C VAL E 453 -28.19 14.33 54.20
N TYR E 454 -28.10 15.54 53.66
CA TYR E 454 -28.39 16.75 54.40
C TYR E 454 -29.77 17.30 54.05
N PHE E 455 -30.50 17.74 55.07
CA PHE E 455 -31.82 18.31 54.86
C PHE E 455 -31.80 19.77 55.25
N PHE E 456 -32.30 20.60 54.34
CA PHE E 456 -32.33 22.04 54.58
C PHE E 456 -33.73 22.58 54.49
N ASP E 457 -33.91 23.78 55.03
CA ASP E 457 -35.20 24.47 55.02
C ASP E 457 -35.29 25.21 53.69
N TRP E 458 -36.28 24.86 52.87
CA TRP E 458 -36.46 25.51 51.57
C TRP E 458 -36.48 27.03 51.63
N ASP E 459 -37.17 27.56 52.63
CA ASP E 459 -37.30 29.00 52.79
C ASP E 459 -36.02 29.77 53.06
N ASN E 460 -35.12 29.19 53.84
CA ASN E 460 -33.89 29.90 54.18
C ASN E 460 -32.60 29.10 54.11
N GLY E 461 -32.71 27.83 53.70
CA GLY E 461 -31.53 27.00 53.59
C GLY E 461 -30.87 26.68 54.91
N THR E 462 -31.67 26.59 55.97
CA THR E 462 -31.17 26.26 57.30
C THR E 462 -30.95 24.76 57.40
N LEU E 463 -29.84 24.35 57.99
CA LEU E 463 -29.53 22.94 58.18
C LEU E 463 -30.48 22.40 59.23
N VAL E 464 -31.37 21.51 58.82
CA VAL E 464 -32.32 20.91 59.75
C VAL E 464 -31.70 19.66 60.38
N ARG E 465 -31.12 18.81 59.55
CA ARG E 465 -30.50 17.58 60.06
C ARG E 465 -29.61 16.91 59.05
N ARG E 466 -28.76 16.03 59.55
CA ARG E 466 -27.85 15.27 58.70
C ARG E 466 -28.07 13.82 59.04
N ILE E 467 -28.50 13.05 58.05
CA ILE E 467 -28.75 11.63 58.24
C ILE E 467 -27.53 10.87 57.77
N ASP E 468 -27.00 10.00 58.62
CA ASP E 468 -25.82 9.21 58.30
C ASP E 468 -26.17 7.95 57.51
N VAL E 469 -26.64 8.14 56.28
CA VAL E 469 -26.99 7.04 55.40
C VAL E 469 -26.54 7.40 53.99
N ASN E 470 -25.83 6.49 53.33
CA ASN E 470 -25.39 6.75 51.96
C ASN E 470 -26.60 6.39 51.09
N ALA E 471 -27.52 7.34 50.96
CA ALA E 471 -28.77 7.13 50.25
C ALA E 471 -28.81 7.12 48.74
N LYS E 472 -29.57 6.15 48.23
CA LYS E 472 -29.80 5.96 46.81
C LYS E 472 -30.92 6.93 46.44
N ASP E 473 -31.90 7.08 47.32
CA ASP E 473 -33.02 8.01 47.10
C ASP E 473 -33.81 8.35 48.37
N VAL E 474 -34.44 9.52 48.39
CA VAL E 474 -35.23 9.97 49.53
C VAL E 474 -36.65 10.19 49.03
N ILE E 475 -37.64 9.65 49.74
CA ILE E 475 -39.04 9.80 49.34
C ILE E 475 -39.93 10.23 50.49
N TRP E 476 -40.56 11.39 50.34
CA TRP E 476 -41.42 11.93 51.39
C TRP E 476 -42.90 11.60 51.21
N SER E 477 -43.60 11.43 52.33
CA SER E 477 -45.04 11.15 52.30
C SER E 477 -45.69 12.46 51.85
N ASP E 478 -46.98 12.41 51.54
CA ASP E 478 -47.69 13.60 51.07
C ASP E 478 -47.85 14.70 52.12
N ASN E 479 -47.97 14.34 53.38
CA ASN E 479 -48.12 15.33 54.44
C ASN E 479 -46.79 15.92 54.88
N GLY E 480 -45.69 15.23 54.57
CA GLY E 480 -44.39 15.74 54.95
C GLY E 480 -43.90 15.36 56.33
N GLU E 481 -44.53 14.36 56.94
CA GLU E 481 -44.12 13.92 58.27
C GLU E 481 -43.32 12.62 58.19
N LEU E 482 -43.55 11.87 57.12
CA LEU E 482 -42.86 10.60 56.94
C LEU E 482 -41.91 10.65 55.75
N VAL E 483 -40.77 9.98 55.90
CA VAL E 483 -39.76 9.92 54.85
C VAL E 483 -39.17 8.53 54.82
N MET E 484 -38.76 8.12 53.63
CA MET E 484 -38.15 6.82 53.42
C MET E 484 -36.78 7.10 52.81
N ILE E 485 -35.73 6.71 53.53
CA ILE E 485 -34.38 6.91 53.02
C ILE E 485 -33.95 5.56 52.41
N VAL E 486 -33.98 5.44 51.08
CA VAL E 486 -33.57 4.19 50.46
C VAL E 486 -32.04 4.11 50.47
N ASN E 487 -31.50 3.08 51.08
CA ASN E 487 -30.06 2.90 51.19
C ASN E 487 -29.42 2.29 49.95
N THR E 488 -28.14 2.57 49.76
CA THR E 488 -27.41 2.04 48.63
C THR E 488 -27.12 0.56 48.88
N ASN E 489 -26.77 0.24 50.13
CA ASN E 489 -26.52 -1.15 50.53
C ASN E 489 -25.86 -1.95 49.41
N SER E 490 -24.55 -1.81 49.29
CA SER E 490 -23.79 -2.53 48.26
C SER E 490 -22.61 -3.29 48.85
N GLU E 494 -26.55 -4.34 55.09
CA GLU E 494 -27.25 -3.24 55.75
C GLU E 494 -28.76 -3.30 55.50
N ALA E 495 -29.49 -2.30 56.00
CA ALA E 495 -30.93 -2.24 55.79
C ALA E 495 -31.15 -1.68 54.39
N SER E 496 -32.16 -2.18 53.69
CA SER E 496 -32.44 -1.70 52.34
C SER E 496 -33.04 -0.30 52.36
N GLY E 497 -33.53 0.11 53.53
CA GLY E 497 -34.12 1.43 53.70
C GLY E 497 -34.52 1.76 55.12
N TYR E 498 -34.69 3.06 55.41
CA TYR E 498 -35.08 3.50 56.74
C TYR E 498 -36.28 4.45 56.69
N THR E 499 -37.20 4.27 57.63
CA THR E 499 -38.37 5.12 57.74
C THR E 499 -38.12 6.04 58.93
N LEU E 500 -38.33 7.33 58.73
CA LEU E 500 -38.12 8.32 59.77
C LEU E 500 -39.35 9.20 59.91
N LEU E 501 -39.55 9.73 61.12
CA LEU E 501 -40.67 10.63 61.34
C LEU E 501 -40.05 12.01 61.51
N PHE E 502 -40.62 13.01 60.83
CA PHE E 502 -40.12 14.37 60.91
C PHE E 502 -40.99 15.24 61.80
N ASN E 503 -40.37 15.83 62.83
CA ASN E 503 -41.08 16.71 63.76
C ASN E 503 -40.70 18.14 63.44
N LYS E 504 -41.51 18.81 62.63
CA LYS E 504 -41.21 20.18 62.25
C LYS E 504 -41.11 21.12 63.44
N ASP E 505 -42.05 20.99 64.38
CA ASP E 505 -42.05 21.86 65.55
C ASP E 505 -40.82 21.69 66.42
N ALA E 506 -40.12 20.57 66.30
CA ALA E 506 -38.92 20.35 67.06
C ALA E 506 -37.83 21.19 66.43
N TYR E 507 -37.82 21.20 65.10
CA TYR E 507 -36.82 21.95 64.36
C TYR E 507 -37.03 23.43 64.62
N LEU E 508 -38.26 23.89 64.43
CA LEU E 508 -38.55 25.29 64.62
C LEU E 508 -38.22 25.77 66.03
N GLU E 509 -38.57 24.98 67.04
CA GLU E 509 -38.30 25.31 68.43
C GLU E 509 -36.79 25.46 68.60
N ALA E 510 -36.05 24.60 67.91
CA ALA E 510 -34.60 24.62 67.96
C ALA E 510 -34.03 25.83 67.24
N ALA E 511 -34.60 26.18 66.08
CA ALA E 511 -34.13 27.32 65.32
C ALA E 511 -34.42 28.58 66.12
N ASN E 512 -35.48 28.52 66.91
CA ASN E 512 -35.87 29.66 67.74
C ASN E 512 -34.84 29.90 68.85
N ASN E 513 -34.38 28.82 69.48
CA ASN E 513 -33.39 28.94 70.54
C ASN E 513 -32.07 29.44 69.97
N GLY E 514 -31.77 29.05 68.73
CA GLY E 514 -30.54 29.47 68.11
C GLY E 514 -29.35 28.64 68.56
N ASN E 515 -29.60 27.38 68.92
CA ASN E 515 -28.52 26.51 69.38
C ASN E 515 -28.41 25.20 68.58
N ILE E 516 -28.76 25.28 67.30
CA ILE E 516 -28.69 24.13 66.40
C ILE E 516 -27.24 23.83 66.04
N ASP E 517 -26.83 22.56 66.20
CA ASP E 517 -25.47 22.16 65.87
C ASP E 517 -25.32 22.29 64.35
N ASP E 518 -24.43 23.18 63.92
CA ASP E 518 -24.26 23.42 62.49
C ASP E 518 -23.61 22.28 61.71
N SER E 519 -23.31 21.18 62.39
CA SER E 519 -22.70 20.03 61.75
C SER E 519 -23.67 18.88 61.51
N GLU E 520 -24.50 18.59 62.49
CA GLU E 520 -25.46 17.49 62.37
C GLU E 520 -26.90 17.96 62.48
N GLY E 521 -27.09 19.26 62.65
CA GLY E 521 -28.43 19.79 62.77
C GLY E 521 -29.14 19.45 64.06
N VAL E 522 -30.48 19.35 63.99
CA VAL E 522 -31.31 19.06 65.15
C VAL E 522 -31.66 17.58 65.32
N ASP E 523 -31.02 16.95 66.29
CA ASP E 523 -31.24 15.53 66.55
C ASP E 523 -32.69 15.14 66.77
N GLU E 524 -33.42 15.95 67.53
CA GLU E 524 -34.82 15.66 67.83
C GLU E 524 -35.77 15.90 66.66
N ALA E 525 -35.25 16.47 65.57
CA ALA E 525 -36.07 16.75 64.39
C ALA E 525 -36.55 15.50 63.69
N PHE E 526 -35.85 14.40 63.92
CA PHE E 526 -36.22 13.15 63.30
C PHE E 526 -36.24 12.01 64.28
N ASP E 527 -37.14 11.06 64.06
CA ASP E 527 -37.26 9.88 64.90
C ASP E 527 -37.13 8.71 63.95
N VAL E 528 -36.18 7.81 64.20
CA VAL E 528 -36.01 6.67 63.32
C VAL E 528 -37.02 5.57 63.63
N LEU E 529 -38.09 5.53 62.84
CA LEU E 529 -39.16 4.55 63.01
C LEU E 529 -38.79 3.08 62.74
N TYR E 530 -38.72 2.69 61.48
CA TYR E 530 -38.40 1.31 61.13
C TYR E 530 -37.33 1.18 60.04
N GLU E 531 -36.87 -0.05 59.85
CA GLU E 531 -35.88 -0.32 58.81
C GLU E 531 -36.26 -1.60 58.05
N LEU E 532 -36.62 -1.40 56.78
CA LEU E 532 -37.02 -2.49 55.88
C LEU E 532 -35.77 -3.29 55.51
N SER E 533 -35.97 -4.41 54.81
CA SER E 533 -34.82 -5.22 54.37
C SER E 533 -34.87 -5.59 52.89
N GLU E 534 -36.08 -5.66 52.31
CA GLU E 534 -36.18 -5.99 50.90
C GLU E 534 -35.67 -4.84 50.02
N SER E 535 -35.02 -5.18 48.92
CA SER E 535 -34.46 -4.17 48.01
C SER E 535 -35.55 -3.19 47.57
N ILE E 536 -35.14 -1.95 47.30
CA ILE E 536 -36.09 -0.91 46.88
C ILE E 536 -35.68 -0.30 45.54
N THR E 537 -36.50 -0.47 44.51
CA THR E 537 -36.17 0.11 43.20
C THR E 537 -37.03 1.33 42.88
N SER E 538 -38.14 1.48 43.59
CA SER E 538 -39.02 2.64 43.40
C SER E 538 -40.08 2.59 44.50
N GLY E 539 -40.73 3.71 44.77
CA GLY E 539 -41.74 3.71 45.80
C GLY E 539 -42.48 5.02 46.01
N LYS E 540 -43.75 4.90 46.42
CA LYS E 540 -44.59 6.05 46.69
C LYS E 540 -45.31 5.83 48.01
N TRP E 541 -45.59 6.91 48.72
CA TRP E 541 -46.32 6.81 49.97
C TRP E 541 -47.80 6.98 49.65
N VAL E 542 -48.65 6.18 50.27
CA VAL E 542 -50.08 6.31 50.10
C VAL E 542 -50.54 6.29 51.56
N GLY E 543 -50.63 7.48 52.14
CA GLY E 543 -51.00 7.59 53.53
C GLY E 543 -49.73 7.32 54.30
N ASP E 544 -49.81 6.46 55.31
CA ASP E 544 -48.62 6.11 56.07
C ASP E 544 -48.15 4.74 55.59
N VAL E 545 -48.57 4.39 54.38
CA VAL E 545 -48.19 3.11 53.77
C VAL E 545 -47.23 3.38 52.63
N PHE E 546 -46.12 2.63 52.61
CA PHE E 546 -45.11 2.79 51.57
C PHE E 546 -45.20 1.68 50.51
N ILE E 547 -45.67 2.01 49.32
CA ILE E 547 -45.77 1.01 48.26
C ILE E 547 -44.43 0.99 47.55
N PHE E 548 -43.83 -0.18 47.39
CA PHE E 548 -42.53 -0.23 46.71
C PHE E 548 -42.31 -1.41 45.77
N THR E 549 -41.54 -1.14 44.74
CA THR E 549 -41.16 -2.14 43.75
C THR E 549 -39.83 -2.70 44.23
N THR E 550 -39.65 -4.00 44.04
CA THR E 550 -38.43 -4.65 44.48
C THR E 550 -37.55 -5.13 43.32
N ALA E 551 -36.27 -5.36 43.62
CA ALA E 551 -35.31 -5.80 42.61
C ALA E 551 -35.64 -7.21 42.11
N THR E 552 -36.41 -7.95 42.88
CA THR E 552 -36.82 -9.29 42.49
C THR E 552 -38.16 -9.22 41.75
N ASN E 553 -38.44 -8.05 41.19
CA ASN E 553 -39.67 -7.81 40.44
C ASN E 553 -40.94 -8.05 41.24
N ARG E 554 -40.89 -7.67 42.52
CA ARG E 554 -42.02 -7.86 43.40
C ARG E 554 -42.64 -6.51 43.77
N LEU E 555 -43.94 -6.51 44.04
CA LEU E 555 -44.64 -5.28 44.43
C LEU E 555 -45.15 -5.47 45.87
N ASN E 556 -44.59 -4.70 46.79
CA ASN E 556 -44.99 -4.78 48.19
C ASN E 556 -45.37 -3.40 48.73
N TYR E 557 -45.77 -3.37 49.98
CA TYR E 557 -46.12 -2.14 50.66
C TYR E 557 -45.74 -2.33 52.11
N PHE E 558 -45.18 -1.28 52.70
CA PHE E 558 -44.68 -1.27 54.06
C PHE E 558 -45.51 -0.37 54.99
N VAL E 559 -45.88 -0.91 56.15
CA VAL E 559 -46.68 -0.16 57.13
C VAL E 559 -46.29 -0.52 58.55
N GLY E 560 -45.89 0.49 59.33
CA GLY E 560 -45.51 0.25 60.71
C GLY E 560 -44.64 -0.96 60.95
N GLY E 561 -43.57 -1.09 60.17
CA GLY E 561 -42.67 -2.20 60.35
C GLY E 561 -43.08 -3.51 59.71
N LYS E 562 -44.25 -3.53 59.09
CA LYS E 562 -44.74 -4.75 58.45
C LYS E 562 -44.60 -4.67 56.93
N THR E 563 -44.35 -5.80 56.29
CA THR E 563 -44.23 -5.82 54.83
C THR E 563 -45.20 -6.85 54.27
N TYR E 564 -45.97 -6.44 53.26
CA TYR E 564 -46.94 -7.32 52.63
C TYR E 564 -46.78 -7.33 51.11
N ASN E 565 -46.91 -8.50 50.50
CA ASN E 565 -46.78 -8.62 49.06
C ASN E 565 -48.09 -8.33 48.35
N LEU E 566 -47.99 -7.76 47.16
CA LEU E 566 -49.16 -7.44 46.34
C LEU E 566 -49.10 -8.20 45.02
N ALA E 567 -47.90 -8.36 44.46
CA ALA E 567 -47.76 -9.07 43.20
C ALA E 567 -46.32 -9.51 42.94
N HIS E 568 -46.17 -10.45 42.01
CA HIS E 568 -44.88 -11.00 41.60
C HIS E 568 -44.79 -10.83 40.09
N TYR E 569 -44.15 -9.76 39.64
CA TYR E 569 -44.03 -9.48 38.22
C TYR E 569 -42.96 -10.26 37.48
N THR E 570 -43.05 -10.23 36.15
CA THR E 570 -42.13 -10.95 35.26
C THR E 570 -40.88 -10.20 34.85
N LYS E 571 -40.88 -8.89 35.04
CA LYS E 571 -39.74 -8.06 34.67
C LYS E 571 -39.67 -6.82 35.52
N GLU E 572 -38.54 -6.13 35.46
CA GLU E 572 -38.35 -4.90 36.24
C GLU E 572 -39.53 -3.95 36.09
N MET E 573 -40.05 -3.46 37.21
CA MET E 573 -41.18 -2.54 37.20
C MET E 573 -40.83 -1.28 37.97
N TYR E 574 -41.52 -0.20 37.64
CA TYR E 574 -41.30 1.08 38.27
C TYR E 574 -42.62 1.73 38.63
N LEU E 575 -42.76 2.15 39.88
CA LEU E 575 -43.99 2.77 40.34
C LEU E 575 -44.20 4.14 39.76
N LEU E 576 -45.40 4.37 39.26
CA LEU E 576 -45.76 5.65 38.68
C LEU E 576 -46.52 6.47 39.69
N GLY E 577 -47.48 5.84 40.37
CA GLY E 577 -48.26 6.55 41.36
C GLY E 577 -49.60 5.90 41.66
N TYR E 578 -50.32 6.49 42.61
CA TYR E 578 -51.62 5.99 42.99
C TYR E 578 -52.69 6.99 42.58
N LEU E 579 -53.79 6.48 42.03
CA LEU E 579 -54.88 7.35 41.63
C LEU E 579 -56.12 6.89 42.41
N ALA E 580 -56.50 7.66 43.42
CA ALA E 580 -57.67 7.34 44.25
C ALA E 580 -58.94 7.21 43.41
N ARG E 581 -58.95 7.87 42.26
CA ARG E 581 -60.10 7.82 41.37
C ARG E 581 -60.34 6.40 40.88
N ASP E 582 -59.26 5.74 40.47
CA ASP E 582 -59.35 4.38 39.96
C ASP E 582 -59.05 3.38 41.06
N ASN E 583 -58.63 3.89 42.21
CA ASN E 583 -58.33 3.03 43.35
C ASN E 583 -57.26 2.00 42.99
N LYS E 584 -56.34 2.38 42.10
CA LYS E 584 -55.26 1.51 41.65
C LYS E 584 -53.89 2.17 41.75
N VAL E 585 -52.85 1.34 41.78
CA VAL E 585 -51.50 1.85 41.82
C VAL E 585 -51.01 1.50 40.40
N TYR E 586 -50.23 2.37 39.77
CA TYR E 586 -49.75 2.12 38.41
C TYR E 586 -48.23 1.95 38.29
N LEU E 587 -47.82 0.98 37.49
CA LEU E 587 -46.40 0.69 37.28
C LEU E 587 -46.04 0.67 35.80
N ALA E 588 -44.75 0.63 35.52
CA ALA E 588 -44.26 0.60 34.14
C ALA E 588 -42.95 -0.16 34.00
N ASP E 589 -42.76 -0.81 32.85
CA ASP E 589 -41.52 -1.53 32.58
C ASP E 589 -40.60 -0.58 31.82
N ARG E 590 -39.34 -0.98 31.58
CA ARG E 590 -38.41 -0.10 30.87
C ARG E 590 -38.93 0.37 29.51
N GLU E 591 -39.74 -0.47 28.85
CA GLU E 591 -40.31 -0.15 27.54
C GLU E 591 -41.37 0.96 27.69
N VAL E 592 -41.88 1.07 28.90
CA VAL E 592 -42.90 2.05 29.28
C VAL E 592 -44.31 1.52 29.04
N HIS E 593 -44.48 0.22 29.21
CA HIS E 593 -45.81 -0.37 29.09
C HIS E 593 -46.40 -0.09 30.48
N VAL E 594 -47.67 0.27 30.53
CA VAL E 594 -48.29 0.58 31.83
C VAL E 594 -49.22 -0.49 32.35
N TYR E 595 -49.08 -0.80 33.63
CA TYR E 595 -49.90 -1.80 34.30
C TYR E 595 -50.58 -1.19 35.53
N GLY E 596 -51.65 -1.83 35.99
CA GLY E 596 -52.37 -1.34 37.15
C GLY E 596 -52.70 -2.43 38.16
N TYR E 597 -52.69 -2.06 39.44
CA TYR E 597 -53.01 -3.01 40.51
C TYR E 597 -53.96 -2.35 41.53
N GLU E 598 -55.07 -3.01 41.84
CA GLU E 598 -56.05 -2.47 42.79
C GLU E 598 -55.65 -2.57 44.26
N ILE E 599 -55.88 -1.48 44.98
CA ILE E 599 -55.55 -1.42 46.40
C ILE E 599 -56.65 -0.72 47.17
N SER E 600 -57.26 -1.42 48.12
CA SER E 600 -58.32 -0.80 48.92
C SER E 600 -57.72 0.22 49.88
N LEU E 601 -57.89 1.50 49.57
CA LEU E 601 -57.37 2.54 50.43
C LEU E 601 -57.86 2.29 51.86
N GLU E 602 -59.12 1.86 51.99
CA GLU E 602 -59.72 1.56 53.30
C GLU E 602 -59.06 0.37 53.99
N VAL E 603 -58.53 -0.56 53.21
CA VAL E 603 -57.85 -1.71 53.78
C VAL E 603 -56.49 -1.20 54.24
N LEU E 604 -55.95 -0.24 53.51
CA LEU E 604 -54.66 0.32 53.88
C LEU E 604 -54.85 1.15 55.14
N GLU E 605 -55.95 1.90 55.21
CA GLU E 605 -56.23 2.72 56.37
C GLU E 605 -56.42 1.84 57.61
N PHE E 606 -57.19 0.77 57.44
CA PHE E 606 -57.48 -0.17 58.53
C PHE E 606 -56.21 -0.75 59.18
N GLN E 607 -55.23 -1.12 58.36
CA GLN E 607 -54.00 -1.70 58.90
C GLN E 607 -53.13 -0.62 59.55
N THR E 608 -53.16 0.59 59.01
CA THR E 608 -52.38 1.68 59.55
C THR E 608 -52.81 1.94 60.98
N LEU E 609 -54.10 2.19 61.16
CA LEU E 609 -54.66 2.45 62.48
C LEU E 609 -54.40 1.26 63.40
N THR E 610 -54.77 0.08 62.94
CA THR E 610 -54.59 -1.13 63.73
C THR E 610 -53.17 -1.24 64.27
N LEU E 611 -52.20 -1.15 63.37
CA LEU E 611 -50.79 -1.26 63.75
C LEU E 611 -50.28 -0.25 64.79
N ARG E 612 -50.93 0.90 64.89
CA ARG E 612 -50.48 1.89 65.87
C ARG E 612 -51.38 1.97 67.10
N GLY E 613 -52.23 0.95 67.30
CA GLY E 613 -53.09 0.91 68.46
C GLY E 613 -54.54 1.39 68.37
N GLU E 614 -54.97 1.80 67.19
CA GLU E 614 -56.34 2.29 67.05
C GLU E 614 -57.27 1.35 66.30
N ILE E 615 -57.12 0.05 66.57
CA ILE E 615 -57.97 -0.94 65.92
C ILE E 615 -59.45 -0.64 66.20
N GLU E 616 -59.75 -0.15 67.40
CA GLU E 616 -61.13 0.18 67.76
C GLU E 616 -61.61 1.28 66.83
N GLU E 617 -60.72 2.22 66.55
CA GLU E 617 -61.04 3.32 65.65
C GLU E 617 -61.28 2.77 64.24
N ALA E 618 -60.38 1.89 63.80
CA ALA E 618 -60.48 1.30 62.48
C ALA E 618 -61.75 0.49 62.33
N ILE E 619 -61.98 -0.39 63.30
CA ILE E 619 -63.15 -1.26 63.31
C ILE E 619 -64.48 -0.51 63.27
N GLU E 620 -64.52 0.62 63.95
CA GLU E 620 -65.74 1.40 64.02
C GLU E 620 -65.98 2.39 62.89
N ASN E 621 -64.90 2.97 62.35
CA ASN E 621 -65.10 3.95 61.31
C ASN E 621 -64.60 3.61 59.91
N VAL E 622 -63.61 2.74 59.80
CA VAL E 622 -63.11 2.41 58.48
C VAL E 622 -63.75 1.15 57.92
N LEU E 623 -63.83 0.11 58.73
CA LEU E 623 -64.41 -1.17 58.30
C LEU E 623 -65.71 -1.06 57.47
N PRO E 624 -66.70 -0.32 57.97
CA PRO E 624 -67.98 -0.18 57.26
C PRO E 624 -67.84 0.33 55.82
N ASN E 625 -66.63 0.72 55.43
CA ASN E 625 -66.41 1.23 54.09
C ASN E 625 -65.62 0.27 53.22
N VAL E 626 -65.17 -0.84 53.81
CA VAL E 626 -64.44 -1.84 53.05
C VAL E 626 -65.48 -2.56 52.20
N GLU E 627 -65.10 -3.00 51.01
CA GLU E 627 -66.04 -3.68 50.12
C GLU E 627 -65.57 -4.97 49.47
N GLY E 628 -66.43 -5.99 49.54
CA GLY E 628 -66.11 -7.27 48.93
C GLY E 628 -65.38 -8.26 49.81
N LYS E 629 -65.86 -9.50 49.81
CA LYS E 629 -65.26 -10.58 50.57
C LYS E 629 -63.76 -10.55 50.37
N ASP E 630 -63.34 -9.97 49.25
CA ASP E 630 -61.93 -9.88 48.94
C ASP E 630 -61.17 -9.08 50.00
N SER E 631 -61.40 -7.78 50.04
CA SER E 631 -60.74 -6.89 51.01
C SER E 631 -61.09 -7.30 52.44
N LEU E 632 -62.32 -7.74 52.64
CA LEU E 632 -62.79 -8.16 53.94
C LEU E 632 -61.95 -9.34 54.43
N THR E 633 -61.50 -10.16 53.49
CA THR E 633 -60.69 -11.33 53.83
C THR E 633 -59.24 -10.96 54.08
N LYS E 634 -58.75 -9.92 53.39
CA LYS E 634 -57.39 -9.50 53.60
C LYS E 634 -57.30 -8.89 54.99
N ILE E 635 -58.34 -8.17 55.38
CA ILE E 635 -58.39 -7.55 56.70
C ILE E 635 -58.45 -8.63 57.78
N ALA E 636 -59.24 -9.67 57.52
CA ALA E 636 -59.37 -10.76 58.47
C ALA E 636 -58.04 -11.49 58.65
N ARG E 637 -57.44 -11.90 57.55
CA ARG E 637 -56.15 -12.59 57.64
C ARG E 637 -55.14 -11.66 58.27
N PHE E 638 -55.22 -10.37 57.95
CA PHE E 638 -54.30 -9.39 58.52
C PHE E 638 -54.42 -9.39 60.05
N LEU E 639 -55.66 -9.33 60.55
CA LEU E 639 -55.90 -9.32 61.98
C LEU E 639 -55.38 -10.58 62.65
N GLU E 640 -55.61 -11.74 62.04
CA GLU E 640 -55.13 -12.99 62.61
C GLU E 640 -53.62 -12.89 62.79
N GLY E 641 -52.99 -12.14 61.90
CA GLY E 641 -51.55 -11.95 61.97
C GLY E 641 -51.15 -11.28 63.28
N GLN E 642 -51.94 -10.31 63.73
CA GLN E 642 -51.69 -9.60 64.98
C GLN E 642 -52.38 -10.25 66.17
N GLU E 643 -52.90 -11.46 65.96
CA GLU E 643 -53.58 -12.22 67.00
C GLU E 643 -54.90 -11.61 67.48
N TYR E 644 -55.49 -10.75 66.64
CA TYR E 644 -56.77 -10.12 66.95
C TYR E 644 -57.82 -11.12 66.53
N TYR E 645 -57.66 -12.33 67.02
CA TYR E 645 -58.54 -13.45 66.75
C TYR E 645 -60.02 -13.13 66.84
N GLU E 646 -60.44 -12.63 68.00
CA GLU E 646 -61.85 -12.31 68.20
C GLU E 646 -62.37 -11.33 67.16
N GLU E 647 -61.60 -10.28 66.87
CA GLU E 647 -62.00 -9.29 65.88
C GLU E 647 -62.00 -9.95 64.51
N ALA E 648 -60.94 -10.71 64.26
CA ALA E 648 -60.78 -11.42 62.99
C ALA E 648 -61.98 -12.33 62.73
N LEU E 649 -62.47 -12.95 63.79
CA LEU E 649 -63.59 -13.85 63.71
C LEU E 649 -64.89 -13.22 63.21
N ASN E 650 -65.21 -12.02 63.69
CA ASN E 650 -66.43 -11.35 63.28
C ASN E 650 -66.35 -10.69 61.91
N ILE E 651 -65.15 -10.64 61.34
CA ILE E 651 -65.00 -10.00 60.04
C ILE E 651 -64.90 -10.97 58.89
N SER E 652 -64.06 -11.98 59.06
CA SER E 652 -63.84 -12.96 58.01
C SER E 652 -65.10 -13.57 57.43
N PRO E 653 -65.14 -13.69 56.08
CA PRO E 653 -66.28 -14.27 55.36
C PRO E 653 -65.96 -15.70 54.94
N ASP E 654 -64.86 -16.24 55.46
CA ASP E 654 -64.44 -17.60 55.14
C ASP E 654 -64.75 -18.60 56.25
N GLN E 655 -65.23 -19.78 55.86
CA GLN E 655 -65.57 -20.84 56.80
C GLN E 655 -64.36 -21.48 57.45
N ASP E 656 -63.36 -21.81 56.64
CA ASP E 656 -62.16 -22.45 57.16
C ASP E 656 -61.46 -21.55 58.18
N GLN E 657 -61.57 -20.24 58.00
CA GLN E 657 -60.94 -19.31 58.94
C GLN E 657 -61.80 -19.13 60.17
N LYS E 658 -63.07 -18.78 59.97
CA LYS E 658 -64.01 -18.62 61.07
C LYS E 658 -63.77 -19.77 62.05
N PHE E 659 -63.86 -20.99 61.54
CA PHE E 659 -63.67 -22.18 62.36
C PHE E 659 -62.31 -22.23 63.05
N GLU E 660 -61.25 -21.95 62.30
CA GLU E 660 -59.91 -21.97 62.86
C GLU E 660 -59.79 -20.93 63.98
N LEU E 661 -60.55 -19.85 63.87
CA LEU E 661 -60.51 -18.77 64.86
C LEU E 661 -61.35 -19.08 66.08
N ALA E 662 -62.54 -19.63 65.86
CA ALA E 662 -63.45 -19.98 66.96
C ALA E 662 -62.72 -20.88 67.95
N LEU E 663 -61.89 -21.79 67.45
CA LEU E 663 -61.15 -22.68 68.33
C LEU E 663 -60.14 -21.84 69.09
N LYS E 664 -59.49 -20.94 68.36
CA LYS E 664 -58.49 -20.10 68.96
C LYS E 664 -59.05 -19.25 70.10
N VAL E 665 -60.26 -18.73 69.95
CA VAL E 665 -60.87 -17.89 71.01
C VAL E 665 -61.71 -18.66 72.02
N GLY E 666 -61.87 -19.96 71.83
CA GLY E 666 -62.64 -20.75 72.77
C GLY E 666 -64.14 -20.81 72.50
N GLN E 667 -64.56 -20.27 71.36
CA GLN E 667 -65.97 -20.30 71.00
C GLN E 667 -66.29 -21.64 70.33
N LEU E 668 -66.10 -22.70 71.11
CA LEU E 668 -66.29 -24.08 70.68
C LEU E 668 -67.67 -24.37 70.10
N THR E 669 -68.70 -23.84 70.72
CA THR E 669 -70.05 -24.05 70.24
C THR E 669 -70.13 -23.56 68.81
N LEU E 670 -69.71 -22.31 68.60
CA LEU E 670 -69.72 -21.71 67.28
C LEU E 670 -68.94 -22.59 66.30
N ALA E 671 -67.71 -22.93 66.67
CA ALA E 671 -66.89 -23.77 65.82
C ALA E 671 -67.64 -25.07 65.56
N ARG E 672 -68.21 -25.61 66.62
CA ARG E 672 -68.97 -26.85 66.54
C ARG E 672 -70.01 -26.80 65.42
N ASP E 673 -70.62 -25.63 65.22
CA ASP E 673 -71.65 -25.50 64.19
C ASP E 673 -71.15 -25.27 62.78
N LEU E 674 -69.87 -24.93 62.65
CA LEU E 674 -69.28 -24.74 61.34
C LEU E 674 -68.83 -26.10 60.81
N LEU E 675 -68.70 -27.05 61.74
CA LEU E 675 -68.29 -28.41 61.41
C LEU E 675 -69.48 -29.32 61.24
N THR E 676 -70.66 -28.85 61.65
CA THR E 676 -71.90 -29.62 61.57
C THR E 676 -71.72 -30.93 60.78
N ASP E 677 -71.22 -30.82 59.55
CA ASP E 677 -70.95 -31.98 58.70
C ASP E 677 -69.67 -31.77 57.91
N GLU E 678 -68.77 -30.94 58.47
CA GLU E 678 -67.48 -30.62 57.87
C GLU E 678 -66.68 -31.85 57.53
N SER E 679 -67.13 -33.00 57.99
CA SER E 679 -66.42 -34.22 57.71
C SER E 679 -64.98 -33.94 58.15
N ALA E 680 -64.03 -34.10 57.24
CA ALA E 680 -62.63 -33.84 57.54
C ALA E 680 -62.29 -34.19 58.99
N GLU E 681 -61.82 -35.40 59.22
CA GLU E 681 -61.47 -35.83 60.56
C GLU E 681 -60.58 -34.83 61.28
N MET E 682 -59.58 -34.29 60.57
CA MET E 682 -58.65 -33.34 61.17
C MET E 682 -59.36 -32.15 61.82
N LYS E 683 -60.52 -31.77 61.28
CA LYS E 683 -61.29 -30.66 61.83
C LYS E 683 -61.83 -31.08 63.20
N TRP E 684 -62.55 -32.20 63.22
CA TRP E 684 -63.11 -32.73 64.45
C TRP E 684 -62.00 -32.99 65.45
N ARG E 685 -60.86 -33.49 64.95
CA ARG E 685 -59.72 -33.78 65.80
C ARG E 685 -59.25 -32.47 66.39
N ALA E 686 -59.32 -31.41 65.59
CA ALA E 686 -58.91 -30.10 66.05
C ALA E 686 -59.90 -29.61 67.10
N LEU E 687 -61.19 -29.72 66.78
CA LEU E 687 -62.23 -29.31 67.71
C LEU E 687 -62.01 -30.02 69.03
N GLY E 688 -61.74 -31.32 68.95
CA GLY E 688 -61.53 -32.13 70.14
C GLY E 688 -60.35 -31.70 71.00
N ASP E 689 -59.28 -31.25 70.38
CA ASP E 689 -58.11 -30.84 71.14
C ASP E 689 -58.38 -29.54 71.87
N ALA E 690 -59.11 -28.65 71.20
CA ALA E 690 -59.47 -27.36 71.77
C ALA E 690 -60.45 -27.55 72.92
N SER E 691 -61.45 -28.42 72.71
CA SER E 691 -62.44 -28.68 73.75
C SER E 691 -61.79 -29.25 74.99
N LEU E 692 -61.00 -30.31 74.85
CA LEU E 692 -60.34 -30.91 75.99
C LEU E 692 -59.41 -29.92 76.69
N GLN E 693 -58.81 -29.03 75.92
CA GLN E 693 -57.89 -28.06 76.50
C GLN E 693 -58.65 -27.05 77.36
N ARG E 694 -59.95 -26.94 77.10
CA ARG E 694 -60.82 -26.04 77.83
C ARG E 694 -61.72 -26.79 78.82
N PHE E 695 -61.37 -28.02 79.16
CA PHE E 695 -62.15 -28.81 80.10
C PHE E 695 -63.61 -29.04 79.73
N ASN E 696 -63.92 -29.02 78.44
CA ASN E 696 -65.28 -29.27 77.98
C ASN E 696 -65.25 -30.71 77.46
N PHE E 697 -65.19 -31.66 78.39
CA PHE E 697 -65.10 -33.05 78.00
C PHE E 697 -66.27 -33.57 77.17
N LYS E 698 -67.48 -33.08 77.45
CA LYS E 698 -68.63 -33.56 76.71
C LYS E 698 -68.42 -33.34 75.21
N LEU E 699 -67.99 -32.14 74.84
CA LEU E 699 -67.76 -31.83 73.44
C LEU E 699 -66.52 -32.53 72.91
N ALA E 700 -65.47 -32.59 73.72
CA ALA E 700 -64.24 -33.27 73.30
C ALA E 700 -64.56 -34.70 72.86
N ILE E 701 -65.34 -35.40 73.67
CA ILE E 701 -65.74 -36.76 73.37
C ILE E 701 -66.52 -36.84 72.06
N GLU E 702 -67.39 -35.89 71.81
CA GLU E 702 -68.16 -35.90 70.57
C GLU E 702 -67.26 -35.69 69.36
N ALA E 703 -66.33 -34.75 69.45
CA ALA E 703 -65.40 -34.46 68.37
C ALA E 703 -64.49 -35.65 68.04
N PHE E 704 -63.77 -36.16 69.03
CA PHE E 704 -62.88 -37.28 68.81
C PHE E 704 -63.57 -38.53 68.25
N THR E 705 -64.85 -38.69 68.55
CA THR E 705 -65.61 -39.82 68.05
C THR E 705 -65.87 -39.59 66.55
N ASN E 706 -66.39 -38.42 66.21
CA ASN E 706 -66.67 -38.11 64.82
C ASN E 706 -65.35 -38.13 64.03
N ALA E 707 -64.27 -37.81 64.72
CA ALA E 707 -62.95 -37.78 64.10
C ALA E 707 -62.37 -39.19 64.04
N HIS E 708 -62.99 -40.10 64.77
CA HIS E 708 -62.54 -41.48 64.81
C HIS E 708 -61.12 -41.55 65.39
N ASP E 709 -60.75 -40.56 66.19
CA ASP E 709 -59.43 -40.55 66.83
C ASP E 709 -59.50 -41.43 68.06
N LEU E 710 -59.26 -42.73 67.86
CA LEU E 710 -59.31 -43.72 68.92
C LEU E 710 -58.27 -43.54 70.01
N GLU E 711 -57.11 -43.04 69.61
CA GLU E 711 -56.05 -42.83 70.57
C GLU E 711 -56.51 -41.81 71.61
N SER E 712 -57.15 -40.74 71.16
CA SER E 712 -57.63 -39.69 72.07
C SER E 712 -58.89 -40.13 72.83
N LEU E 713 -59.87 -40.63 72.09
CA LEU E 713 -61.12 -41.10 72.67
C LEU E 713 -60.87 -42.14 73.77
N PHE E 714 -59.80 -42.90 73.64
CA PHE E 714 -59.49 -43.91 74.65
C PHE E 714 -59.13 -43.25 75.98
N LEU E 715 -58.43 -42.12 75.90
CA LEU E 715 -58.03 -41.42 77.10
C LEU E 715 -59.25 -40.87 77.84
N LEU E 716 -60.23 -40.43 77.07
CA LEU E 716 -61.46 -39.89 77.65
C LEU E 716 -62.38 -40.97 78.23
N HIS E 717 -62.62 -42.04 77.47
CA HIS E 717 -63.48 -43.11 77.95
C HIS E 717 -62.88 -43.96 79.07
N SER E 718 -61.55 -44.03 79.14
CA SER E 718 -60.94 -44.82 80.19
C SER E 718 -60.89 -43.99 81.48
N SER E 719 -60.62 -42.69 81.35
CA SER E 719 -60.57 -41.81 82.51
C SER E 719 -61.92 -41.75 83.20
N PHE E 720 -62.98 -41.67 82.39
CA PHE E 720 -64.34 -41.61 82.90
C PHE E 720 -65.00 -42.98 83.04
N ASN E 721 -64.30 -44.02 82.61
CA ASN E 721 -64.81 -45.38 82.72
C ASN E 721 -66.16 -45.62 82.08
N ASN E 722 -66.28 -45.30 80.80
CA ASN E 722 -67.52 -45.52 80.08
C ASN E 722 -67.35 -46.88 79.39
N LYS E 723 -67.85 -47.91 80.05
CA LYS E 723 -67.77 -49.29 79.58
C LYS E 723 -68.25 -49.46 78.14
N GLU E 724 -69.42 -48.91 77.83
CA GLU E 724 -69.99 -48.99 76.50
C GLU E 724 -69.12 -48.35 75.42
N GLY E 725 -68.48 -47.22 75.74
CA GLY E 725 -67.63 -46.55 74.76
C GLY E 725 -66.29 -47.25 74.58
N LEU E 726 -65.76 -47.79 75.67
CA LEU E 726 -64.49 -48.49 75.64
C LEU E 726 -64.63 -49.77 74.80
N VAL E 727 -65.72 -50.50 75.02
CA VAL E 727 -65.98 -51.73 74.28
C VAL E 727 -66.16 -51.43 72.79
N THR E 728 -66.80 -50.30 72.48
CA THR E 728 -66.98 -49.93 71.08
C THR E 728 -65.64 -49.49 70.51
N LEU E 729 -64.89 -48.73 71.30
CA LEU E 729 -63.58 -48.27 70.86
C LEU E 729 -62.66 -49.46 70.59
N ALA E 730 -62.69 -50.45 71.49
CA ALA E 730 -61.86 -51.65 71.34
C ALA E 730 -62.14 -52.37 70.02
N LYS E 731 -63.42 -52.65 69.75
CA LYS E 731 -63.79 -53.32 68.52
C LYS E 731 -63.30 -52.52 67.31
N ASP E 732 -63.51 -51.21 67.33
CA ASP E 732 -63.07 -50.36 66.23
C ASP E 732 -61.54 -50.41 66.11
N ALA E 733 -60.87 -50.64 67.23
CA ALA E 733 -59.40 -50.71 67.25
C ALA E 733 -58.92 -51.98 66.54
N GLU E 734 -59.65 -53.08 66.72
CA GLU E 734 -59.28 -54.33 66.06
C GLU E 734 -59.40 -54.14 64.56
N THR E 735 -60.54 -53.61 64.14
CA THR E 735 -60.82 -53.32 62.73
C THR E 735 -59.66 -52.56 62.11
N THR E 736 -59.12 -51.62 62.89
CA THR E 736 -58.02 -50.77 62.47
C THR E 736 -56.67 -51.43 62.69
N GLY E 737 -56.67 -52.62 63.28
CA GLY E 737 -55.41 -53.31 63.51
C GLY E 737 -54.64 -52.78 64.71
N LYS E 738 -55.21 -51.85 65.45
CA LYS E 738 -54.54 -51.32 66.62
C LYS E 738 -54.84 -52.22 67.80
N PHE E 739 -54.00 -53.25 67.98
CA PHE E 739 -54.21 -54.22 69.03
C PHE E 739 -53.92 -53.79 70.47
N ASN E 740 -52.90 -52.96 70.68
CA ASN E 740 -52.62 -52.52 72.04
C ASN E 740 -53.81 -51.75 72.61
N LEU E 741 -54.30 -50.83 71.80
CA LEU E 741 -55.43 -50.02 72.19
C LEU E 741 -56.63 -50.93 72.50
N ALA E 742 -56.92 -51.85 71.59
CA ALA E 742 -58.05 -52.76 71.76
C ALA E 742 -57.95 -53.50 73.09
N PHE E 743 -56.77 -54.02 73.39
CA PHE E 743 -56.62 -54.74 74.64
C PHE E 743 -56.86 -53.81 75.85
N ASN E 744 -56.12 -52.72 75.91
CA ASN E 744 -56.28 -51.80 77.02
C ASN E 744 -57.74 -51.40 77.22
N ALA E 745 -58.43 -51.05 76.13
CA ALA E 745 -59.84 -50.67 76.23
C ALA E 745 -60.65 -51.81 76.85
N TYR E 746 -60.49 -53.02 76.31
CA TYR E 746 -61.21 -54.20 76.84
C TYR E 746 -60.87 -54.40 78.31
N TRP E 747 -59.58 -54.29 78.63
CA TRP E 747 -59.11 -54.49 79.99
C TRP E 747 -59.67 -53.51 80.99
N ILE E 748 -59.67 -52.22 80.64
CA ILE E 748 -60.20 -51.21 81.56
C ILE E 748 -61.71 -51.43 81.76
N ALA E 749 -62.39 -51.84 80.67
CA ALA E 749 -63.83 -52.09 80.70
C ALA E 749 -64.23 -53.36 81.43
N GLY E 750 -63.25 -54.14 81.87
CA GLY E 750 -63.55 -55.38 82.55
C GLY E 750 -64.01 -56.50 81.60
N ASP E 751 -63.93 -56.24 80.29
CA ASP E 751 -64.34 -57.21 79.29
C ASP E 751 -63.26 -58.26 79.00
N ILE E 752 -63.23 -59.34 79.79
CA ILE E 752 -62.23 -60.39 79.60
C ILE E 752 -62.50 -61.23 78.36
N GLN E 753 -63.78 -61.50 78.09
CA GLN E 753 -64.11 -62.30 76.92
C GLN E 753 -63.52 -61.59 75.70
N GLY E 754 -63.73 -60.28 75.63
CA GLY E 754 -63.21 -59.49 74.53
C GLY E 754 -61.69 -59.60 74.45
N ALA E 755 -61.02 -59.30 75.56
CA ALA E 755 -59.56 -59.36 75.62
C ALA E 755 -59.06 -60.76 75.26
N LYS E 756 -59.73 -61.78 75.78
CA LYS E 756 -59.35 -63.16 75.50
C LYS E 756 -59.42 -63.46 74.00
N ASP E 757 -60.52 -63.09 73.36
CA ASP E 757 -60.69 -63.34 71.93
C ASP E 757 -59.70 -62.55 71.08
N LEU E 758 -59.22 -61.43 71.62
CA LEU E 758 -58.25 -60.58 70.92
C LEU E 758 -56.87 -61.25 70.91
N LEU E 759 -56.56 -62.00 71.96
CA LEU E 759 -55.28 -62.70 72.03
C LEU E 759 -55.31 -63.93 71.13
N ILE E 760 -56.47 -64.58 71.04
CA ILE E 760 -56.62 -65.76 70.20
C ILE E 760 -56.56 -65.38 68.72
N LYS E 761 -57.18 -64.26 68.36
CA LYS E 761 -57.15 -63.80 66.97
C LYS E 761 -55.74 -63.42 66.52
N SER E 762 -54.85 -63.18 67.49
CA SER E 762 -53.46 -62.82 67.20
C SER E 762 -52.60 -64.07 67.39
N GLN E 763 -53.27 -65.20 67.59
CA GLN E 763 -52.62 -66.48 67.80
C GLN E 763 -51.74 -66.53 69.02
N ARG E 764 -52.16 -65.86 70.08
CA ARG E 764 -51.41 -65.87 71.32
C ARG E 764 -52.23 -66.68 72.33
N PHE E 765 -52.16 -68.01 72.19
CA PHE E 765 -52.92 -68.91 73.04
C PHE E 765 -52.39 -69.10 74.45
N SER E 766 -51.06 -69.18 74.60
CA SER E 766 -50.50 -69.36 75.93
C SER E 766 -50.98 -68.21 76.82
N GLU E 767 -50.89 -66.98 76.31
CA GLU E 767 -51.31 -65.81 77.07
C GLU E 767 -52.83 -65.77 77.28
N ALA E 768 -53.58 -66.19 76.27
CA ALA E 768 -55.04 -66.21 76.37
C ALA E 768 -55.43 -67.15 77.50
N ALA E 769 -54.69 -68.26 77.62
CA ALA E 769 -54.92 -69.26 78.65
C ALA E 769 -54.58 -68.73 80.04
N PHE E 770 -53.59 -67.85 80.12
CA PHE E 770 -53.23 -67.28 81.41
C PHE E 770 -54.29 -66.25 81.80
N LEU E 771 -54.69 -65.43 80.85
CA LEU E 771 -55.70 -64.42 81.12
C LEU E 771 -56.94 -65.11 81.65
N GLY E 772 -57.51 -66.00 80.85
CA GLY E 772 -58.70 -66.72 81.24
C GLY E 772 -58.60 -67.39 82.60
N SER E 773 -57.55 -68.16 82.82
CA SER E 773 -57.38 -68.85 84.09
C SER E 773 -57.15 -67.91 85.26
N THR E 774 -56.18 -67.00 85.12
CA THR E 774 -55.85 -66.05 86.17
C THR E 774 -57.05 -65.21 86.61
N TYR E 775 -57.99 -64.98 85.70
CA TYR E 775 -59.15 -64.17 86.04
C TYR E 775 -60.48 -64.94 86.06
N GLY E 776 -60.38 -66.19 86.51
CA GLY E 776 -61.52 -67.08 86.65
C GLY E 776 -62.53 -67.18 85.51
N LEU E 777 -62.07 -67.48 84.30
CA LEU E 777 -63.00 -67.62 83.20
C LEU E 777 -63.76 -68.93 83.39
N GLY E 778 -63.13 -69.86 84.11
CA GLY E 778 -63.75 -71.14 84.35
C GLY E 778 -63.19 -72.24 83.47
N ASP E 779 -62.99 -73.41 84.07
CA ASP E 779 -62.44 -74.57 83.38
C ASP E 779 -62.97 -74.78 81.97
N ASN E 780 -64.29 -74.71 81.78
CA ASN E 780 -64.86 -74.90 80.46
C ASN E 780 -64.32 -73.95 79.40
N GLU E 781 -64.15 -72.68 79.76
CA GLU E 781 -63.64 -71.69 78.82
C GLU E 781 -62.13 -71.85 78.65
N VAL E 782 -61.45 -72.15 79.74
CA VAL E 782 -60.00 -72.34 79.71
C VAL E 782 -59.64 -73.48 78.78
N ASN E 783 -60.44 -74.55 78.81
CA ASN E 783 -60.19 -75.70 77.96
C ASN E 783 -60.50 -75.42 76.50
N ASP E 784 -61.51 -74.60 76.24
CA ASP E 784 -61.86 -74.26 74.88
C ASP E 784 -60.69 -73.48 74.27
N ILE E 785 -59.92 -72.82 75.13
CA ILE E 785 -58.77 -72.05 74.68
C ILE E 785 -57.66 -73.05 74.40
N VAL E 786 -57.47 -73.97 75.33
CA VAL E 786 -56.43 -74.98 75.19
C VAL E 786 -56.53 -75.82 73.91
N THR E 787 -57.73 -76.28 73.57
CA THR E 787 -57.86 -77.07 72.35
C THR E 787 -57.44 -76.27 71.11
N LYS E 788 -57.82 -75.01 71.05
CA LYS E 788 -57.44 -74.15 69.92
C LYS E 788 -55.92 -73.98 69.96
N TRP E 789 -55.40 -74.05 71.17
CA TRP E 789 -53.97 -73.93 71.41
C TRP E 789 -53.31 -75.15 70.79
N LYS E 790 -53.76 -76.32 71.22
CA LYS E 790 -53.25 -77.57 70.70
C LYS E 790 -53.36 -77.61 69.18
N GLU E 791 -54.56 -77.31 68.68
CA GLU E 791 -54.80 -77.31 67.23
C GLU E 791 -53.77 -76.50 66.47
N ASN E 792 -53.64 -75.23 66.84
CA ASN E 792 -52.69 -74.33 66.20
C ASN E 792 -51.27 -74.90 66.27
N LEU E 793 -50.91 -75.48 67.41
CA LEU E 793 -49.58 -76.06 67.61
C LEU E 793 -49.30 -77.14 66.54
N ILE E 794 -50.16 -78.15 66.52
CA ILE E 794 -50.07 -79.25 65.56
C ILE E 794 -50.06 -78.68 64.15
N LEU E 795 -50.81 -77.60 63.96
CA LEU E 795 -50.89 -76.94 62.68
C LEU E 795 -49.54 -76.31 62.37
N ASN E 796 -48.74 -76.11 63.41
CA ASN E 796 -47.40 -75.53 63.25
C ASN E 796 -46.34 -76.61 63.41
N GLY E 797 -46.75 -77.85 63.16
CA GLY E 797 -45.86 -78.98 63.24
C GLY E 797 -45.26 -79.29 64.61
N LYS E 798 -45.76 -78.65 65.65
CA LYS E 798 -45.23 -78.92 66.98
C LYS E 798 -46.09 -79.98 67.67
N ASN E 799 -46.15 -81.16 67.04
CA ASN E 799 -46.93 -82.29 67.53
C ASN E 799 -46.47 -82.79 68.90
N THR E 800 -45.20 -82.54 69.23
CA THR E 800 -44.66 -82.97 70.51
C THR E 800 -45.32 -82.19 71.65
N VAL E 801 -45.15 -80.88 71.63
CA VAL E 801 -45.69 -80.01 72.67
C VAL E 801 -47.21 -80.07 72.78
N SER E 802 -47.89 -80.14 71.65
CA SER E 802 -49.34 -80.19 71.63
C SER E 802 -49.90 -81.27 72.55
N GLU E 803 -49.31 -82.46 72.51
CA GLU E 803 -49.78 -83.55 73.36
C GLU E 803 -49.36 -83.39 74.81
N ARG E 804 -48.51 -82.39 75.08
CA ARG E 804 -48.05 -82.15 76.44
C ARG E 804 -48.89 -81.09 77.18
N VAL E 805 -49.56 -80.23 76.42
CA VAL E 805 -50.38 -79.16 76.99
C VAL E 805 -51.54 -79.66 77.84
N CYS E 806 -51.49 -79.36 79.14
CA CYS E 806 -52.52 -79.77 80.08
C CYS E 806 -53.76 -78.90 79.95
N GLY E 807 -54.86 -79.35 80.54
CA GLY E 807 -56.09 -78.59 80.51
C GLY E 807 -56.33 -77.87 81.82
N ALA E 808 -57.51 -77.29 81.96
CA ALA E 808 -57.87 -76.58 83.17
C ALA E 808 -57.54 -77.39 84.42
N GLU E 809 -58.01 -78.64 84.45
CA GLU E 809 -57.80 -79.55 85.57
C GLU E 809 -56.32 -79.68 85.91
N GLY E 810 -55.46 -79.29 84.98
CA GLY E 810 -54.04 -79.37 85.21
C GLY E 810 -53.56 -78.26 86.12
N LEU E 811 -54.21 -77.11 86.02
CA LEU E 811 -53.84 -75.97 86.84
C LEU E 811 -54.06 -76.34 88.31
N PRO E 812 -53.17 -75.88 89.20
CA PRO E 812 -53.25 -76.17 90.63
C PRO E 812 -54.09 -75.15 91.40
N GLY E 813 -55.31 -75.55 91.78
CA GLY E 813 -56.18 -74.65 92.52
C GLY E 813 -56.99 -73.71 91.64
N ALA F 1 -27.20 -84.53 75.71
CA ALA F 1 -25.74 -84.45 75.55
C ALA F 1 -25.30 -83.56 74.36
N LEU F 2 -25.85 -82.34 74.28
CA LEU F 2 -25.54 -81.41 73.19
C LEU F 2 -24.20 -80.64 73.30
N GLN F 3 -23.58 -80.67 74.47
CA GLN F 3 -22.33 -79.95 74.71
C GLN F 3 -21.23 -80.20 73.67
N PHE F 4 -21.15 -81.42 73.15
CA PHE F 4 -20.13 -81.78 72.17
C PHE F 4 -20.51 -81.62 70.70
N VAL F 5 -21.70 -81.12 70.42
CA VAL F 5 -22.08 -80.90 69.04
C VAL F 5 -21.27 -79.68 68.60
N GLN F 6 -20.97 -79.62 67.31
CA GLN F 6 -20.13 -78.57 66.74
C GLN F 6 -20.41 -77.09 66.83
N ASP F 7 -21.37 -76.59 66.05
CA ASP F 7 -21.60 -75.14 66.06
C ASP F 7 -22.79 -74.59 66.87
N PRO F 8 -22.53 -73.59 67.72
CA PRO F 8 -23.49 -72.92 68.59
C PRO F 8 -24.89 -72.80 68.01
N HIS F 9 -24.98 -72.41 66.74
CA HIS F 9 -26.27 -72.29 66.07
C HIS F 9 -26.93 -73.66 66.00
N ILE F 10 -26.22 -74.62 65.43
CA ILE F 10 -26.74 -75.98 65.30
C ILE F 10 -27.14 -76.54 66.66
N ARG F 11 -26.32 -76.27 67.67
CA ARG F 11 -26.57 -76.76 69.02
C ARG F 11 -27.90 -76.15 69.51
N PHE F 12 -28.08 -74.86 69.23
CA PHE F 12 -29.28 -74.14 69.59
C PHE F 12 -30.51 -74.73 68.93
N ASP F 13 -30.44 -74.90 67.60
CA ASP F 13 -31.54 -75.46 66.84
C ASP F 13 -31.91 -76.86 67.33
N LEU F 14 -30.92 -77.63 67.76
CA LEU F 14 -31.18 -78.96 68.25
C LEU F 14 -31.92 -78.88 69.58
N ALA F 15 -31.53 -77.90 70.41
CA ALA F 15 -32.17 -77.71 71.70
C ALA F 15 -33.65 -77.47 71.46
N LEU F 16 -33.97 -76.41 70.74
CA LEU F 16 -35.35 -76.08 70.43
C LEU F 16 -36.05 -77.31 69.89
N GLU F 17 -35.44 -77.96 68.92
CA GLU F 17 -36.02 -79.14 68.31
C GLU F 17 -36.34 -80.24 69.32
N TYR F 18 -35.32 -80.70 70.04
CA TYR F 18 -35.53 -81.75 71.02
C TYR F 18 -36.38 -81.29 72.19
N GLY F 19 -36.61 -79.99 72.29
CA GLY F 19 -37.42 -79.46 73.37
C GLY F 19 -36.68 -79.15 74.65
N ASN F 20 -35.35 -79.02 74.57
CA ASN F 20 -34.59 -78.71 75.77
C ASN F 20 -34.31 -77.21 75.90
N LEU F 21 -35.19 -76.52 76.63
CA LEU F 21 -35.04 -75.09 76.83
C LEU F 21 -33.87 -74.70 77.71
N ASP F 22 -33.55 -75.51 78.71
CA ASP F 22 -32.42 -75.19 79.59
C ASP F 22 -31.23 -74.93 78.69
N ALA F 23 -30.94 -75.90 77.82
CA ALA F 23 -29.83 -75.82 76.88
C ALA F 23 -30.01 -74.74 75.83
N ALA F 24 -31.23 -74.60 75.34
CA ALA F 24 -31.51 -73.59 74.33
C ALA F 24 -31.14 -72.23 74.90
N LEU F 25 -31.17 -72.11 76.22
CA LEU F 25 -30.84 -70.85 76.88
C LEU F 25 -29.35 -70.68 77.11
N ASP F 26 -28.69 -71.74 77.55
CA ASP F 26 -27.25 -71.68 77.78
C ASP F 26 -26.53 -71.30 76.49
N GLU F 27 -27.11 -71.72 75.35
CA GLU F 27 -26.54 -71.41 74.04
C GLU F 27 -26.95 -70.01 73.61
N ALA F 28 -28.21 -69.67 73.86
CA ALA F 28 -28.77 -68.37 73.53
C ALA F 28 -28.01 -67.24 74.21
N LYS F 29 -27.62 -67.49 75.46
CA LYS F 29 -26.86 -66.52 76.26
C LYS F 29 -25.51 -66.28 75.60
N LYS F 30 -24.76 -67.37 75.42
CA LYS F 30 -23.44 -67.28 74.79
C LYS F 30 -23.52 -66.56 73.46
N LEU F 31 -24.47 -66.96 72.61
CA LEU F 31 -24.64 -66.33 71.30
C LEU F 31 -24.94 -64.85 71.43
N ASN F 32 -25.92 -64.54 72.28
CA ASN F 32 -26.34 -63.17 72.51
C ASN F 32 -26.94 -62.54 71.26
N ASP F 33 -27.14 -63.34 70.23
CA ASP F 33 -27.73 -62.86 68.98
C ASP F 33 -29.17 -62.47 69.31
N SER F 34 -29.61 -61.33 68.78
CA SER F 34 -30.97 -60.87 69.04
C SER F 34 -32.00 -61.77 68.39
N ILE F 35 -31.77 -62.16 67.14
CA ILE F 35 -32.70 -63.03 66.42
C ILE F 35 -32.87 -64.36 67.15
N THR F 36 -31.83 -64.75 67.89
CA THR F 36 -31.89 -66.00 68.64
C THR F 36 -32.85 -65.84 69.82
N TRP F 37 -32.58 -64.86 70.68
CA TRP F 37 -33.44 -64.61 71.84
C TRP F 37 -34.89 -64.58 71.38
N GLU F 38 -35.13 -63.89 70.28
CA GLU F 38 -36.46 -63.79 69.71
C GLU F 38 -37.05 -65.18 69.52
N ARG F 39 -36.27 -66.07 68.92
CA ARG F 39 -36.71 -67.45 68.69
C ARG F 39 -36.96 -68.23 69.96
N LEU F 40 -36.12 -68.00 70.96
CA LEU F 40 -36.27 -68.68 72.24
C LEU F 40 -37.59 -68.24 72.88
N ILE F 41 -37.86 -66.94 72.81
CA ILE F 41 -39.10 -66.38 73.35
C ILE F 41 -40.32 -67.08 72.75
N GLN F 42 -40.38 -67.12 71.43
CA GLN F 42 -41.50 -67.75 70.73
C GLN F 42 -41.72 -69.18 71.18
N GLU F 43 -40.63 -69.94 71.31
CA GLU F 43 -40.74 -71.33 71.74
C GLU F 43 -41.21 -71.38 73.20
N ALA F 44 -40.83 -70.37 73.97
CA ALA F 44 -41.24 -70.30 75.37
C ALA F 44 -42.76 -70.11 75.46
N LEU F 45 -43.28 -69.17 74.67
CA LEU F 45 -44.72 -68.90 74.65
C LEU F 45 -45.53 -70.01 74.02
N ALA F 46 -44.91 -70.79 73.13
CA ALA F 46 -45.59 -71.90 72.49
C ALA F 46 -45.96 -72.98 73.52
N GLN F 47 -45.07 -73.21 74.48
CA GLN F 47 -45.30 -74.21 75.53
C GLN F 47 -46.01 -73.56 76.70
N GLY F 48 -45.92 -72.24 76.80
CA GLY F 48 -46.54 -71.53 77.89
C GLY F 48 -45.60 -71.32 79.07
N ASN F 49 -44.29 -71.46 78.86
CA ASN F 49 -43.35 -71.23 79.95
C ASN F 49 -43.19 -69.72 80.15
N ALA F 50 -43.96 -69.16 81.07
CA ALA F 50 -43.93 -67.74 81.34
C ALA F 50 -42.62 -67.30 82.02
N SER F 51 -42.11 -68.14 82.92
CA SER F 51 -40.89 -67.83 83.63
C SER F 51 -39.72 -67.55 82.67
N LEU F 52 -39.66 -68.30 81.57
CA LEU F 52 -38.61 -68.13 80.59
C LEU F 52 -38.75 -66.83 79.80
N ALA F 53 -39.93 -66.60 79.23
CA ALA F 53 -40.20 -65.39 78.47
C ALA F 53 -39.90 -64.18 79.34
N GLU F 54 -40.22 -64.27 80.63
CA GLU F 54 -39.95 -63.19 81.56
C GLU F 54 -38.44 -63.00 81.57
N MET F 55 -37.74 -64.12 81.72
CA MET F 55 -36.28 -64.15 81.78
C MET F 55 -35.66 -63.32 80.65
N ILE F 56 -36.05 -63.64 79.42
CA ILE F 56 -35.54 -62.95 78.23
C ILE F 56 -35.90 -61.47 78.20
N TYR F 57 -37.17 -61.16 78.46
CA TYR F 57 -37.62 -59.77 78.49
C TYR F 57 -36.78 -58.97 79.47
N GLN F 58 -36.46 -59.59 80.62
CA GLN F 58 -35.66 -58.94 81.67
C GLN F 58 -34.30 -58.51 81.16
N THR F 59 -33.66 -59.38 80.38
CA THR F 59 -32.33 -59.09 79.86
C THR F 59 -32.35 -58.15 78.66
N GLN F 60 -33.38 -58.23 77.84
CA GLN F 60 -33.48 -57.37 76.66
C GLN F 60 -34.05 -56.00 77.06
N HIS F 61 -34.42 -55.86 78.32
CA HIS F 61 -35.01 -54.63 78.83
C HIS F 61 -36.36 -54.32 78.18
N SER F 62 -37.16 -55.37 77.93
CA SER F 62 -38.49 -55.23 77.33
C SER F 62 -39.51 -55.08 78.45
N PHE F 63 -39.45 -53.94 79.13
CA PHE F 63 -40.32 -53.65 80.26
C PHE F 63 -41.82 -53.69 79.99
N ASP F 64 -42.26 -53.12 78.88
CA ASP F 64 -43.69 -53.13 78.58
C ASP F 64 -44.18 -54.55 78.33
N LYS F 65 -43.34 -55.37 77.71
CA LYS F 65 -43.71 -56.75 77.44
C LYS F 65 -43.78 -57.50 78.76
N LEU F 66 -42.86 -57.16 79.65
CA LEU F 66 -42.79 -57.78 80.97
C LEU F 66 -44.03 -57.44 81.81
N SER F 67 -44.54 -56.21 81.66
CA SER F 67 -45.73 -55.79 82.40
C SER F 67 -46.92 -56.62 81.95
N PHE F 68 -47.08 -56.77 80.63
CA PHE F 68 -48.19 -57.54 80.09
C PHE F 68 -48.13 -58.97 80.65
N LEU F 69 -46.94 -59.54 80.67
CA LEU F 69 -46.76 -60.89 81.18
C LEU F 69 -47.18 -60.99 82.64
N TYR F 70 -46.77 -60.02 83.45
CA TYR F 70 -47.14 -60.04 84.87
C TYR F 70 -48.65 -59.96 85.06
N LEU F 71 -49.31 -59.16 84.23
CA LEU F 71 -50.74 -59.00 84.31
C LEU F 71 -51.45 -60.31 84.01
N VAL F 72 -51.21 -60.83 82.82
CA VAL F 72 -51.80 -62.06 82.36
C VAL F 72 -51.45 -63.22 83.28
N THR F 73 -50.22 -63.18 83.80
CA THR F 73 -49.73 -64.23 84.69
C THR F 73 -50.35 -64.08 86.08
N GLY F 74 -50.87 -62.90 86.36
CA GLY F 74 -51.50 -62.67 87.64
C GLY F 74 -50.56 -62.27 88.76
N ASP F 75 -49.33 -61.88 88.42
CA ASP F 75 -48.41 -61.47 89.46
C ASP F 75 -48.51 -59.97 89.70
N VAL F 76 -49.38 -59.60 90.64
CA VAL F 76 -49.64 -58.21 91.00
C VAL F 76 -48.48 -57.45 91.64
N ASN F 77 -47.68 -58.11 92.46
CA ASN F 77 -46.57 -57.43 93.11
C ASN F 77 -45.58 -56.86 92.09
N LYS F 78 -44.92 -57.74 91.34
CA LYS F 78 -43.94 -57.32 90.35
C LYS F 78 -44.45 -56.22 89.40
N LEU F 79 -45.75 -56.20 89.16
CA LEU F 79 -46.33 -55.19 88.29
C LEU F 79 -46.03 -53.80 88.87
N SER F 80 -46.11 -53.70 90.19
CA SER F 80 -45.87 -52.44 90.91
C SER F 80 -44.44 -51.95 90.72
N LYS F 81 -43.50 -52.88 90.66
CA LYS F 81 -42.09 -52.53 90.49
C LYS F 81 -41.82 -51.97 89.09
N MET F 82 -42.73 -52.25 88.17
CA MET F 82 -42.58 -51.76 86.80
C MET F 82 -42.89 -50.27 86.72
N GLN F 83 -43.80 -49.81 87.57
CA GLN F 83 -44.17 -48.40 87.58
C GLN F 83 -42.96 -47.54 87.96
N ASN F 84 -42.12 -48.08 88.84
CA ASN F 84 -40.91 -47.38 89.28
C ASN F 84 -39.93 -47.28 88.12
N ILE F 85 -39.78 -48.39 87.42
CA ILE F 85 -38.89 -48.46 86.28
C ILE F 85 -39.41 -47.54 85.18
N ALA F 86 -40.74 -47.40 85.11
CA ALA F 86 -41.36 -46.56 84.09
C ALA F 86 -41.13 -45.11 84.46
N GLN F 87 -41.13 -44.83 85.76
CA GLN F 87 -40.90 -43.47 86.26
C GLN F 87 -39.44 -43.08 86.03
N THR F 88 -38.53 -43.84 86.63
CA THR F 88 -37.10 -43.57 86.48
C THR F 88 -36.74 -43.48 84.99
N ARG F 89 -37.19 -44.45 84.22
CA ARG F 89 -36.92 -44.49 82.79
C ARG F 89 -37.55 -43.28 82.11
N GLU F 90 -38.26 -42.46 82.90
CA GLU F 90 -38.95 -41.27 82.41
C GLU F 90 -39.68 -41.53 81.10
N ASP F 91 -40.67 -42.43 81.14
CA ASP F 91 -41.46 -42.79 79.96
C ASP F 91 -42.94 -42.72 80.31
N PHE F 92 -43.60 -41.66 79.88
CA PHE F 92 -45.03 -41.48 80.16
C PHE F 92 -45.91 -42.55 79.54
N GLY F 93 -45.45 -43.14 78.44
CA GLY F 93 -46.24 -44.17 77.78
C GLY F 93 -46.36 -45.41 78.65
N SER F 94 -45.24 -45.78 79.28
CA SER F 94 -45.18 -46.94 80.13
C SER F 94 -45.74 -46.67 81.52
N MET F 95 -45.59 -45.43 81.97
CA MET F 95 -46.08 -45.05 83.28
C MET F 95 -47.59 -45.21 83.24
N LEU F 96 -48.17 -44.80 82.12
CA LEU F 96 -49.60 -44.88 81.93
C LEU F 96 -50.05 -46.33 81.76
N LEU F 97 -49.34 -47.07 80.91
CA LEU F 97 -49.66 -48.48 80.67
C LEU F 97 -49.80 -49.26 81.97
N ASN F 98 -48.82 -49.12 82.86
CA ASN F 98 -48.85 -49.83 84.14
C ASN F 98 -50.05 -49.40 84.96
N THR F 99 -50.37 -48.12 84.86
CA THR F 99 -51.48 -47.54 85.56
C THR F 99 -52.80 -48.22 85.11
N PHE F 100 -52.80 -48.74 83.88
CA PHE F 100 -53.95 -49.41 83.32
C PHE F 100 -54.01 -50.83 83.86
N TYR F 101 -52.85 -51.47 83.95
CA TYR F 101 -52.74 -52.84 84.43
C TYR F 101 -53.03 -53.02 85.91
N ASN F 102 -52.49 -52.16 86.78
CA ASN F 102 -52.77 -52.34 88.20
C ASN F 102 -53.93 -51.45 88.64
N ASN F 103 -54.48 -50.70 87.69
CA ASN F 103 -55.61 -49.85 87.96
C ASN F 103 -55.34 -48.76 89.02
N SER F 104 -54.12 -48.24 89.04
CA SER F 104 -53.80 -47.19 90.00
C SER F 104 -54.24 -45.83 89.48
N THR F 105 -55.48 -45.49 89.80
CA THR F 105 -56.10 -44.24 89.40
C THR F 105 -55.44 -42.97 89.98
N LYS F 106 -54.96 -43.04 91.22
CA LYS F 106 -54.31 -41.88 91.83
C LYS F 106 -53.02 -41.54 91.11
N GLU F 107 -52.22 -42.57 90.83
CA GLU F 107 -50.96 -42.39 90.13
C GLU F 107 -51.17 -41.85 88.72
N ARG F 108 -52.15 -42.40 87.99
CA ARG F 108 -52.41 -41.96 86.64
C ARG F 108 -52.68 -40.46 86.52
N SER F 109 -53.47 -39.92 87.44
CA SER F 109 -53.77 -38.50 87.38
C SER F 109 -52.51 -37.65 87.60
N SER F 110 -51.59 -38.14 88.43
CA SER F 110 -50.34 -37.42 88.68
C SER F 110 -49.54 -37.47 87.39
N ILE F 111 -49.53 -38.64 86.77
CA ILE F 111 -48.82 -38.85 85.52
C ILE F 111 -49.37 -37.95 84.42
N PHE F 112 -50.69 -37.85 84.32
CA PHE F 112 -51.29 -37.00 83.28
C PHE F 112 -50.87 -35.55 83.51
N ALA F 113 -50.73 -35.20 84.79
CA ALA F 113 -50.34 -33.86 85.19
C ALA F 113 -48.89 -33.61 84.79
N GLU F 114 -47.98 -34.42 85.33
CA GLU F 114 -46.57 -34.30 85.02
C GLU F 114 -46.33 -34.34 83.52
N GLY F 115 -47.26 -34.93 82.78
CA GLY F 115 -47.13 -35.02 81.34
C GLY F 115 -47.70 -33.82 80.60
N GLY F 116 -48.20 -32.84 81.34
CA GLY F 116 -48.76 -31.66 80.73
C GLY F 116 -50.22 -31.75 80.30
N SER F 117 -51.05 -32.42 81.10
CA SER F 117 -52.47 -32.52 80.77
C SER F 117 -53.34 -32.43 82.01
N LEU F 118 -53.58 -31.21 82.47
CA LEU F 118 -54.42 -31.01 83.64
C LEU F 118 -55.82 -31.53 83.34
N PRO F 119 -56.32 -31.31 82.11
CA PRO F 119 -57.66 -31.78 81.77
C PRO F 119 -57.89 -33.26 82.05
N LEU F 120 -56.88 -34.08 81.73
CA LEU F 120 -57.00 -35.51 81.95
C LEU F 120 -56.69 -35.90 83.38
N ALA F 121 -55.86 -35.13 84.06
CA ALA F 121 -55.54 -35.42 85.47
C ALA F 121 -56.80 -35.18 86.28
N TYR F 122 -57.51 -34.12 85.91
CA TYR F 122 -58.75 -33.75 86.55
C TYR F 122 -59.75 -34.87 86.25
N ALA F 123 -59.91 -35.17 84.97
CA ALA F 123 -60.82 -36.21 84.50
C ALA F 123 -60.72 -37.47 85.37
N VAL F 124 -59.51 -37.94 85.60
CA VAL F 124 -59.32 -39.13 86.40
C VAL F 124 -59.69 -38.87 87.85
N ALA F 125 -59.13 -37.82 88.45
CA ALA F 125 -59.44 -37.50 89.84
C ALA F 125 -60.96 -37.33 90.03
N LYS F 126 -61.58 -36.58 89.15
CA LYS F 126 -63.01 -36.33 89.24
C LYS F 126 -63.86 -37.61 89.21
N ALA F 127 -63.75 -38.36 88.13
CA ALA F 127 -64.53 -39.58 87.97
C ALA F 127 -64.36 -40.56 89.13
N ASN F 128 -63.19 -40.54 89.75
CA ASN F 128 -62.89 -41.43 90.88
C ASN F 128 -63.14 -40.80 92.24
N GLY F 129 -63.81 -39.64 92.26
CA GLY F 129 -64.10 -38.98 93.51
C GLY F 129 -62.94 -38.35 94.28
N ASP F 130 -61.77 -38.23 93.67
CA ASP F 130 -60.64 -37.61 94.35
C ASP F 130 -60.85 -36.09 94.27
N GLU F 131 -61.80 -35.58 95.03
CA GLU F 131 -62.12 -34.16 95.01
C GLU F 131 -60.98 -33.26 95.43
N ALA F 132 -60.13 -33.75 96.32
CA ALA F 132 -58.98 -32.97 96.79
C ALA F 132 -58.07 -32.61 95.62
N ALA F 133 -57.74 -33.59 94.78
CA ALA F 133 -56.87 -33.39 93.64
C ALA F 133 -57.59 -32.67 92.47
N ALA F 134 -58.83 -33.07 92.21
CA ALA F 134 -59.61 -32.46 91.14
C ALA F 134 -59.53 -30.93 91.26
N SER F 135 -59.75 -30.42 92.46
CA SER F 135 -59.69 -28.97 92.72
C SER F 135 -58.29 -28.43 92.52
N ALA F 136 -57.30 -29.13 93.04
CA ALA F 136 -55.92 -28.69 92.89
C ALA F 136 -55.53 -28.56 91.42
N PHE F 137 -55.94 -29.54 90.59
CA PHE F 137 -55.63 -29.52 89.16
C PHE F 137 -56.32 -28.36 88.49
N LEU F 138 -57.55 -28.11 88.92
CA LEU F 138 -58.35 -27.03 88.37
C LEU F 138 -57.70 -25.69 88.69
N GLU F 139 -57.05 -25.61 89.85
CA GLU F 139 -56.40 -24.37 90.25
C GLU F 139 -55.22 -24.09 89.33
N GLN F 140 -54.27 -25.02 89.26
CA GLN F 140 -53.11 -24.86 88.41
C GLN F 140 -53.52 -24.52 86.97
N ALA F 141 -54.67 -25.02 86.55
CA ALA F 141 -55.18 -24.79 85.20
C ALA F 141 -55.83 -23.42 85.12
N GLU F 142 -56.17 -22.87 86.29
CA GLU F 142 -56.82 -21.57 86.39
C GLU F 142 -58.14 -21.60 85.66
N VAL F 143 -58.86 -22.70 85.85
CA VAL F 143 -60.17 -22.89 85.23
C VAL F 143 -61.20 -22.91 86.35
N ASP F 144 -62.37 -22.33 86.09
CA ASP F 144 -63.44 -22.30 87.09
C ASP F 144 -64.42 -23.44 86.88
N GLU F 145 -64.73 -24.15 87.97
CA GLU F 145 -65.66 -25.28 87.94
C GLU F 145 -66.87 -25.01 87.06
N GLN F 146 -67.28 -23.75 86.98
CA GLN F 146 -68.42 -23.35 86.18
C GLN F 146 -68.23 -23.66 84.70
N ASP F 147 -67.04 -23.33 84.20
CA ASP F 147 -66.73 -23.53 82.79
C ASP F 147 -66.60 -24.98 82.40
N VAL F 148 -66.01 -25.77 83.29
CA VAL F 148 -65.83 -27.19 83.04
C VAL F 148 -67.14 -27.89 82.63
N THR F 149 -67.06 -28.76 81.63
CA THR F 149 -68.24 -29.52 81.21
C THR F 149 -67.91 -31.02 81.25
N LEU F 150 -68.44 -31.71 82.26
CA LEU F 150 -68.23 -33.15 82.40
C LEU F 150 -69.16 -33.91 81.47
N PRO F 151 -68.86 -35.20 81.21
CA PRO F 151 -69.76 -35.95 80.33
C PRO F 151 -71.06 -36.10 81.16
N ASP F 152 -72.19 -36.38 80.52
CA ASP F 152 -73.44 -36.50 81.28
C ASP F 152 -73.36 -37.52 82.42
N GLN F 153 -72.75 -38.68 82.15
CA GLN F 153 -72.58 -39.71 83.18
C GLN F 153 -71.12 -40.18 83.22
N MET F 154 -70.63 -40.52 84.40
CA MET F 154 -69.27 -41.03 84.57
C MET F 154 -69.26 -42.05 85.70
N ASP F 155 -68.14 -42.76 85.86
CA ASP F 155 -68.02 -43.77 86.91
C ASP F 155 -66.59 -43.84 87.38
N ALA F 156 -66.39 -44.50 88.52
CA ALA F 156 -65.06 -44.70 89.06
C ALA F 156 -64.48 -45.94 88.34
N SER F 157 -63.19 -46.22 88.52
CA SER F 157 -62.57 -47.35 87.85
C SER F 157 -62.78 -48.65 88.61
N ASN F 158 -64.00 -49.20 88.52
CA ASN F 158 -64.30 -50.44 89.22
C ASN F 158 -64.66 -51.63 88.33
N PHE F 159 -64.37 -51.56 87.04
CA PHE F 159 -64.73 -52.68 86.19
C PHE F 159 -63.59 -53.65 85.93
N VAL F 160 -62.37 -53.17 86.16
CA VAL F 160 -61.15 -53.95 86.00
C VAL F 160 -61.30 -55.26 86.77
N GLN F 161 -61.06 -56.39 86.12
CA GLN F 161 -61.14 -57.69 86.78
C GLN F 161 -59.96 -57.81 87.73
N ARG F 162 -60.10 -58.64 88.77
CA ARG F 162 -59.00 -58.84 89.71
C ARG F 162 -58.53 -60.29 89.59
N PRO F 163 -57.28 -60.58 89.96
CA PRO F 163 -56.81 -61.97 89.86
C PRO F 163 -57.58 -62.92 90.76
N VAL F 164 -58.13 -63.98 90.17
CA VAL F 164 -58.91 -64.98 90.90
C VAL F 164 -57.99 -65.91 91.72
N ILE F 165 -56.86 -66.29 91.13
CA ILE F 165 -55.87 -67.14 91.79
C ILE F 165 -55.14 -66.32 92.87
N SER F 166 -54.68 -66.98 93.91
CA SER F 166 -53.98 -66.27 94.98
C SER F 166 -52.47 -66.40 94.87
N LYS F 167 -52.02 -66.99 93.77
CA LYS F 167 -50.61 -67.22 93.51
C LYS F 167 -50.34 -67.18 91.99
N PRO F 168 -49.37 -66.35 91.56
CA PRO F 168 -49.01 -66.19 90.14
C PRO F 168 -48.50 -67.46 89.45
N LEU F 169 -49.08 -67.77 88.29
CA LEU F 169 -48.71 -68.95 87.54
C LEU F 169 -47.36 -68.78 86.83
N GLU F 170 -46.31 -69.39 87.38
CA GLU F 170 -44.97 -69.30 86.78
C GLU F 170 -44.91 -69.88 85.37
N LYS F 171 -45.46 -71.07 85.19
CA LYS F 171 -45.47 -71.71 83.88
C LYS F 171 -46.61 -72.71 83.78
N TRP F 172 -47.21 -72.78 82.60
CA TRP F 172 -48.34 -73.67 82.34
C TRP F 172 -47.98 -75.15 82.48
N PRO F 173 -48.90 -75.93 83.07
CA PRO F 173 -48.66 -77.36 83.26
C PRO F 173 -48.57 -78.15 81.95
N LEU F 174 -47.47 -78.89 81.80
CA LEU F 174 -47.24 -79.71 80.63
C LEU F 174 -46.97 -81.14 81.07
N LYS F 175 -47.16 -82.07 80.14
CA LYS F 175 -46.92 -83.49 80.40
C LYS F 175 -45.43 -83.82 80.33
#